data_9IQX
#
_entry.id   9IQX
#
_cell.length_a   1.00
_cell.length_b   1.00
_cell.length_c   1.00
_cell.angle_alpha   90.00
_cell.angle_beta   90.00
_cell.angle_gamma   90.00
#
_symmetry.space_group_name_H-M   'P 1'
#
loop_
_entity.id
_entity.type
_entity.pdbx_description
1 polymer 'Transient receptor potential cation channel subfamily V member 4'
2 polymer 'Transforming protein RhoA'
3 non-polymer O-[(R)-{[(2R)-2,3-bis(octadecanoyloxy)propyl]oxy}(hydroxy)phosphoryl]-L-serine
4 non-polymer (1~{R})-1-(3-ethylphenyl)ethane-1,2-diol
5 non-polymer "GUANOSINE-5'-DIPHOSPHATE"
6 non-polymer 'MAGNESIUM ION'
#
loop_
_entity_poly.entity_id
_entity_poly.type
_entity_poly.pdbx_seq_one_letter_code
_entity_poly.pdbx_strand_id
1 'polypeptide(L)'
;VFNRPILFDIVSRGSTADLDGLLPFLLTHKKRLTDEEFREPSTGKTCLPKALLNLSNGRNDTIPVLLDIAERTGNMREFI
NSPFRDIYYRGQTALHIAIERRCKHYVELLVAQGADVHAQARGRFFQPKDEGGYFYFGELPLSLAACTNQPHIVNYLTEN
PHKKADMRRQDSRGNTVLHALVAIADNTRENTKFVTKMYDLLLLKCARLFPDSNLEAVLNNDGLSPLMMAAKTGKIGIFQ
HIIRREVTDEDTRHLSRKFKDWAYGPVYSSLYDLSSLDTCGEEASVLEILVYNSKIENRHEMLAVEPINELLRDKWRKFG
AVSFYINVVSYLCAMVIFTLTAYYQPLEGTPPYPYRTTVDYLRLAGEVITLFTGVLFFFTNIKDLFMKKCPGVNSLFIDG
SFQLLYFIYSVLVIVSAALYLAGIEAYLAVMVFALVLGWMNALYFTRGLKLTGTYSIMIQKILFKDLFRFLLVYLLFMIG
YASALVSLLNPCANMKVCNEDQTNCTVPTYPSCRDSETFSTFLLDLFKLTIGMGDLEMLSSTKYPVVFIILLVTYIILTF
VLLLNMLIALMGETVGQVSKESKHIWKLQWATTILDIERSFPVFLRKAFRSGEMVTVGKSSDGTPDRRWCFRVDEVNWSH
;
C,D,A,B
2 'polypeptide(L)'
;MAAIRKKLVIVGDGACGKTCLLIVFSKDQFPEVYVPTVFENYVADIEVDGKQVELALWDTAGQEDYDRLRPLSYPDTDVI
LMCFSIDSPDSLENIPEKWTPEVKHFCPNVPIILVGNKKDLRNDEHTRRELAKMKQEPVKPEEGRDMANRIGAFGYMECS
AKTKDGVREVFEMATRAALQARRGKKKSGCLVL
;
E,F
#
loop_
_chem_comp.id
_chem_comp.type
_chem_comp.name
_chem_comp.formula
GDP RNA linking GUANOSINE-5'-DIPHOSPHATE 'C10 H15 N5 O11 P2'
MG non-polymer 'MAGNESIUM ION' 'Mg 2'
P5S non-polymer O-[(R)-{[(2R)-2,3-bis(octadecanoyloxy)propyl]oxy}(hydroxy)phosphoryl]-L-serine 'C42 H82 N O10 P'
U6L non-polymer (1~{R})-1-(3-ethylphenyl)ethane-1,2-diol 'C10 H14 O2'
#
# COMPACT_ATOMS: atom_id res chain seq x y z
N ASN A 3 -72.50 16.95 -4.02
CA ASN A 3 -71.55 17.27 -2.97
C ASN A 3 -70.12 16.99 -3.42
N ARG A 4 -69.16 17.35 -2.57
CA ARG A 4 -67.75 17.08 -2.89
C ARG A 4 -67.44 15.61 -3.04
N PRO A 5 -67.76 14.72 -2.07
CA PRO A 5 -67.29 13.33 -2.20
C PRO A 5 -67.81 12.62 -3.43
N ILE A 6 -69.09 12.83 -3.78
CA ILE A 6 -69.66 12.13 -4.93
C ILE A 6 -69.00 12.60 -6.22
N LEU A 7 -68.82 13.92 -6.37
CA LEU A 7 -68.19 14.45 -7.57
C LEU A 7 -66.74 13.97 -7.69
N PHE A 8 -66.01 14.01 -6.57
CA PHE A 8 -64.62 13.56 -6.59
C PHE A 8 -64.52 12.07 -6.94
N ASP A 9 -65.42 11.25 -6.38
CA ASP A 9 -65.40 9.82 -6.71
C ASP A 9 -65.75 9.57 -8.17
N ILE A 10 -66.73 10.30 -8.70
CA ILE A 10 -67.11 10.13 -10.10
C ILE A 10 -65.96 10.53 -11.01
N VAL A 11 -65.27 11.62 -10.69
CA VAL A 11 -64.12 12.03 -11.48
C VAL A 11 -63.00 11.01 -11.38
N SER A 12 -62.76 10.47 -10.18
CA SER A 12 -61.71 9.48 -10.01
C SER A 12 -61.98 8.22 -10.82
N ARG A 13 -63.22 7.74 -10.80
CA ARG A 13 -63.55 6.52 -11.53
C ARG A 13 -63.59 6.75 -13.03
N GLY A 14 -63.67 8.01 -13.46
CA GLY A 14 -63.67 8.34 -14.86
C GLY A 14 -64.99 8.20 -15.58
N SER A 15 -66.08 7.92 -14.85
CA SER A 15 -67.38 7.78 -15.48
C SER A 15 -67.90 9.13 -15.96
N THR A 16 -68.35 9.18 -17.20
CA THR A 16 -68.84 10.43 -17.79
C THR A 16 -70.35 10.58 -17.73
N ALA A 17 -71.08 9.46 -17.67
CA ALA A 17 -72.54 9.54 -17.66
C ALA A 17 -73.04 10.24 -16.40
N ASP A 18 -72.46 9.93 -15.24
CA ASP A 18 -72.87 10.57 -14.00
C ASP A 18 -72.57 12.07 -14.03
N LEU A 19 -71.42 12.45 -14.61
CA LEU A 19 -71.10 13.86 -14.72
C LEU A 19 -72.07 14.58 -15.66
N ASP A 20 -72.42 13.94 -16.78
CA ASP A 20 -73.40 14.54 -17.68
C ASP A 20 -74.77 14.66 -17.02
N GLY A 21 -75.10 13.72 -16.12
CA GLY A 21 -76.35 13.83 -15.40
C GLY A 21 -76.31 14.90 -14.31
N LEU A 22 -75.12 15.17 -13.77
CA LEU A 22 -74.98 16.23 -12.78
C LEU A 22 -74.93 17.61 -13.43
N LEU A 23 -74.56 17.68 -14.71
CA LEU A 23 -74.51 18.96 -15.41
C LEU A 23 -75.82 19.76 -15.33
N PRO A 24 -76.99 19.17 -15.58
CA PRO A 24 -78.22 19.96 -15.41
C PRO A 24 -78.40 20.50 -14.01
N PHE A 25 -77.97 19.75 -12.98
CA PHE A 25 -78.01 20.28 -11.63
C PHE A 25 -77.12 21.50 -11.49
N LEU A 26 -75.92 21.45 -12.09
CA LEU A 26 -75.01 22.58 -12.02
C LEU A 26 -75.60 23.81 -12.70
N LEU A 27 -76.22 23.62 -13.86
CA LEU A 27 -76.75 24.78 -14.59
C LEU A 27 -78.01 25.33 -13.91
N THR A 28 -78.83 24.45 -13.32
CA THR A 28 -80.06 24.90 -12.69
C THR A 28 -79.78 25.61 -11.36
N HIS A 29 -78.82 25.11 -10.59
CA HIS A 29 -78.50 25.71 -9.29
C HIS A 29 -77.64 26.96 -9.42
N LYS A 30 -77.31 27.33 -10.66
CA LYS A 30 -76.46 28.52 -10.90
C LYS A 30 -75.19 28.37 -10.05
N LYS A 31 -74.85 27.14 -9.71
CA LYS A 31 -73.62 26.88 -8.92
C LYS A 31 -72.48 26.59 -9.89
N ARG A 32 -71.46 27.44 -9.92
CA ARG A 32 -70.29 27.23 -10.82
C ARG A 32 -69.39 26.17 -10.17
N LEU A 33 -68.52 25.53 -10.95
CA LEU A 33 -67.60 24.51 -10.38
C LEU A 33 -66.76 25.22 -9.30
N THR A 34 -66.44 26.50 -9.52
CA THR A 34 -65.61 27.28 -8.57
C THR A 34 -66.38 27.60 -7.27
N ASP A 35 -67.68 27.35 -7.23
CA ASP A 35 -68.50 27.60 -6.00
C ASP A 35 -67.79 27.04 -4.75
N GLU A 36 -67.89 27.75 -3.62
CA GLU A 36 -67.23 27.34 -2.38
C GLU A 36 -67.68 25.97 -1.91
N GLU A 37 -68.91 25.57 -2.24
CA GLU A 37 -69.39 24.25 -1.85
C GLU A 37 -68.61 23.15 -2.56
N PHE A 38 -68.12 23.43 -3.78
CA PHE A 38 -67.44 22.36 -4.58
C PHE A 38 -65.93 22.38 -4.36
N ARG A 39 -65.36 23.50 -3.90
CA ARG A 39 -63.94 23.54 -3.61
C ARG A 39 -63.64 22.82 -2.31
N GLU A 40 -62.54 22.08 -2.29
CA GLU A 40 -62.12 21.37 -1.08
C GLU A 40 -61.76 22.40 -0.01
N PRO A 41 -62.22 22.22 1.23
CA PRO A 41 -62.00 23.27 2.25
C PRO A 41 -60.55 23.43 2.65
N SER A 42 -59.90 22.31 2.99
CA SER A 42 -58.55 22.39 3.55
C SER A 42 -57.54 22.93 2.54
N THR A 43 -57.66 22.51 1.27
CA THR A 43 -56.66 22.83 0.26
C THR A 43 -57.12 23.83 -0.78
N GLY A 44 -58.39 24.21 -0.79
CA GLY A 44 -58.91 25.03 -1.88
C GLY A 44 -58.95 24.34 -3.21
N LYS A 45 -58.86 23.01 -3.22
CA LYS A 45 -58.72 22.26 -4.45
C LYS A 45 -60.02 22.25 -5.23
N THR A 46 -59.91 22.33 -6.56
CA THR A 46 -61.05 22.35 -7.45
C THR A 46 -61.16 20.98 -8.14
N CYS A 47 -62.24 20.79 -8.90
CA CYS A 47 -62.47 19.51 -9.57
C CYS A 47 -61.40 19.24 -10.62
N LEU A 48 -61.01 20.27 -11.37
CA LEU A 48 -60.10 20.06 -12.50
C LEU A 48 -58.74 19.52 -12.08
N PRO A 49 -58.05 20.09 -11.08
CA PRO A 49 -56.79 19.46 -10.64
C PRO A 49 -56.95 18.02 -10.20
N LYS A 50 -58.07 17.70 -9.54
CA LYS A 50 -58.33 16.31 -9.19
C LYS A 50 -58.42 15.44 -10.43
N ALA A 51 -59.12 15.93 -11.47
CA ALA A 51 -59.22 15.18 -12.71
C ALA A 51 -57.84 14.97 -13.34
N LEU A 52 -56.99 15.98 -13.28
CA LEU A 52 -55.63 15.85 -13.82
C LEU A 52 -54.82 14.82 -13.03
N LEU A 53 -54.95 14.78 -11.71
CA LEU A 53 -54.06 13.92 -10.91
C LEU A 53 -54.25 12.44 -11.24
N ASN A 54 -55.48 11.95 -11.19
CA ASN A 54 -55.75 10.53 -11.35
C ASN A 54 -56.19 10.26 -12.79
N LEU A 55 -55.24 9.78 -13.59
CA LEU A 55 -55.47 9.49 -15.00
C LEU A 55 -55.00 8.08 -15.31
N SER A 56 -55.72 7.41 -16.21
CA SER A 56 -55.40 6.04 -16.62
C SER A 56 -55.03 6.02 -18.09
N ASN A 57 -53.95 5.30 -18.41
CA ASN A 57 -53.43 5.16 -19.76
C ASN A 57 -53.04 6.49 -20.39
N GLY A 58 -52.92 7.54 -19.58
CA GLY A 58 -52.50 8.84 -20.05
C GLY A 58 -53.61 9.73 -20.55
N ARG A 59 -54.81 9.20 -20.80
CA ARG A 59 -55.89 9.98 -21.38
C ARG A 59 -57.21 9.52 -20.79
N ASN A 60 -58.05 10.49 -20.40
CA ASN A 60 -59.43 10.24 -20.00
C ASN A 60 -60.27 11.44 -20.41
N ASP A 61 -61.57 11.21 -20.64
CA ASP A 61 -62.45 12.25 -21.15
C ASP A 61 -62.92 13.19 -20.04
N THR A 62 -62.57 12.91 -18.79
CA THR A 62 -63.07 13.70 -17.67
C THR A 62 -62.66 15.17 -17.79
N ILE A 63 -61.39 15.44 -18.09
CA ILE A 63 -60.94 16.83 -18.21
C ILE A 63 -61.63 17.56 -19.35
N PRO A 64 -61.71 17.02 -20.57
CA PRO A 64 -62.49 17.73 -21.60
C PRO A 64 -63.94 17.94 -21.24
N VAL A 65 -64.59 16.98 -20.55
CA VAL A 65 -65.98 17.20 -20.18
C VAL A 65 -66.10 18.32 -19.14
N LEU A 66 -65.18 18.36 -18.17
CA LEU A 66 -65.19 19.47 -17.22
C LEU A 66 -64.95 20.80 -17.92
N LEU A 67 -64.04 20.85 -18.90
CA LEU A 67 -63.79 22.10 -19.60
C LEU A 67 -65.01 22.54 -20.38
N ASP A 68 -65.69 21.61 -21.04
CA ASP A 68 -66.93 21.95 -21.75
C ASP A 68 -68.00 22.43 -20.79
N ILE A 69 -68.12 21.78 -19.63
CA ILE A 69 -69.10 22.21 -18.63
C ILE A 69 -68.79 23.63 -18.16
N ALA A 70 -67.50 23.91 -17.94
CA ALA A 70 -67.11 25.24 -17.40
C ALA A 70 -67.30 26.33 -18.45
N GLU A 71 -67.02 26.03 -19.73
CA GLU A 71 -67.24 27.04 -20.77
C GLU A 71 -68.73 27.25 -21.01
N ARG A 72 -69.54 26.21 -20.80
CA ARG A 72 -70.99 26.37 -20.92
C ARG A 72 -71.54 27.23 -19.78
N THR A 73 -71.07 26.98 -18.55
CA THR A 73 -71.49 27.86 -17.42
C THR A 73 -70.80 29.21 -17.55
N GLY A 74 -69.79 29.32 -18.42
CA GLY A 74 -69.13 30.63 -18.66
C GLY A 74 -68.15 31.04 -17.58
N ASN A 75 -67.80 30.11 -16.67
CA ASN A 75 -66.87 30.44 -15.56
C ASN A 75 -65.52 29.78 -15.80
N MET A 76 -65.19 29.50 -17.07
CA MET A 76 -63.93 28.77 -17.38
C MET A 76 -62.70 29.56 -16.93
N ARG A 77 -62.65 30.87 -17.13
CA ARG A 77 -61.39 31.60 -16.80
C ARG A 77 -61.05 31.46 -15.31
N GLU A 78 -62.03 31.66 -14.42
CA GLU A 78 -61.77 31.45 -12.96
C GLU A 78 -61.51 29.97 -12.67
N PHE A 79 -62.27 29.08 -13.32
CA PHE A 79 -62.15 27.62 -13.06
C PHE A 79 -60.74 27.13 -13.38
N ILE A 80 -60.13 27.68 -14.43
CA ILE A 80 -58.81 27.19 -14.85
C ILE A 80 -57.72 27.69 -13.92
N ASN A 81 -57.82 28.96 -13.49
CA ASN A 81 -56.79 29.59 -12.67
C ASN A 81 -57.11 29.49 -11.18
N SER A 82 -57.83 28.46 -10.77
CA SER A 82 -58.16 28.31 -9.36
C SER A 82 -56.92 27.86 -8.60
N PRO A 83 -56.41 28.65 -7.66
CA PRO A 83 -55.18 28.27 -6.96
C PRO A 83 -55.45 27.56 -5.65
N PHE A 84 -54.58 26.58 -5.36
CA PHE A 84 -54.58 25.94 -4.06
C PHE A 84 -54.25 26.98 -2.99
N ARG A 85 -54.88 26.86 -1.83
CA ARG A 85 -54.74 27.89 -0.81
C ARG A 85 -54.08 27.44 0.49
N ASP A 86 -53.91 26.14 0.71
CA ASP A 86 -53.24 25.72 1.93
C ASP A 86 -51.75 26.03 1.88
N ILE A 87 -51.13 26.06 3.06
CA ILE A 87 -49.71 26.41 3.14
C ILE A 87 -48.85 25.38 2.43
N TYR A 88 -49.25 24.11 2.49
CA TYR A 88 -48.47 23.05 1.84
C TYR A 88 -48.42 23.25 0.33
N TYR A 89 -49.55 23.60 -0.28
CA TYR A 89 -49.63 23.84 -1.72
C TYR A 89 -50.27 25.21 -1.92
N ARG A 90 -49.44 26.24 -2.12
CA ARG A 90 -49.94 27.60 -2.27
C ARG A 90 -49.69 28.08 -3.69
N GLY A 91 -50.76 28.52 -4.35
CA GLY A 91 -50.65 29.07 -5.69
C GLY A 91 -50.58 28.06 -6.81
N GLN A 92 -50.62 26.77 -6.51
CA GLN A 92 -50.59 25.76 -7.56
C GLN A 92 -51.84 25.86 -8.42
N THR A 93 -51.65 25.73 -9.73
CA THR A 93 -52.74 25.87 -10.69
C THR A 93 -52.85 24.57 -11.48
N ALA A 94 -54.01 24.38 -12.11
CA ALA A 94 -54.23 23.17 -12.90
C ALA A 94 -53.17 22.97 -13.98
N LEU A 95 -52.62 24.07 -14.51
CA LEU A 95 -51.56 23.96 -15.51
C LEU A 95 -50.30 23.34 -14.91
N HIS A 96 -49.98 23.66 -13.65
CA HIS A 96 -48.83 23.07 -13.01
C HIS A 96 -48.98 21.56 -12.91
N ILE A 97 -50.18 21.09 -12.54
CA ILE A 97 -50.41 19.66 -12.43
C ILE A 97 -50.42 19.00 -13.80
N ALA A 98 -50.96 19.69 -14.81
CA ALA A 98 -50.95 19.14 -16.16
C ALA A 98 -49.54 18.96 -16.68
N ILE A 99 -48.67 19.94 -16.46
CA ILE A 99 -47.27 19.80 -16.85
C ILE A 99 -46.59 18.75 -15.98
N GLU A 100 -47.01 18.63 -14.73
CA GLU A 100 -46.38 17.72 -13.79
C GLU A 100 -46.52 16.26 -14.21
N ARG A 101 -47.71 15.88 -14.69
CA ARG A 101 -48.02 14.48 -14.98
C ARG A 101 -47.50 14.03 -16.33
N ARG A 102 -46.60 14.81 -16.96
CA ARG A 102 -45.94 14.45 -18.21
C ARG A 102 -46.92 14.22 -19.34
N CYS A 103 -48.10 14.85 -19.29
CA CYS A 103 -49.12 14.71 -20.34
C CYS A 103 -49.13 15.98 -21.17
N LYS A 104 -48.74 15.86 -22.44
CA LYS A 104 -48.66 17.03 -23.31
C LYS A 104 -50.02 17.48 -23.80
N HIS A 105 -50.91 16.53 -24.09
CA HIS A 105 -52.21 16.87 -24.68
C HIS A 105 -53.10 17.65 -23.72
N TYR A 106 -53.14 17.26 -22.45
CA TYR A 106 -53.80 18.12 -21.46
C TYR A 106 -53.13 19.47 -21.33
N VAL A 107 -51.80 19.54 -21.40
CA VAL A 107 -51.12 20.83 -21.29
C VAL A 107 -51.57 21.76 -22.41
N GLU A 108 -51.57 21.27 -23.65
CA GLU A 108 -51.95 22.13 -24.76
C GLU A 108 -53.44 22.45 -24.72
N LEU A 109 -54.27 21.52 -24.25
CA LEU A 109 -55.69 21.82 -24.11
C LEU A 109 -55.92 22.95 -23.11
N LEU A 110 -55.26 22.87 -21.94
CA LEU A 110 -55.40 23.94 -20.95
C LEU A 110 -54.87 25.26 -21.48
N VAL A 111 -53.73 25.25 -22.16
CA VAL A 111 -53.17 26.50 -22.69
C VAL A 111 -54.13 27.10 -23.72
N ALA A 112 -54.71 26.27 -24.58
CA ALA A 112 -55.66 26.76 -25.58
C ALA A 112 -56.90 27.34 -24.91
N GLN A 113 -57.40 26.68 -23.85
CA GLN A 113 -58.60 27.16 -23.18
C GLN A 113 -58.38 28.50 -22.47
N GLY A 114 -57.13 28.85 -22.18
CA GLY A 114 -56.86 30.14 -21.57
C GLY A 114 -56.17 30.06 -20.22
N ALA A 115 -55.43 28.98 -20.00
CA ALA A 115 -54.74 28.82 -18.72
C ALA A 115 -53.66 29.87 -18.55
N ASP A 116 -53.54 30.39 -17.34
CA ASP A 116 -52.49 31.35 -17.03
C ASP A 116 -51.13 30.66 -17.12
N VAL A 117 -50.20 31.25 -17.87
CA VAL A 117 -48.91 30.64 -18.13
C VAL A 117 -47.83 31.17 -17.21
N HIS A 118 -48.07 32.29 -16.53
CA HIS A 118 -47.10 32.88 -15.62
C HIS A 118 -47.50 32.71 -14.16
N ALA A 119 -48.36 31.73 -13.86
CA ALA A 119 -48.79 31.51 -12.49
C ALA A 119 -47.64 31.01 -11.64
N GLN A 120 -47.55 31.52 -10.42
CA GLN A 120 -46.45 31.21 -9.51
C GLN A 120 -46.98 30.40 -8.33
N ALA A 121 -46.37 29.24 -8.10
CA ALA A 121 -46.72 28.36 -6.99
C ALA A 121 -45.62 28.45 -5.95
N ARG A 122 -45.90 29.15 -4.85
CA ARG A 122 -44.90 29.42 -3.83
C ARG A 122 -45.25 28.75 -2.50
N GLY A 123 -45.86 27.57 -2.56
CA GLY A 123 -46.17 26.84 -1.35
C GLY A 123 -44.92 26.32 -0.67
N ARG A 124 -45.11 25.87 0.58
CA ARG A 124 -43.98 25.32 1.33
C ARG A 124 -43.44 24.06 0.67
N PHE A 125 -44.27 23.33 -0.05
CA PHE A 125 -43.79 22.17 -0.80
C PHE A 125 -42.82 22.58 -1.89
N PHE A 126 -43.03 23.76 -2.49
CA PHE A 126 -42.25 24.20 -3.63
C PHE A 126 -41.07 25.07 -3.25
N GLN A 127 -40.90 25.34 -1.96
CA GLN A 127 -39.79 26.20 -1.49
C GLN A 127 -38.50 25.41 -1.62
N PRO A 128 -37.30 26.00 -1.58
CA PRO A 128 -36.07 25.26 -1.79
C PRO A 128 -35.97 24.21 -0.69
N LYS A 129 -35.25 23.11 -0.93
CA LYS A 129 -35.21 22.01 0.06
C LYS A 129 -34.71 22.54 1.41
N ASP A 130 -33.71 23.43 1.38
CA ASP A 130 -33.15 23.99 2.64
C ASP A 130 -34.23 24.76 3.40
N GLU A 131 -35.07 25.53 2.70
CA GLU A 131 -36.12 26.35 3.38
C GLU A 131 -37.37 25.49 3.62
N GLY A 132 -37.24 24.38 4.32
CA GLY A 132 -38.41 23.54 4.68
C GLY A 132 -39.22 23.12 3.47
N GLY A 133 -38.58 22.71 2.38
CA GLY A 133 -39.35 22.41 1.15
C GLY A 133 -39.10 21.03 0.61
N TYR A 134 -39.58 20.77 -0.60
CA TYR A 134 -39.42 19.48 -1.26
C TYR A 134 -38.89 19.59 -2.68
N PHE A 135 -39.54 20.37 -3.54
CA PHE A 135 -39.14 20.50 -4.93
C PHE A 135 -39.22 21.96 -5.33
N TYR A 136 -38.06 22.58 -5.52
CA TYR A 136 -37.98 23.96 -6.00
C TYR A 136 -37.76 23.90 -7.51
N PHE A 137 -38.87 23.95 -8.25
CA PHE A 137 -38.85 23.82 -9.71
C PHE A 137 -38.75 25.16 -10.42
N GLY A 138 -38.66 26.27 -9.69
CA GLY A 138 -38.60 27.58 -10.30
C GLY A 138 -39.90 28.37 -10.26
N GLU A 139 -40.93 27.85 -9.58
CA GLU A 139 -42.12 28.63 -9.25
C GLU A 139 -42.85 29.14 -10.49
N LEU A 140 -42.75 28.42 -11.61
CA LEU A 140 -43.39 28.86 -12.84
C LEU A 140 -43.67 27.67 -13.74
N PRO A 141 -44.77 27.68 -14.49
CA PRO A 141 -45.07 26.53 -15.36
C PRO A 141 -43.99 26.24 -16.38
N LEU A 142 -43.39 27.28 -16.97
CA LEU A 142 -42.28 27.07 -17.89
C LEU A 142 -41.08 26.50 -17.16
N SER A 143 -40.80 27.02 -15.96
CA SER A 143 -39.74 26.46 -15.14
C SER A 143 -40.06 25.02 -14.74
N LEU A 144 -41.33 24.73 -14.46
CA LEU A 144 -41.72 23.36 -14.14
C LEU A 144 -41.47 22.42 -15.31
N ALA A 145 -41.84 22.85 -16.52
CA ALA A 145 -41.59 22.03 -17.70
C ALA A 145 -40.10 21.85 -17.95
N ALA A 146 -39.31 22.90 -17.73
CA ALA A 146 -37.88 22.81 -17.97
C ALA A 146 -37.20 21.91 -16.95
N CYS A 147 -37.58 22.02 -15.68
CA CYS A 147 -36.89 21.30 -14.62
C CYS A 147 -37.32 19.85 -14.51
N THR A 148 -38.42 19.46 -15.15
CA THR A 148 -38.86 18.06 -15.16
C THR A 148 -38.49 17.34 -16.44
N ASN A 149 -37.65 17.95 -17.28
CA ASN A 149 -37.16 17.35 -18.53
C ASN A 149 -38.34 17.00 -19.46
N GLN A 150 -39.04 18.05 -19.89
CA GLN A 150 -40.15 17.91 -20.84
C GLN A 150 -39.91 18.89 -21.98
N PRO A 151 -39.01 18.57 -22.91
CA PRO A 151 -38.68 19.52 -23.98
C PRO A 151 -39.88 19.91 -24.83
N HIS A 152 -40.80 18.97 -25.08
CA HIS A 152 -41.96 19.29 -25.90
C HIS A 152 -42.87 20.32 -25.22
N ILE A 153 -43.03 20.21 -23.90
CA ILE A 153 -43.86 21.18 -23.18
C ILE A 153 -43.21 22.56 -23.22
N VAL A 154 -41.88 22.61 -23.07
CA VAL A 154 -41.18 23.89 -23.18
C VAL A 154 -41.37 24.49 -24.56
N ASN A 155 -41.22 23.67 -25.60
CA ASN A 155 -41.37 24.16 -26.97
C ASN A 155 -42.78 24.68 -27.20
N TYR A 156 -43.78 23.98 -26.67
CA TYR A 156 -45.17 24.42 -26.87
C TYR A 156 -45.45 25.70 -26.11
N LEU A 157 -45.05 25.77 -24.84
CA LEU A 157 -45.32 26.97 -24.06
C LEU A 157 -44.62 28.19 -24.63
N THR A 158 -43.38 28.03 -25.10
CA THR A 158 -42.65 29.16 -25.63
C THR A 158 -43.11 29.54 -27.03
N GLU A 159 -43.70 28.60 -27.76
CA GLU A 159 -44.14 28.84 -29.15
C GLU A 159 -45.54 28.27 -29.32
N ASN A 160 -46.55 29.10 -29.07
CA ASN A 160 -47.95 28.74 -29.28
C ASN A 160 -48.73 30.02 -29.56
N PRO A 161 -49.82 29.92 -30.33
CA PRO A 161 -50.57 31.14 -30.68
C PRO A 161 -51.44 31.66 -29.56
N HIS A 162 -51.94 30.76 -28.70
CA HIS A 162 -52.94 31.14 -27.70
C HIS A 162 -52.36 32.09 -26.67
N LYS A 163 -51.21 31.74 -26.09
CA LYS A 163 -50.56 32.57 -25.08
C LYS A 163 -49.08 32.24 -25.06
N LYS A 164 -48.24 33.21 -25.38
CA LYS A 164 -46.80 33.01 -25.47
C LYS A 164 -46.17 33.17 -24.10
N ALA A 165 -45.50 32.13 -23.64
CA ALA A 165 -44.79 32.19 -22.36
C ALA A 165 -43.58 33.11 -22.48
N ASP A 166 -43.49 34.05 -21.55
CA ASP A 166 -42.37 34.99 -21.48
C ASP A 166 -41.25 34.28 -20.73
N MET A 167 -40.26 33.79 -21.46
CA MET A 167 -39.19 33.01 -20.87
C MET A 167 -38.11 33.88 -20.23
N ARG A 168 -38.27 35.19 -20.26
CA ARG A 168 -37.48 36.11 -19.46
C ARG A 168 -38.13 36.43 -18.13
N ARG A 169 -39.23 35.75 -17.80
CA ARG A 169 -39.96 36.03 -16.58
C ARG A 169 -39.12 35.70 -15.35
N GLN A 170 -39.42 36.36 -14.25
CA GLN A 170 -38.69 36.19 -13.00
C GLN A 170 -39.63 35.71 -11.90
N ASP A 171 -39.06 35.02 -10.93
CA ASP A 171 -39.82 34.47 -9.82
C ASP A 171 -40.19 35.56 -8.82
N SER A 172 -40.87 35.15 -7.74
CA SER A 172 -40.95 36.00 -6.57
C SER A 172 -39.57 36.16 -5.94
N ARG A 173 -38.75 35.10 -6.07
CA ARG A 173 -37.36 35.14 -5.55
C ARG A 173 -36.47 35.82 -6.59
N GLY A 174 -37.00 36.12 -7.77
CA GLY A 174 -36.22 36.71 -8.83
C GLY A 174 -35.52 35.75 -9.75
N ASN A 175 -35.62 34.44 -9.49
CA ASN A 175 -34.97 33.45 -10.34
C ASN A 175 -35.63 33.38 -11.71
N THR A 176 -34.81 33.30 -12.75
CA THR A 176 -35.26 33.03 -14.10
C THR A 176 -35.33 31.51 -14.30
N VAL A 177 -35.78 31.09 -15.48
CA VAL A 177 -35.82 29.66 -15.78
C VAL A 177 -34.41 29.08 -15.75
N LEU A 178 -33.42 29.84 -16.21
CA LEU A 178 -32.03 29.40 -16.13
C LEU A 178 -31.59 29.27 -14.68
N HIS A 179 -32.02 30.20 -13.82
CA HIS A 179 -31.71 30.09 -12.40
C HIS A 179 -32.34 28.84 -11.80
N ALA A 180 -33.57 28.51 -12.21
CA ALA A 180 -34.21 27.30 -11.74
C ALA A 180 -33.45 26.06 -12.19
N LEU A 181 -33.00 26.04 -13.45
CA LEU A 181 -32.21 24.92 -13.94
C LEU A 181 -30.92 24.76 -13.15
N VAL A 182 -30.29 25.88 -12.81
CA VAL A 182 -29.09 25.82 -11.97
C VAL A 182 -29.45 25.27 -10.58
N ALA A 183 -30.58 25.70 -10.03
CA ALA A 183 -30.96 25.30 -8.68
C ALA A 183 -31.23 23.80 -8.59
N ILE A 184 -31.93 23.24 -9.58
CA ILE A 184 -32.25 21.82 -9.50
C ILE A 184 -31.05 20.96 -9.85
N ALA A 185 -30.00 21.54 -10.42
CA ALA A 185 -28.89 20.76 -10.92
C ALA A 185 -28.14 20.08 -9.79
N ASP A 186 -27.72 18.83 -10.03
CA ASP A 186 -26.81 18.11 -9.16
C ASP A 186 -25.55 17.78 -9.95
N ASN A 187 -24.67 16.98 -9.36
CA ASN A 187 -23.44 16.60 -10.01
C ASN A 187 -23.49 15.21 -10.65
N THR A 188 -24.63 14.53 -10.60
CA THR A 188 -24.74 13.22 -11.21
C THR A 188 -24.85 13.36 -12.73
N ARG A 189 -24.64 12.24 -13.44
CA ARG A 189 -24.47 12.28 -14.88
C ARG A 189 -25.75 12.65 -15.62
N GLU A 190 -26.88 12.00 -15.31
CA GLU A 190 -28.10 12.26 -16.07
C GLU A 190 -28.66 13.65 -15.78
N ASN A 191 -28.62 14.07 -14.52
CA ASN A 191 -29.11 15.39 -14.15
C ASN A 191 -28.31 16.47 -14.85
N THR A 192 -26.98 16.41 -14.74
CA THR A 192 -26.13 17.38 -15.42
C THR A 192 -26.36 17.35 -16.92
N LYS A 193 -26.51 16.13 -17.47
CA LYS A 193 -26.74 15.99 -18.91
C LYS A 193 -27.96 16.78 -19.36
N PHE A 194 -29.12 16.48 -18.78
CA PHE A 194 -30.33 17.10 -19.32
C PHE A 194 -30.40 18.57 -18.93
N VAL A 195 -29.85 18.94 -17.77
CA VAL A 195 -29.84 20.35 -17.37
C VAL A 195 -28.99 21.17 -18.34
N THR A 196 -27.81 20.67 -18.70
CA THR A 196 -26.99 21.40 -19.65
C THR A 196 -27.65 21.47 -21.02
N LYS A 197 -28.24 20.36 -21.47
CA LYS A 197 -28.89 20.36 -22.77
C LYS A 197 -30.05 21.36 -22.82
N MET A 198 -30.86 21.39 -21.75
CA MET A 198 -32.01 22.28 -21.75
C MET A 198 -31.60 23.73 -21.47
N TYR A 199 -30.50 23.94 -20.74
CA TYR A 199 -29.96 25.28 -20.59
C TYR A 199 -29.51 25.84 -21.93
N ASP A 200 -28.81 25.02 -22.72
CA ASP A 200 -28.45 25.44 -24.07
C ASP A 200 -29.68 25.71 -24.91
N LEU A 201 -30.68 24.82 -24.83
CA LEU A 201 -31.91 25.00 -25.60
C LEU A 201 -32.57 26.33 -25.27
N LEU A 202 -32.72 26.62 -23.98
CA LEU A 202 -33.42 27.84 -23.57
C LEU A 202 -32.61 29.08 -23.90
N LEU A 203 -31.29 29.06 -23.69
CA LEU A 203 -30.48 30.22 -24.03
C LEU A 203 -30.53 30.51 -25.53
N LEU A 204 -30.42 29.47 -26.36
CA LEU A 204 -30.51 29.67 -27.79
C LEU A 204 -31.88 30.19 -28.19
N LYS A 205 -32.94 29.65 -27.58
CA LYS A 205 -34.28 30.10 -27.90
C LYS A 205 -34.49 31.57 -27.55
N CYS A 206 -34.00 31.98 -26.37
CA CYS A 206 -34.15 33.37 -25.97
C CYS A 206 -33.33 34.28 -26.87
N ALA A 207 -32.18 33.80 -27.36
CA ALA A 207 -31.42 34.58 -28.35
C ALA A 207 -32.20 34.72 -29.64
N ARG A 208 -32.84 33.64 -30.10
CA ARG A 208 -33.58 33.69 -31.36
C ARG A 208 -34.78 34.63 -31.27
N LEU A 209 -35.52 34.57 -30.16
CA LEU A 209 -36.77 35.32 -30.05
C LEU A 209 -36.52 36.82 -30.11
N PHE A 210 -35.64 37.32 -29.24
CA PHE A 210 -35.32 38.74 -29.20
C PHE A 210 -33.82 38.87 -29.01
N PRO A 211 -33.07 39.13 -30.09
CA PRO A 211 -31.61 38.94 -30.04
C PRO A 211 -30.87 39.83 -29.05
N ASP A 212 -31.35 41.04 -28.80
CA ASP A 212 -30.55 42.03 -28.08
C ASP A 212 -30.22 41.55 -26.66
N SER A 213 -31.23 41.11 -25.91
CA SER A 213 -31.01 40.71 -24.54
C SER A 213 -30.46 39.28 -24.47
N ASN A 214 -29.54 39.07 -23.53
CA ASN A 214 -29.04 37.76 -23.17
C ASN A 214 -29.74 37.32 -21.89
N LEU A 215 -30.27 36.09 -21.88
CA LEU A 215 -31.01 35.64 -20.70
C LEU A 215 -30.08 35.48 -19.50
N GLU A 216 -28.79 35.23 -19.73
CA GLU A 216 -27.84 35.19 -18.62
C GLU A 216 -27.65 36.57 -17.97
N ALA A 217 -27.94 37.64 -18.71
CA ALA A 217 -27.79 38.98 -18.13
C ALA A 217 -28.79 39.24 -17.02
N VAL A 218 -29.98 38.63 -17.10
CA VAL A 218 -30.96 38.77 -16.04
C VAL A 218 -30.40 38.18 -14.76
N LEU A 219 -30.45 38.96 -13.68
CA LEU A 219 -29.80 38.59 -12.44
C LEU A 219 -30.82 38.38 -11.33
N ASN A 220 -30.51 37.45 -10.44
CA ASN A 220 -31.38 37.10 -9.33
C ASN A 220 -31.53 38.29 -8.38
N ASN A 221 -32.55 38.24 -7.53
CA ASN A 221 -32.78 39.31 -6.57
C ASN A 221 -31.57 39.51 -5.66
N ASP A 222 -30.82 38.45 -5.39
CA ASP A 222 -29.57 38.57 -4.65
C ASP A 222 -28.46 39.20 -5.47
N GLY A 223 -28.67 39.42 -6.76
CA GLY A 223 -27.65 39.94 -7.64
C GLY A 223 -26.78 38.91 -8.32
N LEU A 224 -27.21 37.65 -8.36
CA LEU A 224 -26.41 36.55 -8.89
C LEU A 224 -26.95 36.14 -10.26
N SER A 225 -26.06 36.12 -11.24
CA SER A 225 -26.36 35.56 -12.55
C SER A 225 -26.37 34.04 -12.45
N PRO A 226 -26.94 33.35 -13.45
CA PRO A 226 -26.92 31.87 -13.40
C PRO A 226 -25.52 31.30 -13.25
N LEU A 227 -24.53 31.90 -13.91
CA LEU A 227 -23.14 31.49 -13.68
C LEU A 227 -22.72 31.81 -12.26
N MET A 228 -23.06 33.00 -11.77
CA MET A 228 -22.74 33.36 -10.39
C MET A 228 -23.46 32.46 -9.40
N MET A 229 -24.73 32.15 -9.68
CA MET A 229 -25.49 31.26 -8.79
C MET A 229 -24.88 29.86 -8.76
N ALA A 230 -24.46 29.34 -9.92
CA ALA A 230 -23.80 28.05 -9.94
C ALA A 230 -22.48 28.10 -9.18
N ALA A 231 -21.74 29.20 -9.30
CA ALA A 231 -20.49 29.33 -8.57
C ALA A 231 -20.72 29.35 -7.06
N LYS A 232 -21.74 30.09 -6.61
CA LYS A 232 -22.00 30.22 -5.18
C LYS A 232 -22.53 28.91 -4.61
N THR A 233 -23.49 28.28 -5.28
CA THR A 233 -24.12 27.07 -4.77
C THR A 233 -23.23 25.84 -4.90
N GLY A 234 -22.33 25.81 -5.89
CA GLY A 234 -21.43 24.69 -6.05
C GLY A 234 -21.94 23.59 -6.96
N LYS A 235 -22.55 23.95 -8.07
CA LYS A 235 -22.98 22.98 -9.08
C LYS A 235 -21.89 22.90 -10.14
N ILE A 236 -21.06 21.87 -10.06
CA ILE A 236 -19.89 21.80 -10.92
C ILE A 236 -20.29 21.58 -12.38
N GLY A 237 -21.33 20.80 -12.62
CA GLY A 237 -21.67 20.46 -14.01
C GLY A 237 -22.13 21.65 -14.82
N ILE A 238 -23.15 22.35 -14.32
CA ILE A 238 -23.68 23.49 -15.06
C ILE A 238 -22.68 24.64 -15.09
N PHE A 239 -21.91 24.82 -14.02
CA PHE A 239 -20.86 25.83 -14.02
C PHE A 239 -19.82 25.54 -15.11
N GLN A 240 -19.37 24.29 -15.18
CA GLN A 240 -18.42 23.89 -16.21
C GLN A 240 -19.00 24.12 -17.59
N HIS A 241 -20.26 23.72 -17.81
CA HIS A 241 -20.86 23.87 -19.13
C HIS A 241 -20.99 25.33 -19.53
N ILE A 242 -21.39 26.19 -18.60
CA ILE A 242 -21.53 27.61 -18.91
C ILE A 242 -20.17 28.23 -19.21
N ILE A 243 -19.14 27.80 -18.48
CA ILE A 243 -17.81 28.37 -18.65
C ILE A 243 -17.30 28.12 -20.07
N ARG A 244 -17.47 26.90 -20.57
CA ARG A 244 -16.97 26.51 -21.89
C ARG A 244 -18.11 26.30 -22.89
N ARG A 245 -19.12 27.17 -22.84
CA ARG A 245 -20.23 27.06 -23.78
C ARG A 245 -19.78 27.51 -25.16
N GLU A 246 -19.89 26.61 -26.14
CA GLU A 246 -19.54 26.91 -27.53
C GLU A 246 -20.74 26.59 -28.41
N VAL A 247 -21.18 27.57 -29.20
CA VAL A 247 -22.32 27.42 -30.08
C VAL A 247 -21.80 27.34 -31.50
N THR A 248 -22.05 26.20 -32.17
CA THR A 248 -21.58 26.02 -33.53
C THR A 248 -22.40 26.86 -34.52
N ASP A 249 -23.65 27.16 -34.20
CA ASP A 249 -24.49 27.96 -35.08
C ASP A 249 -23.89 29.35 -35.27
N GLU A 250 -23.85 29.81 -36.51
CA GLU A 250 -23.30 31.11 -36.83
C GLU A 250 -24.29 32.25 -36.67
N ASP A 251 -25.60 31.95 -36.69
CA ASP A 251 -26.59 33.01 -36.51
C ASP A 251 -26.52 33.60 -35.11
N THR A 252 -26.36 32.76 -34.10
CA THR A 252 -26.25 33.19 -32.70
C THR A 252 -24.97 32.59 -32.13
N ARG A 253 -23.85 33.29 -32.35
CA ARG A 253 -22.58 32.90 -31.75
C ARG A 253 -22.16 33.85 -30.65
N HIS A 254 -22.92 34.92 -30.40
CA HIS A 254 -22.61 35.80 -29.28
C HIS A 254 -22.74 35.08 -27.95
N LEU A 255 -23.61 34.06 -27.89
CA LEU A 255 -23.81 33.33 -26.65
C LEU A 255 -22.59 32.52 -26.26
N SER A 256 -21.84 32.01 -27.24
CA SER A 256 -20.72 31.14 -26.95
C SER A 256 -19.63 31.90 -26.21
N ARG A 257 -18.91 31.20 -25.33
CA ARG A 257 -17.82 31.77 -24.55
C ARG A 257 -16.47 31.21 -24.92
N LYS A 258 -16.39 29.93 -25.30
CA LYS A 258 -15.13 29.30 -25.66
C LYS A 258 -14.97 29.26 -27.18
N PHE A 259 -14.50 30.38 -27.72
CA PHE A 259 -14.18 30.41 -29.15
C PHE A 259 -12.89 29.64 -29.40
N LYS A 260 -12.74 29.11 -30.61
CA LYS A 260 -11.56 28.33 -30.96
C LYS A 260 -10.74 29.08 -32.00
N ASP A 261 -9.57 29.57 -31.60
CA ASP A 261 -8.70 30.28 -32.54
C ASP A 261 -8.10 29.32 -33.54
N TRP A 262 -7.54 28.23 -33.03
CA TRP A 262 -6.93 27.19 -33.91
C TRP A 262 -6.85 25.89 -33.11
N ALA A 263 -6.86 24.76 -33.81
CA ALA A 263 -6.72 23.47 -33.15
C ALA A 263 -6.15 22.42 -34.08
N TYR A 264 -4.85 22.13 -33.95
CA TYR A 264 -4.22 21.04 -34.69
C TYR A 264 -3.94 19.90 -33.75
N GLY A 265 -4.55 18.74 -34.03
CA GLY A 265 -4.37 17.59 -33.19
C GLY A 265 -4.88 17.82 -31.78
N PRO A 266 -4.16 17.27 -30.80
CA PRO A 266 -4.62 17.38 -29.40
C PRO A 266 -4.73 18.81 -28.90
N VAL A 267 -3.82 19.71 -29.30
CA VAL A 267 -3.83 21.05 -28.73
C VAL A 267 -4.99 21.86 -29.29
N TYR A 268 -5.72 22.52 -28.39
CA TYR A 268 -6.79 23.42 -28.76
C TYR A 268 -6.48 24.78 -28.15
N SER A 269 -6.34 25.79 -29.01
CA SER A 269 -6.15 27.17 -28.57
C SER A 269 -7.53 27.82 -28.54
N SER A 270 -8.01 28.13 -27.34
CA SER A 270 -9.36 28.65 -27.16
C SER A 270 -9.32 30.01 -26.49
N LEU A 271 -10.09 30.94 -27.03
CA LEU A 271 -10.36 32.21 -26.39
C LEU A 271 -11.55 32.02 -25.46
N TYR A 272 -11.29 32.04 -24.16
CA TYR A 272 -12.34 31.95 -23.15
C TYR A 272 -12.80 33.37 -22.82
N ASP A 273 -14.09 33.62 -22.93
CA ASP A 273 -14.62 34.93 -22.56
C ASP A 273 -14.44 35.14 -21.06
N LEU A 274 -13.93 36.31 -20.69
CA LEU A 274 -13.65 36.63 -19.30
C LEU A 274 -14.71 37.53 -18.68
N SER A 275 -15.86 37.67 -19.33
CA SER A 275 -16.94 38.46 -18.77
C SER A 275 -17.40 37.85 -17.44
N SER A 276 -17.55 38.69 -16.43
CA SER A 276 -17.95 38.29 -15.08
C SER A 276 -16.95 37.37 -14.40
N LEU A 277 -15.74 37.22 -14.94
CA LEU A 277 -14.72 36.42 -14.20
C LEU A 277 -13.70 37.41 -13.66
N ASP A 278 -12.87 37.99 -14.54
CA ASP A 278 -11.98 39.10 -14.08
C ASP A 278 -12.80 40.38 -14.22
N THR A 279 -13.78 40.60 -13.34
CA THR A 279 -14.69 41.77 -13.47
C THR A 279 -13.92 43.09 -13.34
N CYS A 280 -12.94 43.15 -12.43
CA CYS A 280 -12.17 44.41 -12.18
C CYS A 280 -13.01 45.42 -11.39
N GLY A 281 -14.06 44.96 -10.70
CA GLY A 281 -14.84 45.85 -9.81
C GLY A 281 -16.08 46.44 -10.45
N GLU A 282 -16.17 46.40 -11.79
CA GLU A 282 -17.41 46.86 -12.44
C GLU A 282 -18.55 45.89 -12.08
N GLU A 283 -18.25 44.59 -12.03
CA GLU A 283 -19.28 43.56 -11.76
C GLU A 283 -18.75 42.58 -10.70
N ALA A 284 -19.63 41.82 -10.05
CA ALA A 284 -19.19 40.80 -9.08
C ALA A 284 -18.36 39.75 -9.82
N SER A 285 -17.32 39.21 -9.16
CA SER A 285 -16.40 38.27 -9.86
C SER A 285 -16.70 36.83 -9.45
N VAL A 286 -16.79 35.93 -10.42
CA VAL A 286 -16.96 34.49 -10.10
C VAL A 286 -15.75 34.05 -9.27
N LEU A 287 -14.58 34.67 -9.48
CA LEU A 287 -13.44 34.32 -8.65
C LEU A 287 -13.66 34.68 -7.18
N GLU A 288 -14.19 35.88 -6.93
CA GLU A 288 -14.41 36.32 -5.55
C GLU A 288 -15.41 35.41 -4.85
N ILE A 289 -16.53 35.12 -5.50
CA ILE A 289 -17.55 34.26 -4.91
C ILE A 289 -16.99 32.85 -4.69
N LEU A 290 -16.19 32.37 -5.63
CA LEU A 290 -15.67 31.01 -5.55
C LEU A 290 -14.65 30.86 -4.42
N VAL A 291 -13.76 31.84 -4.25
CA VAL A 291 -12.68 31.69 -3.28
C VAL A 291 -13.16 32.11 -1.89
N TYR A 292 -14.13 33.01 -1.80
CA TYR A 292 -14.54 33.51 -0.50
C TYR A 292 -15.83 32.86 -0.02
N ASN A 293 -16.91 32.99 -0.80
CA ASN A 293 -18.24 32.63 -0.33
C ASN A 293 -18.49 31.12 -0.38
N SER A 294 -18.25 30.50 -1.54
CA SER A 294 -18.54 29.07 -1.71
C SER A 294 -17.75 28.22 -0.73
N LYS A 295 -18.45 27.56 0.20
CA LYS A 295 -17.81 26.70 1.18
C LYS A 295 -17.83 25.24 0.79
N ILE A 296 -18.40 24.90 -0.37
CA ILE A 296 -18.49 23.50 -0.78
C ILE A 296 -17.12 23.00 -1.18
N GLU A 297 -16.86 21.72 -0.92
CA GLU A 297 -15.59 21.11 -1.35
C GLU A 297 -15.46 21.09 -2.86
N ASN A 298 -16.58 21.19 -3.58
CA ASN A 298 -16.52 21.29 -5.05
C ASN A 298 -15.71 22.48 -5.50
N ARG A 299 -15.54 23.49 -4.64
CA ARG A 299 -14.68 24.62 -4.95
C ARG A 299 -13.31 24.15 -5.41
N HIS A 300 -12.78 23.09 -4.78
CA HIS A 300 -11.49 22.55 -5.19
C HIS A 300 -11.50 22.17 -6.66
N GLU A 301 -12.58 21.54 -7.13
CA GLU A 301 -12.75 21.27 -8.55
C GLU A 301 -13.20 22.51 -9.32
N MET A 302 -13.94 23.41 -8.67
CA MET A 302 -14.47 24.58 -9.37
C MET A 302 -13.34 25.52 -9.77
N LEU A 303 -12.27 25.56 -8.98
CA LEU A 303 -11.11 26.38 -9.31
C LEU A 303 -10.17 25.61 -10.24
N ALA A 304 -10.54 24.38 -10.59
CA ALA A 304 -9.72 23.52 -11.42
C ALA A 304 -10.04 23.65 -12.90
N VAL A 305 -11.07 24.40 -13.27
CA VAL A 305 -11.38 24.64 -14.67
C VAL A 305 -10.24 25.45 -15.27
N GLU A 306 -9.99 25.25 -16.57
CA GLU A 306 -8.81 25.84 -17.19
C GLU A 306 -8.79 27.37 -17.14
N PRO A 307 -9.84 28.10 -17.54
CA PRO A 307 -9.72 29.56 -17.56
C PRO A 307 -9.43 30.16 -16.20
N ILE A 308 -10.06 29.65 -15.14
CA ILE A 308 -9.85 30.21 -13.80
C ILE A 308 -8.43 29.94 -13.33
N ASN A 309 -7.94 28.71 -13.52
CA ASN A 309 -6.59 28.37 -13.08
C ASN A 309 -5.56 29.21 -13.81
N GLU A 310 -5.69 29.32 -15.15
CA GLU A 310 -4.74 30.10 -15.91
C GLU A 310 -4.84 31.58 -15.57
N LEU A 311 -6.04 32.07 -15.28
CA LEU A 311 -6.21 33.47 -14.89
C LEU A 311 -5.51 33.75 -13.56
N LEU A 312 -5.66 32.84 -12.59
CA LEU A 312 -4.99 33.01 -11.31
C LEU A 312 -3.47 32.97 -11.49
N ARG A 313 -2.97 32.05 -12.33
CA ARG A 313 -1.54 31.98 -12.58
C ARG A 313 -1.03 33.26 -13.22
N ASP A 314 -1.78 33.81 -14.18
CA ASP A 314 -1.40 35.06 -14.81
C ASP A 314 -1.39 36.21 -13.82
N LYS A 315 -2.39 36.25 -12.93
CA LYS A 315 -2.42 37.29 -11.90
C LYS A 315 -1.20 37.18 -10.98
N TRP A 316 -0.84 35.94 -10.60
CA TRP A 316 0.34 35.75 -9.76
C TRP A 316 1.61 36.21 -10.47
N ARG A 317 1.73 35.88 -11.77
CA ARG A 317 2.90 36.31 -12.52
C ARG A 317 2.97 37.83 -12.65
N LYS A 318 1.84 38.49 -12.86
CA LYS A 318 1.86 39.93 -13.09
C LYS A 318 2.04 40.71 -11.79
N PHE A 319 1.11 40.56 -10.85
CA PHE A 319 1.14 41.36 -9.62
C PHE A 319 0.97 40.53 -8.36
N GLY A 320 1.19 39.21 -8.44
CA GLY A 320 1.01 38.38 -7.28
C GLY A 320 2.29 38.18 -6.47
N ALA A 321 3.36 37.76 -7.13
CA ALA A 321 4.61 37.46 -6.43
C ALA A 321 5.28 38.75 -5.96
N VAL A 322 5.35 39.76 -6.83
CA VAL A 322 6.05 40.99 -6.49
C VAL A 322 5.39 41.68 -5.30
N SER A 323 4.07 41.84 -5.35
CA SER A 323 3.36 42.49 -4.26
C SER A 323 3.39 41.66 -2.98
N PHE A 324 3.34 40.34 -3.08
CA PHE A 324 3.46 39.50 -1.89
C PHE A 324 4.82 39.69 -1.23
N TYR A 325 5.90 39.71 -2.03
CA TYR A 325 7.22 39.94 -1.47
C TYR A 325 7.33 41.32 -0.85
N ILE A 326 6.78 42.33 -1.51
CA ILE A 326 6.80 43.68 -0.94
C ILE A 326 6.07 43.70 0.39
N ASN A 327 4.89 43.06 0.45
CA ASN A 327 4.11 43.04 1.69
C ASN A 327 4.90 42.38 2.82
N VAL A 328 5.45 41.19 2.56
CA VAL A 328 6.13 40.47 3.65
C VAL A 328 7.38 41.20 4.08
N VAL A 329 8.15 41.73 3.13
CA VAL A 329 9.38 42.45 3.48
C VAL A 329 9.06 43.71 4.27
N SER A 330 8.05 44.47 3.82
CA SER A 330 7.69 45.70 4.52
C SER A 330 7.19 45.40 5.92
N TYR A 331 6.38 44.36 6.09
CA TYR A 331 5.86 44.06 7.42
C TYR A 331 6.96 43.57 8.34
N LEU A 332 7.89 42.76 7.82
CA LEU A 332 9.01 42.30 8.64
C LEU A 332 9.89 43.48 9.05
N CYS A 333 10.15 44.41 8.13
CA CYS A 333 10.95 45.58 8.47
C CYS A 333 10.24 46.45 9.50
N ALA A 334 8.93 46.61 9.37
CA ALA A 334 8.17 47.38 10.36
C ALA A 334 8.22 46.71 11.72
N MET A 335 8.11 45.39 11.77
CA MET A 335 8.15 44.67 13.03
C MET A 335 9.53 44.74 13.68
N VAL A 336 10.59 44.70 12.87
CA VAL A 336 11.94 44.83 13.39
C VAL A 336 12.12 46.20 14.02
N ILE A 337 11.61 47.23 13.34
CA ILE A 337 11.69 48.58 13.88
C ILE A 337 10.91 48.68 15.19
N PHE A 338 9.74 48.06 15.26
CA PHE A 338 8.96 48.06 16.50
C PHE A 338 9.70 47.36 17.63
N THR A 339 10.32 46.22 17.34
CA THR A 339 11.06 45.51 18.38
C THR A 339 12.24 46.34 18.88
N LEU A 340 12.97 46.96 17.96
CA LEU A 340 14.10 47.80 18.37
C LEU A 340 13.62 48.99 19.19
N THR A 341 12.50 49.61 18.81
CA THR A 341 11.97 50.72 19.57
C THR A 341 11.54 50.30 20.96
N ALA A 342 10.87 49.14 21.07
CA ALA A 342 10.39 48.67 22.36
C ALA A 342 11.54 48.32 23.29
N TYR A 343 12.53 47.60 22.77
CA TYR A 343 13.68 47.25 23.60
C TYR A 343 14.46 48.50 24.02
N TYR A 344 14.66 49.42 23.07
CA TYR A 344 15.50 50.61 23.38
C TYR A 344 14.66 51.77 23.92
N GLN A 345 13.51 51.48 24.53
CA GLN A 345 12.73 52.58 25.18
C GLN A 345 13.58 53.11 26.34
N PRO A 346 13.65 54.44 26.59
CA PRO A 346 14.56 54.96 27.63
C PRO A 346 14.21 54.37 29.00
N LEU A 347 15.22 53.84 29.70
CA LEU A 347 14.98 53.19 31.02
C LEU A 347 14.57 54.20 32.10
N GLU A 348 15.20 55.39 32.14
CA GLU A 348 14.91 56.33 33.26
C GLU A 348 14.15 57.56 32.77
N GLY A 349 13.04 57.91 33.44
CA GLY A 349 12.28 59.12 33.08
C GLY A 349 10.80 58.96 33.35
N THR A 350 10.00 59.97 33.01
CA THR A 350 8.52 59.87 33.17
C THR A 350 7.86 60.15 31.81
N PRO A 351 6.69 59.57 31.43
CA PRO A 351 6.07 59.91 30.13
C PRO A 351 5.52 61.35 30.10
N PRO A 352 5.50 62.06 28.95
CA PRO A 352 6.34 61.72 27.79
C PRO A 352 7.83 61.94 28.01
N TYR A 353 8.68 61.31 27.19
CA TYR A 353 10.11 61.38 27.40
C TYR A 353 10.76 62.31 26.38
N PRO A 354 11.66 63.17 26.81
CA PRO A 354 12.34 64.07 25.88
C PRO A 354 13.30 63.32 24.97
N TYR A 355 13.54 63.90 23.80
CA TYR A 355 14.45 63.36 22.81
C TYR A 355 15.55 64.36 22.54
N ARG A 356 16.77 64.04 22.98
CA ARG A 356 17.90 64.96 22.88
C ARG A 356 18.94 64.49 21.88
N THR A 357 19.47 63.28 22.02
CA THR A 357 20.55 62.82 21.17
C THR A 357 19.99 62.25 19.86
N THR A 358 20.92 61.87 18.97
CA THR A 358 20.53 61.30 17.69
C THR A 358 19.85 59.94 17.88
N VAL A 359 20.27 59.17 18.89
CA VAL A 359 19.63 57.89 19.17
C VAL A 359 18.19 58.11 19.58
N ASP A 360 17.93 59.14 20.39
CA ASP A 360 16.57 59.46 20.78
C ASP A 360 15.73 59.85 19.57
N TYR A 361 16.31 60.60 18.63
CA TYR A 361 15.58 60.94 17.42
C TYR A 361 15.31 59.71 16.56
N LEU A 362 16.24 58.76 16.53
CA LEU A 362 15.99 57.51 15.82
C LEU A 362 14.85 56.73 16.46
N ARG A 363 14.80 56.71 17.79
CA ARG A 363 13.70 56.04 18.47
C ARG A 363 12.38 56.73 18.19
N LEU A 364 12.39 58.07 18.12
CA LEU A 364 11.20 58.82 17.77
C LEU A 364 10.76 58.51 16.35
N ALA A 365 11.71 58.38 15.43
CA ALA A 365 11.38 58.00 14.06
C ALA A 365 10.76 56.62 14.01
N GLY A 366 11.29 55.68 14.78
CA GLY A 366 10.68 54.37 14.87
C GLY A 366 9.27 54.43 15.42
N GLU A 367 9.05 55.26 16.44
CA GLU A 367 7.72 55.43 17.02
C GLU A 367 6.74 56.02 16.02
N VAL A 368 7.16 57.02 15.24
CA VAL A 368 6.24 57.59 14.25
C VAL A 368 6.00 56.61 13.10
N ILE A 369 6.99 55.78 12.76
CA ILE A 369 6.75 54.71 11.78
C ILE A 369 5.70 53.75 12.32
N THR A 370 5.79 53.40 13.60
CA THR A 370 4.78 52.55 14.21
C THR A 370 3.41 53.21 14.17
N LEU A 371 3.35 54.52 14.46
CA LEU A 371 2.07 55.23 14.40
C LEU A 371 1.52 55.21 12.98
N PHE A 372 2.38 55.37 11.97
CA PHE A 372 1.94 55.26 10.59
C PHE A 372 1.33 53.90 10.30
N THR A 373 2.02 52.83 10.71
CA THR A 373 1.49 51.49 10.49
C THR A 373 0.16 51.29 11.21
N GLY A 374 0.07 51.76 12.46
CA GLY A 374 -1.15 51.60 13.23
C GLY A 374 -2.33 52.33 12.63
N VAL A 375 -2.13 53.59 12.23
CA VAL A 375 -3.21 54.35 11.63
C VAL A 375 -3.59 53.78 10.27
N LEU A 376 -2.60 53.27 9.54
CA LEU A 376 -2.89 52.62 8.25
C LEU A 376 -3.80 51.42 8.45
N PHE A 377 -3.46 50.56 9.41
CA PHE A 377 -4.30 49.40 9.67
C PHE A 377 -5.67 49.81 10.19
N PHE A 378 -5.72 50.83 11.05
CA PHE A 378 -6.99 51.31 11.59
C PHE A 378 -7.91 51.75 10.46
N PHE A 379 -7.41 52.59 9.55
CA PHE A 379 -8.22 53.07 8.45
C PHE A 379 -8.56 51.96 7.47
N THR A 380 -7.66 51.00 7.28
CA THR A 380 -7.93 49.89 6.37
C THR A 380 -9.09 49.03 6.88
N ASN A 381 -9.06 48.67 8.17
CA ASN A 381 -10.11 47.81 8.69
C ASN A 381 -11.42 48.56 8.92
N ILE A 382 -11.35 49.82 9.34
CA ILE A 382 -12.58 50.55 9.67
C ILE A 382 -13.43 50.77 8.43
N LYS A 383 -12.79 50.98 7.28
CA LYS A 383 -13.51 51.20 6.03
C LYS A 383 -13.75 49.88 5.29
N PHE A 402 -13.18 44.07 7.86
CA PHE A 402 -12.75 44.28 9.24
C PHE A 402 -11.91 43.11 9.74
N GLN A 403 -10.61 43.14 9.44
CA GLN A 403 -9.69 42.13 9.97
C GLN A 403 -9.52 42.37 11.46
N LEU A 404 -10.06 41.46 12.28
CA LEU A 404 -10.14 41.70 13.71
C LEU A 404 -8.75 41.81 14.34
N LEU A 405 -7.82 40.95 13.94
CA LEU A 405 -6.50 40.93 14.58
C LEU A 405 -5.71 42.19 14.27
N TYR A 406 -5.71 42.61 13.00
CA TYR A 406 -5.05 43.85 12.64
C TYR A 406 -5.70 45.05 13.33
N PHE A 407 -7.03 45.03 13.44
CA PHE A 407 -7.73 46.11 14.14
C PHE A 407 -7.31 46.17 15.61
N ILE A 408 -7.21 45.02 16.27
CA ILE A 408 -6.80 44.99 17.66
C ILE A 408 -5.37 45.49 17.80
N TYR A 409 -4.48 45.05 16.91
CA TYR A 409 -3.09 45.52 16.97
C TYR A 409 -3.02 47.03 16.78
N SER A 410 -3.77 47.56 15.82
CA SER A 410 -3.74 49.00 15.57
C SER A 410 -4.31 49.79 16.74
N VAL A 411 -5.42 49.33 17.33
CA VAL A 411 -6.01 50.07 18.44
C VAL A 411 -5.12 50.00 19.66
N LEU A 412 -4.44 48.86 19.86
CA LEU A 412 -3.46 48.77 20.94
C LEU A 412 -2.31 49.74 20.74
N VAL A 413 -1.82 49.86 19.50
CA VAL A 413 -0.77 50.83 19.22
C VAL A 413 -1.25 52.25 19.51
N ILE A 414 -2.47 52.57 19.08
CA ILE A 414 -3.01 53.91 19.27
C ILE A 414 -3.17 54.23 20.75
N VAL A 415 -3.71 53.29 21.53
CA VAL A 415 -3.91 53.56 22.96
C VAL A 415 -2.56 53.60 23.68
N SER A 416 -1.57 52.84 23.21
CA SER A 416 -0.23 52.93 23.77
C SER A 416 0.35 54.32 23.54
N ALA A 417 0.20 54.85 22.33
CA ALA A 417 0.66 56.21 22.06
C ALA A 417 -0.10 57.23 22.89
N ALA A 418 -1.41 57.04 23.06
CA ALA A 418 -2.20 57.95 23.88
C ALA A 418 -1.74 57.94 25.33
N LEU A 419 -1.45 56.76 25.87
CA LEU A 419 -0.93 56.68 27.24
C LEU A 419 0.45 57.32 27.34
N TYR A 420 1.28 57.13 26.32
CA TYR A 420 2.60 57.76 26.31
C TYR A 420 2.49 59.27 26.33
N LEU A 421 1.56 59.84 25.55
CA LEU A 421 1.38 61.28 25.52
C LEU A 421 0.77 61.80 26.82
N ALA A 422 -0.20 61.07 27.37
CA ALA A 422 -0.92 61.54 28.54
C ALA A 422 -0.11 61.42 29.83
N GLY A 423 1.02 60.72 29.81
CA GLY A 423 1.85 60.58 30.99
C GLY A 423 1.70 59.27 31.73
N ILE A 424 0.75 58.42 31.34
CA ILE A 424 0.58 57.13 32.00
C ILE A 424 1.79 56.25 31.72
N GLU A 425 2.28 55.59 32.76
CA GLU A 425 3.48 54.75 32.67
C GLU A 425 3.15 53.34 32.19
N ALA A 426 1.87 53.04 31.98
CA ALA A 426 1.43 51.73 31.50
C ALA A 426 1.61 51.58 30.00
N TYR A 427 2.39 52.47 29.36
CA TYR A 427 2.57 52.37 27.92
C TYR A 427 3.40 51.15 27.54
N LEU A 428 4.29 50.70 28.43
CA LEU A 428 5.15 49.56 28.16
C LEU A 428 4.40 48.25 28.04
N ALA A 429 3.27 48.09 28.72
CA ALA A 429 2.51 46.85 28.67
C ALA A 429 1.73 46.70 27.38
N VAL A 430 0.93 47.70 27.03
CA VAL A 430 0.13 47.63 25.81
C VAL A 430 1.04 47.59 24.58
N MET A 431 2.15 48.33 24.62
CA MET A 431 3.05 48.35 23.47
C MET A 431 3.69 47.00 23.24
N VAL A 432 4.16 46.35 24.30
CA VAL A 432 4.78 45.03 24.14
C VAL A 432 3.74 43.98 23.76
N PHE A 433 2.52 44.11 24.30
CA PHE A 433 1.46 43.21 23.88
C PHE A 433 1.16 43.38 22.40
N ALA A 434 1.17 44.61 21.91
CA ALA A 434 1.00 44.85 20.48
C ALA A 434 2.16 44.30 19.69
N LEU A 435 3.37 44.35 20.24
CA LEU A 435 4.52 43.73 19.58
C LEU A 435 4.28 42.24 19.36
N VAL A 436 3.90 41.54 20.43
CA VAL A 436 3.68 40.10 20.35
C VAL A 436 2.54 39.80 19.39
N LEU A 437 1.45 40.57 19.48
CA LEU A 437 0.32 40.35 18.60
C LEU A 437 0.68 40.58 17.14
N GLY A 438 1.45 41.64 16.85
CA GLY A 438 1.83 41.91 15.48
C GLY A 438 2.75 40.85 14.91
N TRP A 439 3.70 40.38 15.72
CA TRP A 439 4.57 39.30 15.26
C TRP A 439 3.78 38.03 14.99
N MET A 440 2.86 37.68 15.89
CA MET A 440 2.05 36.48 15.70
C MET A 440 1.11 36.62 14.51
N ASN A 441 0.64 37.83 14.23
CA ASN A 441 -0.27 38.09 13.14
C ASN A 441 0.39 37.75 11.81
N ALA A 442 1.64 38.15 11.64
CA ALA A 442 2.37 37.78 10.44
C ALA A 442 2.75 36.31 10.44
N LEU A 443 3.27 35.81 11.56
CA LEU A 443 3.88 34.48 11.58
C LEU A 443 2.86 33.38 11.89
N TYR A 444 1.99 33.60 12.88
CA TYR A 444 1.13 32.52 13.35
C TYR A 444 -0.22 32.52 12.66
N PHE A 445 -0.90 33.68 12.63
CA PHE A 445 -2.26 33.78 12.09
C PHE A 445 -2.18 34.32 10.66
N THR A 446 -1.85 33.42 9.73
CA THR A 446 -1.66 33.83 8.32
C THR A 446 -3.00 33.87 7.60
N ARG A 447 -3.39 35.05 7.10
CA ARG A 447 -4.63 35.21 6.34
C ARG A 447 -4.55 34.49 5.00
N GLY A 448 -3.42 34.60 4.30
CA GLY A 448 -3.24 33.96 3.03
C GLY A 448 -1.98 33.11 2.98
N LEU A 449 -1.10 33.40 2.02
CA LEU A 449 0.15 32.65 1.92
C LEU A 449 1.07 32.95 3.09
N LYS A 450 1.75 31.90 3.56
CA LYS A 450 2.68 32.03 4.72
C LYS A 450 3.88 32.87 4.31
N LEU A 451 4.49 33.56 5.26
CA LEU A 451 5.61 34.48 4.96
C LEU A 451 6.73 33.67 4.30
N THR A 452 6.96 32.45 4.78
CA THR A 452 8.00 31.56 4.17
C THR A 452 7.31 30.33 3.58
N GLY A 453 7.62 29.98 2.33
CA GLY A 453 7.06 28.76 1.72
C GLY A 453 7.49 27.55 2.51
N THR A 454 8.75 27.51 2.96
CA THR A 454 9.20 26.43 3.86
C THR A 454 9.11 26.97 5.29
N TYR A 455 8.05 26.61 6.02
CA TYR A 455 7.83 27.20 7.36
C TYR A 455 7.78 26.08 8.40
N SER A 456 8.48 26.26 9.52
CA SER A 456 8.50 25.25 10.61
C SER A 456 7.10 25.08 11.21
N ILE A 457 6.35 26.17 11.39
CA ILE A 457 5.02 26.10 12.07
C ILE A 457 3.93 25.86 11.03
N MET A 458 4.28 25.74 9.74
CA MET A 458 3.24 25.61 8.68
C MET A 458 2.44 24.32 8.87
N ILE A 459 3.11 23.21 9.20
CA ILE A 459 2.42 21.90 9.29
C ILE A 459 1.35 21.87 10.40
N GLN A 460 1.61 22.48 11.56
CA GLN A 460 0.65 22.36 12.70
C GLN A 460 -0.71 22.96 12.36
N LYS A 461 -1.79 22.39 12.91
CA LYS A 461 -3.14 22.99 12.71
C LYS A 461 -3.66 23.40 14.10
N ILE A 462 -2.82 23.30 15.13
CA ILE A 462 -3.24 23.63 16.52
C ILE A 462 -3.56 25.14 16.59
N LEU A 463 -4.60 25.51 17.34
CA LEU A 463 -4.95 26.94 17.51
C LEU A 463 -4.86 27.28 18.99
N PHE A 464 -4.68 28.57 19.33
CA PHE A 464 -4.61 29.01 20.74
C PHE A 464 -5.94 28.70 21.42
N LYS A 465 -7.07 28.99 20.76
CA LYS A 465 -8.41 28.68 21.31
C LYS A 465 -8.56 27.16 21.43
N ASP A 466 -8.10 26.41 20.43
CA ASP A 466 -8.22 24.92 20.43
C ASP A 466 -7.39 24.33 21.59
N LEU A 467 -6.21 24.89 21.86
CA LEU A 467 -5.33 24.35 22.93
C LEU A 467 -6.11 24.10 24.21
N PHE A 468 -7.09 24.95 24.53
CA PHE A 468 -7.84 24.78 25.77
C PHE A 468 -8.57 23.44 25.83
N ARG A 469 -9.12 22.98 24.70
CA ARG A 469 -9.75 21.67 24.67
C ARG A 469 -8.72 20.57 24.92
N PHE A 470 -7.52 20.73 24.38
CA PHE A 470 -6.42 19.79 24.63
C PHE A 470 -6.08 19.71 26.10
N LEU A 471 -6.02 20.87 26.77
CA LEU A 471 -5.60 20.90 28.16
C LEU A 471 -6.71 20.49 29.12
N LEU A 472 -7.97 20.71 28.71
CA LEU A 472 -9.08 20.47 29.63
C LEU A 472 -9.25 18.99 29.94
N VAL A 473 -9.06 18.12 28.95
CA VAL A 473 -9.18 16.69 29.21
C VAL A 473 -8.09 16.22 30.16
N TYR A 474 -6.87 16.76 30.01
CA TYR A 474 -5.82 16.47 30.97
C TYR A 474 -6.21 16.92 32.37
N LEU A 475 -6.74 18.14 32.49
CA LEU A 475 -7.10 18.65 33.80
C LEU A 475 -8.17 17.78 34.45
N LEU A 476 -9.21 17.42 33.70
CA LEU A 476 -10.28 16.60 34.24
C LEU A 476 -9.80 15.22 34.65
N PHE A 477 -8.99 14.58 33.79
CA PHE A 477 -8.49 13.25 34.11
C PHE A 477 -7.60 13.28 35.34
N MET A 478 -6.71 14.29 35.43
CA MET A 478 -5.83 14.40 36.58
C MET A 478 -6.61 14.67 37.85
N ILE A 479 -7.60 15.55 37.81
CA ILE A 479 -8.35 15.88 39.01
C ILE A 479 -9.19 14.68 39.45
N GLY A 480 -9.72 13.92 38.50
CA GLY A 480 -10.44 12.69 38.87
C GLY A 480 -9.53 11.66 39.52
N TYR A 481 -8.36 11.43 38.93
CA TYR A 481 -7.40 10.50 39.52
C TYR A 481 -6.98 10.96 40.92
N ALA A 482 -6.75 12.26 41.08
CA ALA A 482 -6.35 12.78 42.38
C ALA A 482 -7.48 12.65 43.39
N SER A 483 -8.72 12.89 42.97
CA SER A 483 -9.86 12.70 43.87
C SER A 483 -9.96 11.25 44.31
N ALA A 484 -9.63 10.32 43.40
CA ALA A 484 -9.60 8.92 43.79
C ALA A 484 -8.49 8.65 44.81
N LEU A 485 -7.33 9.30 44.63
CA LEU A 485 -6.18 8.93 45.44
C LEU A 485 -6.17 9.60 46.82
N VAL A 486 -6.74 10.79 46.94
CA VAL A 486 -6.72 11.46 48.24
C VAL A 486 -7.50 10.66 49.27
N SER A 487 -8.56 9.98 48.84
CA SER A 487 -9.34 9.16 49.76
C SER A 487 -8.50 8.04 50.36
N LEU A 488 -7.68 7.39 49.53
CA LEU A 488 -6.73 6.42 50.06
C LEU A 488 -5.67 7.09 50.92
N LEU A 489 -5.32 8.34 50.61
CA LEU A 489 -4.28 9.02 51.37
C LEU A 489 -4.76 9.45 52.74
N ASN A 490 -6.09 9.56 52.91
CA ASN A 490 -6.64 10.16 54.13
C ASN A 490 -6.16 9.54 55.44
N PRO A 491 -6.01 8.22 55.57
CA PRO A 491 -5.55 7.68 56.87
C PRO A 491 -4.27 8.30 57.38
N CYS A 492 -3.31 8.58 56.50
CA CYS A 492 -2.04 9.20 56.88
C CYS A 492 -1.32 8.41 57.97
N SER A 512 -6.88 17.72 59.72
CA SER A 512 -5.62 17.19 59.22
C SER A 512 -5.73 16.79 57.76
N CYS A 513 -5.58 15.50 57.48
CA CYS A 513 -5.67 15.02 56.10
C CYS A 513 -7.11 15.05 55.59
N ARG A 514 -8.09 14.99 56.48
CA ARG A 514 -9.48 14.95 56.07
C ARG A 514 -9.96 16.29 55.50
N ASP A 515 -9.25 17.38 55.78
CA ASP A 515 -9.66 18.69 55.30
C ASP A 515 -9.49 18.78 53.80
N SER A 516 -10.35 19.58 53.15
CA SER A 516 -10.24 19.80 51.71
C SER A 516 -8.96 20.53 51.34
N GLU A 517 -8.36 21.23 52.30
CA GLU A 517 -7.05 21.84 52.06
C GLU A 517 -6.01 20.78 51.73
N THR A 518 -6.07 19.64 52.43
CA THR A 518 -5.20 18.52 52.08
C THR A 518 -5.48 18.01 50.68
N PHE A 519 -6.74 18.02 50.27
CA PHE A 519 -7.08 17.65 48.89
C PHE A 519 -6.42 18.58 47.88
N SER A 520 -6.48 19.89 48.13
CA SER A 520 -5.84 20.84 47.23
C SER A 520 -4.32 20.64 47.22
N THR A 521 -3.73 20.40 48.40
CA THR A 521 -2.30 20.17 48.46
C THR A 521 -1.90 18.92 47.69
N PHE A 522 -2.72 17.87 47.75
CA PHE A 522 -2.39 16.66 46.98
C PHE A 522 -2.58 16.88 45.49
N LEU A 523 -3.57 17.69 45.10
CA LEU A 523 -3.68 18.06 43.69
C LEU A 523 -2.40 18.73 43.21
N LEU A 524 -1.91 19.70 43.98
CA LEU A 524 -0.67 20.38 43.61
C LEU A 524 0.50 19.41 43.59
N ASP A 525 0.59 18.54 44.59
CA ASP A 525 1.71 17.59 44.69
C ASP A 525 1.68 16.58 43.56
N LEU A 526 0.49 16.13 43.17
CA LEU A 526 0.38 15.17 42.08
C LEU A 526 0.69 15.82 40.73
N PHE A 527 0.29 17.08 40.55
CA PHE A 527 0.69 17.78 39.34
C PHE A 527 2.21 17.94 39.28
N LYS A 528 2.83 18.29 40.42
CA LYS A 528 4.28 18.39 40.48
C LYS A 528 4.93 17.05 40.18
N LEU A 529 4.36 15.97 40.71
CA LEU A 529 4.93 14.64 40.51
C LEU A 529 4.82 14.21 39.04
N THR A 530 3.70 14.51 38.40
CA THR A 530 3.53 14.10 37.01
C THR A 530 4.32 15.00 36.08
N ILE A 531 4.70 16.20 36.53
CA ILE A 531 5.54 17.05 35.68
C ILE A 531 7.02 16.81 35.98
N GLY A 532 7.34 16.36 37.20
CA GLY A 532 8.71 16.12 37.57
C GLY A 532 8.81 15.26 38.81
N MET A 533 10.03 14.81 39.10
CA MET A 533 10.26 13.94 40.24
C MET A 533 9.89 14.63 41.54
N GLY A 534 9.24 13.90 42.45
CA GLY A 534 8.69 14.51 43.65
C GLY A 534 8.98 13.79 44.95
N ASP A 535 9.91 12.85 44.93
CA ASP A 535 10.42 12.09 46.08
C ASP A 535 9.41 11.08 46.63
N LEU A 536 8.16 11.09 46.16
CA LEU A 536 7.13 10.15 46.62
C LEU A 536 6.96 10.21 48.14
N GLU A 537 6.65 11.41 48.64
CA GLU A 537 6.42 11.55 50.08
C GLU A 537 5.06 10.98 50.48
N MET A 538 4.09 10.98 49.57
CA MET A 538 2.74 10.55 49.89
C MET A 538 2.67 9.09 50.31
N LEU A 539 3.62 8.26 49.89
CA LEU A 539 3.59 6.85 50.31
C LEU A 539 3.86 6.73 51.81
N SER A 540 4.36 7.79 52.44
CA SER A 540 4.42 7.82 53.89
C SER A 540 3.02 7.78 54.50
N SER A 541 2.07 8.50 53.88
CA SER A 541 0.71 8.54 54.41
C SER A 541 -0.02 7.22 54.23
N THR A 542 0.19 6.56 53.09
CA THR A 542 -0.62 5.39 52.75
C THR A 542 -0.34 4.23 53.69
N LYS A 543 -1.41 3.50 54.02
CA LYS A 543 -1.25 2.24 54.73
C LYS A 543 -0.63 1.17 53.84
N TYR A 544 -1.08 1.10 52.58
CA TYR A 544 -0.60 0.09 51.63
C TYR A 544 0.16 0.77 50.49
N PRO A 545 1.49 0.69 50.46
CA PRO A 545 2.23 1.37 49.39
C PRO A 545 2.22 0.63 48.06
N VAL A 546 1.96 -0.68 48.06
CA VAL A 546 2.02 -1.45 46.82
C VAL A 546 0.89 -1.03 45.87
N VAL A 547 -0.33 -0.91 46.40
CA VAL A 547 -1.45 -0.49 45.57
C VAL A 547 -1.23 0.94 45.09
N PHE A 548 -0.60 1.78 45.91
CA PHE A 548 -0.29 3.15 45.50
C PHE A 548 0.71 3.13 44.35
N ILE A 549 1.71 2.26 44.40
CA ILE A 549 2.68 2.14 43.32
C ILE A 549 1.99 1.69 42.04
N ILE A 550 1.11 0.69 42.15
CA ILE A 550 0.40 0.19 40.97
C ILE A 550 -0.45 1.29 40.35
N LEU A 551 -1.17 2.05 41.19
CA LEU A 551 -1.98 3.15 40.68
C LEU A 551 -1.12 4.21 40.02
N LEU A 552 0.01 4.56 40.64
CA LEU A 552 0.88 5.58 40.06
C LEU A 552 1.40 5.15 38.70
N VAL A 553 1.87 3.91 38.59
CA VAL A 553 2.47 3.47 37.33
C VAL A 553 1.40 3.35 36.25
N THR A 554 0.20 2.87 36.60
CA THR A 554 -0.84 2.77 35.59
C THR A 554 -1.32 4.15 35.16
N TYR A 555 -1.36 5.11 36.09
CA TYR A 555 -1.73 6.47 35.72
C TYR A 555 -0.69 7.10 34.80
N ILE A 556 0.59 6.88 35.09
CA ILE A 556 1.64 7.44 34.25
C ILE A 556 1.57 6.84 32.85
N ILE A 557 1.40 5.52 32.76
CA ILE A 557 1.38 4.89 31.44
C ILE A 557 0.11 5.30 30.67
N LEU A 558 -1.02 5.43 31.37
CA LEU A 558 -2.24 5.89 30.70
C LEU A 558 -2.08 7.32 30.19
N THR A 559 -1.46 8.19 30.99
CA THR A 559 -1.20 9.55 30.53
C THR A 559 -0.27 9.56 29.33
N PHE A 560 0.77 8.71 29.34
CA PHE A 560 1.67 8.64 28.20
C PHE A 560 0.94 8.18 26.94
N VAL A 561 0.08 7.17 27.08
CA VAL A 561 -0.67 6.69 25.92
C VAL A 561 -1.64 7.74 25.41
N LEU A 562 -2.31 8.45 26.32
CA LEU A 562 -3.22 9.52 25.89
C LEU A 562 -2.47 10.64 25.18
N LEU A 563 -1.29 11.01 25.69
CA LEU A 563 -0.45 11.99 25.02
C LEU A 563 -0.04 11.49 23.63
N LEU A 564 0.37 10.22 23.54
CA LEU A 564 0.80 9.67 22.27
C LEU A 564 -0.34 9.70 21.27
N ASN A 565 -1.57 9.40 21.71
CA ASN A 565 -2.72 9.44 20.80
C ASN A 565 -3.01 10.87 20.34
N MET A 566 -3.10 11.81 21.30
CA MET A 566 -3.52 13.16 20.95
C MET A 566 -2.40 13.90 20.22
N LEU A 567 -1.20 13.33 20.16
CA LEU A 567 -0.16 13.90 19.31
C LEU A 567 0.08 13.11 18.04
N ILE A 568 -0.29 11.82 17.99
CA ILE A 568 -0.19 11.06 16.75
C ILE A 568 -1.34 11.43 15.84
N ALA A 569 -2.37 12.08 16.41
CA ALA A 569 -3.48 12.57 15.57
C ALA A 569 -2.89 13.55 14.54
N LEU A 570 -2.14 14.55 15.02
CA LEU A 570 -1.54 15.56 14.12
C LEU A 570 -0.54 14.88 13.18
N MET A 571 0.29 13.98 13.72
CA MET A 571 1.32 13.29 12.89
C MET A 571 0.61 12.46 11.82
N GLY A 572 -0.47 11.77 12.19
CA GLY A 572 -1.24 10.97 11.21
C GLY A 572 -1.85 11.86 10.14
N GLU A 573 -2.37 13.02 10.53
CA GLU A 573 -2.92 13.98 9.54
C GLU A 573 -1.77 14.46 8.64
N THR A 574 -0.60 14.71 9.22
CA THR A 574 0.57 15.20 8.43
C THR A 574 1.02 14.14 7.41
N VAL A 575 1.02 12.86 7.79
CA VAL A 575 1.57 11.81 6.87
C VAL A 575 0.43 11.18 6.07
N GLY A 576 -0.83 11.38 6.51
CA GLY A 576 -1.99 10.79 5.84
C GLY A 576 -2.83 11.76 5.01
N GLN A 577 -2.90 13.04 5.40
CA GLN A 577 -3.83 13.98 4.71
C GLN A 577 -3.11 14.97 3.77
N VAL A 578 -1.82 14.79 3.48
CA VAL A 578 -1.17 15.70 2.50
C VAL A 578 -1.26 15.11 1.09
N SER A 579 -1.90 13.95 0.93
CA SER A 579 -1.89 13.29 -0.40
C SER A 579 -2.54 14.18 -1.47
N LYS A 580 -3.71 14.76 -1.20
CA LYS A 580 -4.32 15.71 -2.18
C LYS A 580 -4.77 17.00 -1.47
N GLU A 581 -4.81 17.00 -0.14
CA GLU A 581 -5.36 18.18 0.56
C GLU A 581 -4.31 19.29 0.69
N SER A 582 -3.04 18.93 0.91
CA SER A 582 -2.06 19.99 1.13
C SER A 582 -1.98 20.92 -0.07
N LYS A 583 -1.97 20.36 -1.28
CA LYS A 583 -1.90 21.17 -2.52
C LYS A 583 -3.21 21.94 -2.71
N HIS A 584 -4.33 21.35 -2.27
CA HIS A 584 -5.62 22.04 -2.35
C HIS A 584 -5.65 23.26 -1.44
N ILE A 585 -5.24 23.09 -0.18
CA ILE A 585 -5.26 24.22 0.74
C ILE A 585 -4.23 25.27 0.33
N TRP A 586 -3.10 24.83 -0.24
CA TRP A 586 -2.13 25.78 -0.76
C TRP A 586 -2.73 26.59 -1.90
N LYS A 587 -3.48 25.93 -2.79
CA LYS A 587 -4.12 26.66 -3.88
C LYS A 587 -5.14 27.65 -3.36
N LEU A 588 -5.91 27.27 -2.35
CA LEU A 588 -6.86 28.21 -1.76
C LEU A 588 -6.16 29.40 -1.12
N GLN A 589 -5.09 29.15 -0.39
CA GLN A 589 -4.33 30.28 0.22
C GLN A 589 -3.82 31.18 -0.90
N TRP A 590 -3.20 30.59 -1.92
CA TRP A 590 -2.60 31.38 -2.99
C TRP A 590 -3.65 32.22 -3.71
N ALA A 591 -4.82 31.63 -3.97
CA ALA A 591 -5.92 32.39 -4.57
C ALA A 591 -6.38 33.51 -3.64
N THR A 592 -6.46 33.23 -2.34
CA THR A 592 -6.88 34.26 -1.40
C THR A 592 -5.90 35.42 -1.37
N THR A 593 -4.60 35.13 -1.36
CA THR A 593 -3.60 36.18 -1.39
C THR A 593 -3.70 36.99 -2.68
N ILE A 594 -3.88 36.30 -3.82
CA ILE A 594 -3.98 36.99 -5.09
C ILE A 594 -5.19 37.93 -5.10
N LEU A 595 -6.33 37.46 -4.61
CA LEU A 595 -7.53 38.30 -4.62
C LEU A 595 -7.42 39.46 -3.63
N ASP A 596 -6.79 39.24 -2.48
CA ASP A 596 -6.59 40.35 -1.54
C ASP A 596 -5.69 41.42 -2.15
N ILE A 597 -4.58 41.02 -2.76
CA ILE A 597 -3.71 41.99 -3.42
C ILE A 597 -4.44 42.69 -4.55
N GLU A 598 -5.23 41.93 -5.32
CA GLU A 598 -5.98 42.47 -6.43
C GLU A 598 -7.00 43.51 -5.96
N ARG A 599 -7.66 43.25 -4.83
CA ARG A 599 -8.64 44.20 -4.31
C ARG A 599 -7.96 45.42 -3.70
N SER A 600 -6.74 45.24 -3.19
CA SER A 600 -6.06 46.37 -2.54
C SER A 600 -5.76 47.50 -3.52
N PHE A 601 -5.59 47.17 -4.80
CA PHE A 601 -5.22 48.17 -5.79
C PHE A 601 -6.39 49.11 -6.06
N PRO A 602 -6.12 50.35 -6.46
CA PRO A 602 -7.19 51.25 -6.90
C PRO A 602 -7.78 50.79 -8.22
N VAL A 603 -8.92 51.39 -8.57
CA VAL A 603 -9.68 50.95 -9.73
C VAL A 603 -8.88 51.14 -11.02
N PHE A 604 -8.24 52.30 -11.17
CA PHE A 604 -7.50 52.57 -12.41
C PHE A 604 -6.31 51.62 -12.55
N LEU A 605 -5.56 51.39 -11.47
CA LEU A 605 -4.45 50.45 -11.53
C LEU A 605 -4.97 49.02 -11.72
N ARG A 606 -6.12 48.72 -11.12
CA ARG A 606 -6.75 47.42 -11.31
C ARG A 606 -7.05 47.16 -12.78
N LYS A 607 -7.61 48.16 -13.47
CA LYS A 607 -7.86 48.01 -14.90
C LYS A 607 -6.56 48.00 -15.69
N ALA A 608 -5.53 48.68 -15.18
CA ALA A 608 -4.23 48.65 -15.84
C ALA A 608 -3.64 47.26 -15.85
N PHE A 609 -3.77 46.51 -14.75
CA PHE A 609 -3.28 45.14 -14.68
C PHE A 609 -4.32 44.11 -15.12
N ARG A 610 -5.30 44.51 -15.93
CA ARG A 610 -6.32 43.58 -16.38
C ARG A 610 -5.72 42.55 -17.33
N SER A 611 -6.04 41.28 -17.07
CA SER A 611 -5.54 40.20 -17.91
C SER A 611 -6.37 40.08 -19.18
N GLY A 612 -5.81 39.41 -20.18
CA GLY A 612 -6.48 39.21 -21.45
C GLY A 612 -6.34 40.40 -22.37
N GLU A 613 -6.93 40.27 -23.54
CA GLU A 613 -6.87 41.29 -24.59
C GLU A 613 -8.20 41.39 -25.30
N MET A 614 -8.52 42.60 -25.77
CA MET A 614 -9.69 42.78 -26.63
C MET A 614 -9.52 41.98 -27.91
N VAL A 615 -10.56 41.25 -28.29
CA VAL A 615 -10.55 40.40 -29.47
C VAL A 615 -11.75 40.74 -30.32
N THR A 616 -11.51 40.97 -31.62
CA THR A 616 -12.58 41.10 -32.61
C THR A 616 -13.03 39.69 -32.98
N VAL A 617 -13.78 39.07 -32.06
CA VAL A 617 -14.10 37.66 -32.17
C VAL A 617 -14.96 37.37 -33.39
N GLY A 618 -15.89 38.27 -33.71
CA GLY A 618 -16.73 38.05 -34.88
C GLY A 618 -17.76 39.14 -35.04
N LYS A 619 -18.47 39.05 -36.16
CA LYS A 619 -19.55 39.99 -36.43
C LYS A 619 -20.73 39.74 -35.51
N SER A 620 -21.16 40.78 -34.82
CA SER A 620 -22.29 40.66 -33.93
C SER A 620 -23.61 40.76 -34.71
N SER A 621 -24.72 40.57 -33.99
CA SER A 621 -26.03 40.57 -34.63
C SER A 621 -26.37 41.93 -35.23
N ASP A 622 -26.02 43.01 -34.53
CA ASP A 622 -26.38 44.34 -35.00
C ASP A 622 -25.61 44.75 -36.26
N GLY A 623 -24.56 44.00 -36.61
CA GLY A 623 -23.72 44.33 -37.74
C GLY A 623 -22.40 44.95 -37.38
N THR A 624 -22.15 45.22 -36.10
CA THR A 624 -20.86 45.72 -35.65
C THR A 624 -20.01 44.57 -35.12
N PRO A 625 -18.68 44.71 -35.15
CA PRO A 625 -17.82 43.67 -34.57
C PRO A 625 -18.02 43.59 -33.07
N ASP A 626 -17.82 42.40 -32.52
CA ASP A 626 -18.01 42.15 -31.09
C ASP A 626 -16.65 42.19 -30.39
N ARG A 627 -16.52 43.09 -29.43
CA ARG A 627 -15.27 43.28 -28.68
C ARG A 627 -15.50 42.82 -27.25
N ARG A 628 -14.95 41.67 -26.90
CA ARG A 628 -15.09 41.10 -25.57
C ARG A 628 -13.73 40.64 -25.07
N TRP A 629 -13.43 40.91 -23.81
CA TRP A 629 -12.17 40.46 -23.24
C TRP A 629 -12.09 38.94 -23.26
N CYS A 630 -10.96 38.41 -23.69
CA CYS A 630 -10.77 36.98 -23.82
C CYS A 630 -9.42 36.58 -23.25
N PHE A 631 -9.33 35.33 -22.83
CA PHE A 631 -8.10 34.76 -22.29
C PHE A 631 -7.74 33.54 -23.11
N ARG A 632 -6.49 33.48 -23.56
CA ARG A 632 -6.06 32.35 -24.38
C ARG A 632 -5.69 31.17 -23.50
N VAL A 633 -6.24 30.00 -23.83
CA VAL A 633 -5.95 28.76 -23.11
C VAL A 633 -5.59 27.70 -24.15
N ASP A 634 -4.40 27.12 -24.01
CA ASP A 634 -3.95 26.06 -24.92
C ASP A 634 -4.12 24.72 -24.21
N GLU A 635 -5.32 24.18 -24.31
CA GLU A 635 -5.65 22.93 -23.62
C GLU A 635 -5.17 21.74 -24.44
N VAL A 636 -4.66 20.73 -23.74
CA VAL A 636 -4.12 19.53 -24.38
C VAL A 636 -4.96 18.33 -23.96
N ASN A 637 -5.46 17.59 -24.93
CA ASN A 637 -6.25 16.38 -24.69
C ASN A 637 -5.68 15.25 -25.55
N TRP A 638 -5.13 14.23 -24.90
CA TRP A 638 -4.48 13.12 -25.59
C TRP A 638 -5.52 12.06 -25.94
N SER A 639 -5.67 11.81 -27.23
CA SER A 639 -6.64 10.84 -27.73
C SER A 639 -6.07 9.43 -27.70
N PHE B 2 -7.76 27.40 -55.17
CA PHE B 2 -8.44 28.69 -55.26
C PHE B 2 -8.40 29.42 -53.93
N ASN B 3 -8.84 28.75 -52.87
CA ASN B 3 -8.84 29.33 -51.54
C ASN B 3 -8.45 28.27 -50.52
N ARG B 4 -7.87 28.72 -49.42
CA ARG B 4 -7.42 27.79 -48.38
C ARG B 4 -8.55 26.96 -47.77
N PRO B 5 -9.68 27.53 -47.35
CA PRO B 5 -10.72 26.69 -46.74
C PRO B 5 -11.25 25.60 -47.65
N ILE B 6 -11.35 25.87 -48.95
CA ILE B 6 -11.84 24.84 -49.88
C ILE B 6 -10.71 23.89 -50.28
N LEU B 7 -9.49 24.42 -50.42
CA LEU B 7 -8.37 23.56 -50.80
C LEU B 7 -8.07 22.54 -49.72
N PHE B 8 -8.08 22.94 -48.46
CA PHE B 8 -7.87 22.01 -47.35
C PHE B 8 -8.95 20.94 -47.29
N ASP B 9 -10.13 21.21 -47.85
CA ASP B 9 -11.18 20.21 -48.00
C ASP B 9 -10.93 19.30 -49.20
N ILE B 10 -10.34 19.83 -50.27
CA ILE B 10 -10.03 19.00 -51.43
C ILE B 10 -8.98 17.96 -51.08
N VAL B 11 -7.92 18.36 -50.38
CA VAL B 11 -6.87 17.42 -50.03
C VAL B 11 -7.37 16.41 -49.01
N SER B 12 -8.21 16.85 -48.06
CA SER B 12 -8.75 15.94 -47.06
C SER B 12 -9.64 14.88 -47.72
N ARG B 13 -10.47 15.31 -48.67
CA ARG B 13 -11.33 14.37 -49.39
C ARG B 13 -10.58 13.59 -50.45
N GLY B 14 -9.38 14.01 -50.83
CA GLY B 14 -8.61 13.33 -51.84
C GLY B 14 -9.26 13.37 -53.20
N SER B 15 -9.81 14.54 -53.57
CA SER B 15 -10.51 14.70 -54.85
C SER B 15 -9.52 15.29 -55.86
N THR B 16 -8.91 14.40 -56.63
CA THR B 16 -7.99 14.85 -57.68
C THR B 16 -8.72 15.58 -58.79
N ALA B 17 -10.00 15.27 -58.99
CA ALA B 17 -10.77 15.89 -60.06
C ALA B 17 -11.04 17.37 -59.82
N ASP B 18 -10.89 17.86 -58.59
CA ASP B 18 -11.12 19.25 -58.28
C ASP B 18 -9.83 20.08 -58.31
N LEU B 19 -8.70 19.48 -57.93
CA LEU B 19 -7.42 20.18 -57.91
C LEU B 19 -6.87 20.46 -59.30
N ASP B 20 -7.64 20.18 -60.35
CA ASP B 20 -7.14 20.37 -61.71
C ASP B 20 -6.87 21.85 -62.00
N GLY B 21 -7.76 22.73 -61.58
CA GLY B 21 -7.64 24.15 -61.87
C GLY B 21 -6.76 24.93 -60.93
N LEU B 22 -6.17 24.29 -59.91
CA LEU B 22 -5.31 25.01 -58.98
C LEU B 22 -4.03 25.48 -59.67
N LEU B 23 -3.45 24.61 -60.51
CA LEU B 23 -2.19 24.97 -61.18
C LEU B 23 -2.36 26.18 -62.10
N PRO B 24 -3.36 26.24 -62.98
CA PRO B 24 -3.56 27.47 -63.76
C PRO B 24 -3.84 28.68 -62.91
N PHE B 25 -4.56 28.53 -61.79
CA PHE B 25 -4.82 29.65 -60.89
C PHE B 25 -3.51 30.19 -60.32
N LEU B 26 -2.62 29.28 -59.93
CA LEU B 26 -1.31 29.69 -59.33
C LEU B 26 -0.44 30.33 -60.42
N LEU B 27 -0.50 29.81 -61.65
CA LEU B 27 0.31 30.38 -62.72
C LEU B 27 -0.16 31.79 -63.08
N THR B 28 -1.46 31.98 -63.21
CA THR B 28 -2.00 33.29 -63.59
C THR B 28 -2.00 34.31 -62.47
N HIS B 29 -2.00 33.87 -61.21
CA HIS B 29 -1.95 34.79 -60.08
C HIS B 29 -0.58 34.85 -59.42
N LYS B 30 0.40 34.17 -60.02
CA LYS B 30 1.77 34.14 -59.45
C LYS B 30 1.67 33.79 -57.97
N LYS B 31 1.01 32.67 -57.66
CA LYS B 31 0.88 32.24 -56.24
C LYS B 31 1.51 30.86 -56.09
N ARG B 32 2.13 30.58 -54.93
CA ARG B 32 2.76 29.27 -54.67
C ARG B 32 2.00 28.62 -53.51
N LEU B 33 2.02 27.29 -53.40
CA LEU B 33 1.21 26.62 -52.36
C LEU B 33 1.74 27.00 -50.96
N THR B 34 2.92 27.61 -50.88
CA THR B 34 3.56 27.93 -49.57
C THR B 34 3.31 29.38 -49.15
N ASP B 35 2.40 30.12 -49.81
CA ASP B 35 2.07 31.50 -49.37
C ASP B 35 1.02 31.46 -48.24
N GLU B 36 0.94 32.50 -47.40
CA GLU B 36 0.05 32.46 -46.24
C GLU B 36 -1.41 32.33 -46.63
N GLU B 37 -1.75 32.60 -47.89
CA GLU B 37 -3.10 32.35 -48.38
C GLU B 37 -3.41 30.88 -48.52
N PHE B 38 -2.41 30.02 -48.32
CA PHE B 38 -2.62 28.54 -48.43
C PHE B 38 -2.03 27.86 -47.19
N ARG B 39 -1.73 28.63 -46.14
CA ARG B 39 -1.18 28.10 -44.91
C ARG B 39 -2.08 28.48 -43.74
N GLU B 40 -2.31 27.54 -42.82
CA GLU B 40 -3.06 27.90 -41.59
C GLU B 40 -2.16 28.87 -40.83
N PRO B 41 -2.63 30.05 -40.40
CA PRO B 41 -1.72 31.03 -39.78
C PRO B 41 -1.02 30.58 -38.49
N SER B 42 -1.77 29.99 -37.56
CA SER B 42 -1.18 29.55 -36.27
C SER B 42 -0.23 28.35 -36.40
N THR B 43 -0.60 27.36 -37.21
CA THR B 43 0.22 26.11 -37.29
C THR B 43 1.15 26.08 -38.49
N GLY B 44 1.14 27.10 -39.34
CA GLY B 44 1.97 27.11 -40.56
C GLY B 44 1.81 25.83 -41.39
N LYS B 45 0.81 25.01 -41.07
CA LYS B 45 0.59 23.76 -41.78
C LYS B 45 0.23 24.05 -43.24
N THR B 46 1.08 23.61 -44.16
CA THR B 46 0.82 23.80 -45.57
C THR B 46 -0.12 22.69 -46.07
N CYS B 47 -0.27 22.60 -47.40
CA CYS B 47 -1.19 21.63 -47.98
C CYS B 47 -0.75 20.20 -47.71
N LEU B 48 0.55 19.93 -47.86
CA LEU B 48 1.06 18.56 -47.73
C LEU B 48 0.86 17.97 -46.33
N PRO B 49 1.16 18.67 -45.23
CA PRO B 49 0.85 18.09 -43.91
C PRO B 49 -0.62 17.76 -43.73
N LYS B 50 -1.52 18.60 -44.24
CA LYS B 50 -2.95 18.26 -44.22
C LYS B 50 -3.23 17.02 -45.05
N ALA B 51 -2.53 16.85 -46.17
CA ALA B 51 -2.75 15.68 -47.01
C ALA B 51 -2.22 14.39 -46.38
N LEU B 52 -1.36 14.48 -45.37
CA LEU B 52 -0.69 13.31 -44.82
C LEU B 52 -1.43 12.67 -43.65
N LEU B 53 -2.49 13.30 -43.13
CA LEU B 53 -3.33 12.66 -42.11
C LEU B 53 -4.63 12.11 -42.67
N ASN B 54 -5.19 12.75 -43.70
CA ASN B 54 -6.44 12.27 -44.29
C ASN B 54 -6.12 11.22 -45.35
N LEU B 55 -5.81 10.03 -44.87
CA LEU B 55 -5.40 8.91 -45.71
C LEU B 55 -6.49 7.84 -45.71
N SER B 56 -6.88 7.41 -46.90
CA SER B 56 -7.85 6.33 -47.08
C SER B 56 -7.15 5.13 -47.69
N ASN B 57 -7.23 3.99 -47.01
CA ASN B 57 -6.57 2.74 -47.38
C ASN B 57 -5.06 2.89 -47.47
N GLY B 58 -4.49 3.86 -46.76
CA GLY B 58 -3.06 4.08 -46.79
C GLY B 58 -2.55 4.88 -47.97
N ARG B 59 -3.44 5.35 -48.84
CA ARG B 59 -3.04 6.11 -50.02
C ARG B 59 -3.89 7.37 -50.12
N ASN B 60 -3.26 8.44 -50.60
CA ASN B 60 -3.96 9.70 -50.89
C ASN B 60 -3.47 10.20 -52.23
N ASP B 61 -4.32 10.09 -53.26
CA ASP B 61 -3.91 10.39 -54.62
C ASP B 61 -3.68 11.87 -54.87
N THR B 62 -4.10 12.75 -53.95
CA THR B 62 -3.92 14.18 -54.18
C THR B 62 -2.48 14.61 -53.93
N ILE B 63 -1.72 13.80 -53.19
CA ILE B 63 -0.33 14.16 -52.89
C ILE B 63 0.55 14.20 -54.13
N PRO B 64 0.54 13.19 -55.02
CA PRO B 64 1.32 13.34 -56.26
C PRO B 64 0.90 14.54 -57.09
N VAL B 65 -0.40 14.85 -57.12
CA VAL B 65 -0.87 16.01 -57.87
C VAL B 65 -0.32 17.30 -57.26
N LEU B 66 -0.33 17.38 -55.93
CA LEU B 66 0.20 18.55 -55.24
C LEU B 66 1.69 18.71 -55.53
N LEU B 67 2.43 17.60 -55.49
CA LEU B 67 3.87 17.66 -55.77
C LEU B 67 4.13 18.09 -57.20
N ASP B 68 3.34 17.57 -58.15
CA ASP B 68 3.50 17.95 -59.55
C ASP B 68 3.22 19.43 -59.73
N ILE B 69 2.18 19.94 -59.07
CA ILE B 69 1.87 21.40 -59.13
C ILE B 69 3.04 22.17 -58.50
N ALA B 70 3.56 21.67 -57.37
CA ALA B 70 4.65 22.39 -56.66
C ALA B 70 5.91 22.47 -57.53
N GLU B 71 6.25 21.38 -58.22
CA GLU B 71 7.49 21.37 -59.05
C GLU B 71 7.34 22.38 -60.20
N ARG B 72 6.15 22.48 -60.79
CA ARG B 72 5.91 23.46 -61.89
C ARG B 72 6.08 24.87 -61.33
N THR B 73 5.61 25.10 -60.09
CA THR B 73 5.73 26.44 -59.46
C THR B 73 7.20 26.69 -59.06
N GLY B 74 7.99 25.62 -58.89
CA GLY B 74 9.42 25.80 -58.56
C GLY B 74 9.61 25.96 -57.05
N ASN B 75 8.56 25.72 -56.28
CA ASN B 75 8.65 25.88 -54.80
C ASN B 75 8.69 24.49 -54.16
N MET B 76 9.11 23.47 -54.90
CA MET B 76 9.07 22.07 -54.37
C MET B 76 9.86 21.99 -53.07
N ARG B 77 11.05 22.60 -53.01
CA ARG B 77 11.87 22.45 -51.79
C ARG B 77 11.15 23.06 -50.60
N GLU B 78 10.57 24.26 -50.75
CA GLU B 78 9.93 24.95 -49.61
C GLU B 78 8.61 24.28 -49.25
N PHE B 79 7.90 23.74 -50.24
CA PHE B 79 6.62 23.02 -49.98
C PHE B 79 6.91 21.71 -49.24
N ILE B 80 7.97 21.00 -49.64
CA ILE B 80 8.24 19.66 -49.04
C ILE B 80 8.88 19.85 -47.66
N ASN B 81 9.38 21.06 -47.35
CA ASN B 81 10.06 21.20 -46.07
C ASN B 81 9.46 22.28 -45.19
N SER B 82 8.18 22.60 -45.38
CA SER B 82 7.58 23.69 -44.61
C SER B 82 7.40 23.26 -43.16
N PRO B 83 8.00 23.98 -42.21
CA PRO B 83 7.88 23.59 -40.81
C PRO B 83 6.72 24.26 -40.10
N PHE B 84 6.15 23.57 -39.11
CA PHE B 84 5.13 24.18 -38.27
C PHE B 84 5.76 25.31 -37.46
N ARG B 85 4.95 26.31 -37.11
CA ARG B 85 5.50 27.48 -36.39
C ARG B 85 4.92 27.54 -34.97
N ASP B 86 3.91 26.70 -34.68
CA ASP B 86 3.25 26.76 -33.35
C ASP B 86 4.23 26.25 -32.28
N ILE B 87 4.23 26.85 -31.10
CA ILE B 87 5.19 26.47 -30.07
C ILE B 87 5.09 24.99 -29.73
N TYR B 88 3.90 24.41 -29.88
CA TYR B 88 3.69 23.01 -29.55
C TYR B 88 4.17 22.05 -30.63
N TYR B 89 4.44 22.53 -31.85
CA TYR B 89 4.88 21.63 -32.91
C TYR B 89 6.00 22.23 -33.76
N ARG B 90 6.74 23.21 -33.24
CA ARG B 90 7.70 23.94 -34.04
C ARG B 90 8.77 23.02 -34.63
N GLY B 91 9.03 23.18 -35.92
CA GLY B 91 10.04 22.41 -36.61
C GLY B 91 9.53 21.17 -37.31
N GLN B 92 8.34 20.70 -36.97
CA GLN B 92 7.80 19.48 -37.55
C GLN B 92 7.52 19.69 -39.03
N THR B 93 8.38 19.14 -39.88
CA THR B 93 8.16 19.22 -41.31
C THR B 93 7.21 18.12 -41.75
N ALA B 94 7.01 17.96 -43.05
CA ALA B 94 6.14 16.91 -43.57
C ALA B 94 6.77 15.53 -43.49
N LEU B 95 8.08 15.44 -43.30
CA LEU B 95 8.74 14.14 -43.20
C LEU B 95 8.38 13.44 -41.89
N HIS B 96 8.33 14.19 -40.78
CA HIS B 96 8.02 13.59 -39.49
C HIS B 96 6.61 13.01 -39.49
N ILE B 97 5.66 13.71 -40.12
CA ILE B 97 4.30 13.20 -40.21
C ILE B 97 4.20 11.91 -41.01
N ALA B 98 4.97 11.80 -42.10
CA ALA B 98 5.00 10.59 -42.90
C ALA B 98 5.71 9.43 -42.21
N ILE B 99 6.56 9.71 -41.23
CA ILE B 99 7.22 8.65 -40.46
C ILE B 99 6.39 8.20 -39.27
N GLU B 100 5.70 9.12 -38.60
CA GLU B 100 4.82 8.79 -37.49
C GLU B 100 3.60 7.99 -37.95
N ARG B 101 3.14 8.24 -39.16
CA ARG B 101 1.96 7.57 -39.71
C ARG B 101 2.27 6.20 -40.30
N ARG B 102 3.54 5.80 -40.28
CA ARG B 102 3.97 4.48 -40.76
C ARG B 102 3.68 4.31 -42.25
N CYS B 103 3.93 5.37 -43.02
CA CYS B 103 3.72 5.36 -44.47
C CYS B 103 5.09 5.35 -45.14
N LYS B 104 5.59 4.15 -45.43
CA LYS B 104 6.90 4.03 -46.05
C LYS B 104 6.88 4.52 -47.49
N HIS B 105 5.78 4.30 -48.21
CA HIS B 105 5.68 4.76 -49.59
C HIS B 105 5.80 6.28 -49.67
N TYR B 106 5.07 7.00 -48.82
CA TYR B 106 5.17 8.44 -48.82
C TYR B 106 6.51 8.93 -48.29
N VAL B 107 7.10 8.23 -47.31
CA VAL B 107 8.43 8.60 -46.88
C VAL B 107 9.39 8.52 -48.05
N GLU B 108 9.29 7.47 -48.85
CA GLU B 108 10.10 7.36 -50.06
C GLU B 108 9.81 8.51 -51.01
N LEU B 109 8.53 8.85 -51.19
CA LEU B 109 8.16 9.93 -52.11
C LEU B 109 8.82 11.26 -51.70
N LEU B 110 8.66 11.65 -50.44
CA LEU B 110 9.26 12.92 -49.99
C LEU B 110 10.78 12.87 -50.02
N VAL B 111 11.39 11.76 -49.61
CA VAL B 111 12.85 11.70 -49.62
C VAL B 111 13.38 11.77 -51.05
N ALA B 112 12.68 11.15 -52.00
CA ALA B 112 13.09 11.26 -53.40
C ALA B 112 12.93 12.68 -53.92
N GLN B 113 11.83 13.35 -53.55
CA GLN B 113 11.60 14.70 -54.06
C GLN B 113 12.57 15.71 -53.46
N GLY B 114 13.20 15.38 -52.34
CA GLY B 114 14.19 16.27 -51.76
C GLY B 114 13.82 16.84 -50.42
N ALA B 115 13.05 16.09 -49.63
CA ALA B 115 12.70 16.53 -48.29
C ALA B 115 13.94 16.59 -47.41
N ASP B 116 13.92 17.52 -46.46
CA ASP B 116 15.05 17.70 -45.55
C ASP B 116 15.10 16.51 -44.60
N VAL B 117 16.10 15.65 -44.77
CA VAL B 117 16.21 14.43 -43.98
C VAL B 117 16.75 14.70 -42.58
N HIS B 118 17.21 15.92 -42.31
CA HIS B 118 17.81 16.28 -41.03
C HIS B 118 17.09 17.48 -40.44
N ALA B 119 15.75 17.44 -40.47
CA ALA B 119 14.92 18.51 -39.96
C ALA B 119 14.63 18.26 -38.48
N GLN B 120 15.00 19.22 -37.64
CA GLN B 120 14.85 19.06 -36.20
C GLN B 120 13.49 19.58 -35.75
N ALA B 121 12.72 18.72 -35.09
CA ALA B 121 11.43 19.10 -34.54
C ALA B 121 11.62 19.65 -33.14
N ARG B 122 11.52 20.97 -32.99
CA ARG B 122 11.88 21.65 -31.75
C ARG B 122 10.66 22.02 -30.91
N GLY B 123 9.50 21.45 -31.22
CA GLY B 123 8.27 21.81 -30.53
C GLY B 123 8.25 21.37 -29.08
N ARG B 124 7.25 21.87 -28.35
CA ARG B 124 7.12 21.52 -26.94
C ARG B 124 6.77 20.05 -26.75
N PHE B 125 5.96 19.49 -27.65
CA PHE B 125 5.66 18.06 -27.59
C PHE B 125 6.87 17.19 -27.94
N PHE B 126 7.91 17.77 -28.53
CA PHE B 126 9.12 17.05 -28.90
C PHE B 126 10.23 17.34 -27.90
N GLN B 127 9.85 17.48 -26.64
CA GLN B 127 10.72 17.73 -25.50
C GLN B 127 10.57 16.61 -24.48
N PRO B 128 11.58 16.36 -23.65
CA PRO B 128 11.48 15.30 -22.66
C PRO B 128 10.35 15.54 -21.68
N LYS B 129 9.80 14.45 -21.14
CA LYS B 129 8.65 14.51 -20.23
C LYS B 129 8.96 15.42 -19.04
N ASP B 130 10.18 15.38 -18.54
CA ASP B 130 10.55 16.24 -17.42
C ASP B 130 10.49 17.71 -17.81
N GLU B 131 10.91 18.04 -19.03
CA GLU B 131 10.88 19.41 -19.52
C GLU B 131 9.51 19.85 -20.01
N GLY B 132 8.49 19.05 -19.82
CA GLY B 132 7.15 19.42 -20.23
C GLY B 132 6.84 19.04 -21.66
N GLY B 133 7.01 17.75 -21.99
CA GLY B 133 6.72 17.26 -23.31
C GLY B 133 6.12 15.87 -23.24
N TYR B 134 5.71 15.37 -24.40
CA TYR B 134 5.08 14.06 -24.49
C TYR B 134 5.93 13.03 -25.22
N PHE B 135 6.38 13.34 -26.43
CA PHE B 135 7.13 12.40 -27.25
C PHE B 135 8.49 13.00 -27.57
N TYR B 136 9.51 12.58 -26.82
CA TYR B 136 10.89 12.93 -27.15
C TYR B 136 11.50 11.75 -27.90
N PHE B 137 11.74 11.94 -29.20
CA PHE B 137 12.25 10.90 -30.06
C PHE B 137 13.63 11.20 -30.63
N GLY B 138 14.26 12.28 -30.22
CA GLY B 138 15.54 12.69 -30.77
C GLY B 138 15.46 13.78 -31.81
N GLU B 139 14.26 14.26 -32.14
CA GLU B 139 14.05 15.45 -32.96
C GLU B 139 14.46 15.26 -34.42
N LEU B 140 14.95 14.08 -34.78
CA LEU B 140 15.39 13.87 -36.15
C LEU B 140 14.49 12.86 -36.86
N PRO B 141 14.36 12.97 -38.19
CA PRO B 141 13.56 11.99 -38.93
C PRO B 141 14.05 10.56 -38.79
N LEU B 142 15.35 10.33 -38.77
CA LEU B 142 15.89 9.00 -38.51
C LEU B 142 15.69 8.55 -37.08
N SER B 143 15.88 9.45 -36.12
CA SER B 143 15.61 9.14 -34.72
C SER B 143 14.14 8.86 -34.44
N LEU B 144 13.23 9.57 -35.11
CA LEU B 144 11.81 9.27 -34.96
C LEU B 144 11.48 7.88 -35.46
N ALA B 145 12.03 7.49 -36.61
CA ALA B 145 11.81 6.14 -37.12
C ALA B 145 12.43 5.09 -36.20
N ALA B 146 13.61 5.38 -35.65
CA ALA B 146 14.25 4.44 -34.75
C ALA B 146 13.45 4.25 -33.47
N CYS B 147 12.92 5.33 -32.91
CA CYS B 147 12.12 5.26 -31.69
C CYS B 147 10.69 4.82 -31.92
N THR B 148 10.25 4.77 -33.19
CA THR B 148 8.90 4.33 -33.52
C THR B 148 8.89 2.83 -33.86
N ASN B 149 10.05 2.17 -33.83
CA ASN B 149 10.19 0.75 -34.17
C ASN B 149 9.80 0.51 -35.63
N GLN B 150 10.56 1.15 -36.51
CA GLN B 150 10.36 1.06 -37.95
C GLN B 150 11.69 0.72 -38.61
N PRO B 151 12.13 -0.55 -38.48
CA PRO B 151 13.44 -0.91 -39.04
C PRO B 151 13.55 -0.70 -40.54
N HIS B 152 12.48 -0.95 -41.30
CA HIS B 152 12.55 -0.79 -42.74
C HIS B 152 12.68 0.67 -43.13
N ILE B 153 11.95 1.56 -42.45
CA ILE B 153 12.07 2.99 -42.74
C ILE B 153 13.45 3.49 -42.33
N VAL B 154 13.99 2.98 -41.23
CA VAL B 154 15.35 3.35 -40.83
C VAL B 154 16.35 2.93 -41.90
N ASN B 155 16.23 1.70 -42.40
CA ASN B 155 17.14 1.22 -43.43
C ASN B 155 17.00 2.05 -44.70
N TYR B 156 15.78 2.40 -45.09
CA TYR B 156 15.58 3.23 -46.27
C TYR B 156 16.23 4.59 -46.09
N LEU B 157 16.03 5.20 -44.91
CA LEU B 157 16.59 6.53 -44.66
C LEU B 157 18.11 6.50 -44.65
N THR B 158 18.71 5.41 -44.17
CA THR B 158 20.16 5.32 -44.11
C THR B 158 20.79 4.79 -45.40
N GLU B 159 19.99 4.29 -46.34
CA GLU B 159 20.52 3.82 -47.62
C GLU B 159 19.77 4.39 -48.82
N ASN B 160 19.46 5.69 -48.80
CA ASN B 160 18.78 6.31 -49.92
C ASN B 160 19.74 6.49 -51.10
N PRO B 161 19.30 6.18 -52.32
CA PRO B 161 20.05 6.64 -53.49
C PRO B 161 20.22 8.14 -53.54
N HIS B 162 19.22 8.90 -53.05
CA HIS B 162 19.24 10.36 -53.16
C HIS B 162 20.07 11.01 -52.07
N LYS B 163 19.67 10.83 -50.81
CA LYS B 163 20.34 11.46 -49.67
C LYS B 163 20.12 10.61 -48.43
N LYS B 164 21.21 10.21 -47.79
CA LYS B 164 21.17 9.33 -46.62
C LYS B 164 21.36 10.15 -45.35
N ALA B 165 20.63 9.80 -44.30
CA ALA B 165 20.80 10.44 -43.01
C ALA B 165 21.89 9.74 -42.22
N ASP B 166 22.97 10.44 -41.92
CA ASP B 166 24.04 9.86 -41.13
C ASP B 166 23.58 9.65 -39.69
N MET B 167 24.00 8.53 -39.10
CA MET B 167 23.62 8.20 -37.75
C MET B 167 24.38 9.00 -36.70
N ARG B 168 25.41 9.74 -37.09
CA ARG B 168 26.23 10.50 -36.16
C ARG B 168 25.66 11.89 -35.88
N ARG B 169 24.55 12.27 -36.51
CA ARG B 169 23.97 13.58 -36.30
C ARG B 169 23.34 13.67 -34.91
N GLN B 170 23.37 14.89 -34.36
CA GLN B 170 22.84 15.15 -33.03
C GLN B 170 21.83 16.28 -33.11
N ASP B 171 20.86 16.25 -32.19
CA ASP B 171 19.81 17.26 -32.14
C ASP B 171 20.30 18.43 -31.29
N SER B 172 19.39 19.32 -30.90
CA SER B 172 19.77 20.51 -30.14
C SER B 172 20.43 20.15 -28.82
N ARG B 173 19.93 19.11 -28.14
CA ARG B 173 20.49 18.67 -26.88
C ARG B 173 21.69 17.74 -27.05
N GLY B 174 22.06 17.42 -28.28
CA GLY B 174 23.17 16.53 -28.55
C GLY B 174 22.81 15.06 -28.58
N ASN B 175 21.57 14.71 -28.30
CA ASN B 175 21.16 13.31 -28.29
C ASN B 175 21.17 12.74 -29.71
N THR B 176 22.01 11.73 -29.93
CA THR B 176 22.09 11.08 -31.23
C THR B 176 20.96 10.07 -31.37
N VAL B 177 21.02 9.21 -32.39
CA VAL B 177 19.98 8.21 -32.57
C VAL B 177 20.04 7.18 -31.44
N LEU B 178 21.24 6.87 -30.95
CA LEU B 178 21.37 5.92 -29.84
C LEU B 178 20.90 6.52 -28.53
N HIS B 179 21.14 7.81 -28.30
CA HIS B 179 20.61 8.49 -27.13
C HIS B 179 19.09 8.53 -27.12
N ALA B 180 18.45 8.74 -28.27
CA ALA B 180 17.01 8.78 -28.37
C ALA B 180 16.36 7.43 -28.12
N LEU B 181 17.09 6.34 -28.34
CA LEU B 181 16.62 5.00 -28.01
C LEU B 181 16.74 4.69 -26.53
N VAL B 182 17.51 5.48 -25.78
CA VAL B 182 17.65 5.31 -24.35
C VAL B 182 16.62 6.15 -23.59
N ALA B 183 16.22 7.28 -24.15
CA ALA B 183 15.18 8.12 -23.56
C ALA B 183 13.76 7.67 -23.90
N ILE B 184 13.58 6.76 -24.85
CA ILE B 184 12.27 6.23 -25.18
C ILE B 184 12.11 4.80 -24.67
N ALA B 185 13.14 4.26 -24.02
CA ALA B 185 13.16 2.88 -23.56
C ALA B 185 12.56 2.81 -22.16
N ASP B 186 11.54 1.98 -22.00
CA ASP B 186 10.98 1.68 -20.70
C ASP B 186 11.57 0.37 -20.19
N ASN B 187 11.08 -0.07 -19.03
CA ASN B 187 11.56 -1.28 -18.40
C ASN B 187 10.71 -2.51 -18.75
N THR B 188 9.66 -2.33 -19.54
CA THR B 188 8.80 -3.45 -19.89
C THR B 188 9.51 -4.39 -20.87
N ARG B 189 9.09 -5.66 -20.84
CA ARG B 189 9.73 -6.68 -21.66
C ARG B 189 9.46 -6.46 -23.15
N GLU B 190 8.28 -5.98 -23.52
CA GLU B 190 7.97 -5.76 -24.92
C GLU B 190 8.76 -4.58 -25.48
N ASN B 191 9.00 -3.57 -24.64
CA ASN B 191 9.69 -2.33 -25.11
C ASN B 191 11.19 -2.60 -25.27
N THR B 192 11.77 -3.43 -24.40
CA THR B 192 13.20 -3.66 -24.43
C THR B 192 13.62 -4.68 -25.48
N LYS B 193 12.68 -5.37 -26.14
CA LYS B 193 13.04 -6.36 -27.13
C LYS B 193 13.19 -5.77 -28.53
N PHE B 194 12.88 -4.48 -28.69
CA PHE B 194 13.17 -3.80 -29.94
C PHE B 194 14.06 -2.58 -29.74
N VAL B 195 14.07 -2.00 -28.55
CA VAL B 195 15.01 -0.92 -28.26
C VAL B 195 16.44 -1.44 -28.34
N THR B 196 16.71 -2.60 -27.75
CA THR B 196 18.04 -3.19 -27.85
C THR B 196 18.30 -3.69 -29.26
N LYS B 197 17.29 -4.28 -29.91
CA LYS B 197 17.46 -4.76 -31.27
C LYS B 197 17.78 -3.63 -32.22
N MET B 198 17.03 -2.52 -32.15
CA MET B 198 17.31 -1.37 -33.00
C MET B 198 18.62 -0.69 -32.61
N TYR B 199 18.95 -0.68 -31.32
CA TYR B 199 20.23 -0.15 -30.87
C TYR B 199 21.38 -0.89 -31.53
N ASP B 200 21.39 -2.22 -31.48
CA ASP B 200 22.40 -3.02 -32.15
C ASP B 200 22.37 -2.87 -33.66
N LEU B 201 21.19 -2.81 -34.27
CA LEU B 201 21.09 -2.60 -35.71
C LEU B 201 21.79 -1.32 -36.12
N LEU B 202 21.47 -0.21 -35.44
CA LEU B 202 22.08 1.07 -35.78
C LEU B 202 23.57 1.09 -35.47
N LEU B 203 23.98 0.46 -34.38
CA LEU B 203 25.40 0.42 -34.04
C LEU B 203 26.20 -0.31 -35.10
N LEU B 204 25.72 -1.49 -35.53
CA LEU B 204 26.40 -2.21 -36.60
C LEU B 204 26.36 -1.45 -37.92
N LYS B 205 25.23 -0.80 -38.23
CA LYS B 205 25.14 -0.04 -39.47
C LYS B 205 26.15 1.10 -39.50
N CYS B 206 26.29 1.81 -38.38
CA CYS B 206 27.29 2.88 -38.28
C CYS B 206 28.70 2.34 -38.22
N ALA B 207 28.90 1.11 -37.77
CA ALA B 207 30.21 0.48 -37.79
C ALA B 207 30.66 0.09 -39.18
N ARG B 208 29.75 -0.46 -40.00
CA ARG B 208 30.13 -0.83 -41.36
C ARG B 208 30.28 0.41 -42.24
N LEU B 209 29.36 1.38 -42.11
CA LEU B 209 29.44 2.59 -42.92
C LEU B 209 30.69 3.39 -42.58
N PHE B 210 30.99 3.54 -41.30
CA PHE B 210 32.17 4.26 -40.86
C PHE B 210 33.00 3.39 -39.93
N PRO B 211 33.96 2.62 -40.47
CA PRO B 211 34.75 1.72 -39.62
C PRO B 211 35.56 2.43 -38.54
N ASP B 212 35.96 3.68 -38.77
CA ASP B 212 36.83 4.40 -37.85
C ASP B 212 36.07 5.15 -36.77
N SER B 213 34.74 5.06 -36.74
CA SER B 213 33.92 5.77 -35.77
C SER B 213 33.07 4.79 -34.99
N ASN B 214 32.97 5.04 -33.68
CA ASN B 214 32.09 4.28 -32.80
C ASN B 214 30.91 5.17 -32.40
N LEU B 215 29.71 4.78 -32.82
CA LEU B 215 28.53 5.59 -32.55
C LEU B 215 28.17 5.64 -31.08
N GLU B 216 28.71 4.72 -30.26
CA GLU B 216 28.51 4.75 -28.83
C GLU B 216 29.53 5.64 -28.11
N ALA B 217 30.28 6.44 -28.86
CA ALA B 217 31.29 7.30 -28.29
C ALA B 217 31.02 8.78 -28.52
N VAL B 218 29.93 9.15 -29.18
CA VAL B 218 29.57 10.54 -29.39
C VAL B 218 28.77 11.05 -28.21
N LEU B 219 29.44 11.74 -27.29
CA LEU B 219 28.79 12.29 -26.11
C LEU B 219 27.84 13.41 -26.50
N ASN B 220 26.74 13.53 -25.75
CA ASN B 220 25.81 14.63 -25.98
C ASN B 220 26.31 15.90 -25.31
N ASN B 221 25.45 16.92 -25.23
CA ASN B 221 25.83 18.18 -24.61
C ASN B 221 26.10 18.06 -23.11
N ASP B 222 25.56 17.04 -22.46
CA ASP B 222 25.75 16.83 -21.03
C ASP B 222 26.95 15.94 -20.74
N GLY B 223 27.68 15.51 -21.77
CA GLY B 223 28.82 14.66 -21.57
C GLY B 223 28.49 13.21 -21.27
N LEU B 224 27.30 12.74 -21.64
CA LEU B 224 26.86 11.38 -21.36
C LEU B 224 26.80 10.57 -22.65
N SER B 225 27.46 9.42 -22.65
CA SER B 225 27.34 8.44 -23.72
C SER B 225 26.02 7.70 -23.52
N PRO B 226 25.55 6.92 -24.50
CA PRO B 226 24.29 6.18 -24.28
C PRO B 226 24.31 5.28 -23.05
N LEU B 227 25.46 4.68 -22.73
CA LEU B 227 25.55 3.86 -21.53
C LEU B 227 25.36 4.71 -20.28
N MET B 228 26.06 5.85 -20.19
CA MET B 228 25.90 6.72 -19.04
C MET B 228 24.50 7.30 -18.97
N MET B 229 23.91 7.62 -20.12
CA MET B 229 22.52 8.08 -20.13
C MET B 229 21.57 7.01 -19.61
N ALA B 230 21.80 5.75 -19.99
CA ALA B 230 20.98 4.67 -19.47
C ALA B 230 21.14 4.53 -17.97
N ALA B 231 22.37 4.66 -17.48
CA ALA B 231 22.61 4.58 -16.03
C ALA B 231 21.92 5.71 -15.30
N LYS B 232 21.97 6.92 -15.86
CA LYS B 232 21.41 8.09 -15.16
C LYS B 232 19.89 8.08 -15.19
N THR B 233 19.29 7.74 -16.33
CA THR B 233 17.85 7.86 -16.51
C THR B 233 17.07 6.67 -16.00
N GLY B 234 17.75 5.66 -15.44
CA GLY B 234 17.06 4.53 -14.88
C GLY B 234 16.43 3.58 -15.87
N LYS B 235 17.16 3.21 -16.92
CA LYS B 235 16.68 2.26 -17.93
C LYS B 235 17.50 0.99 -17.79
N ILE B 236 16.94 -0.01 -17.09
CA ILE B 236 17.71 -1.20 -16.73
C ILE B 236 17.95 -2.10 -17.93
N GLY B 237 16.94 -2.30 -18.78
CA GLY B 237 17.08 -3.28 -19.85
C GLY B 237 18.13 -2.93 -20.87
N ILE B 238 18.07 -1.69 -21.38
CA ILE B 238 19.08 -1.26 -22.35
C ILE B 238 20.45 -1.19 -21.70
N PHE B 239 20.51 -0.84 -20.41
CA PHE B 239 21.80 -0.80 -19.71
C PHE B 239 22.42 -2.19 -19.65
N GLN B 240 21.61 -3.20 -19.31
CA GLN B 240 22.10 -4.57 -19.31
C GLN B 240 22.53 -5.00 -20.71
N HIS B 241 21.76 -4.64 -21.73
CA HIS B 241 22.13 -5.04 -23.09
C HIS B 241 23.46 -4.42 -23.50
N ILE B 242 23.68 -3.15 -23.18
CA ILE B 242 24.93 -2.50 -23.56
C ILE B 242 26.10 -3.08 -22.77
N ILE B 243 25.93 -3.33 -21.47
CA ILE B 243 27.04 -3.83 -20.67
C ILE B 243 27.33 -5.31 -20.97
N ARG B 244 26.39 -6.02 -21.61
CA ARG B 244 26.56 -7.43 -21.94
C ARG B 244 26.48 -7.69 -23.44
N ARG B 245 26.87 -6.72 -24.25
CA ARG B 245 26.66 -6.82 -25.70
C ARG B 245 27.63 -7.81 -26.33
N GLU B 246 27.10 -8.70 -27.17
CA GLU B 246 27.88 -9.64 -27.94
C GLU B 246 27.40 -9.63 -29.39
N VAL B 247 28.34 -9.51 -30.33
CA VAL B 247 28.05 -9.52 -31.75
C VAL B 247 28.95 -10.57 -32.41
N THR B 248 28.38 -11.32 -33.35
CA THR B 248 29.06 -12.46 -33.95
C THR B 248 29.77 -12.13 -35.25
N ASP B 249 29.28 -11.16 -36.02
CA ASP B 249 29.87 -10.84 -37.31
C ASP B 249 31.33 -10.44 -37.15
N GLU B 250 32.20 -11.08 -37.95
CA GLU B 250 33.64 -10.88 -37.79
C GLU B 250 34.04 -9.44 -38.11
N ASP B 251 33.41 -8.84 -39.13
CA ASP B 251 33.75 -7.48 -39.52
C ASP B 251 33.48 -6.52 -38.38
N THR B 252 32.37 -6.70 -37.67
CA THR B 252 31.99 -5.79 -36.60
C THR B 252 31.93 -6.50 -35.25
N ARG B 253 32.88 -7.40 -34.99
CA ARG B 253 32.93 -8.10 -33.72
C ARG B 253 33.74 -7.36 -32.67
N HIS B 254 34.33 -6.23 -33.03
CA HIS B 254 35.08 -5.41 -32.08
C HIS B 254 34.16 -4.52 -31.24
N LEU B 255 32.86 -4.55 -31.49
CA LEU B 255 31.89 -3.81 -30.72
C LEU B 255 31.38 -4.57 -29.51
N SER B 256 31.81 -5.83 -29.34
CA SER B 256 31.38 -6.62 -28.21
C SER B 256 32.01 -6.10 -26.92
N ARG B 257 31.36 -6.40 -25.81
CA ARG B 257 31.85 -6.03 -24.49
C ARG B 257 32.03 -7.21 -23.56
N LYS B 258 31.41 -8.36 -23.85
CA LYS B 258 31.50 -9.55 -23.02
C LYS B 258 32.08 -10.68 -23.85
N PHE B 259 33.38 -10.91 -23.70
CA PHE B 259 34.12 -11.89 -24.50
C PHE B 259 34.26 -13.18 -23.71
N LYS B 260 33.67 -14.26 -24.22
CA LYS B 260 33.90 -15.56 -23.59
C LYS B 260 35.35 -15.97 -23.75
N ASP B 261 35.95 -16.47 -22.66
CA ASP B 261 37.36 -16.80 -22.66
C ASP B 261 37.61 -18.30 -22.63
N TRP B 262 37.03 -19.02 -21.67
CA TRP B 262 37.09 -20.47 -21.63
C TRP B 262 35.79 -20.99 -21.05
N ALA B 263 35.49 -22.25 -21.38
CA ALA B 263 34.26 -22.87 -20.90
C ALA B 263 34.54 -24.32 -20.54
N TYR B 264 33.70 -24.85 -19.65
CA TYR B 264 33.74 -26.27 -19.29
C TYR B 264 32.32 -26.70 -19.00
N GLY B 265 31.63 -27.22 -20.00
CA GLY B 265 30.23 -27.57 -19.87
C GLY B 265 29.39 -26.42 -19.39
N PRO B 266 28.84 -26.55 -18.19
CA PRO B 266 28.03 -25.44 -17.64
C PRO B 266 28.83 -24.19 -17.35
N VAL B 267 29.97 -24.32 -16.68
CA VAL B 267 30.72 -23.13 -16.25
C VAL B 267 31.44 -22.52 -17.43
N TYR B 268 31.54 -21.19 -17.43
CA TYR B 268 32.35 -20.48 -18.42
C TYR B 268 32.76 -19.14 -17.85
N SER B 269 33.90 -18.64 -18.33
CA SER B 269 34.47 -17.37 -17.89
C SER B 269 34.24 -16.34 -18.98
N SER B 270 33.72 -15.18 -18.59
CA SER B 270 33.45 -14.08 -19.53
C SER B 270 34.21 -12.85 -19.08
N LEU B 271 34.99 -12.27 -19.97
CA LEU B 271 35.71 -11.03 -19.73
C LEU B 271 34.81 -9.88 -20.15
N TYR B 272 34.30 -9.14 -19.19
CA TYR B 272 33.54 -7.94 -19.48
C TYR B 272 34.51 -6.78 -19.72
N ASP B 273 34.13 -5.89 -20.63
CA ASP B 273 34.95 -4.74 -20.96
C ASP B 273 34.63 -3.58 -20.01
N LEU B 274 35.67 -3.07 -19.36
CA LEU B 274 35.53 -1.97 -18.40
C LEU B 274 35.82 -0.65 -19.11
N SER B 275 34.93 -0.29 -20.02
CA SER B 275 34.98 0.99 -20.73
C SER B 275 33.83 1.84 -20.20
N SER B 276 34.17 2.94 -19.54
CA SER B 276 33.28 3.87 -18.85
C SER B 276 32.73 3.27 -17.56
N LEU B 277 33.01 2.01 -17.26
CA LEU B 277 32.69 1.43 -15.97
C LEU B 277 33.78 1.69 -14.93
N ASP B 278 35.03 1.75 -15.37
CA ASP B 278 36.14 2.07 -14.48
C ASP B 278 37.19 2.87 -15.24
N THR B 279 37.06 4.19 -15.23
CA THR B 279 37.98 5.02 -16.04
C THR B 279 39.16 5.51 -15.19
N CYS B 280 39.15 5.19 -13.90
CA CYS B 280 40.21 5.68 -12.97
C CYS B 280 40.22 7.21 -12.96
N GLY B 281 39.06 7.84 -13.07
CA GLY B 281 38.98 9.32 -12.96
C GLY B 281 39.34 10.05 -14.24
N GLU B 282 39.69 9.33 -15.31
CA GLU B 282 40.04 9.97 -16.60
C GLU B 282 38.81 10.66 -17.20
N GLU B 283 37.63 10.04 -17.11
CA GLU B 283 36.38 10.67 -17.62
C GLU B 283 35.22 10.22 -16.73
N ALA B 284 33.98 10.62 -17.03
CA ALA B 284 32.87 10.13 -16.24
C ALA B 284 32.81 8.61 -16.29
N SER B 285 32.54 8.00 -15.14
CA SER B 285 32.45 6.55 -15.03
C SER B 285 31.02 6.15 -14.72
N VAL B 286 30.52 5.14 -15.43
CA VAL B 286 29.11 4.76 -15.32
C VAL B 286 28.76 4.42 -13.87
N LEU B 287 29.72 3.87 -13.13
CA LEU B 287 29.48 3.54 -11.73
C LEU B 287 29.20 4.79 -10.90
N GLU B 288 29.96 5.87 -11.13
CA GLU B 288 29.76 7.09 -10.36
C GLU B 288 28.42 7.75 -10.65
N ILE B 289 28.03 7.83 -11.93
CA ILE B 289 26.69 8.31 -12.25
C ILE B 289 25.64 7.41 -11.65
N LEU B 290 25.88 6.10 -11.62
CA LEU B 290 24.91 5.15 -11.10
C LEU B 290 24.67 5.32 -9.61
N VAL B 291 25.73 5.53 -8.82
CA VAL B 291 25.55 5.63 -7.38
C VAL B 291 24.98 7.00 -6.98
N TYR B 292 25.49 8.08 -7.57
CA TYR B 292 25.12 9.43 -7.15
C TYR B 292 23.98 10.01 -7.98
N ASN B 293 24.19 10.13 -9.29
CA ASN B 293 23.28 10.90 -10.14
C ASN B 293 21.95 10.19 -10.34
N SER B 294 21.94 8.86 -10.32
CA SER B 294 20.71 8.12 -10.53
C SER B 294 19.80 8.26 -9.31
N LYS B 295 18.65 8.91 -9.50
CA LYS B 295 17.66 9.06 -8.44
C LYS B 295 16.51 8.08 -8.60
N ILE B 296 16.61 7.15 -9.54
CA ILE B 296 15.51 6.22 -9.78
C ILE B 296 15.54 5.10 -8.73
N GLU B 297 14.40 4.43 -8.58
CA GLU B 297 14.28 3.31 -7.66
C GLU B 297 14.95 2.05 -8.17
N ASN B 298 15.40 2.03 -9.43
CA ASN B 298 16.05 0.88 -10.02
C ASN B 298 17.56 0.92 -9.87
N ARG B 299 18.08 1.75 -8.97
CA ARG B 299 19.52 1.83 -8.77
C ARG B 299 20.08 0.51 -8.26
N HIS B 300 19.39 -0.14 -7.33
CA HIS B 300 19.86 -1.40 -6.77
C HIS B 300 19.86 -2.53 -7.78
N GLU B 301 18.92 -2.53 -8.73
CA GLU B 301 18.93 -3.54 -9.78
C GLU B 301 20.16 -3.41 -10.67
N MET B 302 20.52 -2.19 -11.03
CA MET B 302 21.71 -1.98 -11.87
C MET B 302 22.99 -2.22 -11.09
N LEU B 303 23.02 -1.88 -9.81
CA LEU B 303 24.17 -2.22 -8.99
C LEU B 303 24.30 -3.73 -8.81
N ALA B 304 23.22 -4.48 -9.03
CA ALA B 304 23.25 -5.93 -8.93
C ALA B 304 23.71 -6.59 -10.22
N VAL B 305 23.88 -5.83 -11.31
CA VAL B 305 24.42 -6.40 -12.53
C VAL B 305 25.81 -6.95 -12.25
N GLU B 306 26.09 -8.15 -12.76
CA GLU B 306 27.26 -8.91 -12.31
C GLU B 306 28.58 -8.16 -12.50
N PRO B 307 28.87 -7.54 -13.65
CA PRO B 307 30.14 -6.79 -13.75
C PRO B 307 30.29 -5.71 -12.68
N ILE B 308 29.25 -4.91 -12.46
CA ILE B 308 29.33 -3.82 -11.50
C ILE B 308 29.48 -4.37 -10.08
N ASN B 309 28.67 -5.36 -9.73
CA ASN B 309 28.70 -5.90 -8.37
C ASN B 309 30.05 -6.53 -8.08
N GLU B 310 30.57 -7.33 -9.03
CA GLU B 310 31.85 -7.98 -8.79
C GLU B 310 32.99 -6.98 -8.82
N LEU B 311 32.87 -5.91 -9.63
CA LEU B 311 33.87 -4.85 -9.61
C LEU B 311 33.92 -4.15 -8.26
N LEU B 312 32.74 -3.85 -7.69
CA LEU B 312 32.69 -3.23 -6.38
C LEU B 312 33.27 -4.16 -5.32
N ARG B 313 32.94 -5.45 -5.40
CA ARG B 313 33.47 -6.42 -4.44
C ARG B 313 34.99 -6.50 -4.54
N ASP B 314 35.53 -6.50 -5.76
CA ASP B 314 36.97 -6.52 -5.94
C ASP B 314 37.63 -5.24 -5.44
N LYS B 315 37.00 -4.09 -5.64
CA LYS B 315 37.54 -2.84 -5.09
C LYS B 315 37.59 -2.89 -3.58
N TRP B 316 36.53 -3.41 -2.96
CA TRP B 316 36.53 -3.55 -1.50
C TRP B 316 37.62 -4.51 -1.03
N ARG B 317 37.79 -5.62 -1.75
CA ARG B 317 38.77 -6.63 -1.35
C ARG B 317 40.20 -6.10 -1.48
N LYS B 318 40.49 -5.40 -2.57
CA LYS B 318 41.86 -4.99 -2.87
C LYS B 318 42.39 -3.97 -1.87
N PHE B 319 41.69 -2.84 -1.73
CA PHE B 319 42.11 -1.78 -0.83
C PHE B 319 40.98 -1.15 -0.03
N GLY B 320 39.74 -1.63 -0.19
CA GLY B 320 38.63 -0.96 0.46
C GLY B 320 38.68 -1.02 1.98
N ALA B 321 38.86 -2.22 2.52
CA ALA B 321 38.85 -2.37 3.98
C ALA B 321 40.08 -1.71 4.60
N VAL B 322 41.25 -1.93 4.01
CA VAL B 322 42.48 -1.37 4.57
C VAL B 322 42.42 0.15 4.60
N SER B 323 42.05 0.76 3.46
CA SER B 323 41.99 2.21 3.40
C SER B 323 40.86 2.77 4.25
N PHE B 324 39.75 2.04 4.36
CA PHE B 324 38.66 2.49 5.22
C PHE B 324 39.10 2.53 6.68
N TYR B 325 39.79 1.49 7.13
CA TYR B 325 40.25 1.48 8.52
C TYR B 325 41.35 2.51 8.74
N ILE B 326 42.21 2.73 7.74
CA ILE B 326 43.22 3.77 7.85
C ILE B 326 42.56 5.14 7.98
N ASN B 327 41.52 5.40 7.18
CA ASN B 327 40.82 6.66 7.28
C ASN B 327 40.14 6.82 8.64
N VAL B 328 39.54 5.75 9.14
CA VAL B 328 38.89 5.81 10.46
C VAL B 328 39.91 6.15 11.52
N VAL B 329 41.05 5.46 11.52
CA VAL B 329 42.09 5.71 12.52
C VAL B 329 42.63 7.13 12.40
N SER B 330 42.88 7.59 11.17
CA SER B 330 43.41 8.94 10.97
C SER B 330 42.43 9.99 11.47
N TYR B 331 41.15 9.87 11.12
CA TYR B 331 40.17 10.86 11.63
C TYR B 331 40.15 10.80 13.15
N LEU B 332 40.01 9.61 13.72
CA LEU B 332 39.90 9.52 15.17
C LEU B 332 41.09 10.18 15.85
N CYS B 333 42.30 9.90 15.37
CA CYS B 333 43.49 10.49 15.98
C CYS B 333 43.53 12.00 15.78
N ALA B 334 43.12 12.48 14.60
CA ALA B 334 43.07 13.92 14.37
C ALA B 334 42.07 14.60 15.29
N MET B 335 40.89 14.01 15.47
CA MET B 335 39.91 14.58 16.39
C MET B 335 40.40 14.58 17.82
N VAL B 336 41.07 13.49 18.24
CA VAL B 336 41.62 13.46 19.60
C VAL B 336 42.67 14.54 19.77
N ILE B 337 43.54 14.73 18.77
CA ILE B 337 44.56 15.76 18.84
C ILE B 337 43.91 17.14 18.95
N PHE B 338 42.86 17.37 18.15
CA PHE B 338 42.18 18.65 18.19
C PHE B 338 41.52 18.89 19.55
N THR B 339 40.91 17.84 20.12
CA THR B 339 40.30 17.96 21.45
C THR B 339 41.35 18.28 22.51
N LEU B 340 42.51 17.62 22.44
CA LEU B 340 43.56 17.87 23.43
C LEU B 340 44.10 19.29 23.31
N THR B 341 44.37 19.73 22.07
CA THR B 341 44.99 21.06 21.88
C THR B 341 44.05 22.16 22.32
N ALA B 342 42.75 22.01 22.04
CA ALA B 342 41.78 23.02 22.52
C ALA B 342 41.77 23.00 24.05
N TYR B 343 41.75 21.80 24.65
CA TYR B 343 41.67 21.65 26.12
C TYR B 343 42.89 22.27 26.80
N TYR B 344 44.08 21.81 26.44
CA TYR B 344 45.31 22.29 27.12
C TYR B 344 45.56 23.77 26.79
N GLN B 345 44.76 24.37 25.90
CA GLN B 345 45.06 25.77 25.51
C GLN B 345 44.94 26.63 26.77
N PRO B 346 45.92 27.48 27.15
CA PRO B 346 45.84 28.20 28.42
C PRO B 346 44.79 29.32 28.36
N LEU B 347 44.70 30.02 27.23
CA LEU B 347 43.77 31.18 27.14
C LEU B 347 44.04 32.13 28.31
N GLU B 348 45.29 32.58 28.46
CA GLU B 348 45.65 33.55 29.54
C GLU B 348 45.48 34.97 29.00
N GLY B 349 44.41 35.67 29.38
CA GLY B 349 44.19 37.00 28.80
C GLY B 349 43.81 36.97 27.32
N THR B 350 44.24 37.95 26.54
CA THR B 350 43.82 38.08 25.13
C THR B 350 44.64 37.20 24.17
N PRO B 351 44.08 36.62 23.06
CA PRO B 351 44.89 35.88 22.08
C PRO B 351 45.85 36.84 21.34
N PRO B 352 46.92 36.37 20.64
CA PRO B 352 47.59 35.05 20.83
C PRO B 352 48.21 34.79 22.20
N TYR B 353 48.77 33.60 22.40
CA TYR B 353 49.35 33.24 23.72
C TYR B 353 50.77 32.68 23.50
N PRO B 354 51.71 32.90 24.45
CA PRO B 354 53.07 32.41 24.32
C PRO B 354 53.16 30.89 24.10
N TYR B 355 53.99 30.46 23.16
CA TYR B 355 54.19 29.00 22.94
C TYR B 355 55.59 28.61 23.44
N ARG B 356 56.16 29.39 24.36
CA ARG B 356 57.51 29.11 24.83
C ARG B 356 57.63 27.73 25.46
N THR B 357 56.63 27.33 26.24
CA THR B 357 56.67 26.06 26.95
C THR B 357 56.57 24.89 25.97
N THR B 358 57.16 23.76 26.37
CA THR B 358 57.09 22.56 25.55
C THR B 358 55.65 22.10 25.35
N VAL B 359 54.85 22.16 26.41
CA VAL B 359 53.42 21.87 26.27
C VAL B 359 52.76 22.87 25.34
N ASP B 360 53.15 24.14 25.45
CA ASP B 360 52.65 25.17 24.54
C ASP B 360 53.07 24.87 23.11
N TYR B 361 54.29 24.39 22.92
CA TYR B 361 54.74 24.01 21.58
C TYR B 361 53.94 22.83 21.04
N LEU B 362 53.58 21.87 21.91
CA LEU B 362 52.71 20.78 21.49
C LEU B 362 51.34 21.29 21.07
N ARG B 363 50.82 22.27 21.82
CA ARG B 363 49.52 22.88 21.45
C ARG B 363 49.68 23.48 20.06
N LEU B 364 50.74 24.26 19.85
CA LEU B 364 50.94 24.93 18.57
C LEU B 364 51.03 23.92 17.43
N ALA B 365 51.74 22.81 17.66
CA ALA B 365 51.83 21.77 16.64
C ALA B 365 50.47 21.16 16.34
N GLY B 366 49.66 20.91 17.36
CA GLY B 366 48.34 20.38 17.14
C GLY B 366 47.44 21.36 16.39
N GLU B 367 47.55 22.64 16.72
CA GLU B 367 46.81 23.66 15.98
C GLU B 367 47.24 23.70 14.52
N VAL B 368 48.54 23.55 14.27
CA VAL B 368 49.03 23.49 12.89
C VAL B 368 48.45 22.28 12.18
N ILE B 369 48.38 21.14 12.87
CA ILE B 369 47.85 19.92 12.26
C ILE B 369 46.38 20.10 11.88
N THR B 370 45.58 20.64 12.81
CA THR B 370 44.16 20.81 12.50
C THR B 370 43.93 21.88 11.45
N LEU B 371 44.78 22.92 11.42
CA LEU B 371 44.71 23.90 10.35
C LEU B 371 45.04 23.28 9.00
N PHE B 372 46.04 22.39 8.96
CA PHE B 372 46.36 21.68 7.73
C PHE B 372 45.20 20.81 7.27
N THR B 373 44.55 20.12 8.22
CA THR B 373 43.39 19.32 7.86
C THR B 373 42.28 20.20 7.27
N GLY B 374 42.02 21.34 7.91
CA GLY B 374 41.00 22.24 7.40
C GLY B 374 41.31 22.76 6.01
N VAL B 375 42.57 23.19 5.79
CA VAL B 375 42.94 23.73 4.49
C VAL B 375 42.94 22.64 3.42
N LEU B 376 43.23 21.40 3.82
CA LEU B 376 43.10 20.27 2.89
C LEU B 376 41.65 20.09 2.48
N PHE B 377 40.73 20.20 3.45
CA PHE B 377 39.32 20.08 3.12
C PHE B 377 38.87 21.21 2.19
N PHE B 378 39.34 22.44 2.43
CA PHE B 378 39.06 23.51 1.46
C PHE B 378 39.64 23.21 0.09
N PHE B 379 40.87 22.68 0.03
CA PHE B 379 41.44 22.38 -1.28
C PHE B 379 40.58 21.38 -2.04
N THR B 380 40.14 20.32 -1.35
CA THR B 380 39.27 19.33 -1.99
C THR B 380 37.94 19.95 -2.40
N ASN B 381 37.35 20.78 -1.54
CA ASN B 381 36.03 21.33 -1.83
C ASN B 381 36.07 22.32 -2.98
N ILE B 382 37.09 23.19 -3.03
CA ILE B 382 37.20 24.13 -4.12
C ILE B 382 37.63 23.43 -5.41
N LYS B 383 38.31 22.29 -5.30
CA LYS B 383 38.51 21.46 -6.48
C LYS B 383 37.17 20.93 -6.98
N ASP B 384 36.29 20.51 -6.06
CA ASP B 384 34.94 20.13 -6.46
C ASP B 384 34.16 21.33 -6.98
N LEU B 385 34.28 22.48 -6.32
CA LEU B 385 33.58 23.68 -6.74
C LEU B 385 34.25 24.32 -7.95
N SER B 401 28.14 11.82 1.29
CA SER B 401 26.90 12.36 1.93
C SER B 401 27.29 13.31 3.06
N PHE B 402 28.59 13.53 3.27
CA PHE B 402 29.03 14.35 4.43
C PHE B 402 29.89 15.51 3.95
N GLN B 403 30.05 15.66 2.64
CA GLN B 403 30.91 16.74 2.07
C GLN B 403 30.57 18.09 2.71
N LEU B 404 29.28 18.46 2.74
CA LEU B 404 28.86 19.74 3.28
C LEU B 404 29.26 19.88 4.75
N LEU B 405 29.18 18.78 5.50
CA LEU B 405 29.50 18.85 6.95
C LEU B 405 31.02 18.89 7.15
N TYR B 406 31.79 18.36 6.20
CA TYR B 406 33.26 18.46 6.31
C TYR B 406 33.67 19.88 5.92
N PHE B 407 32.90 20.48 5.02
CA PHE B 407 33.18 21.89 4.58
C PHE B 407 32.85 22.86 5.71
N ILE B 408 31.63 22.81 6.24
CA ILE B 408 31.22 23.71 7.30
C ILE B 408 32.20 23.64 8.47
N TYR B 409 32.67 22.42 8.75
CA TYR B 409 33.64 22.20 9.86
C TYR B 409 34.91 23.00 9.57
N SER B 410 35.39 22.93 8.34
CA SER B 410 36.61 23.62 7.97
C SER B 410 36.42 25.14 7.95
N VAL B 411 35.26 25.62 7.48
CA VAL B 411 34.98 27.04 7.52
C VAL B 411 34.98 27.54 8.97
N LEU B 412 34.37 26.75 9.87
CA LEU B 412 34.32 27.15 11.27
C LEU B 412 35.72 27.19 11.88
N VAL B 413 36.56 26.20 11.58
CA VAL B 413 37.89 26.19 12.18
C VAL B 413 38.74 27.33 11.61
N ILE B 414 38.58 27.67 10.33
CA ILE B 414 39.32 28.79 9.77
C ILE B 414 38.83 30.12 10.35
N VAL B 415 37.52 30.23 10.58
CA VAL B 415 37.00 31.44 11.23
C VAL B 415 37.57 31.56 12.64
N SER B 416 37.65 30.44 13.36
CA SER B 416 38.24 30.46 14.69
C SER B 416 39.71 30.87 14.65
N ALA B 417 40.45 30.35 13.67
CA ALA B 417 41.86 30.72 13.54
C ALA B 417 42.01 32.20 13.20
N ALA B 418 41.13 32.73 12.34
CA ALA B 418 41.17 34.15 12.02
C ALA B 418 40.87 35.01 13.23
N LEU B 419 39.94 34.56 14.08
CA LEU B 419 39.62 35.30 15.33
C LEU B 419 40.81 35.21 16.29
N TYR B 420 41.44 34.04 16.40
CA TYR B 420 42.59 33.84 17.32
C TYR B 420 43.75 34.75 16.88
N LEU B 421 44.02 34.81 15.58
CA LEU B 421 45.09 35.70 15.05
C LEU B 421 44.70 37.16 15.32
N ALA B 422 43.42 37.49 15.15
CA ALA B 422 42.93 38.87 15.38
C ALA B 422 43.10 39.24 16.85
N GLY B 423 43.12 38.26 17.76
CA GLY B 423 43.19 38.56 19.20
C GLY B 423 41.81 38.58 19.83
N ILE B 424 40.79 38.13 19.10
CA ILE B 424 39.42 38.04 19.69
C ILE B 424 39.31 36.74 20.48
N GLU B 425 38.94 36.82 21.77
CA GLU B 425 38.78 35.62 22.63
C GLU B 425 37.62 34.75 22.13
N ALA B 426 36.59 35.37 21.54
CA ALA B 426 35.40 34.63 21.04
C ALA B 426 35.80 33.39 20.26
N TYR B 427 37.07 33.29 19.82
CA TYR B 427 37.49 32.13 18.99
C TYR B 427 37.09 30.82 19.68
N LEU B 428 37.34 30.68 20.98
CA LEU B 428 37.08 29.39 21.66
C LEU B 428 35.71 28.88 21.26
N ALA B 429 34.68 29.71 21.34
CA ALA B 429 33.30 29.31 21.08
C ALA B 429 33.15 28.82 19.64
N VAL B 430 33.57 29.65 18.68
CA VAL B 430 33.53 29.24 17.29
C VAL B 430 34.35 27.96 17.11
N MET B 431 35.56 27.95 17.66
CA MET B 431 36.45 26.76 17.58
C MET B 431 35.76 25.56 18.24
N VAL B 432 35.07 25.79 19.36
CA VAL B 432 34.37 24.67 20.00
C VAL B 432 33.27 24.15 19.11
N PHE B 433 32.50 25.05 18.49
CA PHE B 433 31.43 24.60 17.61
C PHE B 433 32.00 23.71 16.51
N ALA B 434 33.11 24.13 15.91
CA ALA B 434 33.73 23.31 14.86
C ALA B 434 34.01 21.92 15.38
N LEU B 435 34.60 21.82 16.58
CA LEU B 435 34.92 20.51 17.13
C LEU B 435 33.68 19.65 17.24
N VAL B 436 32.56 20.23 17.67
CA VAL B 436 31.32 19.47 17.76
C VAL B 436 30.99 18.86 16.41
N LEU B 437 31.04 19.68 15.35
CA LEU B 437 30.73 19.18 13.98
C LEU B 437 31.70 18.05 13.62
N GLY B 438 32.94 18.15 14.08
CA GLY B 438 33.94 17.10 13.79
C GLY B 438 33.51 15.76 14.37
N TRP B 439 33.00 15.75 15.60
CA TRP B 439 32.50 14.49 16.21
C TRP B 439 31.25 13.97 15.48
N MET B 440 30.35 14.87 15.08
CA MET B 440 29.16 14.44 14.31
C MET B 440 29.61 13.85 12.98
N ASN B 441 30.62 14.45 12.34
CA ASN B 441 31.09 13.99 11.01
C ASN B 441 31.65 12.58 11.10
N ALA B 442 32.18 12.21 12.26
CA ALA B 442 32.84 10.88 12.36
C ALA B 442 31.82 9.77 12.07
N LEU B 443 30.53 10.07 12.18
CA LEU B 443 29.46 9.06 11.95
C LEU B 443 29.51 8.55 10.49
N TYR B 444 29.98 9.36 9.55
CA TYR B 444 30.14 8.86 8.15
C TYR B 444 30.90 7.54 8.19
N PHE B 445 31.95 7.44 9.01
CA PHE B 445 32.73 6.17 9.15
C PHE B 445 31.82 5.07 9.70
N THR B 446 30.81 5.42 10.50
CA THR B 446 29.92 4.40 11.13
C THR B 446 28.72 4.11 10.24
N ARG B 447 28.71 4.62 9.02
CA ARG B 447 27.52 4.45 8.12
C ARG B 447 27.27 2.96 7.86
N GLY B 448 28.32 2.17 7.69
CA GLY B 448 28.17 0.74 7.39
C GLY B 448 27.51 -0.05 8.50
N LEU B 449 27.88 0.19 9.76
CA LEU B 449 27.36 -0.60 10.91
C LEU B 449 25.83 -0.64 10.84
N LYS B 450 25.21 -1.81 11.07
CA LYS B 450 23.76 -1.90 10.92
C LYS B 450 23.04 -1.11 12.00
N LEU B 451 23.60 -1.06 13.21
CA LEU B 451 22.92 -0.43 14.33
C LEU B 451 22.73 1.07 14.10
N THR B 452 23.80 1.78 13.77
CA THR B 452 23.76 3.21 13.56
C THR B 452 23.78 3.61 12.09
N GLY B 453 23.70 2.63 11.19
CA GLY B 453 23.66 2.97 9.75
C GLY B 453 22.54 3.91 9.43
N THR B 454 21.30 3.56 9.82
CA THR B 454 20.15 4.37 9.45
C THR B 454 20.26 5.80 9.96
N TYR B 455 20.98 5.99 11.07
CA TYR B 455 21.24 7.33 11.56
C TYR B 455 22.32 8.03 10.74
N SER B 456 23.35 7.28 10.33
CA SER B 456 24.47 7.96 9.63
C SER B 456 24.13 8.27 8.17
N ILE B 457 23.23 7.51 7.56
CA ILE B 457 22.95 7.66 6.13
C ILE B 457 22.44 9.07 5.81
N MET B 458 21.31 9.44 6.37
CA MET B 458 20.64 10.69 6.00
C MET B 458 20.33 11.59 7.17
N ILE B 459 20.28 11.07 8.39
CA ILE B 459 19.92 11.91 9.54
C ILE B 459 20.98 12.97 9.78
N GLN B 460 22.24 12.57 9.81
CA GLN B 460 23.30 13.44 10.33
C GLN B 460 23.52 14.66 9.43
N LYS B 461 23.19 14.55 8.14
CA LYS B 461 23.40 15.69 7.25
C LYS B 461 22.08 16.43 6.95
N ILE B 462 21.10 15.73 6.38
CA ILE B 462 19.85 16.38 6.03
C ILE B 462 19.11 16.83 7.28
N LEU B 463 19.03 15.94 8.27
CA LEU B 463 18.39 16.29 9.53
C LEU B 463 19.16 17.40 10.24
N PHE B 464 20.49 17.44 10.11
CA PHE B 464 21.21 18.55 10.72
C PHE B 464 20.95 19.87 9.99
N LYS B 465 20.77 19.85 8.68
CA LYS B 465 20.45 21.10 7.99
C LYS B 465 19.06 21.61 8.37
N ASP B 466 18.06 20.72 8.37
CA ASP B 466 16.74 21.12 8.82
C ASP B 466 16.74 21.53 10.29
N LEU B 467 17.57 20.87 11.10
CA LEU B 467 17.70 21.22 12.50
C LEU B 467 18.36 22.58 12.66
N PHE B 468 19.36 22.89 11.83
CA PHE B 468 19.97 24.21 11.86
C PHE B 468 18.95 25.29 11.52
N ARG B 469 18.12 25.03 10.50
CA ARG B 469 17.03 25.95 10.22
C ARG B 469 16.09 26.11 11.42
N PHE B 470 15.73 24.99 12.04
CA PHE B 470 14.80 25.01 13.16
C PHE B 470 15.34 25.79 14.35
N LEU B 471 16.58 25.55 14.76
CA LEU B 471 17.11 26.32 15.89
C LEU B 471 17.50 27.73 15.48
N LEU B 472 17.70 28.00 14.19
CA LEU B 472 17.82 29.39 13.77
C LEU B 472 16.52 30.13 14.02
N VAL B 473 15.40 29.53 13.60
CA VAL B 473 14.09 30.13 13.87
C VAL B 473 13.86 30.23 15.37
N TYR B 474 14.22 29.18 16.12
CA TYR B 474 14.03 29.16 17.56
C TYR B 474 14.85 30.24 18.25
N LEU B 475 16.10 30.41 17.83
CA LEU B 475 16.96 31.42 18.46
C LEU B 475 16.50 32.82 18.13
N LEU B 476 16.07 33.06 16.89
CA LEU B 476 15.54 34.38 16.56
C LEU B 476 14.26 34.68 17.34
N PHE B 477 13.36 33.70 17.44
CA PHE B 477 12.17 33.85 18.26
C PHE B 477 12.54 34.17 19.70
N MET B 478 13.45 33.38 20.28
CA MET B 478 13.78 33.52 21.69
C MET B 478 14.44 34.86 21.96
N ILE B 479 15.34 35.31 21.07
CA ILE B 479 16.02 36.59 21.27
C ILE B 479 15.04 37.75 21.15
N GLY B 480 14.20 37.76 20.11
CA GLY B 480 13.23 38.82 19.97
C GLY B 480 12.24 38.87 21.12
N TYR B 481 11.79 37.69 21.56
CA TYR B 481 10.86 37.62 22.68
C TYR B 481 11.52 38.04 23.99
N ALA B 482 12.81 37.73 24.17
CA ALA B 482 13.53 38.19 25.35
C ALA B 482 13.62 39.71 25.36
N SER B 483 13.88 40.32 24.20
CA SER B 483 13.87 41.77 24.12
C SER B 483 12.49 42.33 24.45
N ALA B 484 11.44 41.69 23.93
CA ALA B 484 10.08 42.14 24.21
C ALA B 484 9.78 42.09 25.70
N LEU B 485 10.21 41.02 26.38
CA LEU B 485 9.95 40.90 27.81
C LEU B 485 10.77 41.91 28.60
N VAL B 486 12.07 42.03 28.32
CA VAL B 486 12.88 42.97 29.09
C VAL B 486 12.46 44.40 28.84
N SER B 487 11.70 44.67 27.78
CA SER B 487 11.06 45.98 27.65
C SER B 487 10.09 46.24 28.80
N LEU B 488 9.55 45.18 29.39
CA LEU B 488 8.58 45.29 30.48
C LEU B 488 9.21 45.28 31.87
N LEU B 489 10.51 45.02 31.97
CA LEU B 489 11.12 44.82 33.28
C LEU B 489 11.22 46.13 34.05
N ASN B 490 11.32 46.03 35.38
CA ASN B 490 11.42 47.25 36.23
C ASN B 490 12.83 47.84 36.07
N PRO B 491 12.98 49.06 35.50
CA PRO B 491 14.29 49.70 35.39
C PRO B 491 14.83 50.19 36.73
N CYS B 492 16.14 50.09 36.95
CA CYS B 492 16.76 50.59 38.21
C CYS B 492 18.28 50.60 38.05
N PRO B 511 17.35 41.34 41.64
CA PRO B 511 16.84 40.22 40.84
C PRO B 511 17.16 40.39 39.36
N SER B 512 16.13 40.62 38.54
CA SER B 512 16.28 40.82 37.11
C SER B 512 15.97 42.26 36.70
N CYS B 513 16.44 43.22 37.48
CA CYS B 513 16.19 44.66 37.19
C CYS B 513 16.89 45.08 35.88
N ARG B 514 16.29 46.02 35.13
CA ARG B 514 16.86 46.46 33.83
C ARG B 514 18.22 47.15 34.03
N ASP B 515 19.19 46.87 33.16
CA ASP B 515 20.53 47.51 33.23
C ASP B 515 21.27 47.23 31.90
N SER B 516 22.59 47.06 31.95
CA SER B 516 23.37 46.79 30.75
C SER B 516 23.41 45.29 30.43
N GLU B 517 23.60 44.45 31.45
CA GLU B 517 23.73 43.02 31.27
C GLU B 517 22.41 42.28 31.47
N THR B 518 21.28 42.99 31.38
CA THR B 518 19.99 42.35 31.62
C THR B 518 19.68 41.28 30.58
N PHE B 519 20.03 41.53 29.32
CA PHE B 519 19.57 40.67 28.23
C PHE B 519 20.12 39.26 28.37
N SER B 520 21.42 39.13 28.67
CA SER B 520 22.03 37.80 28.70
C SER B 520 21.49 36.96 29.85
N THR B 521 21.46 37.53 31.07
CA THR B 521 20.93 36.80 32.22
C THR B 521 19.46 36.48 32.03
N PHE B 522 18.72 37.40 31.41
CA PHE B 522 17.31 37.17 31.14
C PHE B 522 17.12 36.03 30.15
N LEU B 523 18.00 35.96 29.14
CA LEU B 523 17.97 34.86 28.18
C LEU B 523 18.25 33.54 28.89
N LEU B 524 19.23 33.54 29.80
CA LEU B 524 19.50 32.34 30.60
C LEU B 524 18.26 31.91 31.39
N ASP B 525 17.61 32.87 32.06
CA ASP B 525 16.42 32.53 32.84
C ASP B 525 15.30 32.01 31.95
N LEU B 526 15.10 32.66 30.81
CA LEU B 526 14.06 32.21 29.89
C LEU B 526 14.31 30.79 29.42
N PHE B 527 15.56 30.48 29.06
CA PHE B 527 15.88 29.12 28.66
C PHE B 527 15.65 28.14 29.79
N LYS B 528 15.99 28.55 31.02
CA LYS B 528 15.79 27.66 32.17
C LYS B 528 14.31 27.34 32.39
N LEU B 529 13.45 28.35 32.27
CA LEU B 529 12.00 28.08 32.37
C LEU B 529 11.50 27.23 31.20
N THR B 530 12.06 27.43 30.00
CA THR B 530 11.66 26.57 28.88
C THR B 530 12.03 25.11 29.14
N ILE B 531 13.22 24.86 29.68
CA ILE B 531 13.62 23.49 29.98
C ILE B 531 12.80 22.93 31.13
N GLY B 532 12.69 23.69 32.22
CA GLY B 532 11.97 23.24 33.39
C GLY B 532 12.71 23.55 34.67
N MET B 533 13.99 23.92 34.55
CA MET B 533 14.81 24.29 35.69
C MET B 533 14.75 25.78 35.99
N GLY B 534 13.71 26.46 35.52
CA GLY B 534 13.60 27.88 35.80
C GLY B 534 12.86 28.14 37.10
N ASP B 535 13.01 29.36 37.61
CA ASP B 535 12.34 29.79 38.82
C ASP B 535 11.54 31.04 38.51
N LEU B 536 10.40 31.21 39.17
CA LEU B 536 9.53 32.36 38.94
C LEU B 536 9.96 33.53 39.84
N GLU B 537 11.27 33.78 39.80
CA GLU B 537 11.81 35.02 40.35
C GLU B 537 11.71 36.17 39.36
N MET B 538 11.45 35.83 38.10
CA MET B 538 11.23 36.84 37.06
C MET B 538 10.00 37.69 37.36
N LEU B 539 8.93 37.04 37.83
CA LEU B 539 7.66 37.73 38.05
C LEU B 539 7.72 38.75 39.18
N SER B 540 8.67 38.60 40.11
CA SER B 540 8.79 39.54 41.22
C SER B 540 9.27 40.92 40.78
N SER B 541 10.12 40.99 39.75
CA SER B 541 10.66 42.28 39.34
C SER B 541 9.64 43.10 38.56
N THR B 542 8.86 42.45 37.70
CA THR B 542 8.05 43.17 36.71
C THR B 542 7.01 44.07 37.39
N LYS B 543 6.74 45.21 36.74
CA LYS B 543 5.73 46.13 37.26
C LYS B 543 4.32 45.61 37.02
N TYR B 544 4.08 44.95 35.89
CA TYR B 544 2.75 44.50 35.52
C TYR B 544 2.71 42.98 35.45
N PRO B 545 2.36 42.31 36.55
CA PRO B 545 2.40 40.83 36.56
C PRO B 545 1.48 40.18 35.54
N VAL B 546 0.30 40.75 35.28
CA VAL B 546 -0.71 40.04 34.49
C VAL B 546 -0.27 39.90 33.05
N VAL B 547 0.20 40.97 32.43
CA VAL B 547 0.64 40.92 31.03
C VAL B 547 1.88 40.06 30.91
N PHE B 548 2.75 40.10 31.92
CA PHE B 548 3.96 39.28 31.91
C PHE B 548 3.60 37.80 31.95
N ILE B 549 2.63 37.43 32.80
CA ILE B 549 2.17 36.05 32.85
C ILE B 549 1.55 35.63 31.53
N ILE B 550 0.73 36.50 30.94
CA ILE B 550 0.09 36.18 29.66
C ILE B 550 1.14 35.94 28.59
N LEU B 551 2.13 36.82 28.51
CA LEU B 551 3.17 36.66 27.50
C LEU B 551 3.97 35.38 27.72
N LEU B 552 4.32 35.08 28.97
CA LEU B 552 5.08 33.85 29.22
C LEU B 552 4.27 32.61 28.89
N VAL B 553 2.99 32.57 29.23
CA VAL B 553 2.22 31.36 28.91
C VAL B 553 2.11 31.20 27.40
N THR B 554 1.89 32.30 26.68
CA THR B 554 1.87 32.22 25.22
C THR B 554 3.21 31.75 24.68
N TYR B 555 4.31 32.21 25.29
CA TYR B 555 5.63 31.81 24.83
C TYR B 555 5.86 30.32 25.03
N ILE B 556 5.41 29.77 26.16
CA ILE B 556 5.49 28.32 26.35
C ILE B 556 4.66 27.60 25.30
N ILE B 557 3.47 28.12 24.98
CA ILE B 557 2.66 27.50 23.94
C ILE B 557 3.41 27.45 22.61
N LEU B 558 3.98 28.59 22.20
CA LEU B 558 4.67 28.63 20.91
C LEU B 558 5.95 27.79 20.91
N THR B 559 6.70 27.78 22.01
CA THR B 559 7.90 26.94 22.07
C THR B 559 7.53 25.46 22.00
N PHE B 560 6.45 25.08 22.70
CA PHE B 560 5.98 23.70 22.63
C PHE B 560 5.54 23.35 21.22
N VAL B 561 4.89 24.29 20.52
CA VAL B 561 4.48 24.07 19.14
C VAL B 561 5.69 23.90 18.25
N LEU B 562 6.72 24.72 18.43
CA LEU B 562 7.95 24.60 17.63
C LEU B 562 8.59 23.23 17.84
N LEU B 563 8.73 22.82 19.10
CA LEU B 563 9.36 21.53 19.38
C LEU B 563 8.50 20.39 18.86
N LEU B 564 7.18 20.51 18.97
CA LEU B 564 6.28 19.47 18.48
C LEU B 564 6.37 19.33 16.97
N ASN B 565 6.46 20.46 16.27
CA ASN B 565 6.59 20.42 14.78
C ASN B 565 7.96 19.86 14.40
N MET B 566 8.99 20.19 15.17
CA MET B 566 10.31 19.61 14.93
C MET B 566 10.27 18.10 15.08
N LEU B 567 9.64 17.61 16.15
CA LEU B 567 9.54 16.16 16.35
C LEU B 567 8.65 15.50 15.31
N ILE B 568 7.61 16.21 14.87
CA ILE B 568 6.74 15.68 13.82
C ILE B 568 7.51 15.49 12.53
N ALA B 569 8.30 16.50 12.13
CA ALA B 569 9.12 16.37 10.94
C ALA B 569 10.15 15.27 11.13
N LEU B 570 10.76 15.20 12.32
CA LEU B 570 11.73 14.15 12.61
C LEU B 570 11.13 12.77 12.39
N MET B 571 9.98 12.50 13.00
CA MET B 571 9.37 11.18 12.86
C MET B 571 8.89 10.94 11.44
N GLY B 572 8.40 11.98 10.76
CA GLY B 572 7.92 11.80 9.40
C GLY B 572 9.02 11.40 8.44
N GLU B 573 10.15 12.09 8.48
CA GLU B 573 11.23 11.74 7.56
C GLU B 573 12.16 10.69 8.17
N THR B 574 11.84 10.21 9.37
CA THR B 574 12.40 8.96 9.85
C THR B 574 11.63 7.76 9.28
N VAL B 575 10.30 7.79 9.40
CA VAL B 575 9.48 6.73 8.83
C VAL B 575 9.43 6.83 7.32
N GLY B 576 9.95 7.91 6.74
CA GLY B 576 10.15 7.94 5.30
C GLY B 576 11.04 6.79 4.84
N GLN B 577 12.06 6.47 5.63
CA GLN B 577 12.79 5.22 5.45
C GLN B 577 11.88 4.06 5.84
N VAL B 578 11.74 3.09 4.93
CA VAL B 578 10.81 1.99 5.10
C VAL B 578 11.57 0.67 5.07
N SER B 579 10.83 -0.43 5.19
CA SER B 579 11.44 -1.75 5.22
C SER B 579 12.19 -2.04 3.93
N LYS B 580 11.58 -1.72 2.78
CA LYS B 580 12.27 -1.88 1.51
C LYS B 580 13.51 -1.01 1.45
N GLU B 581 13.38 0.25 1.88
CA GLU B 581 14.55 1.13 1.95
C GLU B 581 15.63 0.50 2.81
N SER B 582 15.38 0.35 4.10
CA SER B 582 16.41 -0.13 5.03
C SER B 582 16.98 -1.47 4.60
N LYS B 583 16.21 -2.26 3.86
CA LYS B 583 16.73 -3.53 3.36
C LYS B 583 17.60 -3.36 2.12
N HIS B 584 17.43 -2.27 1.37
CA HIS B 584 18.22 -2.07 0.15
C HIS B 584 19.34 -1.04 0.29
N ILE B 585 19.32 -0.20 1.32
CA ILE B 585 20.26 0.94 1.37
C ILE B 585 21.70 0.46 1.50
N TRP B 586 21.93 -0.64 2.22
CA TRP B 586 23.28 -1.04 2.62
C TRP B 586 24.23 -1.24 1.44
N LYS B 587 23.74 -1.87 0.37
CA LYS B 587 24.55 -2.06 -0.83
C LYS B 587 24.98 -0.71 -1.40
N LEU B 588 24.01 0.20 -1.53
CA LEU B 588 24.31 1.53 -2.06
C LEU B 588 25.30 2.26 -1.17
N GLN B 589 25.16 2.12 0.15
CA GLN B 589 26.04 2.89 1.07
C GLN B 589 27.45 2.33 1.02
N TRP B 590 27.58 1.01 0.94
CA TRP B 590 28.91 0.43 0.80
C TRP B 590 29.55 0.83 -0.52
N ALA B 591 28.76 0.89 -1.60
CA ALA B 591 29.28 1.38 -2.87
C ALA B 591 29.72 2.82 -2.76
N THR B 592 28.98 3.63 -2.01
CA THR B 592 29.39 5.05 -1.81
C THR B 592 30.71 5.07 -1.04
N THR B 593 30.81 4.27 0.01
CA THR B 593 32.04 4.24 0.84
C THR B 593 33.23 3.89 -0.05
N ILE B 594 33.10 2.85 -0.87
CA ILE B 594 34.23 2.39 -1.67
C ILE B 594 34.57 3.42 -2.76
N LEU B 595 33.58 4.07 -3.33
CA LEU B 595 33.94 5.00 -4.44
C LEU B 595 34.61 6.25 -3.86
N ASP B 596 34.12 6.75 -2.73
CA ASP B 596 34.75 7.92 -2.07
C ASP B 596 36.21 7.57 -1.78
N ILE B 597 36.45 6.41 -1.17
CA ILE B 597 37.82 6.00 -0.80
C ILE B 597 38.64 5.92 -2.08
N GLU B 598 38.01 5.46 -3.16
CA GLU B 598 38.79 5.30 -4.40
C GLU B 598 39.00 6.65 -5.09
N ARG B 599 38.07 7.59 -4.91
CA ARG B 599 38.25 8.93 -5.44
C ARG B 599 39.22 9.75 -4.61
N SER B 600 39.37 9.41 -3.33
CA SER B 600 40.32 10.15 -2.49
C SER B 600 41.75 9.97 -2.97
N PHE B 601 42.02 8.91 -3.72
CA PHE B 601 43.38 8.61 -4.15
C PHE B 601 43.79 9.53 -5.31
N PRO B 602 45.09 9.78 -5.46
CA PRO B 602 45.56 10.49 -6.65
C PRO B 602 45.43 9.62 -7.90
N VAL B 603 45.39 10.27 -9.06
CA VAL B 603 45.13 9.55 -10.34
C VAL B 603 46.18 8.45 -10.58
N PHE B 604 47.44 8.70 -10.27
CA PHE B 604 48.43 7.62 -10.42
C PHE B 604 48.14 6.48 -9.45
N LEU B 605 47.72 6.81 -8.23
CA LEU B 605 47.33 5.77 -7.28
C LEU B 605 46.02 5.11 -7.72
N ARG B 606 45.15 5.87 -8.39
CA ARG B 606 43.93 5.31 -8.95
C ARG B 606 44.26 4.25 -9.99
N LYS B 607 45.22 4.55 -10.86
CA LYS B 607 45.60 3.59 -11.93
C LYS B 607 46.40 2.43 -11.32
N ALA B 608 47.12 2.67 -10.23
CA ALA B 608 47.92 1.61 -9.63
C ALA B 608 47.05 0.46 -9.14
N PHE B 609 45.89 0.77 -8.55
CA PHE B 609 44.97 -0.23 -8.03
C PHE B 609 43.82 -0.50 -9.00
N ARG B 610 44.10 -0.49 -10.30
CA ARG B 610 43.07 -0.79 -11.29
C ARG B 610 42.57 -2.22 -11.14
N SER B 611 41.32 -2.43 -11.52
CA SER B 611 40.69 -3.74 -11.48
C SER B 611 40.63 -4.32 -12.89
N GLY B 612 40.99 -5.60 -13.01
CA GLY B 612 41.07 -6.26 -14.29
C GLY B 612 42.47 -6.17 -14.88
N GLU B 613 42.64 -6.85 -16.01
CA GLU B 613 43.92 -6.91 -16.69
C GLU B 613 43.73 -6.70 -18.18
N MET B 614 44.78 -6.20 -18.84
CA MET B 614 44.74 -6.07 -20.29
C MET B 614 44.69 -7.45 -20.94
N VAL B 615 43.83 -7.59 -21.95
CA VAL B 615 43.69 -8.83 -22.70
C VAL B 615 43.46 -8.48 -24.17
N THR B 616 44.05 -9.27 -25.05
CA THR B 616 43.89 -9.08 -26.49
C THR B 616 42.55 -9.68 -26.89
N VAL B 617 41.51 -8.84 -26.85
CA VAL B 617 40.16 -9.32 -27.14
C VAL B 617 40.01 -9.70 -28.61
N GLY B 618 40.67 -8.98 -29.50
CA GLY B 618 40.58 -9.30 -30.91
C GLY B 618 40.99 -8.13 -31.78
N LYS B 619 40.92 -8.36 -33.09
CA LYS B 619 41.35 -7.37 -34.06
C LYS B 619 40.28 -6.28 -34.22
N SER B 620 40.73 -5.03 -34.34
CA SER B 620 39.83 -3.91 -34.51
C SER B 620 39.49 -3.72 -36.00
N SER B 621 38.75 -2.65 -36.28
CA SER B 621 38.39 -2.36 -37.67
C SER B 621 39.62 -2.06 -38.51
N ASP B 622 40.58 -1.31 -37.95
CA ASP B 622 41.80 -0.98 -38.67
C ASP B 622 42.77 -2.16 -38.75
N GLY B 623 42.50 -3.26 -38.04
CA GLY B 623 43.34 -4.43 -38.04
C GLY B 623 44.24 -4.56 -36.85
N THR B 624 44.41 -3.50 -36.06
CA THR B 624 45.25 -3.60 -34.87
C THR B 624 44.50 -4.31 -33.75
N PRO B 625 45.20 -5.05 -32.90
CA PRO B 625 44.55 -5.68 -31.75
C PRO B 625 44.06 -4.63 -30.76
N ASP B 626 42.96 -4.96 -30.08
CA ASP B 626 42.35 -4.06 -29.10
C ASP B 626 42.79 -4.51 -27.71
N ARG B 627 43.61 -3.69 -27.06
CA ARG B 627 44.02 -3.93 -25.68
C ARG B 627 43.02 -3.26 -24.75
N ARG B 628 42.12 -4.05 -24.17
CA ARG B 628 41.05 -3.54 -23.33
C ARG B 628 41.23 -4.06 -21.92
N TRP B 629 41.09 -3.17 -20.93
CA TRP B 629 41.03 -3.61 -19.55
C TRP B 629 39.72 -4.35 -19.31
N CYS B 630 39.82 -5.64 -18.99
CA CYS B 630 38.65 -6.49 -18.88
C CYS B 630 38.63 -7.16 -17.51
N PHE B 631 37.42 -7.40 -17.01
CA PHE B 631 37.19 -8.02 -15.71
C PHE B 631 36.60 -9.40 -15.93
N ARG B 632 37.21 -10.41 -15.32
CA ARG B 632 36.80 -11.80 -15.52
C ARG B 632 35.69 -12.16 -14.54
N VAL B 633 34.56 -12.61 -15.05
CA VAL B 633 33.44 -13.06 -14.24
C VAL B 633 33.10 -14.48 -14.65
N ASP B 634 33.00 -15.37 -13.68
CA ASP B 634 32.72 -16.78 -13.94
C ASP B 634 31.25 -17.08 -13.67
N GLU B 635 30.60 -17.77 -14.60
CA GLU B 635 29.16 -18.00 -14.49
C GLU B 635 28.83 -19.38 -15.03
N VAL B 636 27.55 -19.72 -14.97
CA VAL B 636 27.04 -21.01 -15.42
C VAL B 636 25.82 -20.78 -16.30
N ASN B 637 25.63 -21.63 -17.30
CA ASN B 637 24.41 -21.68 -18.09
C ASN B 637 23.99 -23.13 -18.24
N TRP B 638 22.80 -23.45 -17.75
CA TRP B 638 22.29 -24.82 -17.80
C TRP B 638 21.33 -25.04 -18.96
N SER B 639 21.11 -24.04 -19.80
CA SER B 639 20.19 -24.17 -20.93
C SER B 639 20.93 -24.07 -22.26
N ASN C 3 59.03 -32.19 -32.24
CA ASN C 3 58.95 -31.52 -30.94
C ASN C 3 57.49 -31.28 -30.55
N ARG C 4 57.30 -30.76 -29.34
CA ARG C 4 55.95 -30.44 -28.87
C ARG C 4 55.27 -29.38 -29.72
N PRO C 5 55.86 -28.19 -29.97
CA PRO C 5 55.08 -27.14 -30.66
C PRO C 5 54.63 -27.53 -32.05
N ILE C 6 55.49 -28.21 -32.82
CA ILE C 6 55.12 -28.57 -34.19
C ILE C 6 53.99 -29.58 -34.19
N LEU C 7 54.08 -30.60 -33.32
CA LEU C 7 53.02 -31.60 -33.25
C LEU C 7 51.70 -30.99 -32.80
N PHE C 8 51.76 -30.13 -31.78
CA PHE C 8 50.54 -29.48 -31.29
C PHE C 8 49.91 -28.59 -32.37
N ASP C 9 50.74 -27.85 -33.11
CA ASP C 9 50.21 -27.01 -34.18
C ASP C 9 49.59 -27.84 -35.30
N ILE C 10 50.25 -28.95 -35.66
CA ILE C 10 49.72 -29.81 -36.72
C ILE C 10 48.38 -30.41 -36.29
N VAL C 11 48.28 -30.84 -35.03
CA VAL C 11 47.02 -31.37 -34.53
C VAL C 11 45.95 -30.29 -34.51
N SER C 12 46.31 -29.08 -34.09
CA SER C 12 45.34 -28.00 -34.03
C SER C 12 44.80 -27.65 -35.42
N ARG C 13 45.68 -27.59 -36.42
CA ARG C 13 45.23 -27.23 -37.76
C ARG C 13 44.47 -28.38 -38.42
N GLY C 14 44.59 -29.59 -37.89
CA GLY C 14 43.88 -30.73 -38.41
C GLY C 14 44.49 -31.39 -39.61
N SER C 15 45.69 -30.99 -40.03
CA SER C 15 46.33 -31.59 -41.18
C SER C 15 46.79 -33.01 -40.86
N THR C 16 46.46 -33.95 -41.74
CA THR C 16 46.80 -35.35 -41.51
C THR C 16 48.06 -35.78 -42.24
N ALA C 17 48.41 -35.10 -43.34
CA ALA C 17 49.59 -35.50 -44.11
C ALA C 17 50.86 -35.33 -43.29
N ASP C 18 50.98 -34.21 -42.55
CA ASP C 18 52.16 -34.00 -41.73
C ASP C 18 52.26 -35.03 -40.62
N LEU C 19 51.13 -35.41 -40.03
CA LEU C 19 51.14 -36.44 -39.00
C LEU C 19 51.54 -37.80 -39.58
N ASP C 20 51.04 -38.13 -40.77
CA ASP C 20 51.44 -39.38 -41.41
C ASP C 20 52.93 -39.36 -41.76
N GLY C 21 53.48 -38.19 -42.08
CA GLY C 21 54.90 -38.10 -42.34
C GLY C 21 55.74 -38.18 -41.07
N LEU C 22 55.16 -37.74 -39.94
CA LEU C 22 55.87 -37.85 -38.66
C LEU C 22 55.78 -39.27 -38.09
N LEU C 23 54.79 -40.04 -38.51
CA LEU C 23 54.66 -41.42 -38.02
C LEU C 23 55.92 -42.26 -38.22
N PRO C 24 56.58 -42.28 -39.38
CA PRO C 24 57.84 -43.04 -39.48
C PRO C 24 58.88 -42.57 -38.51
N PHE C 25 58.96 -41.28 -38.21
CA PHE C 25 59.88 -40.80 -37.19
C PHE C 25 59.53 -41.39 -35.83
N LEU C 26 58.24 -41.45 -35.50
CA LEU C 26 57.82 -42.01 -34.22
C LEU C 26 58.20 -43.49 -34.13
N LEU C 27 57.99 -44.25 -35.21
CA LEU C 27 58.27 -45.68 -35.14
C LEU C 27 59.78 -45.95 -35.15
N THR C 28 60.56 -45.12 -35.87
CA THR C 28 61.99 -45.34 -35.94
C THR C 28 62.69 -44.94 -34.64
N HIS C 29 62.25 -43.86 -34.01
CA HIS C 29 62.86 -43.39 -32.78
C HIS C 29 62.42 -44.18 -31.56
N LYS C 30 61.54 -45.17 -31.78
CA LYS C 30 61.01 -45.99 -30.66
C LYS C 30 60.46 -45.04 -29.60
N LYS C 31 60.09 -43.84 -30.02
CA LYS C 31 59.50 -42.85 -29.07
C LYS C 31 57.98 -42.99 -29.13
N ARG C 32 57.36 -43.38 -28.02
CA ARG C 32 55.88 -43.52 -27.96
C ARG C 32 55.29 -42.12 -27.79
N LEU C 33 54.01 -41.95 -28.12
CA LEU C 33 53.36 -40.62 -27.95
C LEU C 33 53.48 -40.25 -26.46
N THR C 34 53.40 -41.25 -25.58
CA THR C 34 53.47 -41.01 -24.10
C THR C 34 54.88 -40.60 -23.66
N ASP C 35 55.88 -40.70 -24.54
CA ASP C 35 57.28 -40.29 -24.20
C ASP C 35 57.29 -38.91 -23.51
N GLU C 36 58.17 -38.73 -22.51
CA GLU C 36 58.26 -37.49 -21.76
C GLU C 36 58.55 -36.29 -22.65
N GLU C 37 59.25 -36.50 -23.77
CA GLU C 37 59.52 -35.40 -24.68
C GLU C 37 58.25 -34.87 -25.31
N PHE C 38 57.24 -35.73 -25.49
CA PHE C 38 56.00 -35.30 -26.21
C PHE C 38 54.93 -34.82 -25.22
N ARG C 39 55.01 -35.21 -23.95
CA ARG C 39 54.06 -34.72 -22.97
C ARG C 39 54.39 -33.28 -22.58
N GLU C 40 53.36 -32.46 -22.43
CA GLU C 40 53.54 -31.08 -22.01
C GLU C 40 54.10 -31.05 -20.59
N PRO C 41 55.13 -30.25 -20.32
CA PRO C 41 55.78 -30.30 -19.00
C PRO C 41 54.90 -29.82 -17.87
N SER C 42 54.32 -28.63 -18.03
CA SER C 42 53.58 -28.01 -16.93
C SER C 42 52.34 -28.82 -16.54
N THR C 43 51.62 -29.35 -17.53
CA THR C 43 50.33 -29.99 -17.29
C THR C 43 50.34 -31.50 -17.46
N GLY C 44 51.43 -32.08 -17.94
CA GLY C 44 51.42 -33.50 -18.27
C GLY C 44 50.53 -33.85 -19.43
N LYS C 45 50.15 -32.86 -20.24
CA LYS C 45 49.16 -33.07 -21.28
C LYS C 45 49.75 -33.87 -22.43
N THR C 46 48.92 -34.76 -23.01
CA THR C 46 49.32 -35.61 -24.10
C THR C 46 48.70 -35.08 -25.40
N CYS C 47 49.08 -35.68 -26.53
CA CYS C 47 48.58 -35.23 -27.83
C CYS C 47 47.07 -35.45 -27.94
N LEU C 48 46.59 -36.59 -27.45
CA LEU C 48 45.18 -36.94 -27.67
C LEU C 48 44.21 -35.96 -27.01
N PRO C 49 44.38 -35.56 -25.75
CA PRO C 49 43.46 -34.54 -25.20
C PRO C 49 43.51 -33.23 -25.98
N LYS C 50 44.69 -32.84 -26.48
CA LYS C 50 44.75 -31.66 -27.33
C LYS C 50 43.93 -31.84 -28.59
N ALA C 51 44.01 -33.02 -29.21
CA ALA C 51 43.20 -33.29 -30.39
C ALA C 51 41.72 -33.22 -30.08
N LEU C 52 41.31 -33.72 -28.91
CA LEU C 52 39.91 -33.63 -28.52
C LEU C 52 39.46 -32.19 -28.31
N LEU C 53 40.30 -31.34 -27.72
CA LEU C 53 39.84 -30.00 -27.34
C LEU C 53 39.46 -29.17 -28.57
N ASN C 54 40.34 -29.07 -29.54
CA ASN C 54 40.13 -28.20 -30.70
C ASN C 54 39.59 -29.03 -31.86
N LEU C 55 38.28 -28.97 -32.05
CA LEU C 55 37.60 -29.71 -33.11
C LEU C 55 36.71 -28.76 -33.90
N SER C 56 36.60 -29.03 -35.20
CA SER C 56 35.80 -28.21 -36.11
C SER C 56 34.68 -29.04 -36.68
N ASN C 57 33.47 -28.46 -36.70
CA ASN C 57 32.26 -29.10 -37.21
C ASN C 57 31.92 -30.39 -36.46
N GLY C 58 32.53 -30.61 -35.30
CA GLY C 58 32.24 -31.77 -34.47
C GLY C 58 33.04 -32.99 -34.79
N ARG C 59 33.73 -33.04 -35.94
CA ARG C 59 34.44 -34.24 -36.36
C ARG C 59 35.71 -33.85 -37.09
N ASN C 60 36.82 -34.51 -36.74
CA ASN C 60 38.08 -34.39 -37.47
C ASN C 60 38.79 -35.73 -37.39
N ASP C 61 39.64 -36.02 -38.39
CA ASP C 61 40.30 -37.32 -38.49
C ASP C 61 41.51 -37.41 -37.57
N THR C 62 41.88 -36.32 -36.91
CA THR C 62 43.09 -36.31 -36.10
C THR C 62 43.05 -37.35 -34.99
N ILE C 63 41.94 -37.44 -34.26
CA ILE C 63 41.85 -38.43 -33.18
C ILE C 63 41.92 -39.86 -33.69
N PRO C 64 41.17 -40.26 -34.72
CA PRO C 64 41.37 -41.62 -35.24
C PRO C 64 42.77 -41.89 -35.75
N VAL C 65 43.44 -40.90 -36.36
CA VAL C 65 44.80 -41.16 -36.82
C VAL C 65 45.75 -41.34 -35.63
N LEU C 66 45.58 -40.53 -34.57
CA LEU C 66 46.38 -40.74 -33.37
C LEU C 66 46.12 -42.10 -32.75
N LEU C 67 44.86 -42.54 -32.72
CA LEU C 67 44.56 -43.85 -32.14
C LEU C 67 45.19 -44.96 -32.96
N ASP C 68 45.13 -44.86 -34.29
CA ASP C 68 45.79 -45.86 -35.13
C ASP C 68 47.29 -45.85 -34.92
N ILE C 69 47.89 -44.67 -34.81
CA ILE C 69 49.33 -44.57 -34.57
C ILE C 69 49.69 -45.23 -33.24
N ALA C 70 48.87 -44.99 -32.21
CA ALA C 70 49.18 -45.53 -30.87
C ALA C 70 48.99 -47.05 -30.82
N GLU C 71 47.98 -47.57 -31.52
CA GLU C 71 47.80 -49.02 -31.54
C GLU C 71 48.89 -49.69 -32.38
N ARG C 72 49.40 -48.99 -33.39
CA ARG C 72 50.52 -49.52 -34.17
C ARG C 72 51.81 -49.55 -33.34
N THR C 73 52.07 -48.48 -32.59
CA THR C 73 53.25 -48.49 -31.68
C THR C 73 52.95 -49.40 -30.49
N GLY C 74 51.69 -49.80 -30.30
CA GLY C 74 51.34 -50.75 -29.22
C GLY C 74 51.27 -50.13 -27.84
N ASN C 75 51.29 -48.79 -27.76
CA ASN C 75 51.27 -48.10 -26.45
C ASN C 75 49.89 -47.45 -26.23
N MET C 76 48.85 -47.98 -26.88
CA MET C 76 47.51 -47.34 -26.80
C MET C 76 46.98 -47.33 -25.37
N ARG C 77 47.15 -48.41 -24.60
CA ARG C 77 46.51 -48.43 -23.25
C ARG C 77 47.05 -47.30 -22.37
N GLU C 78 48.37 -47.11 -22.33
CA GLU C 78 48.95 -45.96 -21.56
C GLU C 78 48.55 -44.63 -22.21
N PHE C 79 48.57 -44.58 -23.54
CA PHE C 79 48.28 -43.31 -24.27
C PHE C 79 46.87 -42.83 -23.96
N ILE C 80 45.92 -43.75 -23.81
CA ILE C 80 44.53 -43.34 -23.60
C ILE C 80 44.31 -42.86 -22.17
N ASN C 81 44.93 -43.54 -21.20
CA ASN C 81 44.73 -43.23 -19.79
C ASN C 81 45.80 -42.28 -19.25
N SER C 82 46.36 -41.44 -20.11
CA SER C 82 47.38 -40.50 -19.65
C SER C 82 46.72 -39.39 -18.84
N PRO C 83 47.04 -39.25 -17.56
CA PRO C 83 46.37 -38.24 -16.74
C PRO C 83 47.16 -36.94 -16.66
N PHE C 84 46.40 -35.84 -16.65
CA PHE C 84 46.98 -34.53 -16.38
C PHE C 84 47.57 -34.53 -14.97
N ARG C 85 48.71 -33.85 -14.80
CA ARG C 85 49.42 -33.92 -13.53
C ARG C 85 49.52 -32.60 -12.77
N ASP C 86 49.19 -31.47 -13.39
CA ASP C 86 49.27 -30.22 -12.65
C ASP C 86 48.13 -30.12 -11.63
N ILE C 87 48.31 -29.25 -10.65
CA ILE C 87 47.32 -29.12 -9.58
C ILE C 87 45.99 -28.61 -10.12
N TYR C 88 46.04 -27.74 -11.12
CA TYR C 88 44.81 -27.19 -11.70
C TYR C 88 43.97 -28.29 -12.34
N TYR C 89 44.59 -29.21 -13.06
CA TYR C 89 43.90 -30.32 -13.70
C TYR C 89 44.61 -31.61 -13.29
N ARG C 90 44.10 -32.29 -12.27
CA ARG C 90 44.72 -33.50 -11.77
C ARG C 90 43.84 -34.70 -12.06
N GLY C 91 44.41 -35.70 -12.72
CA GLY C 91 43.70 -36.93 -13.01
C GLY C 91 42.78 -36.89 -14.20
N GLN C 92 42.67 -35.77 -14.89
CA GLN C 92 41.82 -35.69 -16.06
C GLN C 92 42.34 -36.61 -17.15
N THR C 93 41.42 -37.31 -17.81
CA THR C 93 41.76 -38.29 -18.84
C THR C 93 41.10 -37.86 -20.15
N ALA C 94 41.61 -38.40 -21.25
CA ALA C 94 41.06 -38.07 -22.56
C ALA C 94 39.56 -38.37 -22.65
N LEU C 95 39.09 -39.38 -21.91
CA LEU C 95 37.66 -39.69 -21.91
C LEU C 95 36.85 -38.55 -21.28
N HIS C 96 37.39 -37.91 -20.24
CA HIS C 96 36.70 -36.79 -19.63
C HIS C 96 36.52 -35.66 -20.63
N ILE C 97 37.56 -35.36 -21.42
CA ILE C 97 37.47 -34.30 -22.40
C ILE C 97 36.54 -34.69 -23.54
N ALA C 98 36.56 -35.97 -23.93
CA ALA C 98 35.67 -36.43 -24.99
C ALA C 98 34.21 -36.30 -24.57
N ILE C 99 33.88 -36.67 -23.34
CA ILE C 99 32.53 -36.48 -22.84
C ILE C 99 32.22 -35.00 -22.67
N GLU C 100 33.25 -34.21 -22.34
CA GLU C 100 33.06 -32.79 -22.08
C GLU C 100 32.58 -32.03 -23.31
N ARG C 101 33.16 -32.34 -24.47
CA ARG C 101 32.91 -31.58 -25.69
C ARG C 101 31.62 -31.99 -26.39
N ARG C 102 30.75 -32.74 -25.71
CA ARG C 102 29.43 -33.12 -26.22
C ARG C 102 29.51 -33.91 -27.51
N CYS C 103 30.62 -34.62 -27.75
CA CYS C 103 30.80 -35.43 -28.96
C CYS C 103 30.64 -36.89 -28.59
N LYS C 104 29.59 -37.52 -29.11
CA LYS C 104 29.31 -38.91 -28.76
C LYS C 104 30.22 -39.89 -29.50
N HIS C 105 30.53 -39.58 -30.77
CA HIS C 105 31.30 -40.52 -31.59
C HIS C 105 32.73 -40.69 -31.09
N TYR C 106 33.39 -39.60 -30.70
CA TYR C 106 34.67 -39.75 -30.01
C TYR C 106 34.54 -40.50 -28.70
N VAL C 107 33.47 -40.28 -27.95
CA VAL C 107 33.30 -40.99 -26.68
C VAL C 107 33.24 -42.49 -26.92
N GLU C 108 32.43 -42.93 -27.88
CA GLU C 108 32.30 -44.36 -28.12
C GLU C 108 33.57 -44.92 -28.74
N LEU C 109 34.27 -44.13 -29.56
CA LEU C 109 35.55 -44.60 -30.10
C LEU C 109 36.56 -44.84 -28.98
N LEU C 110 36.69 -43.89 -28.05
CA LEU C 110 37.61 -44.06 -26.93
C LEU C 110 37.21 -45.24 -26.07
N VAL C 111 35.92 -45.40 -25.77
CA VAL C 111 35.47 -46.52 -24.94
C VAL C 111 35.79 -47.84 -25.63
N ALA C 112 35.57 -47.92 -26.94
CA ALA C 112 35.87 -49.15 -27.68
C ALA C 112 37.37 -49.43 -27.67
N GLN C 113 38.20 -48.40 -27.82
CA GLN C 113 39.64 -48.60 -27.84
C GLN C 113 40.18 -49.07 -26.49
N GLY C 114 39.45 -48.85 -25.40
CA GLY C 114 39.88 -49.34 -24.11
C GLY C 114 40.09 -48.26 -23.07
N ALA C 115 39.37 -47.15 -23.23
CA ALA C 115 39.51 -46.05 -22.27
C ALA C 115 39.00 -46.46 -20.90
N ASP C 116 39.72 -46.03 -19.87
CA ASP C 116 39.28 -46.28 -18.50
C ASP C 116 38.00 -45.51 -18.22
N VAL C 117 36.98 -46.21 -17.71
CA VAL C 117 35.67 -45.62 -17.51
C VAL C 117 35.46 -45.16 -16.07
N HIS C 118 36.30 -45.61 -15.14
CA HIS C 118 36.19 -45.22 -13.74
C HIS C 118 37.29 -44.26 -13.32
N ALA C 119 37.91 -43.56 -14.27
CA ALA C 119 38.97 -42.62 -13.94
C ALA C 119 38.42 -41.43 -13.17
N GLN C 120 39.16 -41.01 -12.15
CA GLN C 120 38.73 -39.94 -11.26
C GLN C 120 39.62 -38.72 -11.46
N ALA C 121 39.00 -37.58 -11.73
CA ALA C 121 39.70 -36.31 -11.92
C ALA C 121 39.44 -35.45 -10.69
N ARG C 122 40.44 -35.33 -9.83
CA ARG C 122 40.30 -34.63 -8.56
C ARG C 122 41.16 -33.37 -8.50
N GLY C 123 41.33 -32.69 -9.63
CA GLY C 123 42.08 -31.46 -9.64
C GLY C 123 41.36 -30.34 -8.91
N ARG C 124 42.11 -29.26 -8.66
CA ARG C 124 41.51 -28.11 -7.98
C ARG C 124 40.41 -27.49 -8.82
N PHE C 125 40.49 -27.61 -10.13
CA PHE C 125 39.41 -27.13 -10.99
C PHE C 125 38.12 -27.89 -10.75
N PHE C 126 38.23 -29.18 -10.44
CA PHE C 126 37.07 -30.06 -10.30
C PHE C 126 36.56 -30.17 -8.87
N GLN C 127 37.23 -29.50 -7.93
CA GLN C 127 36.82 -29.57 -6.51
C GLN C 127 35.53 -28.76 -6.36
N PRO C 128 34.75 -28.89 -5.28
CA PRO C 128 33.49 -28.18 -5.17
C PRO C 128 33.78 -26.69 -5.21
N LYS C 129 32.81 -25.86 -5.63
CA LYS C 129 33.08 -24.42 -5.80
C LYS C 129 33.57 -23.83 -4.48
N ASP C 130 32.98 -24.25 -3.36
CA ASP C 130 33.38 -23.74 -2.03
C ASP C 130 34.85 -24.07 -1.74
N GLU C 131 35.30 -25.27 -2.09
CA GLU C 131 36.70 -25.69 -1.81
C GLU C 131 37.62 -25.21 -2.94
N GLY C 132 37.65 -23.91 -3.21
CA GLY C 132 38.57 -23.35 -4.22
C GLY C 132 38.44 -24.00 -5.58
N GLY C 133 37.22 -24.25 -6.04
CA GLY C 133 37.06 -25.00 -7.31
C GLY C 133 36.24 -24.28 -8.34
N TYR C 134 35.86 -24.98 -9.41
CA TYR C 134 35.06 -24.41 -10.48
C TYR C 134 33.86 -25.26 -10.86
N PHE C 135 34.08 -26.55 -11.17
CA PHE C 135 33.00 -27.44 -11.59
C PHE C 135 33.18 -28.79 -10.90
N TYR C 136 32.31 -29.09 -9.95
CA TYR C 136 32.30 -30.38 -9.28
C TYR C 136 31.26 -31.25 -9.98
N PHE C 137 31.73 -32.02 -10.95
CA PHE C 137 30.86 -32.86 -11.78
C PHE C 137 30.70 -34.27 -11.24
N GLY C 138 31.30 -34.59 -10.11
CA GLY C 138 31.23 -35.93 -9.55
C GLY C 138 32.46 -36.78 -9.76
N GLU C 139 33.54 -36.22 -10.32
CA GLU C 139 34.85 -36.86 -10.32
C GLU C 139 34.85 -38.19 -11.06
N LEU C 140 33.96 -38.36 -12.05
CA LEU C 140 33.87 -39.63 -12.76
C LEU C 140 33.31 -39.39 -14.15
N PRO C 141 33.75 -40.14 -15.16
CA PRO C 141 33.23 -39.93 -16.52
C PRO C 141 31.73 -40.11 -16.62
N LEU C 142 31.17 -41.11 -15.93
CA LEU C 142 29.72 -41.28 -15.92
C LEU C 142 29.05 -40.11 -15.22
N SER C 143 29.63 -39.66 -14.10
CA SER C 143 29.12 -38.47 -13.43
C SER C 143 29.26 -37.24 -14.32
N LEU C 144 30.35 -37.15 -15.09
CA LEU C 144 30.52 -36.04 -16.02
C LEU C 144 29.44 -36.03 -17.09
N ALA C 145 29.15 -37.21 -17.65
CA ALA C 145 28.08 -37.30 -18.65
C ALA C 145 26.73 -36.98 -18.05
N ALA C 146 26.47 -37.42 -16.82
CA ALA C 146 25.19 -37.17 -16.20
C ALA C 146 25.01 -35.70 -15.86
N CYS C 147 26.05 -35.06 -15.33
CA CYS C 147 25.94 -33.69 -14.86
C CYS C 147 25.99 -32.66 -15.96
N THR C 148 26.41 -33.04 -17.17
CA THR C 148 26.42 -32.13 -18.32
C THR C 148 25.24 -32.34 -19.23
N ASN C 149 24.24 -33.12 -18.81
CA ASN C 149 23.01 -33.37 -19.57
C ASN C 149 23.32 -33.98 -20.94
N GLN C 150 23.88 -35.19 -20.89
CA GLN C 150 24.19 -35.96 -22.11
C GLN C 150 23.59 -37.35 -21.94
N PRO C 151 22.28 -37.49 -22.11
CA PRO C 151 21.64 -38.80 -21.88
C PRO C 151 22.20 -39.91 -22.76
N HIS C 152 22.56 -39.60 -24.00
CA HIS C 152 23.10 -40.64 -24.88
C HIS C 152 24.43 -41.17 -24.39
N ILE C 153 25.28 -40.28 -23.86
CA ILE C 153 26.58 -40.73 -23.34
C ILE C 153 26.37 -41.60 -22.10
N VAL C 154 25.42 -41.23 -21.24
CA VAL C 154 25.11 -42.07 -20.08
C VAL C 154 24.62 -43.44 -20.53
N ASN C 155 23.71 -43.47 -21.51
CA ASN C 155 23.17 -44.74 -21.99
C ASN C 155 24.28 -45.61 -22.58
N TYR C 156 25.21 -44.99 -23.32
CA TYR C 156 26.29 -45.76 -23.93
C TYR C 156 27.25 -46.29 -22.87
N LEU C 157 27.67 -45.43 -21.94
CA LEU C 157 28.61 -45.87 -20.91
C LEU C 157 28.02 -46.96 -20.04
N THR C 158 26.74 -46.85 -19.68
CA THR C 158 26.13 -47.84 -18.82
C THR C 158 25.80 -49.13 -19.56
N GLU C 159 25.63 -49.05 -20.89
CA GLU C 159 25.24 -50.21 -21.70
C GLU C 159 26.12 -50.24 -22.95
N ASN C 160 27.26 -50.93 -22.86
CA ASN C 160 28.16 -51.13 -23.99
C ASN C 160 28.92 -52.43 -23.76
N PRO C 161 29.32 -53.11 -24.84
CA PRO C 161 30.00 -54.40 -24.66
C PRO C 161 31.45 -54.27 -24.24
N HIS C 162 32.11 -53.19 -24.65
CA HIS C 162 33.56 -53.06 -24.45
C HIS C 162 33.91 -52.96 -22.97
N LYS C 163 33.25 -52.06 -22.25
CA LYS C 163 33.50 -51.87 -20.83
C LYS C 163 32.27 -51.26 -20.19
N LYS C 164 31.65 -51.97 -19.26
CA LYS C 164 30.42 -51.54 -18.62
C LYS C 164 30.73 -50.64 -17.45
N ALA C 165 30.22 -49.41 -17.50
CA ALA C 165 30.39 -48.48 -16.40
C ALA C 165 29.59 -48.93 -15.18
N ASP C 166 30.27 -49.01 -14.04
CA ASP C 166 29.64 -49.39 -12.78
C ASP C 166 29.02 -48.12 -12.20
N MET C 167 27.70 -48.00 -12.34
CA MET C 167 27.00 -46.80 -11.92
C MET C 167 26.72 -46.76 -10.42
N ARG C 168 27.14 -47.78 -9.69
CA ARG C 168 27.18 -47.75 -8.24
C ARG C 168 28.53 -47.29 -7.71
N ARG C 169 29.42 -46.85 -8.59
CA ARG C 169 30.76 -46.44 -8.19
C ARG C 169 30.70 -45.21 -7.29
N GLN C 170 31.72 -45.06 -6.46
CA GLN C 170 31.81 -43.97 -5.51
C GLN C 170 33.07 -43.14 -5.77
N ASP C 171 33.00 -41.87 -5.38
CA ASP C 171 34.09 -40.94 -5.58
C ASP C 171 35.22 -41.19 -4.58
N SER C 172 36.26 -40.37 -4.66
CA SER C 172 37.18 -40.26 -3.55
C SER C 172 36.49 -39.64 -2.34
N ARG C 173 35.53 -38.76 -2.62
CA ARG C 173 34.73 -38.12 -1.54
C ARG C 173 33.60 -39.07 -1.14
N GLY C 174 33.41 -40.17 -1.87
CA GLY C 174 32.34 -41.10 -1.60
C GLY C 174 31.04 -40.81 -2.30
N ASN C 175 30.96 -39.72 -3.06
CA ASN C 175 29.73 -39.38 -3.77
C ASN C 175 29.46 -40.36 -4.90
N THR C 176 28.20 -40.77 -5.03
CA THR C 176 27.73 -41.55 -6.16
C THR C 176 27.31 -40.58 -7.28
N VAL C 177 26.90 -41.14 -8.42
CA VAL C 177 26.43 -40.29 -9.51
C VAL C 177 25.19 -39.51 -9.07
N LEU C 178 24.33 -40.13 -8.26
CA LEU C 178 23.17 -39.42 -7.72
C LEU C 178 23.62 -38.30 -6.79
N HIS C 179 24.65 -38.53 -5.99
CA HIS C 179 25.19 -37.47 -5.15
C HIS C 179 25.73 -36.32 -5.99
N ALA C 180 26.39 -36.64 -7.11
CA ALA C 180 26.87 -35.60 -8.00
C ALA C 180 25.73 -34.80 -8.60
N LEU C 181 24.65 -35.48 -9.01
CA LEU C 181 23.49 -34.79 -9.54
C LEU C 181 22.88 -33.86 -8.50
N VAL C 182 22.83 -34.31 -7.25
CA VAL C 182 22.35 -33.45 -6.17
C VAL C 182 23.28 -32.24 -6.00
N ALA C 183 24.60 -32.48 -6.08
CA ALA C 183 25.57 -31.40 -5.85
C ALA C 183 25.47 -30.32 -6.91
N ILE C 184 25.33 -30.70 -8.18
CA ILE C 184 25.29 -29.70 -9.23
C ILE C 184 23.94 -29.00 -9.29
N ALA C 185 22.93 -29.54 -8.61
CA ALA C 185 21.58 -29.02 -8.74
C ALA C 185 21.47 -27.63 -8.16
N ASP C 186 20.71 -26.77 -8.86
CA ASP C 186 20.30 -25.47 -8.35
C ASP C 186 18.78 -25.43 -8.26
N ASN C 187 18.24 -24.26 -7.97
CA ASN C 187 16.80 -24.10 -7.85
C ASN C 187 16.15 -23.51 -9.10
N THR C 188 16.91 -23.26 -10.15
CA THR C 188 16.35 -22.72 -11.37
C THR C 188 15.60 -23.82 -12.14
N ARG C 189 14.78 -23.40 -13.11
CA ARG C 189 13.84 -24.31 -13.74
C ARG C 189 14.52 -25.35 -14.61
N GLU C 190 15.43 -24.95 -15.50
CA GLU C 190 16.02 -25.91 -16.42
C GLU C 190 16.96 -26.88 -15.70
N ASN C 191 17.74 -26.37 -14.75
CA ASN C 191 18.65 -27.21 -13.99
C ASN C 191 17.88 -28.27 -13.21
N THR C 192 16.88 -27.83 -12.44
CA THR C 192 16.06 -28.78 -11.69
C THR C 192 15.38 -29.76 -12.63
N LYS C 193 14.90 -29.26 -13.77
CA LYS C 193 14.23 -30.13 -14.74
C LYS C 193 15.13 -31.29 -15.16
N PHE C 194 16.31 -30.98 -15.71
CA PHE C 194 17.10 -32.07 -16.28
C PHE C 194 17.73 -32.91 -15.17
N VAL C 195 18.04 -32.30 -14.03
CA VAL C 195 18.59 -33.07 -12.91
C VAL C 195 17.57 -34.08 -12.42
N THR C 196 16.31 -33.67 -12.25
CA THR C 196 15.29 -34.62 -11.82
C THR C 196 15.07 -35.70 -12.86
N LYS C 197 15.02 -35.32 -14.14
CA LYS C 197 14.79 -36.32 -15.18
C LYS C 197 15.92 -37.35 -15.23
N MET C 198 17.17 -36.88 -15.11
CA MET C 198 18.29 -37.80 -15.18
C MET C 198 18.47 -38.59 -13.87
N TYR C 199 18.06 -38.01 -12.75
CA TYR C 199 18.04 -38.77 -11.50
C TYR C 199 17.06 -39.93 -11.59
N ASP C 200 15.86 -39.67 -12.13
CA ASP C 200 14.91 -40.75 -12.37
C ASP C 200 15.49 -41.78 -13.33
N LEU C 201 16.09 -41.32 -14.41
CA LEU C 201 16.68 -42.23 -15.40
C LEU C 201 17.70 -43.15 -14.75
N LEU C 202 18.62 -42.58 -13.97
CA LEU C 202 19.69 -43.37 -13.38
C LEU C 202 19.16 -44.30 -12.29
N LEU C 203 18.23 -43.83 -11.46
CA LEU C 203 17.68 -44.71 -10.43
C LEU C 203 16.94 -45.89 -11.05
N LEU C 204 16.13 -45.63 -12.09
CA LEU C 204 15.44 -46.71 -12.76
C LEU C 204 16.42 -47.67 -13.41
N LYS C 205 17.48 -47.14 -14.04
CA LYS C 205 18.46 -48.00 -14.68
C LYS C 205 19.17 -48.89 -13.67
N CYS C 206 19.55 -48.32 -12.51
CA CYS C 206 20.22 -49.12 -11.50
C CYS C 206 19.28 -50.17 -10.92
N ALA C 207 17.98 -49.86 -10.84
CA ALA C 207 17.02 -50.87 -10.43
C ALA C 207 16.93 -51.99 -11.45
N ARG C 208 16.92 -51.64 -12.74
CA ARG C 208 16.80 -52.67 -13.78
C ARG C 208 18.03 -53.58 -13.82
N LEU C 209 19.23 -53.00 -13.70
CA LEU C 209 20.45 -53.78 -13.87
C LEU C 209 20.57 -54.85 -12.80
N PHE C 210 20.49 -54.46 -11.52
CA PHE C 210 20.60 -55.39 -10.41
C PHE C 210 19.55 -55.01 -9.38
N PRO C 211 18.41 -55.71 -9.35
CA PRO C 211 17.24 -55.20 -8.62
C PRO C 211 17.43 -55.03 -7.13
N ASP C 212 18.24 -55.88 -6.49
CA ASP C 212 18.25 -55.94 -5.03
C ASP C 212 18.68 -54.61 -4.41
N SER C 213 19.79 -54.05 -4.87
CA SER C 213 20.29 -52.82 -4.29
C SER C 213 19.57 -51.61 -4.85
N ASN C 214 19.32 -50.63 -3.98
CA ASN C 214 18.81 -49.32 -4.35
C ASN C 214 19.99 -48.35 -4.36
N LEU C 215 20.12 -47.57 -5.44
CA LEU C 215 21.25 -46.66 -5.53
C LEU C 215 21.17 -45.56 -4.49
N GLU C 216 19.97 -45.22 -4.03
CA GLU C 216 19.83 -44.26 -2.94
C GLU C 216 20.37 -44.80 -1.62
N ALA C 217 20.44 -46.13 -1.47
CA ALA C 217 20.96 -46.70 -0.23
C ALA C 217 22.45 -46.42 -0.06
N VAL C 218 23.19 -46.30 -1.16
CA VAL C 218 24.61 -45.96 -1.07
C VAL C 218 24.74 -44.58 -0.47
N LEU C 219 25.58 -44.47 0.56
CA LEU C 219 25.68 -43.25 1.35
C LEU C 219 27.07 -42.64 1.21
N ASN C 220 27.10 -41.31 1.26
CA ASN C 220 28.33 -40.55 1.13
C ASN C 220 29.27 -40.85 2.29
N ASN C 221 30.54 -40.51 2.12
CA ASN C 221 31.52 -40.73 3.18
C ASN C 221 31.13 -40.01 4.47
N ASP C 222 30.43 -38.88 4.36
CA ASP C 222 29.89 -38.20 5.52
C ASP C 222 28.71 -38.92 6.13
N GLY C 223 28.19 -39.96 5.47
CA GLY C 223 27.01 -40.66 5.93
C GLY C 223 25.70 -40.13 5.40
N LEU C 224 25.72 -39.33 4.33
CA LEU C 224 24.53 -38.69 3.81
C LEU C 224 24.08 -39.39 2.53
N SER C 225 22.81 -39.79 2.50
CA SER C 225 22.18 -40.29 1.29
C SER C 225 21.88 -39.12 0.37
N PRO C 226 21.60 -39.39 -0.92
CA PRO C 226 21.26 -38.27 -1.82
C PRO C 226 20.11 -37.42 -1.32
N LEU C 227 19.09 -38.05 -0.72
CA LEU C 227 18.03 -37.28 -0.08
C LEU C 227 18.58 -36.50 1.11
N MET C 228 19.41 -37.13 1.93
CA MET C 228 20.02 -36.44 3.06
C MET C 228 20.94 -35.32 2.59
N MET C 229 21.70 -35.57 1.53
CA MET C 229 22.59 -34.54 1.00
C MET C 229 21.80 -33.35 0.46
N ALA C 230 20.69 -33.61 -0.23
CA ALA C 230 19.85 -32.52 -0.70
C ALA C 230 19.25 -31.76 0.47
N ALA C 231 18.85 -32.47 1.54
CA ALA C 231 18.31 -31.80 2.71
C ALA C 231 19.35 -30.90 3.38
N LYS C 232 20.58 -31.40 3.51
CA LYS C 232 21.63 -30.63 4.18
C LYS C 232 22.06 -29.44 3.35
N THR C 233 22.29 -29.64 2.05
CA THR C 233 22.79 -28.57 1.19
C THR C 233 21.72 -27.55 0.84
N GLY C 234 20.44 -27.95 0.81
CA GLY C 234 19.38 -27.01 0.52
C GLY C 234 19.00 -26.91 -0.94
N LYS C 235 18.94 -28.04 -1.64
CA LYS C 235 18.48 -28.07 -3.03
C LYS C 235 17.01 -28.43 -3.02
N ILE C 236 16.15 -27.43 -3.16
CA ILE C 236 14.71 -27.65 -2.99
C ILE C 236 14.16 -28.52 -4.12
N GLY C 237 14.66 -28.35 -5.34
CA GLY C 237 14.06 -29.06 -6.47
C GLY C 237 14.25 -30.56 -6.39
N ILE C 238 15.50 -31.00 -6.26
CA ILE C 238 15.77 -32.43 -6.22
C ILE C 238 15.24 -33.05 -4.93
N PHE C 239 15.28 -32.32 -3.82
CA PHE C 239 14.69 -32.81 -2.58
C PHE C 239 13.18 -33.05 -2.75
N GLN C 240 12.49 -32.06 -3.33
CA GLN C 240 11.06 -32.21 -3.59
C GLN C 240 10.80 -33.40 -4.49
N HIS C 241 11.57 -33.54 -5.57
CA HIS C 241 11.34 -34.64 -6.50
C HIS C 241 11.56 -36.00 -5.85
N ILE C 242 12.61 -36.13 -5.04
CA ILE C 242 12.88 -37.40 -4.37
C ILE C 242 11.79 -37.72 -3.36
N ILE C 243 11.28 -36.69 -2.68
CA ILE C 243 10.27 -36.91 -1.65
C ILE C 243 9.00 -37.50 -2.26
N ARG C 244 8.56 -36.97 -3.40
CA ARG C 244 7.33 -37.42 -4.05
C ARG C 244 7.62 -38.17 -5.35
N ARG C 245 8.65 -39.01 -5.35
CA ARG C 245 8.97 -39.80 -6.53
C ARG C 245 7.94 -40.91 -6.71
N GLU C 246 7.26 -40.90 -7.85
CA GLU C 246 6.27 -41.92 -8.19
C GLU C 246 6.64 -42.53 -9.53
N VAL C 247 6.78 -43.86 -9.56
CA VAL C 247 7.15 -44.59 -10.77
C VAL C 247 5.91 -45.31 -11.27
N THR C 248 5.46 -44.97 -12.48
CA THR C 248 4.28 -45.60 -13.04
C THR C 248 4.56 -47.03 -13.48
N ASP C 249 5.81 -47.35 -13.83
CA ASP C 249 6.16 -48.69 -14.25
C ASP C 249 5.92 -49.69 -13.12
N GLU C 250 5.29 -50.81 -13.45
CA GLU C 250 4.98 -51.83 -12.47
C GLU C 250 6.12 -52.80 -12.22
N ASP C 251 7.08 -52.91 -13.16
CA ASP C 251 8.21 -53.80 -12.96
C ASP C 251 9.09 -53.33 -11.81
N THR C 252 9.33 -52.01 -11.73
CA THR C 252 10.14 -51.42 -10.66
C THR C 252 9.31 -50.31 -10.03
N ARG C 253 8.47 -50.69 -9.06
CA ARG C 253 7.71 -49.73 -8.28
C ARG C 253 8.22 -49.61 -6.86
N HIS C 254 9.22 -50.42 -6.47
CA HIS C 254 9.82 -50.28 -5.15
C HIS C 254 10.50 -48.93 -5.00
N LEU C 255 10.98 -48.35 -6.11
CA LEU C 255 11.67 -47.07 -6.04
C LEU C 255 10.73 -45.94 -5.66
N SER C 256 9.47 -46.01 -6.08
CA SER C 256 8.53 -44.92 -5.85
C SER C 256 8.27 -44.75 -4.36
N ARG C 257 8.04 -43.50 -3.94
CA ARG C 257 7.75 -43.17 -2.56
C ARG C 257 6.34 -42.66 -2.34
N LYS C 258 5.76 -41.96 -3.31
CA LYS C 258 4.41 -41.42 -3.19
C LYS C 258 3.41 -42.34 -3.92
N PHE C 259 3.00 -43.39 -3.22
CA PHE C 259 1.95 -44.24 -3.77
C PHE C 259 0.61 -43.54 -3.66
N LYS C 260 -0.32 -43.89 -4.54
CA LYS C 260 -1.63 -43.26 -4.56
C LYS C 260 -2.69 -44.28 -4.16
N ASP C 261 -3.27 -44.10 -2.97
CA ASP C 261 -4.32 -45.01 -2.53
C ASP C 261 -5.60 -44.81 -3.31
N TRP C 262 -6.01 -43.55 -3.43
CA TRP C 262 -7.23 -43.21 -4.21
C TRP C 262 -7.15 -41.73 -4.58
N ALA C 263 -7.81 -41.35 -5.67
CA ALA C 263 -7.85 -39.95 -6.07
C ALA C 263 -9.08 -39.65 -6.91
N TYR C 264 -10.10 -39.04 -6.29
CA TYR C 264 -11.27 -38.57 -7.01
C TYR C 264 -11.24 -37.07 -7.10
N GLY C 265 -11.19 -36.54 -8.32
CA GLY C 265 -11.13 -35.12 -8.53
C GLY C 265 -9.88 -34.51 -7.94
N PRO C 266 -10.02 -33.31 -7.37
CA PRO C 266 -8.84 -32.61 -6.83
C PRO C 266 -8.13 -33.36 -5.71
N VAL C 267 -8.86 -34.06 -4.83
CA VAL C 267 -8.22 -34.67 -3.68
C VAL C 267 -7.42 -35.90 -4.11
N TYR C 268 -6.18 -35.98 -3.63
CA TYR C 268 -5.33 -37.13 -3.86
C TYR C 268 -4.91 -37.66 -2.49
N SER C 269 -5.26 -38.92 -2.21
CA SER C 269 -4.83 -39.59 -1.00
C SER C 269 -3.57 -40.38 -1.34
N SER C 270 -2.44 -39.96 -0.79
CA SER C 270 -1.15 -40.54 -1.13
C SER C 270 -0.48 -41.09 0.11
N LEU C 271 0.05 -42.30 -0.01
CA LEU C 271 0.92 -42.89 0.99
C LEU C 271 2.34 -42.44 0.67
N TYR C 272 2.88 -41.56 1.51
CA TYR C 272 4.25 -41.10 1.38
C TYR C 272 5.13 -42.02 2.20
N ASP C 273 6.16 -42.60 1.58
CA ASP C 273 7.09 -43.44 2.31
C ASP C 273 7.85 -42.59 3.33
N LEU C 274 7.94 -43.09 4.56
CA LEU C 274 8.58 -42.37 5.64
C LEU C 274 9.98 -42.88 5.94
N SER C 275 10.55 -43.68 5.05
CA SER C 275 11.91 -44.15 5.23
C SER C 275 12.88 -42.96 5.27
N SER C 276 13.77 -42.97 6.26
CA SER C 276 14.75 -41.91 6.48
C SER C 276 14.13 -40.56 6.81
N LEU C 277 12.83 -40.51 7.11
CA LEU C 277 12.25 -39.21 7.56
C LEU C 277 11.99 -39.35 9.06
N ASP C 278 10.98 -40.14 9.44
CA ASP C 278 10.79 -40.44 10.89
C ASP C 278 11.66 -41.67 11.17
N THR C 279 12.99 -41.50 11.22
CA THR C 279 13.91 -42.65 11.38
C THR C 279 13.69 -43.35 12.73
N CYS C 280 13.44 -42.58 13.79
CA CYS C 280 13.28 -43.15 15.17
C CYS C 280 14.63 -43.59 15.75
N GLY C 281 15.74 -43.06 15.22
CA GLY C 281 17.07 -43.33 15.81
C GLY C 281 17.82 -44.47 15.16
N GLU C 282 17.13 -45.31 14.39
CA GLU C 282 17.86 -46.36 13.64
C GLU C 282 18.73 -45.68 12.56
N GLU C 283 18.20 -44.63 11.93
CA GLU C 283 18.93 -43.95 10.82
C GLU C 283 18.88 -42.44 11.05
N ALA C 284 19.76 -41.67 10.40
CA ALA C 284 19.71 -40.19 10.51
C ALA C 284 18.40 -39.70 9.92
N SER C 285 17.82 -38.64 10.50
CA SER C 285 16.47 -38.19 10.05
C SER C 285 16.60 -36.94 9.19
N VAL C 286 15.91 -36.93 8.05
CA VAL C 286 15.89 -35.71 7.20
C VAL C 286 15.29 -34.57 8.03
N LEU C 287 14.40 -34.88 8.99
CA LEU C 287 13.88 -33.82 9.84
C LEU C 287 14.97 -33.20 10.71
N GLU C 288 15.81 -34.04 11.31
CA GLU C 288 16.87 -33.53 12.18
C GLU C 288 17.85 -32.65 11.40
N ILE C 289 18.30 -33.12 10.24
CA ILE C 289 19.23 -32.36 9.43
C ILE C 289 18.57 -31.06 8.96
N LEU C 290 17.29 -31.12 8.61
CA LEU C 290 16.61 -29.95 8.08
C LEU C 290 16.41 -28.88 9.15
N VAL C 291 16.04 -29.27 10.37
CA VAL C 291 15.70 -28.28 11.39
C VAL C 291 16.95 -27.81 12.11
N TYR C 292 17.99 -28.65 12.18
CA TYR C 292 19.17 -28.28 12.95
C TYR C 292 20.30 -27.81 12.05
N ASN C 293 20.75 -28.65 11.12
CA ASN C 293 21.98 -28.40 10.38
C ASN C 293 21.78 -27.39 9.24
N SER C 294 20.79 -27.62 8.38
CA SER C 294 20.58 -26.76 7.22
C SER C 294 20.32 -25.32 7.63
N LYS C 295 21.24 -24.41 7.30
CA LYS C 295 21.08 -23.00 7.62
C LYS C 295 20.52 -22.19 6.47
N ILE C 296 20.25 -22.82 5.32
CA ILE C 296 19.75 -22.08 4.17
C ILE C 296 18.32 -21.64 4.41
N GLU C 297 17.96 -20.47 3.88
CA GLU C 297 16.57 -20.00 3.98
C GLU C 297 15.61 -20.93 3.26
N ASN C 298 16.11 -21.73 2.31
CA ASN C 298 15.26 -22.72 1.64
C ASN C 298 14.64 -23.69 2.63
N ARG C 299 15.24 -23.83 3.82
CA ARG C 299 14.65 -24.65 4.86
C ARG C 299 13.19 -24.28 5.10
N HIS C 300 12.88 -22.98 5.04
CA HIS C 300 11.50 -22.53 5.22
C HIS C 300 10.58 -23.20 4.20
N GLU C 301 11.02 -23.30 2.94
CA GLU C 301 10.29 -24.05 1.94
C GLU C 301 10.51 -25.55 2.08
N MET C 302 11.67 -25.98 2.57
CA MET C 302 11.97 -27.40 2.65
C MET C 302 11.08 -28.08 3.68
N LEU C 303 10.69 -27.35 4.73
CA LEU C 303 9.78 -27.88 5.74
C LEU C 303 8.34 -27.70 5.29
N ALA C 304 8.14 -27.10 4.11
CA ALA C 304 6.81 -26.82 3.59
C ALA C 304 6.26 -27.93 2.73
N VAL C 305 7.05 -28.96 2.42
CA VAL C 305 6.55 -30.10 1.67
C VAL C 305 5.50 -30.81 2.52
N GLU C 306 4.52 -31.43 1.86
CA GLU C 306 3.38 -31.99 2.59
C GLU C 306 3.76 -33.06 3.60
N PRO C 307 4.53 -34.10 3.26
CA PRO C 307 4.78 -35.16 4.25
C PRO C 307 5.46 -34.65 5.51
N ILE C 308 6.43 -33.75 5.37
CA ILE C 308 7.16 -33.26 6.55
C ILE C 308 6.24 -32.41 7.43
N ASN C 309 5.46 -31.53 6.82
CA ASN C 309 4.56 -30.68 7.60
C ASN C 309 3.52 -31.51 8.34
N GLU C 310 2.90 -32.48 7.63
CA GLU C 310 1.90 -33.31 8.27
C GLU C 310 2.52 -34.20 9.34
N LEU C 311 3.76 -34.67 9.13
CA LEU C 311 4.43 -35.47 10.13
C LEU C 311 4.72 -34.66 11.39
N LEU C 312 5.16 -33.42 11.23
CA LEU C 312 5.39 -32.56 12.39
C LEU C 312 4.08 -32.28 13.13
N ARG C 313 3.00 -32.03 12.38
CA ARG C 313 1.70 -31.79 13.02
C ARG C 313 1.24 -33.02 13.79
N ASP C 314 1.42 -34.21 13.22
CA ASP C 314 1.06 -35.44 13.90
C ASP C 314 1.89 -35.64 15.16
N LYS C 315 3.19 -35.34 15.09
CA LYS C 315 4.04 -35.45 16.27
C LYS C 315 3.57 -34.50 17.37
N TRP C 316 3.21 -33.26 16.98
CA TRP C 316 2.70 -32.30 17.96
C TRP C 316 1.41 -32.80 18.60
N ARG C 317 0.51 -33.36 17.78
CA ARG C 317 -0.74 -33.87 18.33
C ARG C 317 -0.51 -35.05 19.28
N LYS C 318 0.42 -35.93 18.95
CA LYS C 318 0.62 -37.13 19.75
C LYS C 318 1.39 -36.83 21.04
N PHE C 319 2.63 -36.33 20.91
CA PHE C 319 3.49 -36.13 22.07
C PHE C 319 4.13 -34.74 22.10
N GLY C 320 3.61 -33.79 21.35
CA GLY C 320 4.20 -32.48 21.32
C GLY C 320 3.60 -31.52 22.33
N ALA C 321 2.29 -31.38 22.32
CA ALA C 321 1.63 -30.41 23.21
C ALA C 321 1.67 -30.89 24.65
N VAL C 322 1.36 -32.17 24.88
CA VAL C 322 1.29 -32.68 26.25
C VAL C 322 2.65 -32.58 26.93
N SER C 323 3.70 -33.06 26.27
CA SER C 323 5.03 -32.99 26.85
C SER C 323 5.54 -31.57 27.00
N PHE C 324 5.20 -30.67 26.07
CA PHE C 324 5.58 -29.27 26.23
C PHE C 324 4.93 -28.66 27.46
N TYR C 325 3.63 -28.93 27.67
CA TYR C 325 2.96 -28.43 28.85
C TYR C 325 3.54 -29.02 30.12
N ILE C 326 3.84 -30.31 30.11
CA ILE C 326 4.47 -30.93 31.29
C ILE C 326 5.81 -30.27 31.58
N ASN C 327 6.62 -30.04 30.53
CA ASN C 327 7.93 -29.42 30.72
C ASN C 327 7.79 -28.02 31.33
N VAL C 328 6.92 -27.19 30.75
CA VAL C 328 6.84 -25.81 31.24
C VAL C 328 6.26 -25.77 32.65
N VAL C 329 5.24 -26.58 32.92
CA VAL C 329 4.64 -26.59 34.26
C VAL C 329 5.64 -27.08 35.29
N SER C 330 6.36 -28.17 34.98
CA SER C 330 7.34 -28.70 35.92
C SER C 330 8.45 -27.70 36.18
N TYR C 331 8.94 -27.03 35.14
CA TYR C 331 10.03 -26.08 35.35
C TYR C 331 9.57 -24.87 36.14
N LEU C 332 8.34 -24.39 35.87
CA LEU C 332 7.81 -23.27 36.64
C LEU C 332 7.64 -23.66 38.11
N CYS C 333 7.12 -24.87 38.37
CA CYS C 333 6.97 -25.32 39.74
C CYS C 333 8.32 -25.46 40.44
N ALA C 334 9.32 -25.97 39.73
CA ALA C 334 10.66 -26.08 40.31
C ALA C 334 11.23 -24.71 40.62
N MET C 335 11.03 -23.74 39.74
CA MET C 335 11.54 -22.40 39.96
C MET C 335 10.84 -21.70 41.12
N VAL C 336 9.53 -21.94 41.27
CA VAL C 336 8.78 -21.38 42.39
C VAL C 336 9.33 -21.94 43.70
N ILE C 337 9.59 -23.25 43.72
CA ILE C 337 10.16 -23.88 44.90
C ILE C 337 11.54 -23.29 45.21
N PHE C 338 12.35 -23.07 44.18
CA PHE C 338 13.66 -22.47 44.39
C PHE C 338 13.56 -21.06 44.95
N THR C 339 12.63 -20.26 44.42
CA THR C 339 12.47 -18.90 44.93
C THR C 339 12.02 -18.91 46.39
N LEU C 340 11.06 -19.77 46.72
CA LEU C 340 10.60 -19.87 48.11
C LEU C 340 11.73 -20.32 49.03
N THR C 341 12.53 -21.28 48.59
CA THR C 341 13.66 -21.74 49.40
C THR C 341 14.68 -20.63 49.61
N ALA C 342 15.00 -19.88 48.54
CA ALA C 342 16.00 -18.82 48.65
C ALA C 342 15.53 -17.71 49.55
N TYR C 343 14.27 -17.26 49.39
CA TYR C 343 13.76 -16.21 50.25
C TYR C 343 13.67 -16.68 51.70
N TYR C 344 13.21 -17.91 51.91
CA TYR C 344 12.99 -18.37 53.30
C TYR C 344 14.23 -19.08 53.86
N GLN C 345 15.42 -18.75 53.34
CA GLN C 345 16.67 -19.33 53.94
C GLN C 345 16.77 -18.78 55.37
N PRO C 346 17.18 -19.57 56.38
CA PRO C 346 17.17 -19.07 57.77
C PRO C 346 18.08 -17.84 57.92
N LEU C 347 17.56 -16.76 58.51
CA LEU C 347 18.33 -15.50 58.65
C LEU C 347 19.51 -15.65 59.63
N GLU C 348 19.32 -16.34 60.76
CA GLU C 348 20.40 -16.38 61.78
C GLU C 348 21.02 -17.78 61.88
N GLY C 349 22.36 -17.86 61.83
CA GLY C 349 23.04 -19.16 61.98
C GLY C 349 24.33 -19.22 61.18
N THR C 350 25.00 -20.37 61.20
CA THR C 350 26.24 -20.55 60.39
C THR C 350 26.06 -21.78 59.49
N PRO C 351 26.63 -21.88 58.25
CA PRO C 351 26.47 -23.11 57.45
C PRO C 351 27.23 -24.31 58.04
N PRO C 352 26.76 -25.57 57.88
CA PRO C 352 25.36 -25.86 57.53
C PRO C 352 24.36 -25.53 58.63
N TYR C 353 23.08 -25.38 58.28
CA TYR C 353 22.08 -24.97 59.24
C TYR C 353 21.21 -26.15 59.67
N PRO C 354 20.96 -26.28 60.96
CA PRO C 354 20.10 -27.37 61.44
C PRO C 354 18.65 -27.17 61.02
N TYR C 355 17.94 -28.29 60.92
CA TYR C 355 16.52 -28.31 60.57
C TYR C 355 15.74 -28.96 61.69
N ARG C 356 14.96 -28.15 62.40
CA ARG C 356 14.22 -28.62 63.58
C ARG C 356 12.72 -28.67 63.35
N THR C 357 12.10 -27.57 62.94
CA THR C 357 10.66 -27.52 62.81
C THR C 357 10.22 -28.07 61.46
N THR C 358 8.90 -28.15 61.27
CA THR C 358 8.35 -28.64 60.01
C THR C 358 8.67 -27.69 58.87
N VAL C 359 8.72 -26.38 59.14
CA VAL C 359 9.08 -25.42 58.10
C VAL C 359 10.50 -25.65 57.64
N ASP C 360 11.40 -25.95 58.58
CA ASP C 360 12.79 -26.26 58.22
C ASP C 360 12.85 -27.52 57.36
N TYR C 361 12.05 -28.52 57.68
CA TYR C 361 12.02 -29.73 56.85
C TYR C 361 11.45 -29.44 55.46
N LEU C 362 10.47 -28.54 55.37
CA LEU C 362 9.97 -28.14 54.05
C LEU C 362 11.05 -27.44 53.25
N ARG C 363 11.83 -26.57 53.90
CA ARG C 363 12.93 -25.91 53.20
C ARG C 363 13.98 -26.92 52.75
N LEU C 364 14.25 -27.94 53.58
CA LEU C 364 15.18 -28.98 53.20
C LEU C 364 14.64 -29.78 52.01
N ALA C 365 13.34 -30.05 51.99
CA ALA C 365 12.73 -30.72 50.85
C ALA C 365 12.87 -29.89 49.59
N GLY C 366 12.66 -28.59 49.69
CA GLY C 366 12.88 -27.71 48.55
C GLY C 366 14.33 -27.74 48.08
N GLU C 367 15.27 -27.75 49.02
CA GLU C 367 16.69 -27.82 48.67
C GLU C 367 17.04 -29.12 47.98
N VAL C 368 16.51 -30.25 48.44
CA VAL C 368 16.81 -31.52 47.77
C VAL C 368 16.11 -31.60 46.42
N ILE C 369 14.94 -30.97 46.27
CA ILE C 369 14.33 -30.87 44.94
C ILE C 369 15.22 -30.07 44.01
N THR C 370 15.79 -28.97 44.50
CA THR C 370 16.74 -28.21 43.71
C THR C 370 17.96 -29.04 43.34
N LEU C 371 18.47 -29.83 44.29
CA LEU C 371 19.61 -30.68 43.98
C LEU C 371 19.25 -31.72 42.93
N PHE C 372 18.04 -32.27 42.99
CA PHE C 372 17.58 -33.18 41.95
C PHE C 372 17.57 -32.51 40.58
N THR C 373 17.01 -31.31 40.50
CA THR C 373 16.98 -30.59 39.23
C THR C 373 18.40 -30.30 38.73
N GLY C 374 19.28 -29.87 39.63
CA GLY C 374 20.64 -29.55 39.24
C GLY C 374 21.41 -30.75 38.72
N VAL C 375 21.32 -31.87 39.44
CA VAL C 375 22.03 -33.07 39.00
C VAL C 375 21.41 -33.61 37.71
N LEU C 376 20.10 -33.47 37.56
CA LEU C 376 19.45 -33.89 36.31
C LEU C 376 20.00 -33.10 35.13
N PHE C 377 20.06 -31.78 35.28
CA PHE C 377 20.61 -30.95 34.19
C PHE C 377 22.08 -31.25 33.95
N PHE C 378 22.84 -31.46 35.03
CA PHE C 378 24.26 -31.77 34.90
C PHE C 378 24.46 -33.03 34.07
N PHE C 379 23.75 -34.11 34.42
CA PHE C 379 23.88 -35.36 33.69
C PHE C 379 23.33 -35.25 32.28
N THR C 380 22.28 -34.46 32.07
CA THR C 380 21.72 -34.30 30.73
C THR C 380 22.72 -33.61 29.80
N ASN C 381 23.34 -32.52 30.26
CA ASN C 381 24.25 -31.80 29.39
C ASN C 381 25.59 -32.51 29.24
N ILE C 382 26.07 -33.16 30.31
CA ILE C 382 27.41 -33.76 30.25
C ILE C 382 27.43 -34.92 29.26
N LYS C 383 26.33 -35.66 29.16
CA LYS C 383 26.25 -36.79 28.24
C LYS C 383 25.70 -36.37 26.88
N PHE C 402 25.33 -30.33 24.82
CA PHE C 402 25.81 -29.51 25.92
C PHE C 402 25.16 -28.13 25.91
N GLN C 403 23.96 -28.03 26.51
CA GLN C 403 23.30 -26.73 26.66
C GLN C 403 24.07 -25.92 27.68
N LEU C 404 24.73 -24.85 27.23
CA LEU C 404 25.67 -24.13 28.08
C LEU C 404 24.95 -23.48 29.26
N LEU C 405 23.79 -22.89 29.02
CA LEU C 405 23.10 -22.15 30.09
C LEU C 405 22.60 -23.09 31.19
N TYR C 406 21.99 -24.21 30.79
CA TYR C 406 21.55 -25.19 31.77
C TYR C 406 22.74 -25.78 32.53
N PHE C 407 23.84 -26.00 31.82
CA PHE C 407 25.04 -26.51 32.48
C PHE C 407 25.56 -25.52 33.53
N ILE C 408 25.59 -24.23 33.18
CA ILE C 408 26.05 -23.22 34.13
C ILE C 408 25.11 -23.16 35.33
N TYR C 409 23.80 -23.19 35.08
CA TYR C 409 22.85 -23.17 36.20
C TYR C 409 23.05 -24.37 37.11
N SER C 410 23.22 -25.56 36.52
CA SER C 410 23.40 -26.76 37.33
C SER C 410 24.70 -26.73 38.13
N VAL C 411 25.80 -26.28 37.51
CA VAL C 411 27.07 -26.25 38.23
C VAL C 411 27.03 -25.21 39.33
N LEU C 412 26.34 -24.09 39.08
CA LEU C 412 26.16 -23.10 40.14
C LEU C 412 25.36 -23.67 41.31
N VAL C 413 24.30 -24.42 41.01
CA VAL C 413 23.55 -25.06 42.09
C VAL C 413 24.43 -26.04 42.87
N ILE C 414 25.23 -26.83 42.16
CA ILE C 414 26.08 -27.82 42.81
C ILE C 414 27.12 -27.14 43.70
N VAL C 415 27.76 -26.08 43.20
CA VAL C 415 28.79 -25.41 44.00
C VAL C 415 28.14 -24.67 45.17
N SER C 416 26.91 -24.17 44.99
CA SER C 416 26.19 -23.56 46.10
C SER C 416 25.93 -24.58 47.20
N ALA C 417 25.49 -25.77 46.82
CA ALA C 417 25.30 -26.84 47.81
C ALA C 417 26.61 -27.24 48.47
N ALA C 418 27.70 -27.30 47.69
CA ALA C 418 29.01 -27.63 48.26
C ALA C 418 29.46 -26.59 49.27
N LEU C 419 29.25 -25.31 48.96
CA LEU C 419 29.59 -24.25 49.91
C LEU C 419 28.72 -24.33 51.15
N TYR C 420 27.43 -24.65 50.97
CA TYR C 420 26.54 -24.80 52.12
C TYR C 420 27.00 -25.92 53.03
N LEU C 421 27.43 -27.05 52.46
CA LEU C 421 27.89 -28.17 53.27
C LEU C 421 29.23 -27.86 53.93
N ALA C 422 30.14 -27.21 53.20
CA ALA C 422 31.48 -26.97 53.70
C ALA C 422 31.54 -25.87 54.75
N GLY C 423 30.47 -25.10 54.94
CA GLY C 423 30.44 -24.04 55.93
C GLY C 423 30.68 -22.65 55.39
N ILE C 424 31.00 -22.51 54.11
CA ILE C 424 31.20 -21.18 53.54
C ILE C 424 29.88 -20.43 53.51
N GLU C 425 29.92 -19.16 53.91
CA GLU C 425 28.72 -18.32 54.00
C GLU C 425 28.38 -17.67 52.66
N ALA C 426 29.20 -17.89 51.64
CA ALA C 426 28.96 -17.35 50.31
C ALA C 426 27.94 -18.16 49.53
N TYR C 427 27.18 -19.02 50.19
CA TYR C 427 26.19 -19.84 49.49
C TYR C 427 25.03 -18.99 48.98
N LEU C 428 24.73 -17.88 49.66
CA LEU C 428 23.62 -17.01 49.28
C LEU C 428 23.84 -16.31 47.95
N ALA C 429 25.08 -16.02 47.57
CA ALA C 429 25.34 -15.32 46.32
C ALA C 429 25.21 -16.23 45.11
N VAL C 430 25.88 -17.38 45.11
CA VAL C 430 25.80 -18.30 43.98
C VAL C 430 24.38 -18.84 43.83
N MET C 431 23.70 -19.09 44.94
CA MET C 431 22.35 -19.63 44.87
C MET C 431 21.38 -18.63 44.25
N VAL C 432 21.46 -17.37 44.65
CA VAL C 432 20.57 -16.36 44.08
C VAL C 432 20.93 -16.08 42.62
N PHE C 433 22.22 -16.12 42.29
CA PHE C 433 22.61 -15.98 40.90
C PHE C 433 22.05 -17.12 40.07
N ALA C 434 22.06 -18.34 40.61
CA ALA C 434 21.45 -19.47 39.92
C ALA C 434 19.94 -19.30 39.81
N LEU C 435 19.31 -18.69 40.81
CA LEU C 435 17.89 -18.39 40.72
C LEU C 435 17.60 -17.49 39.52
N VAL C 436 18.33 -16.39 39.41
CA VAL C 436 18.12 -15.44 38.33
C VAL C 436 18.41 -16.11 36.99
N LEU C 437 19.50 -16.87 36.91
CA LEU C 437 19.85 -17.54 35.67
C LEU C 437 18.79 -18.56 35.26
N GLY C 438 18.27 -19.33 36.22
CA GLY C 438 17.26 -20.32 35.89
C GLY C 438 15.96 -19.69 35.45
N TRP C 439 15.55 -18.60 36.10
CA TRP C 439 14.35 -17.90 35.66
C TRP C 439 14.53 -17.33 34.27
N MET C 440 15.67 -16.71 33.99
CA MET C 440 15.93 -16.15 32.66
C MET C 440 16.03 -17.23 31.60
N ASN C 441 16.52 -18.41 31.97
CA ASN C 441 16.69 -19.52 31.05
C ASN C 441 15.34 -19.96 30.51
N ALA C 442 14.34 -20.06 31.39
CA ALA C 442 13.00 -20.39 30.94
C ALA C 442 12.36 -19.22 30.21
N LEU C 443 12.46 -18.02 30.77
CA LEU C 443 11.67 -16.89 30.27
C LEU C 443 12.39 -16.13 29.15
N TYR C 444 13.69 -15.86 29.33
CA TYR C 444 14.38 -14.98 28.39
C TYR C 444 15.06 -15.74 27.27
N PHE C 445 15.85 -16.77 27.61
CA PHE C 445 16.64 -17.51 26.62
C PHE C 445 15.90 -18.80 26.26
N THR C 446 14.90 -18.65 25.39
CA THR C 446 14.05 -19.81 25.03
C THR C 446 14.72 -20.63 23.92
N ARG C 447 15.01 -21.90 24.20
CA ARG C 447 15.61 -22.79 23.20
C ARG C 447 14.62 -23.11 22.09
N GLY C 448 13.35 -23.37 22.44
CA GLY C 448 12.34 -23.66 21.46
C GLY C 448 11.11 -22.78 21.60
N LEU C 449 9.95 -23.39 21.79
CA LEU C 449 8.73 -22.61 21.96
C LEU C 449 8.73 -21.87 23.28
N LYS C 450 8.21 -20.63 23.24
CA LYS C 450 8.16 -19.77 24.45
C LYS C 450 7.18 -20.36 25.45
N LEU C 451 7.40 -20.11 26.74
CA LEU C 451 6.55 -20.70 27.80
C LEU C 451 5.11 -20.27 27.57
N THR C 452 4.91 -19.02 27.17
CA THR C 452 3.54 -18.51 26.88
C THR C 452 3.45 -18.15 25.39
N GLY C 453 2.42 -18.63 24.69
CA GLY C 453 2.23 -18.25 23.27
C GLY C 453 2.05 -16.76 23.16
N THR C 454 1.29 -16.15 24.08
CA THR C 454 1.19 -14.67 24.11
C THR C 454 2.20 -14.18 25.15
N TYR C 455 3.36 -13.70 24.70
CA TYR C 455 4.44 -13.32 25.66
C TYR C 455 4.80 -11.85 25.45
N SER C 456 4.92 -11.10 26.55
CA SER C 456 5.28 -9.66 26.48
C SER C 456 6.68 -9.48 25.89
N ILE C 457 7.63 -10.34 26.27
CA ILE C 457 9.05 -10.18 25.82
C ILE C 457 9.27 -10.93 24.50
N MET C 458 8.24 -11.58 23.96
CA MET C 458 8.43 -12.41 22.73
C MET C 458 8.86 -11.53 21.55
N ILE C 459 8.26 -10.36 21.40
CA ILE C 459 8.54 -9.50 20.21
C ILE C 459 10.00 -9.02 20.16
N GLN C 460 10.60 -8.67 21.31
CA GLN C 460 11.97 -8.08 21.28
C GLN C 460 13.00 -9.06 20.72
N LYS C 461 14.03 -8.54 20.04
CA LYS C 461 15.12 -9.42 19.55
C LYS C 461 16.42 -8.97 20.24
N ILE C 462 16.32 -8.03 21.19
CA ILE C 462 17.52 -7.49 21.89
C ILE C 462 18.16 -8.62 22.71
N LEU C 463 19.49 -8.66 22.75
CA LEU C 463 20.21 -9.68 23.55
C LEU C 463 21.06 -8.96 24.60
N PHE C 464 21.40 -9.64 25.69
CA PHE C 464 22.26 -9.04 26.75
C PHE C 464 23.62 -8.71 26.16
N LYS C 465 24.20 -9.61 25.36
CA LYS C 465 25.50 -9.35 24.69
C LYS C 465 25.33 -8.19 23.69
N ASP C 466 24.21 -8.17 22.95
CA ASP C 466 23.96 -7.11 21.94
C ASP C 466 23.82 -5.75 22.63
N LEU C 467 23.18 -5.70 23.80
CA LEU C 467 22.95 -4.41 24.51
C LEU C 467 24.24 -3.59 24.57
N PHE C 468 25.39 -4.25 24.73
CA PHE C 468 26.65 -3.51 24.85
C PHE C 468 26.94 -2.66 23.61
N ARG C 469 26.63 -3.18 22.41
CA ARG C 469 26.79 -2.39 21.20
C ARG C 469 25.86 -1.17 21.21
N PHE C 470 24.64 -1.35 21.72
CA PHE C 470 23.70 -0.25 21.86
C PHE C 470 24.24 0.83 22.77
N LEU C 471 24.84 0.42 23.89
CA LEU C 471 25.31 1.39 24.88
C LEU C 471 26.63 2.04 24.48
N LEU C 472 27.44 1.32 23.70
CA LEU C 472 28.78 1.81 23.40
C LEU C 472 28.75 3.06 22.52
N VAL C 473 27.83 3.11 21.56
CA VAL C 473 27.73 4.29 20.71
C VAL C 473 27.30 5.50 21.52
N TYR C 474 26.37 5.30 22.47
CA TYR C 474 26.02 6.37 23.38
C TYR C 474 27.22 6.85 24.18
N LEU C 475 28.00 5.91 24.72
CA LEU C 475 29.15 6.29 25.54
C LEU C 475 30.16 7.08 24.71
N LEU C 476 30.46 6.61 23.50
CA LEU C 476 31.42 7.31 22.65
C LEU C 476 30.92 8.69 22.26
N PHE C 477 29.67 8.81 21.85
CA PHE C 477 29.13 10.10 21.45
C PHE C 477 29.13 11.08 22.62
N MET C 478 28.72 10.61 23.81
CA MET C 478 28.70 11.48 24.98
C MET C 478 30.10 11.91 25.37
N ILE C 479 31.07 11.00 25.35
CA ILE C 479 32.42 11.35 25.77
C ILE C 479 33.04 12.31 24.76
N GLY C 480 32.74 12.14 23.47
CA GLY C 480 33.23 13.09 22.48
C GLY C 480 32.64 14.47 22.67
N TYR C 481 31.32 14.54 22.87
CA TYR C 481 30.68 15.84 23.13
C TYR C 481 31.25 16.49 24.39
N ALA C 482 31.47 15.70 25.44
CA ALA C 482 32.01 16.25 26.67
C ALA C 482 33.44 16.71 26.48
N SER C 483 34.24 15.97 25.71
CA SER C 483 35.60 16.42 25.41
C SER C 483 35.59 17.74 24.66
N ALA C 484 34.59 17.91 23.77
CA ALA C 484 34.44 19.20 23.10
C ALA C 484 34.09 20.30 24.09
N LEU C 485 33.23 19.99 25.07
CA LEU C 485 32.68 21.05 25.90
C LEU C 485 33.61 21.45 27.05
N VAL C 486 34.42 20.52 27.56
CA VAL C 486 35.30 20.87 28.68
C VAL C 486 36.30 21.93 28.26
N SER C 487 36.73 21.90 27.00
CA SER C 487 37.68 22.90 26.51
C SER C 487 37.09 24.30 26.58
N LEU C 488 35.82 24.44 26.20
CA LEU C 488 35.13 25.71 26.39
C LEU C 488 34.95 26.02 27.87
N LEU C 489 34.79 25.00 28.70
CA LEU C 489 34.56 25.23 30.12
C LEU C 489 35.82 25.68 30.84
N ASN C 490 36.99 25.39 30.25
CA ASN C 490 38.25 25.60 30.96
C ASN C 490 38.47 27.00 31.51
N PRO C 491 38.11 28.09 30.82
CA PRO C 491 38.36 29.42 31.41
C PRO C 491 37.78 29.60 32.80
N CYS C 492 36.59 29.07 33.07
CA CYS C 492 35.94 29.16 34.38
C CYS C 492 35.80 30.60 34.85
N SER C 512 43.40 23.59 38.57
CA SER C 512 42.00 23.96 38.68
C SER C 512 41.16 23.29 37.60
N CYS C 513 40.58 24.09 36.71
CA CYS C 513 39.76 23.54 35.63
C CYS C 513 40.60 22.85 34.58
N ARG C 514 41.87 23.24 34.45
CA ARG C 514 42.74 22.66 33.43
C ARG C 514 43.11 21.21 33.72
N ASP C 515 42.96 20.76 34.96
CA ASP C 515 43.33 19.40 35.31
C ASP C 515 42.36 18.41 34.69
N SER C 516 42.87 17.21 34.38
CA SER C 516 42.03 16.15 33.83
C SER C 516 40.98 15.69 34.82
N GLU C 517 41.21 15.93 36.11
CA GLU C 517 40.18 15.64 37.11
C GLU C 517 38.93 16.45 36.86
N THR C 518 39.09 17.72 36.46
CA THR C 518 37.95 18.52 36.05
C THR C 518 37.25 17.94 34.84
N PHE C 519 38.02 17.36 33.91
CA PHE C 519 37.42 16.67 32.76
C PHE C 519 36.55 15.51 33.21
N SER C 520 37.06 14.69 34.14
CA SER C 520 36.26 13.57 34.64
C SER C 520 35.01 14.07 35.37
N THR C 521 35.16 15.14 36.16
CA THR C 521 34.00 15.69 36.85
C THR C 521 32.95 16.21 35.88
N PHE C 522 33.38 16.82 34.77
CA PHE C 522 32.39 17.28 33.80
C PHE C 522 31.76 16.13 33.05
N LEU C 523 32.51 15.05 32.80
CA LEU C 523 31.89 13.86 32.24
C LEU C 523 30.76 13.36 33.14
N LEU C 524 31.05 13.26 34.44
CA LEU C 524 30.02 12.82 35.39
C LEU C 524 28.86 13.80 35.42
N ASP C 525 29.14 15.10 35.43
CA ASP C 525 28.09 16.11 35.51
C ASP C 525 27.23 16.12 34.26
N LEU C 526 27.85 15.93 33.09
CA LEU C 526 27.08 15.90 31.85
C LEU C 526 26.23 14.64 31.74
N PHE C 527 26.75 13.51 32.22
CA PHE C 527 25.91 12.32 32.26
C PHE C 527 24.72 12.52 33.20
N LYS C 528 24.96 13.14 34.36
CA LYS C 528 23.87 13.45 35.28
C LYS C 528 22.86 14.40 34.63
N LEU C 529 23.36 15.39 33.89
CA LEU C 529 22.48 16.36 33.26
C LEU C 529 21.64 15.72 32.16
N THR C 530 22.24 14.82 31.38
CA THR C 530 21.48 14.19 30.30
C THR C 530 20.54 13.13 30.83
N ILE C 531 20.78 12.63 32.05
CA ILE C 531 19.84 11.66 32.63
C ILE C 531 18.79 12.38 33.47
N GLY C 532 19.11 13.56 34.00
CA GLY C 532 18.18 14.30 34.82
C GLY C 532 18.60 15.75 34.97
N MET C 533 17.69 16.55 35.52
CA MET C 533 17.95 17.98 35.68
C MET C 533 19.14 18.21 36.60
N GLY C 534 19.99 19.17 36.24
CA GLY C 534 21.25 19.36 36.93
C GLY C 534 21.60 20.79 37.32
N ASP C 535 20.62 21.69 37.24
CA ASP C 535 20.68 23.11 37.64
C ASP C 535 21.56 23.94 36.71
N LEU C 536 22.28 23.34 35.76
CA LEU C 536 23.13 24.07 34.82
C LEU C 536 24.14 24.96 35.55
N GLU C 537 24.96 24.34 36.41
CA GLU C 537 25.98 25.10 37.11
C GLU C 537 27.14 25.45 36.19
N MET C 538 27.39 24.63 35.17
CA MET C 538 28.54 24.83 34.30
C MET C 538 28.49 26.15 33.54
N LEU C 539 27.30 26.72 33.33
CA LEU C 539 27.23 28.01 32.63
C LEU C 539 27.82 29.13 33.49
N SER C 540 28.04 28.86 34.77
CA SER C 540 28.83 29.79 35.59
C SER C 540 30.26 29.87 35.09
N SER C 541 30.83 28.74 34.69
CA SER C 541 32.22 28.72 34.23
C SER C 541 32.38 29.38 32.87
N THR C 542 31.42 29.19 31.97
CA THR C 542 31.58 29.64 30.59
C THR C 542 31.62 31.15 30.49
N LYS C 543 32.47 31.65 29.60
CA LYS C 543 32.45 33.07 29.25
C LYS C 543 31.20 33.41 28.46
N TYR C 544 30.83 32.56 27.50
CA TYR C 544 29.68 32.80 26.63
C TYR C 544 28.60 31.76 26.90
N PRO C 545 27.50 32.12 27.58
CA PRO C 545 26.48 31.11 27.88
C PRO C 545 25.57 30.79 26.71
N VAL C 546 25.45 31.69 25.73
CA VAL C 546 24.53 31.47 24.62
C VAL C 546 24.98 30.30 23.76
N VAL C 547 26.27 30.26 23.42
CA VAL C 547 26.79 29.15 22.63
C VAL C 547 26.68 27.85 23.41
N PHE C 548 26.85 27.91 24.73
CA PHE C 548 26.68 26.73 25.56
C PHE C 548 25.25 26.23 25.52
N ILE C 549 24.28 27.15 25.56
CA ILE C 549 22.88 26.77 25.46
C ILE C 549 22.59 26.11 24.11
N ILE C 550 23.11 26.70 23.04
CA ILE C 550 22.89 26.15 21.70
C ILE C 550 23.47 24.75 21.61
N LEU C 551 24.69 24.56 22.11
CA LEU C 551 25.31 23.24 22.10
C LEU C 551 24.51 22.24 22.91
N LEU C 552 24.05 22.66 24.11
CA LEU C 552 23.28 21.74 24.95
C LEU C 552 21.99 21.31 24.25
N VAL C 553 21.26 22.26 23.68
CA VAL C 553 19.98 21.92 23.07
C VAL C 553 20.18 21.06 21.83
N THR C 554 21.21 21.36 21.03
CA THR C 554 21.43 20.53 19.85
C THR C 554 21.91 19.14 20.23
N TYR C 555 22.69 19.01 21.31
CA TYR C 555 23.10 17.70 21.77
C TYR C 555 21.90 16.89 22.29
N ILE C 556 21.00 17.55 23.03
CA ILE C 556 19.83 16.85 23.54
C ILE C 556 18.95 16.38 22.39
N ILE C 557 18.72 17.25 21.40
CA ILE C 557 17.85 16.85 20.29
C ILE C 557 18.51 15.77 19.44
N LEU C 558 19.83 15.84 19.25
CA LEU C 558 20.52 14.79 18.51
C LEU C 558 20.45 13.46 19.24
N THR C 559 20.62 13.48 20.57
CA THR C 559 20.47 12.25 21.34
C THR C 559 19.06 11.70 21.25
N PHE C 560 18.05 12.57 21.30
CA PHE C 560 16.67 12.11 21.16
C PHE C 560 16.43 11.47 19.80
N VAL C 561 16.95 12.09 18.74
CA VAL C 561 16.77 11.52 17.41
C VAL C 561 17.50 10.20 17.27
N LEU C 562 18.71 10.09 17.81
CA LEU C 562 19.44 8.83 17.76
C LEU C 562 18.70 7.74 18.53
N LEU C 563 18.15 8.08 19.70
CA LEU C 563 17.34 7.12 20.45
C LEU C 563 16.11 6.70 19.65
N LEU C 564 15.45 7.67 19.02
CA LEU C 564 14.26 7.36 18.24
C LEU C 564 14.60 6.42 17.09
N ASN C 565 15.75 6.63 16.44
CA ASN C 565 16.14 5.75 15.34
C ASN C 565 16.46 4.34 15.85
N MET C 566 17.29 4.25 16.90
CA MET C 566 17.74 2.94 17.35
C MET C 566 16.62 2.19 18.07
N LEU C 567 15.51 2.86 18.35
CA LEU C 567 14.35 2.15 18.87
C LEU C 567 13.25 1.97 17.82
N ILE C 568 13.21 2.79 16.77
CA ILE C 568 12.24 2.57 15.70
C ILE C 568 12.72 1.45 14.81
N ALA C 569 14.01 1.10 14.94
CA ALA C 569 14.54 -0.06 14.19
C ALA C 569 13.72 -1.30 14.61
N LEU C 570 13.64 -1.54 15.92
CA LEU C 570 12.89 -2.72 16.44
C LEU C 570 11.41 -2.58 16.09
N MET C 571 10.85 -1.38 16.25
CA MET C 571 9.40 -1.17 15.96
C MET C 571 9.16 -1.41 14.47
N GLY C 572 10.06 -0.93 13.61
CA GLY C 572 9.93 -1.15 12.16
C GLY C 572 10.01 -2.63 11.82
N GLU C 573 10.92 -3.35 12.48
CA GLU C 573 11.02 -4.82 12.26
C GLU C 573 9.72 -5.47 12.74
N THR C 574 9.18 -5.01 13.87
CA THR C 574 7.93 -5.59 14.44
C THR C 574 6.74 -5.36 13.48
N VAL C 575 6.65 -4.18 12.86
CA VAL C 575 5.45 -3.87 12.02
C VAL C 575 5.75 -4.19 10.55
N GLY C 576 7.03 -4.35 10.20
CA GLY C 576 7.44 -4.64 8.81
C GLY C 576 7.86 -6.07 8.54
N GLN C 577 8.45 -6.77 9.51
CA GLN C 577 9.00 -8.12 9.23
C GLN C 577 8.13 -9.27 9.78
N VAL C 578 6.92 -9.02 10.24
CA VAL C 578 6.07 -10.16 10.68
C VAL C 578 5.20 -10.65 9.52
N SER C 579 5.34 -10.06 8.33
CA SER C 579 4.43 -10.42 7.22
C SER C 579 4.55 -11.92 6.86
N LYS C 580 5.76 -12.44 6.71
CA LYS C 580 5.91 -13.90 6.47
C LYS C 580 6.98 -14.51 7.40
N GLU C 581 7.76 -13.67 8.08
CA GLU C 581 8.87 -14.21 8.89
C GLU C 581 8.38 -14.69 10.26
N SER C 582 7.41 -13.99 10.86
CA SER C 582 7.01 -14.38 12.21
C SER C 582 6.50 -15.81 12.22
N LYS C 583 5.67 -16.18 11.24
CA LYS C 583 5.10 -17.54 11.15
C LYS C 583 6.22 -18.53 10.80
N HIS C 584 7.21 -18.09 10.02
CA HIS C 584 8.35 -18.96 9.69
C HIS C 584 9.17 -19.27 10.93
N ILE C 585 9.53 -18.24 11.71
CA ILE C 585 10.33 -18.49 12.90
C ILE C 585 9.53 -19.27 13.94
N TRP C 586 8.21 -19.04 14.00
CA TRP C 586 7.38 -19.84 14.89
C TRP C 586 7.40 -21.31 14.47
N LYS C 587 7.33 -21.57 13.16
CA LYS C 587 7.39 -22.95 12.69
C LYS C 587 8.72 -23.60 13.03
N LEU C 588 9.82 -22.85 12.87
CA LEU C 588 11.13 -23.38 13.24
C LEU C 588 11.22 -23.69 14.73
N GLN C 589 10.73 -22.78 15.56
CA GLN C 589 10.74 -23.03 17.03
C GLN C 589 9.92 -24.28 17.31
N TRP C 590 8.71 -24.36 16.75
CA TRP C 590 7.82 -25.48 17.03
C TRP C 590 8.44 -26.81 16.60
N ALA C 591 9.08 -26.82 15.43
CA ALA C 591 9.79 -28.01 14.98
C ALA C 591 10.95 -28.35 15.92
N THR C 592 11.68 -27.33 16.38
CA THR C 592 12.79 -27.59 17.29
C THR C 592 12.30 -28.18 18.60
N THR C 593 11.21 -27.65 19.15
CA THR C 593 10.65 -28.20 20.37
C THR C 593 10.20 -29.64 20.16
N ILE C 594 9.53 -29.91 19.03
CA ILE C 594 9.06 -31.25 18.75
C ILE C 594 10.23 -32.23 18.67
N LEU C 595 11.30 -31.84 17.97
CA LEU C 595 12.44 -32.74 17.82
C LEU C 595 13.18 -32.94 19.14
N ASP C 596 13.28 -31.90 19.96
CA ASP C 596 13.92 -32.06 21.27
C ASP C 596 13.12 -33.02 22.14
N ILE C 597 11.80 -32.85 22.19
CA ILE C 597 10.98 -33.77 22.97
C ILE C 597 11.08 -35.19 22.41
N GLU C 598 11.09 -35.31 21.08
CA GLU C 598 11.18 -36.59 20.42
C GLU C 598 12.50 -37.30 20.75
N ARG C 599 13.59 -36.53 20.81
CA ARG C 599 14.89 -37.13 21.13
C ARG C 599 14.98 -37.47 22.61
N SER C 600 14.27 -36.73 23.46
CA SER C 600 14.36 -36.97 24.90
C SER C 600 13.85 -38.36 25.27
N PHE C 601 12.91 -38.89 24.50
CA PHE C 601 12.30 -40.17 24.83
C PHE C 601 13.30 -41.31 24.63
N PRO C 602 13.14 -42.41 25.37
CA PRO C 602 13.95 -43.60 25.11
C PRO C 602 13.57 -44.24 23.79
N VAL C 603 14.41 -45.18 23.35
CA VAL C 603 14.25 -45.78 22.03
C VAL C 603 12.94 -46.55 21.94
N PHE C 604 12.62 -47.34 22.96
CA PHE C 604 11.40 -48.15 22.91
C PHE C 604 10.15 -47.27 22.89
N LEU C 605 10.12 -46.23 23.73
CA LEU C 605 8.99 -45.32 23.73
C LEU C 605 8.95 -44.52 22.43
N ARG C 606 10.13 -44.19 21.89
CA ARG C 606 10.20 -43.51 20.61
C ARG C 606 9.55 -44.33 19.51
N LYS C 607 9.84 -45.64 19.47
CA LYS C 607 9.20 -46.50 18.49
C LYS C 607 7.72 -46.69 18.81
N ALA C 608 7.35 -46.62 20.08
CA ALA C 608 5.95 -46.71 20.46
C ALA C 608 5.14 -45.56 19.90
N PHE C 609 5.69 -44.34 19.92
CA PHE C 609 5.02 -43.18 19.35
C PHE C 609 5.35 -42.95 17.88
N ARG C 610 5.76 -43.99 17.16
CA ARG C 610 6.09 -43.85 15.75
C ARG C 610 4.83 -43.55 14.94
N SER C 611 4.93 -42.53 14.08
CA SER C 611 3.80 -42.16 13.23
C SER C 611 3.71 -43.09 12.03
N GLY C 612 2.55 -43.10 11.39
CA GLY C 612 2.31 -43.92 10.23
C GLY C 612 1.96 -45.35 10.59
N GLU C 613 1.74 -46.15 9.55
CA GLU C 613 1.34 -47.55 9.71
C GLU C 613 2.01 -48.40 8.64
N MET C 614 2.29 -49.66 8.99
CA MET C 614 2.76 -50.61 8.00
C MET C 614 1.72 -50.81 6.91
N VAL C 615 2.15 -50.76 5.66
CA VAL C 615 1.27 -50.89 4.51
C VAL C 615 1.82 -51.98 3.60
N THR C 616 0.95 -52.91 3.21
CA THR C 616 1.27 -53.89 2.17
C THR C 616 1.08 -53.21 0.82
N VAL C 617 2.05 -52.34 0.48
CA VAL C 617 1.90 -51.45 -0.66
C VAL C 617 1.82 -52.23 -1.97
N GLY C 618 2.59 -53.32 -2.08
CA GLY C 618 2.54 -54.10 -3.30
C GLY C 618 3.53 -55.25 -3.28
N LYS C 619 3.43 -56.06 -4.32
CA LYS C 619 4.35 -57.18 -4.47
C LYS C 619 5.74 -56.69 -4.82
N SER C 620 6.73 -57.12 -4.04
CA SER C 620 8.10 -56.73 -4.29
C SER C 620 8.71 -57.60 -5.38
N SER C 621 9.96 -57.27 -5.75
CA SER C 621 10.63 -57.99 -6.82
C SER C 621 10.88 -59.45 -6.46
N ASP C 622 11.25 -59.71 -5.20
CA ASP C 622 11.59 -61.07 -4.80
C ASP C 622 10.37 -61.99 -4.77
N GLY C 623 9.16 -61.42 -4.83
CA GLY C 623 7.94 -62.19 -4.73
C GLY C 623 7.24 -62.09 -3.40
N THR C 624 7.84 -61.41 -2.43
CA THR C 624 7.20 -61.18 -1.14
C THR C 624 6.55 -59.80 -1.12
N PRO C 625 5.51 -59.61 -0.29
CA PRO C 625 4.91 -58.27 -0.17
C PRO C 625 5.90 -57.30 0.45
N ASP C 626 5.77 -56.03 0.09
CA ASP C 626 6.67 -54.98 0.56
C ASP C 626 6.00 -54.24 1.72
N ARG C 627 6.65 -54.26 2.88
CA ARG C 627 6.14 -53.62 4.09
C ARG C 627 7.02 -52.42 4.42
N ARG C 628 6.50 -51.22 4.17
CA ARG C 628 7.24 -49.99 4.42
C ARG C 628 6.33 -49.01 5.15
N TRP C 629 6.87 -48.34 6.16
CA TRP C 629 6.10 -47.33 6.87
C TRP C 629 5.66 -46.22 5.94
N CYS C 630 4.39 -45.84 6.02
CA CYS C 630 3.83 -44.83 5.14
C CYS C 630 2.99 -43.86 5.95
N PHE C 631 2.87 -42.65 5.42
CA PHE C 631 2.06 -41.59 6.03
C PHE C 631 1.02 -41.14 5.02
N ARG C 632 -0.24 -41.09 5.46
CA ARG C 632 -1.31 -40.69 4.55
C ARG C 632 -1.38 -39.17 4.46
N VAL C 633 -1.42 -38.66 3.23
CA VAL C 633 -1.53 -37.22 2.98
C VAL C 633 -2.66 -37.03 1.97
N ASP C 634 -3.65 -36.23 2.33
CA ASP C 634 -4.77 -35.93 1.44
C ASP C 634 -4.56 -34.54 0.86
N GLU C 635 -3.79 -34.49 -0.22
CA GLU C 635 -3.44 -33.21 -0.84
C GLU C 635 -4.56 -32.75 -1.76
N VAL C 636 -4.81 -31.45 -1.76
CA VAL C 636 -5.88 -30.85 -2.55
C VAL C 636 -5.26 -29.91 -3.57
N ASN C 637 -5.60 -30.10 -4.84
CA ASN C 637 -5.13 -29.25 -5.93
C ASN C 637 -6.33 -28.84 -6.77
N TRP C 638 -6.64 -27.55 -6.78
CA TRP C 638 -7.80 -27.02 -7.48
C TRP C 638 -7.43 -26.72 -8.93
N SER C 639 -8.11 -27.39 -9.85
CA SER C 639 -7.85 -27.23 -11.28
C SER C 639 -8.62 -26.05 -11.84
N PHE D 2 -18.55 -57.16 -15.63
CA PHE D 2 -17.75 -58.31 -15.23
C PHE D 2 -16.86 -57.99 -14.05
N ASN D 3 -16.06 -56.92 -14.17
CA ASN D 3 -15.18 -56.50 -13.11
C ASN D 3 -15.16 -54.99 -13.04
N ARG D 4 -14.90 -54.46 -11.84
CA ARG D 4 -14.89 -53.01 -11.64
C ARG D 4 -13.85 -52.29 -12.49
N PRO D 5 -12.57 -52.71 -12.55
CA PRO D 5 -11.61 -51.95 -13.35
C PRO D 5 -11.97 -51.86 -14.83
N ILE D 6 -12.56 -52.91 -15.39
CA ILE D 6 -12.94 -52.87 -16.81
C ILE D 6 -14.28 -52.16 -16.98
N LEU D 7 -15.20 -52.35 -16.03
CA LEU D 7 -16.50 -51.70 -16.15
C LEU D 7 -16.37 -50.19 -16.07
N PHE D 8 -15.56 -49.68 -15.16
CA PHE D 8 -15.32 -48.24 -15.06
C PHE D 8 -14.69 -47.68 -16.32
N ASP D 9 -14.01 -48.51 -17.11
CA ASP D 9 -13.50 -48.13 -18.42
C ASP D 9 -14.59 -48.17 -19.48
N ILE D 10 -15.53 -49.10 -19.37
CA ILE D 10 -16.63 -49.17 -20.33
C ILE D 10 -17.51 -47.93 -20.22
N VAL D 11 -17.85 -47.52 -18.99
CA VAL D 11 -18.71 -46.35 -18.82
C VAL D 11 -17.98 -45.09 -19.21
N SER D 12 -16.68 -45.01 -18.92
CA SER D 12 -15.90 -43.82 -19.29
C SER D 12 -15.82 -43.69 -20.81
N ARG D 13 -15.60 -44.81 -21.50
CA ARG D 13 -15.55 -44.78 -22.96
C ARG D 13 -16.93 -44.71 -23.59
N GLY D 14 -17.99 -44.97 -22.84
CA GLY D 14 -19.33 -44.94 -23.37
C GLY D 14 -19.58 -45.99 -24.42
N SER D 15 -19.07 -47.21 -24.18
CA SER D 15 -19.21 -48.32 -25.13
C SER D 15 -20.42 -49.16 -24.73
N THR D 16 -21.56 -48.86 -25.35
CA THR D 16 -22.76 -49.64 -25.09
C THR D 16 -22.65 -51.05 -25.61
N ALA D 17 -21.82 -51.26 -26.63
CA ALA D 17 -21.66 -52.58 -27.24
C ALA D 17 -20.96 -53.58 -26.31
N ASP D 18 -20.27 -53.11 -25.28
CA ASP D 18 -19.58 -53.98 -24.35
C ASP D 18 -20.42 -54.30 -23.11
N LEU D 19 -21.24 -53.35 -22.66
CA LEU D 19 -22.08 -53.54 -21.48
C LEU D 19 -23.23 -54.51 -21.71
N ASP D 20 -23.28 -55.16 -22.87
CA ASP D 20 -24.40 -56.05 -23.18
C ASP D 20 -24.43 -57.25 -22.23
N GLY D 21 -23.28 -57.84 -21.95
CA GLY D 21 -23.19 -59.03 -21.13
C GLY D 21 -23.18 -58.80 -19.64
N LEU D 22 -23.22 -57.54 -19.19
CA LEU D 22 -23.20 -57.26 -17.75
C LEU D 22 -24.49 -57.74 -17.09
N LEU D 23 -25.63 -57.50 -17.76
CA LEU D 23 -26.91 -57.90 -17.16
C LEU D 23 -27.02 -59.41 -16.97
N PRO D 24 -26.71 -60.26 -17.95
CA PRO D 24 -26.70 -61.70 -17.68
C PRO D 24 -25.71 -62.11 -16.62
N PHE D 25 -24.54 -61.46 -16.54
CA PHE D 25 -23.57 -61.76 -15.51
C PHE D 25 -24.15 -61.48 -14.12
N LEU D 26 -24.84 -60.35 -14.00
CA LEU D 26 -25.45 -59.96 -12.69
C LEU D 26 -26.60 -60.91 -12.35
N LEU D 27 -27.36 -61.34 -13.36
CA LEU D 27 -28.47 -62.25 -13.09
C LEU D 27 -27.98 -63.62 -12.64
N THR D 28 -26.98 -64.15 -13.33
CA THR D 28 -26.45 -65.48 -13.00
C THR D 28 -25.58 -65.50 -11.75
N HIS D 29 -24.97 -64.38 -11.37
CA HIS D 29 -24.16 -64.32 -10.18
C HIS D 29 -24.85 -63.61 -9.01
N LYS D 30 -26.13 -63.26 -9.21
CA LYS D 30 -26.90 -62.55 -8.16
C LYS D 30 -26.06 -61.37 -7.67
N LYS D 31 -25.63 -60.52 -8.59
CA LYS D 31 -24.82 -59.33 -8.21
C LYS D 31 -25.57 -58.07 -8.66
N ARG D 32 -25.47 -56.98 -7.88
CA ARG D 32 -26.14 -55.70 -8.22
C ARG D 32 -25.03 -54.67 -8.46
N LEU D 33 -25.30 -53.62 -9.24
CA LEU D 33 -24.23 -52.65 -9.58
C LEU D 33 -23.76 -51.92 -8.31
N THR D 34 -24.51 -52.03 -7.22
CA THR D 34 -24.20 -51.27 -5.97
C THR D 34 -23.42 -52.13 -4.96
N ASP D 35 -22.89 -53.30 -5.35
CA ASP D 35 -22.06 -54.11 -4.43
C ASP D 35 -20.60 -53.61 -4.45
N GLU D 36 -19.81 -53.85 -3.40
CA GLU D 36 -18.46 -53.29 -3.32
C GLU D 36 -17.56 -53.79 -4.44
N GLU D 37 -17.94 -54.88 -5.11
CA GLU D 37 -17.21 -55.33 -6.28
C GLU D 37 -17.39 -54.41 -7.48
N PHE D 38 -18.27 -53.42 -7.36
CA PHE D 38 -18.52 -52.45 -8.47
C PHE D 38 -18.45 -51.03 -7.93
N ARG D 39 -17.91 -50.85 -6.73
CA ARG D 39 -17.78 -49.54 -6.11
C ARG D 39 -16.32 -49.29 -5.76
N GLU D 40 -15.84 -48.07 -6.02
CA GLU D 40 -14.46 -47.72 -5.57
C GLU D 40 -14.51 -47.73 -4.05
N PRO D 41 -13.62 -48.43 -3.33
CA PRO D 41 -13.76 -48.54 -1.87
C PRO D 41 -13.68 -47.21 -1.09
N SER D 42 -12.71 -46.37 -1.40
CA SER D 42 -12.55 -45.08 -0.68
C SER D 42 -13.66 -44.06 -0.98
N THR D 43 -14.06 -43.94 -2.24
CA THR D 43 -15.04 -42.88 -2.62
C THR D 43 -16.47 -43.41 -2.74
N GLY D 44 -16.70 -44.71 -2.54
CA GLY D 44 -18.05 -45.29 -2.70
C GLY D 44 -18.69 -44.92 -4.03
N LYS D 45 -17.92 -44.36 -4.96
CA LYS D 45 -18.44 -43.95 -6.25
C LYS D 45 -18.90 -45.18 -7.03
N THR D 46 -20.20 -45.24 -7.31
CA THR D 46 -20.75 -46.35 -8.08
C THR D 46 -20.56 -46.07 -9.57
N CYS D 47 -21.21 -46.89 -10.41
CA CYS D 47 -21.04 -46.78 -11.85
C CYS D 47 -21.58 -45.46 -12.38
N LEU D 48 -22.75 -45.05 -11.90
CA LEU D 48 -23.41 -43.84 -12.41
C LEU D 48 -22.60 -42.56 -12.17
N PRO D 49 -22.05 -42.29 -10.99
CA PRO D 49 -21.19 -41.10 -10.84
C PRO D 49 -20.01 -41.10 -11.79
N LYS D 50 -19.39 -42.25 -12.03
CA LYS D 50 -18.33 -42.33 -13.04
C LYS D 50 -18.87 -42.02 -14.43
N ALA D 51 -20.10 -42.44 -14.72
CA ALA D 51 -20.68 -42.18 -16.03
C ALA D 51 -21.05 -40.71 -16.23
N LEU D 52 -21.13 -39.92 -15.16
CA LEU D 52 -21.62 -38.55 -15.24
C LEU D 52 -20.53 -37.51 -15.46
N LEU D 53 -19.26 -37.89 -15.39
CA LEU D 53 -18.17 -36.98 -15.73
C LEU D 53 -17.58 -37.24 -17.11
N ASN D 54 -17.57 -38.49 -17.56
CA ASN D 54 -17.03 -38.82 -18.89
C ASN D 54 -18.13 -38.65 -19.92
N LEU D 55 -18.39 -37.40 -20.26
CA LEU D 55 -19.45 -37.02 -21.18
C LEU D 55 -18.85 -36.50 -22.49
N SER D 56 -19.31 -37.04 -23.60
CA SER D 56 -18.90 -36.60 -24.93
C SER D 56 -20.09 -35.94 -25.62
N ASN D 57 -19.92 -34.70 -26.04
CA ASN D 57 -20.94 -33.86 -26.66
C ASN D 57 -22.15 -33.67 -25.75
N GLY D 58 -21.97 -33.78 -24.44
CA GLY D 58 -23.06 -33.63 -23.51
C GLY D 58 -23.94 -34.84 -23.32
N ARG D 59 -23.62 -35.96 -23.98
CA ARG D 59 -24.42 -37.17 -23.88
C ARG D 59 -23.51 -38.36 -23.61
N ASN D 60 -24.01 -39.30 -22.82
CA ASN D 60 -23.33 -40.57 -22.56
C ASN D 60 -24.36 -41.68 -22.67
N ASP D 61 -24.30 -42.45 -23.75
CA ASP D 61 -25.32 -43.45 -24.04
C ASP D 61 -25.29 -44.64 -23.10
N THR D 62 -24.23 -44.79 -22.29
CA THR D 62 -24.16 -45.94 -21.40
C THR D 62 -25.05 -45.75 -20.17
N ILE D 63 -25.43 -44.51 -19.87
CA ILE D 63 -26.27 -44.25 -18.70
C ILE D 63 -27.66 -44.86 -18.82
N PRO D 64 -28.39 -44.70 -19.94
CA PRO D 64 -29.67 -45.41 -20.05
C PRO D 64 -29.53 -46.92 -19.95
N VAL D 65 -28.44 -47.47 -20.50
CA VAL D 65 -28.22 -48.92 -20.42
C VAL D 65 -28.00 -49.33 -18.97
N LEU D 66 -27.22 -48.55 -18.22
CA LEU D 66 -26.98 -48.84 -16.82
C LEU D 66 -28.27 -48.79 -16.02
N LEU D 67 -29.10 -47.77 -16.29
CA LEU D 67 -30.38 -47.65 -15.59
C LEU D 67 -31.30 -48.82 -15.92
N ASP D 68 -31.33 -49.24 -17.19
CA ASP D 68 -32.16 -50.37 -17.58
C ASP D 68 -31.69 -51.64 -16.89
N ILE D 69 -30.36 -51.83 -16.81
CA ILE D 69 -29.83 -53.02 -16.08
C ILE D 69 -30.20 -52.89 -14.60
N ALA D 70 -30.10 -51.69 -14.04
CA ALA D 70 -30.38 -51.49 -12.59
C ALA D 70 -31.85 -51.81 -12.28
N GLU D 71 -32.77 -51.38 -13.14
CA GLU D 71 -34.21 -51.60 -12.89
C GLU D 71 -34.51 -53.11 -12.92
N ARG D 72 -33.88 -53.85 -13.84
CA ARG D 72 -34.08 -55.32 -13.92
C ARG D 72 -33.56 -55.95 -12.63
N THR D 73 -32.44 -55.44 -12.10
CA THR D 73 -31.86 -55.99 -10.85
C THR D 73 -32.72 -55.57 -9.65
N GLY D 74 -33.51 -54.49 -9.80
CA GLY D 74 -34.41 -54.07 -8.70
C GLY D 74 -33.68 -53.19 -7.71
N ASN D 75 -32.46 -52.76 -8.05
CA ASN D 75 -31.66 -51.91 -7.14
C ASN D 75 -31.66 -50.47 -7.66
N MET D 76 -32.65 -50.10 -8.47
CA MET D 76 -32.65 -48.75 -9.10
C MET D 76 -32.56 -47.67 -8.03
N ARG D 77 -33.32 -47.80 -6.94
CA ARG D 77 -33.32 -46.71 -5.93
C ARG D 77 -31.92 -46.57 -5.33
N GLU D 78 -31.27 -47.68 -4.96
CA GLU D 78 -29.96 -47.61 -4.29
C GLU D 78 -28.87 -47.20 -5.28
N PHE D 79 -28.99 -47.61 -6.54
CA PHE D 79 -28.01 -47.22 -7.59
C PHE D 79 -28.13 -45.72 -7.88
N ILE D 80 -29.37 -45.20 -7.94
CA ILE D 80 -29.56 -43.78 -8.33
C ILE D 80 -29.24 -42.88 -7.13
N ASN D 81 -29.18 -43.44 -5.92
CA ASN D 81 -28.95 -42.57 -4.77
C ASN D 81 -27.72 -42.94 -3.96
N SER D 82 -26.74 -43.60 -4.58
CA SER D 82 -25.58 -44.05 -3.82
C SER D 82 -24.72 -42.85 -3.44
N PRO D 83 -24.48 -42.63 -2.15
CA PRO D 83 -23.69 -41.47 -1.73
C PRO D 83 -22.21 -41.78 -1.59
N PHE D 84 -21.37 -40.78 -1.84
CA PHE D 84 -19.94 -40.93 -1.59
C PHE D 84 -19.71 -41.09 -0.09
N ARG D 85 -18.64 -41.80 0.27
CA ARG D 85 -18.38 -42.05 1.71
C ARG D 85 -17.11 -41.33 2.16
N ASP D 86 -16.35 -40.77 1.21
CA ASP D 86 -15.06 -40.12 1.57
C ASP D 86 -15.35 -38.83 2.35
N ILE D 87 -14.54 -38.51 3.35
CA ILE D 87 -14.81 -37.35 4.18
C ILE D 87 -14.89 -36.08 3.36
N TYR D 88 -14.17 -36.03 2.23
CA TYR D 88 -14.15 -34.84 1.39
C TYR D 88 -15.36 -34.71 0.49
N TYR D 89 -16.15 -35.79 0.31
CA TYR D 89 -17.32 -35.70 -0.56
C TYR D 89 -18.54 -36.42 0.01
N ARG D 90 -18.60 -36.62 1.32
CA ARG D 90 -19.64 -37.45 1.91
C ARG D 90 -21.03 -36.89 1.62
N GLY D 91 -21.93 -37.77 1.20
CA GLY D 91 -23.30 -37.41 0.92
C GLY D 91 -23.59 -37.07 -0.53
N GLN D 92 -22.56 -36.79 -1.32
CA GLN D 92 -22.76 -36.40 -2.71
C GLN D 92 -23.32 -37.57 -3.50
N THR D 93 -24.62 -37.51 -3.81
CA THR D 93 -25.23 -38.53 -4.63
C THR D 93 -24.99 -38.22 -6.10
N ALA D 94 -25.60 -39.00 -6.99
CA ALA D 94 -25.46 -38.77 -8.43
C ALA D 94 -26.25 -37.56 -8.92
N LEU D 95 -27.19 -37.05 -8.13
CA LEU D 95 -27.96 -35.89 -8.54
C LEU D 95 -27.10 -34.63 -8.50
N HIS D 96 -26.26 -34.48 -7.48
CA HIS D 96 -25.43 -33.29 -7.36
C HIS D 96 -24.45 -33.19 -8.53
N ILE D 97 -23.89 -34.33 -8.95
CA ILE D 97 -22.99 -34.34 -10.09
C ILE D 97 -23.67 -33.94 -11.38
N ALA D 98 -24.92 -34.37 -11.59
CA ALA D 98 -25.69 -33.98 -12.76
C ALA D 98 -26.13 -32.53 -12.75
N ILE D 99 -26.18 -31.90 -11.57
CA ILE D 99 -26.52 -30.48 -11.48
C ILE D 99 -25.30 -29.58 -11.61
N GLU D 100 -24.15 -30.00 -11.06
CA GLU D 100 -22.91 -29.25 -11.20
C GLU D 100 -22.40 -29.25 -12.64
N ARG D 101 -22.66 -30.32 -13.37
CA ARG D 101 -22.19 -30.46 -14.75
C ARG D 101 -23.10 -29.76 -15.76
N ARG D 102 -24.19 -29.15 -15.29
CA ARG D 102 -25.11 -28.39 -16.14
C ARG D 102 -25.77 -29.29 -17.19
N CYS D 103 -26.16 -30.50 -16.77
CA CYS D 103 -26.80 -31.47 -17.64
C CYS D 103 -28.27 -31.57 -17.24
N LYS D 104 -29.11 -30.74 -17.87
CA LYS D 104 -30.53 -30.75 -17.54
C LYS D 104 -31.20 -32.04 -17.97
N HIS D 105 -30.79 -32.60 -19.12
CA HIS D 105 -31.39 -33.84 -19.59
C HIS D 105 -31.17 -34.97 -18.60
N TYR D 106 -29.94 -35.13 -18.11
CA TYR D 106 -29.67 -36.16 -17.13
C TYR D 106 -30.31 -35.86 -15.78
N VAL D 107 -30.39 -34.59 -15.39
CA VAL D 107 -31.12 -34.26 -14.17
C VAL D 107 -32.55 -34.73 -14.29
N GLU D 108 -33.18 -34.49 -15.44
CA GLU D 108 -34.52 -35.00 -15.69
C GLU D 108 -34.56 -36.51 -15.61
N LEU D 109 -33.57 -37.18 -16.20
CA LEU D 109 -33.54 -38.64 -16.20
C LEU D 109 -33.52 -39.19 -14.76
N LEU D 110 -32.58 -38.71 -13.95
CA LEU D 110 -32.50 -39.21 -12.56
C LEU D 110 -33.73 -38.83 -11.75
N VAL D 111 -34.25 -37.61 -11.91
CA VAL D 111 -35.41 -37.24 -11.12
C VAL D 111 -36.63 -38.06 -11.52
N ALA D 112 -36.77 -38.39 -12.81
CA ALA D 112 -37.85 -39.27 -13.25
C ALA D 112 -37.68 -40.68 -12.69
N GLN D 113 -36.44 -41.19 -12.70
CA GLN D 113 -36.22 -42.55 -12.23
C GLN D 113 -36.41 -42.68 -10.72
N GLY D 114 -36.36 -41.57 -9.99
CA GLY D 114 -36.60 -41.62 -8.56
C GLY D 114 -35.41 -41.27 -7.70
N ALA D 115 -34.54 -40.40 -8.21
CA ALA D 115 -33.40 -39.95 -7.42
C ALA D 115 -33.87 -39.13 -6.23
N ASP D 116 -33.10 -39.21 -5.14
CA ASP D 116 -33.43 -38.49 -3.92
C ASP D 116 -33.21 -37.00 -4.16
N VAL D 117 -34.31 -36.24 -4.23
CA VAL D 117 -34.23 -34.83 -4.54
C VAL D 117 -33.81 -33.99 -3.33
N HIS D 118 -33.73 -34.60 -2.15
CA HIS D 118 -33.40 -33.90 -0.92
C HIS D 118 -32.20 -34.58 -0.24
N ALA D 119 -31.18 -34.89 -1.04
CA ALA D 119 -29.97 -35.55 -0.56
C ALA D 119 -28.97 -34.49 -0.13
N GLN D 120 -28.56 -34.55 1.15
CA GLN D 120 -27.66 -33.56 1.71
C GLN D 120 -26.22 -33.98 1.51
N ALA D 121 -25.44 -33.11 0.87
CA ALA D 121 -24.01 -33.34 0.67
C ALA D 121 -23.24 -32.79 1.86
N ARG D 122 -22.77 -33.69 2.73
CA ARG D 122 -22.18 -33.31 4.01
C ARG D 122 -20.66 -33.33 3.99
N GLY D 123 -20.06 -33.39 2.81
CA GLY D 123 -18.61 -33.51 2.71
C GLY D 123 -17.87 -32.26 3.17
N ARG D 124 -16.56 -32.40 3.30
CA ARG D 124 -15.74 -31.27 3.74
C ARG D 124 -15.71 -30.16 2.70
N PHE D 125 -15.71 -30.51 1.41
CA PHE D 125 -15.78 -29.50 0.36
C PHE D 125 -17.13 -28.81 0.31
N PHE D 126 -18.15 -29.36 0.96
CA PHE D 126 -19.49 -28.78 0.99
C PHE D 126 -19.73 -28.09 2.33
N GLN D 127 -18.68 -27.48 2.86
CA GLN D 127 -18.67 -26.73 4.10
C GLN D 127 -18.24 -25.28 3.84
N PRO D 128 -18.63 -24.33 4.69
CA PRO D 128 -18.24 -22.94 4.46
C PRO D 128 -16.74 -22.77 4.48
N LYS D 129 -16.26 -21.76 3.75
CA LYS D 129 -14.82 -21.49 3.62
C LYS D 129 -14.18 -21.32 4.99
N ASP D 130 -14.87 -20.68 5.92
CA ASP D 130 -14.32 -20.51 7.27
C ASP D 130 -14.15 -21.84 7.97
N GLU D 131 -15.09 -22.76 7.78
CA GLU D 131 -15.02 -24.09 8.39
C GLU D 131 -14.11 -25.05 7.64
N GLY D 132 -13.38 -24.58 6.65
CA GLY D 132 -12.47 -25.45 5.90
C GLY D 132 -13.12 -26.15 4.74
N GLY D 133 -13.75 -25.38 3.85
CA GLY D 133 -14.39 -25.93 2.68
C GLY D 133 -14.20 -25.01 1.49
N TYR D 134 -14.65 -25.48 0.33
CA TYR D 134 -14.52 -24.74 -0.92
C TYR D 134 -15.84 -24.24 -1.46
N PHE D 135 -16.81 -25.13 -1.64
CA PHE D 135 -18.09 -24.80 -2.25
C PHE D 135 -19.20 -25.12 -1.26
N TYR D 136 -19.68 -24.09 -0.56
CA TYR D 136 -20.88 -24.22 0.27
C TYR D 136 -22.06 -23.70 -0.53
N PHE D 137 -22.94 -24.61 -0.95
CA PHE D 137 -24.08 -24.28 -1.77
C PHE D 137 -25.42 -24.53 -1.10
N GLY D 138 -25.43 -24.91 0.16
CA GLY D 138 -26.65 -25.26 0.85
C GLY D 138 -26.92 -26.74 0.97
N GLU D 139 -26.04 -27.59 0.42
CA GLU D 139 -26.06 -29.03 0.64
C GLU D 139 -27.25 -29.73 -0.01
N LEU D 140 -28.13 -28.99 -0.68
CA LEU D 140 -29.30 -29.60 -1.28
C LEU D 140 -29.23 -29.53 -2.80
N PRO D 141 -29.85 -30.49 -3.50
CA PRO D 141 -29.87 -30.43 -4.96
C PRO D 141 -30.52 -29.19 -5.53
N LEU D 142 -31.59 -28.70 -4.93
CA LEU D 142 -32.18 -27.43 -5.35
C LEU D 142 -31.32 -26.23 -4.99
N SER D 143 -30.71 -26.23 -3.81
CA SER D 143 -29.78 -25.17 -3.43
C SER D 143 -28.54 -25.14 -4.31
N LEU D 144 -28.02 -26.31 -4.71
CA LEU D 144 -26.88 -26.33 -5.62
C LEU D 144 -27.24 -25.71 -6.96
N ALA D 145 -28.42 -26.03 -7.49
CA ALA D 145 -28.85 -25.42 -8.74
C ALA D 145 -29.07 -23.92 -8.59
N ALA D 146 -29.63 -23.49 -7.45
CA ALA D 146 -29.85 -22.08 -7.22
C ALA D 146 -28.53 -21.31 -7.13
N CYS D 147 -27.54 -21.87 -6.44
CA CYS D 147 -26.24 -21.23 -6.30
C CYS D 147 -25.34 -21.40 -7.52
N THR D 148 -25.72 -22.27 -8.45
CA THR D 148 -24.95 -22.48 -9.67
C THR D 148 -25.49 -21.61 -10.81
N ASN D 149 -26.54 -20.83 -10.56
CA ASN D 149 -27.18 -19.97 -11.57
C ASN D 149 -27.76 -20.81 -12.71
N GLN D 150 -28.71 -21.67 -12.33
CA GLN D 150 -29.38 -22.58 -13.25
C GLN D 150 -30.88 -22.43 -13.06
N PRO D 151 -31.47 -21.32 -13.55
CA PRO D 151 -32.90 -21.10 -13.33
C PRO D 151 -33.78 -22.19 -13.92
N HIS D 152 -33.43 -22.74 -15.08
CA HIS D 152 -34.26 -23.77 -15.69
C HIS D 152 -34.23 -25.06 -14.89
N ILE D 153 -33.06 -25.45 -14.38
CA ILE D 153 -32.98 -26.64 -13.55
C ILE D 153 -33.73 -26.43 -12.24
N VAL D 154 -33.65 -25.22 -11.68
CA VAL D 154 -34.41 -24.91 -10.47
C VAL D 154 -35.90 -25.05 -10.73
N ASN D 155 -36.38 -24.50 -11.85
CA ASN D 155 -37.80 -24.59 -12.18
C ASN D 155 -38.21 -26.04 -12.38
N TYR D 156 -37.38 -26.83 -13.06
CA TYR D 156 -37.70 -28.24 -13.25
C TYR D 156 -37.78 -28.97 -11.91
N LEU D 157 -36.81 -28.71 -11.03
CA LEU D 157 -36.79 -29.39 -9.73
C LEU D 157 -38.00 -29.00 -8.88
N THR D 158 -38.46 -27.76 -8.99
CA THR D 158 -39.60 -27.31 -8.21
C THR D 158 -40.94 -27.59 -8.85
N GLU D 159 -40.97 -28.02 -10.12
CA GLU D 159 -42.22 -28.36 -10.78
C GLU D 159 -42.17 -29.73 -11.46
N ASN D 160 -41.60 -30.74 -10.80
CA ASN D 160 -41.55 -32.08 -11.38
C ASN D 160 -42.93 -32.73 -11.33
N PRO D 161 -43.35 -33.39 -12.41
CA PRO D 161 -44.50 -34.29 -12.30
C PRO D 161 -44.30 -35.39 -11.27
N HIS D 162 -43.06 -35.86 -11.09
CA HIS D 162 -42.78 -36.99 -10.21
C HIS D 162 -42.67 -36.57 -8.75
N LYS D 163 -41.69 -35.73 -8.44
CA LYS D 163 -41.42 -35.31 -7.07
C LYS D 163 -40.75 -33.94 -7.09
N LYS D 164 -41.34 -32.98 -6.39
CA LYS D 164 -40.85 -31.61 -6.37
C LYS D 164 -40.10 -31.34 -5.07
N ALA D 165 -39.01 -30.59 -5.17
CA ALA D 165 -38.26 -30.20 -3.99
C ALA D 165 -38.84 -28.91 -3.41
N ASP D 166 -39.36 -28.98 -2.19
CA ASP D 166 -39.90 -27.80 -1.55
C ASP D 166 -38.77 -26.83 -1.19
N MET D 167 -39.04 -25.53 -1.36
CA MET D 167 -38.04 -24.52 -1.08
C MET D 167 -37.87 -24.25 0.40
N ARG D 168 -38.72 -24.80 1.25
CA ARG D 168 -38.67 -24.57 2.68
C ARG D 168 -37.73 -25.54 3.40
N ARG D 169 -37.12 -26.48 2.69
CA ARG D 169 -36.23 -27.44 3.31
C ARG D 169 -34.92 -26.77 3.74
N GLN D 170 -34.35 -27.30 4.81
CA GLN D 170 -33.12 -26.78 5.37
C GLN D 170 -32.09 -27.89 5.49
N ASP D 171 -30.82 -27.50 5.40
CA ASP D 171 -29.72 -28.46 5.48
C ASP D 171 -29.35 -28.66 6.95
N SER D 172 -28.19 -29.27 7.21
CA SER D 172 -27.78 -29.57 8.58
C SER D 172 -27.64 -28.31 9.41
N ARG D 173 -27.11 -27.24 8.82
CA ARG D 173 -26.94 -25.97 9.50
C ARG D 173 -28.21 -25.12 9.50
N GLY D 174 -29.27 -25.58 8.87
CA GLY D 174 -30.51 -24.84 8.79
C GLY D 174 -30.60 -23.87 7.63
N ASN D 175 -29.54 -23.72 6.84
CA ASN D 175 -29.55 -22.79 5.72
C ASN D 175 -30.49 -23.29 4.63
N THR D 176 -31.52 -22.49 4.33
CA THR D 176 -32.47 -22.83 3.29
C THR D 176 -31.89 -22.44 1.94
N VAL D 177 -32.72 -22.45 0.89
CA VAL D 177 -32.24 -22.08 -0.43
C VAL D 177 -31.90 -20.59 -0.48
N LEU D 178 -32.64 -19.77 0.27
CA LEU D 178 -32.34 -18.33 0.31
C LEU D 178 -31.08 -18.05 1.11
N HIS D 179 -30.84 -18.79 2.19
CA HIS D 179 -29.60 -18.66 2.94
C HIS D 179 -28.38 -19.04 2.10
N ALA D 180 -28.48 -20.08 1.28
CA ALA D 180 -27.39 -20.52 0.44
C ALA D 180 -27.06 -19.53 -0.66
N LEU D 181 -28.02 -18.70 -1.06
CA LEU D 181 -27.77 -17.62 -2.01
C LEU D 181 -27.11 -16.42 -1.37
N VAL D 182 -27.11 -16.33 -0.05
CA VAL D 182 -26.44 -15.26 0.68
C VAL D 182 -25.00 -15.63 1.03
N ALA D 183 -24.73 -16.91 1.23
CA ALA D 183 -23.38 -17.39 1.49
C ALA D 183 -22.56 -17.62 0.23
N ILE D 184 -23.17 -17.61 -0.95
CA ILE D 184 -22.44 -17.74 -2.20
C ILE D 184 -22.37 -16.40 -2.95
N ALA D 185 -22.95 -15.36 -2.37
CA ALA D 185 -23.03 -14.05 -3.00
C ALA D 185 -21.79 -13.24 -2.66
N ASP D 186 -21.08 -12.77 -3.68
CA ASP D 186 -19.97 -11.86 -3.51
C ASP D 186 -20.46 -10.43 -3.75
N ASN D 187 -19.52 -9.49 -3.70
CA ASN D 187 -19.84 -8.08 -3.87
C ASN D 187 -19.66 -7.61 -5.32
N THR D 188 -19.23 -8.49 -6.22
CA THR D 188 -19.02 -8.11 -7.61
C THR D 188 -20.35 -7.87 -8.31
N ARG D 189 -20.30 -7.03 -9.34
CA ARG D 189 -21.52 -6.66 -10.06
C ARG D 189 -22.10 -7.83 -10.86
N GLU D 190 -21.25 -8.69 -11.40
CA GLU D 190 -21.75 -9.83 -12.17
C GLU D 190 -22.41 -10.86 -11.26
N ASN D 191 -21.88 -11.01 -10.04
CA ASN D 191 -22.40 -12.05 -9.11
C ASN D 191 -23.74 -11.60 -8.50
N THR D 192 -23.90 -10.30 -8.26
CA THR D 192 -25.11 -9.81 -7.61
C THR D 192 -26.27 -9.63 -8.57
N LYS D 193 -26.07 -9.77 -9.88
CA LYS D 193 -27.15 -9.60 -10.84
C LYS D 193 -27.92 -10.89 -11.10
N PHE D 194 -27.46 -12.02 -10.55
CA PHE D 194 -28.22 -13.25 -10.59
C PHE D 194 -28.54 -13.79 -9.21
N VAL D 195 -27.73 -13.45 -8.20
CA VAL D 195 -28.05 -13.83 -6.84
C VAL D 195 -29.35 -13.17 -6.40
N THR D 196 -29.50 -11.88 -6.68
CA THR D 196 -30.74 -11.19 -6.36
C THR D 196 -31.87 -11.66 -7.27
N LYS D 197 -31.58 -11.88 -8.56
CA LYS D 197 -32.60 -12.36 -9.48
C LYS D 197 -33.13 -13.73 -9.06
N MET D 198 -32.22 -14.66 -8.74
CA MET D 198 -32.65 -15.98 -8.29
C MET D 198 -33.30 -15.92 -6.92
N TYR D 199 -32.83 -15.03 -6.05
CA TYR D 199 -33.47 -14.82 -4.76
C TYR D 199 -34.93 -14.44 -4.92
N ASP D 200 -35.22 -13.42 -5.74
CA ASP D 200 -36.58 -13.03 -6.03
C ASP D 200 -37.38 -14.11 -6.74
N LEU D 201 -36.78 -14.82 -7.68
CA LEU D 201 -37.46 -15.92 -8.35
C LEU D 201 -37.94 -16.95 -7.35
N LEU D 202 -37.04 -17.41 -6.47
CA LEU D 202 -37.41 -18.42 -5.49
C LEU D 202 -38.41 -17.88 -4.47
N LEU D 203 -38.26 -16.62 -4.07
CA LEU D 203 -39.20 -16.04 -3.12
C LEU D 203 -40.61 -15.99 -3.69
N LEU D 204 -40.75 -15.52 -4.94
CA LEU D 204 -42.07 -15.51 -5.56
C LEU D 204 -42.60 -16.92 -5.79
N LYS D 205 -41.73 -17.86 -6.18
CA LYS D 205 -42.18 -19.23 -6.39
C LYS D 205 -42.72 -19.85 -5.11
N CYS D 206 -42.04 -19.62 -3.99
CA CYS D 206 -42.51 -20.10 -2.69
C CYS D 206 -43.72 -19.33 -2.20
N ALA D 207 -43.92 -18.09 -2.64
CA ALA D 207 -45.11 -17.33 -2.32
C ALA D 207 -46.34 -17.84 -3.04
N ARG D 208 -46.22 -18.17 -4.33
CA ARG D 208 -47.37 -18.68 -5.06
C ARG D 208 -47.70 -20.11 -4.63
N LEU D 209 -46.68 -20.95 -4.48
CA LEU D 209 -46.90 -22.34 -4.07
C LEU D 209 -47.51 -22.42 -2.68
N PHE D 210 -46.98 -21.63 -1.75
CA PHE D 210 -47.50 -21.60 -0.39
C PHE D 210 -47.84 -20.17 0.01
N PRO D 211 -49.08 -19.73 -0.22
CA PRO D 211 -49.44 -18.33 0.09
C PRO D 211 -49.30 -17.97 1.56
N ASP D 212 -49.44 -18.94 2.47
CA ASP D 212 -49.44 -18.67 3.90
C ASP D 212 -48.05 -18.71 4.52
N SER D 213 -47.01 -18.94 3.72
CA SER D 213 -45.65 -19.04 4.22
C SER D 213 -44.76 -18.02 3.52
N ASN D 214 -43.88 -17.39 4.29
CA ASN D 214 -42.87 -16.47 3.77
C ASN D 214 -41.51 -17.15 3.88
N LEU D 215 -40.89 -17.42 2.75
CA LEU D 215 -39.61 -18.12 2.74
C LEU D 215 -38.48 -17.30 3.33
N GLU D 216 -38.66 -15.98 3.47
CA GLU D 216 -37.68 -15.13 4.13
C GLU D 216 -37.88 -15.08 5.64
N ALA D 217 -38.71 -15.98 6.18
CA ALA D 217 -38.98 -15.99 7.61
C ALA D 217 -38.54 -17.28 8.28
N VAL D 218 -37.96 -18.23 7.55
CA VAL D 218 -37.47 -19.47 8.14
C VAL D 218 -36.05 -19.28 8.62
N LEU D 219 -35.89 -19.04 9.92
CA LEU D 219 -34.58 -18.84 10.52
C LEU D 219 -33.78 -20.14 10.50
N ASN D 220 -32.47 -20.01 10.35
CA ASN D 220 -31.60 -21.18 10.40
C ASN D 220 -31.31 -21.56 11.85
N ASN D 221 -30.35 -22.45 12.06
CA ASN D 221 -30.00 -22.89 13.39
C ASN D 221 -29.39 -21.79 14.25
N ASP D 222 -28.84 -20.75 13.63
CA ASP D 222 -28.23 -19.64 14.35
C ASP D 222 -29.22 -18.51 14.61
N GLY D 223 -30.48 -18.69 14.22
CA GLY D 223 -31.47 -17.66 14.42
C GLY D 223 -31.39 -16.49 13.46
N LEU D 224 -30.77 -16.67 12.29
CA LEU D 224 -30.59 -15.60 11.33
C LEU D 224 -31.46 -15.84 10.10
N SER D 225 -32.25 -14.85 9.74
CA SER D 225 -32.99 -14.85 8.49
C SER D 225 -32.02 -14.49 7.37
N PRO D 226 -32.39 -14.65 6.10
CA PRO D 226 -31.45 -14.28 5.03
C PRO D 226 -30.98 -12.83 5.10
N LEU D 227 -31.85 -11.91 5.53
CA LEU D 227 -31.44 -10.52 5.69
C LEU D 227 -30.38 -10.38 6.78
N MET D 228 -30.61 -11.00 7.94
CA MET D 228 -29.63 -10.94 9.01
C MET D 228 -28.34 -11.65 8.63
N MET D 229 -28.45 -12.76 7.89
CA MET D 229 -27.25 -13.43 7.40
C MET D 229 -26.46 -12.54 6.46
N ALA D 230 -27.15 -11.81 5.58
CA ALA D 230 -26.46 -10.88 4.69
C ALA D 230 -25.78 -9.78 5.48
N ALA D 231 -26.44 -9.26 6.51
CA ALA D 231 -25.84 -8.23 7.34
C ALA D 231 -24.60 -8.75 8.06
N LYS D 232 -24.67 -9.98 8.58
CA LYS D 232 -23.56 -10.52 9.37
C LYS D 232 -22.38 -10.89 8.49
N THR D 233 -22.63 -11.52 7.34
CA THR D 233 -21.56 -12.07 6.51
C THR D 233 -20.94 -11.05 5.57
N GLY D 234 -21.40 -9.80 5.60
CA GLY D 234 -20.81 -8.77 4.78
C GLY D 234 -21.10 -8.86 3.30
N LYS D 235 -22.36 -9.09 2.93
CA LYS D 235 -22.78 -9.15 1.53
C LYS D 235 -23.64 -7.94 1.25
N ILE D 236 -23.05 -6.90 0.66
CA ILE D 236 -23.73 -5.61 0.52
C ILE D 236 -24.82 -5.66 -0.54
N GLY D 237 -24.55 -6.30 -1.69
CA GLY D 237 -25.49 -6.23 -2.79
C GLY D 237 -26.82 -6.89 -2.50
N ILE D 238 -26.76 -8.14 -2.01
CA ILE D 238 -28.01 -8.84 -1.67
C ILE D 238 -28.70 -8.15 -0.51
N PHE D 239 -27.94 -7.56 0.42
CA PHE D 239 -28.55 -6.84 1.54
C PHE D 239 -29.34 -5.63 1.03
N GLN D 240 -28.75 -4.87 0.11
CA GLN D 240 -29.46 -3.75 -0.50
C GLN D 240 -30.69 -4.23 -1.26
N HIS D 241 -30.58 -5.33 -2.00
CA HIS D 241 -31.73 -5.82 -2.74
C HIS D 241 -32.87 -6.22 -1.81
N ILE D 242 -32.56 -6.89 -0.71
CA ILE D 242 -33.61 -7.31 0.22
C ILE D 242 -34.22 -6.11 0.92
N ILE D 243 -33.41 -5.13 1.34
CA ILE D 243 -33.95 -3.98 2.05
C ILE D 243 -34.71 -3.04 1.12
N ARG D 244 -34.50 -3.14 -0.19
CA ARG D 244 -35.15 -2.28 -1.17
C ARG D 244 -35.99 -3.07 -2.17
N ARG D 245 -36.53 -4.21 -1.75
CA ARG D 245 -37.20 -5.11 -2.68
C ARG D 245 -38.57 -4.55 -3.10
N GLU D 246 -38.83 -4.57 -4.40
CA GLU D 246 -40.11 -4.19 -4.97
C GLU D 246 -40.54 -5.24 -5.99
N VAL D 247 -41.78 -5.71 -5.87
CA VAL D 247 -42.37 -6.67 -6.78
C VAL D 247 -43.70 -6.12 -7.29
N THR D 248 -43.96 -6.30 -8.58
CA THR D 248 -45.11 -5.70 -9.24
C THR D 248 -46.33 -6.60 -9.31
N ASP D 249 -46.14 -7.91 -9.35
CA ASP D 249 -47.26 -8.84 -9.49
C ASP D 249 -48.23 -8.68 -8.34
N GLU D 250 -49.52 -8.51 -8.66
CA GLU D 250 -50.52 -8.21 -7.63
C GLU D 250 -50.68 -9.38 -6.67
N ASP D 251 -50.61 -10.62 -7.16
CA ASP D 251 -50.78 -11.78 -6.31
C ASP D 251 -49.69 -11.82 -5.25
N THR D 252 -48.45 -11.50 -5.62
CA THR D 252 -47.34 -11.57 -4.70
C THR D 252 -46.70 -10.21 -4.48
N ARG D 253 -47.51 -9.15 -4.39
CA ARG D 253 -47.00 -7.81 -4.15
C ARG D 253 -46.87 -7.50 -2.67
N HIS D 254 -47.27 -8.41 -1.79
CA HIS D 254 -47.12 -8.22 -0.35
C HIS D 254 -45.72 -8.56 0.14
N LEU D 255 -44.84 -9.00 -0.76
CA LEU D 255 -43.46 -9.28 -0.42
C LEU D 255 -42.56 -8.07 -0.57
N SER D 256 -43.10 -6.95 -1.04
CA SER D 256 -42.30 -5.74 -1.20
C SER D 256 -41.95 -5.15 0.16
N ARG D 257 -40.88 -4.37 0.18
CA ARG D 257 -40.44 -3.68 1.38
C ARG D 257 -40.33 -2.18 1.21
N LYS D 258 -40.28 -1.67 -0.02
CA LYS D 258 -40.16 -0.25 -0.30
C LYS D 258 -41.36 0.18 -1.13
N PHE D 259 -42.36 0.76 -0.46
CA PHE D 259 -43.62 1.13 -1.09
C PHE D 259 -43.60 2.62 -1.42
N LYS D 260 -43.68 2.94 -2.71
CA LYS D 260 -43.81 4.35 -3.08
C LYS D 260 -45.14 4.89 -2.61
N ASP D 261 -45.12 6.09 -2.02
CA ASP D 261 -46.31 6.68 -1.43
C ASP D 261 -46.86 7.84 -2.25
N TRP D 262 -46.02 8.85 -2.52
CA TRP D 262 -46.39 9.95 -3.40
C TRP D 262 -45.16 10.39 -4.17
N ALA D 263 -45.40 11.04 -5.31
CA ALA D 263 -44.31 11.50 -6.15
C ALA D 263 -44.67 12.86 -6.74
N TYR D 264 -43.63 13.61 -7.09
CA TYR D 264 -43.80 14.89 -7.78
C TYR D 264 -42.61 15.05 -8.70
N GLY D 265 -42.76 14.62 -9.96
CA GLY D 265 -41.67 14.64 -10.91
C GLY D 265 -40.45 13.90 -10.39
N PRO D 266 -39.37 14.63 -10.15
CA PRO D 266 -38.16 13.98 -9.62
C PRO D 266 -38.33 13.44 -8.22
N VAL D 267 -38.88 14.24 -7.30
CA VAL D 267 -38.95 13.82 -5.90
C VAL D 267 -40.04 12.79 -5.71
N TYR D 268 -39.81 11.84 -4.81
CA TYR D 268 -40.83 10.88 -4.41
C TYR D 268 -40.52 10.36 -3.03
N SER D 269 -41.57 9.97 -2.31
CA SER D 269 -41.47 9.45 -0.95
C SER D 269 -41.66 7.95 -0.99
N SER D 270 -40.76 7.22 -0.33
CA SER D 270 -40.81 5.76 -0.27
C SER D 270 -40.85 5.33 1.17
N LEU D 271 -41.85 4.52 1.52
CA LEU D 271 -41.99 3.93 2.85
C LEU D 271 -41.24 2.61 2.85
N TYR D 272 -40.11 2.57 3.54
CA TYR D 272 -39.40 1.32 3.73
C TYR D 272 -40.01 0.54 4.89
N ASP D 273 -40.02 -0.77 4.77
CA ASP D 273 -40.58 -1.64 5.80
C ASP D 273 -39.52 -1.95 6.85
N LEU D 274 -39.85 -1.65 8.11
CA LEU D 274 -38.94 -1.89 9.23
C LEU D 274 -39.26 -3.23 9.87
N SER D 275 -38.97 -4.29 9.12
CA SER D 275 -39.11 -5.67 9.60
C SER D 275 -37.70 -6.22 9.77
N SER D 276 -37.34 -6.52 11.01
CA SER D 276 -36.03 -6.98 11.46
C SER D 276 -35.00 -5.85 11.44
N LEU D 277 -35.35 -4.66 10.94
CA LEU D 277 -34.51 -3.49 11.07
C LEU D 277 -34.72 -2.76 12.39
N ASP D 278 -35.95 -2.78 12.91
CA ASP D 278 -36.25 -2.18 14.20
C ASP D 278 -37.31 -3.02 14.90
N THR D 279 -36.89 -4.00 15.70
CA THR D 279 -37.87 -4.91 16.32
C THR D 279 -38.21 -4.44 17.74
N CYS D 280 -37.55 -3.38 18.20
CA CYS D 280 -37.74 -2.89 19.60
C CYS D 280 -37.39 -4.00 20.58
N GLY D 281 -36.38 -4.82 20.28
CA GLY D 281 -35.90 -5.85 21.23
C GLY D 281 -36.74 -7.11 21.24
N GLU D 282 -37.80 -7.17 20.42
CA GLU D 282 -38.65 -8.39 20.35
C GLU D 282 -37.85 -9.57 19.79
N GLU D 283 -37.01 -9.34 18.77
CA GLU D 283 -36.17 -10.43 18.20
C GLU D 283 -34.85 -9.80 17.72
N ALA D 284 -33.95 -10.58 17.12
CA ALA D 284 -32.74 -9.98 16.59
C ALA D 284 -33.08 -8.91 15.56
N SER D 285 -32.36 -7.80 15.61
CA SER D 285 -32.57 -6.69 14.70
C SER D 285 -31.36 -6.54 13.80
N VAL D 286 -31.61 -6.38 12.49
CA VAL D 286 -30.52 -6.36 11.51
C VAL D 286 -29.51 -5.27 11.85
N LEU D 287 -29.98 -4.17 12.43
CA LEU D 287 -29.08 -3.08 12.81
C LEU D 287 -28.09 -3.54 13.89
N GLU D 288 -28.57 -4.30 14.88
CA GLU D 288 -27.68 -4.74 15.96
C GLU D 288 -26.63 -5.73 15.47
N ILE D 289 -27.03 -6.70 14.63
CA ILE D 289 -26.04 -7.57 14.02
C ILE D 289 -25.08 -6.78 13.15
N LEU D 290 -25.57 -5.74 12.48
CA LEU D 290 -24.73 -4.95 11.58
C LEU D 290 -23.66 -4.18 12.33
N VAL D 291 -24.00 -3.57 13.48
CA VAL D 291 -23.02 -2.77 14.20
C VAL D 291 -22.01 -3.65 14.95
N TYR D 292 -22.49 -4.70 15.63
CA TYR D 292 -21.64 -5.50 16.50
C TYR D 292 -21.07 -6.72 15.79
N ASN D 293 -21.96 -7.60 15.31
CA ASN D 293 -21.53 -8.92 14.84
C ASN D 293 -20.76 -8.85 13.53
N SER D 294 -21.07 -7.87 12.68
CA SER D 294 -20.38 -7.75 11.40
C SER D 294 -18.94 -7.29 11.62
N LYS D 295 -17.99 -8.16 11.29
CA LYS D 295 -16.57 -7.83 11.37
C LYS D 295 -15.99 -7.48 10.01
N ILE D 296 -16.82 -7.38 8.98
CA ILE D 296 -16.30 -7.11 7.65
C ILE D 296 -16.00 -5.62 7.49
N GLU D 297 -15.17 -5.31 6.50
CA GLU D 297 -14.82 -3.93 6.20
C GLU D 297 -15.95 -3.17 5.50
N ASN D 298 -17.01 -3.86 5.09
CA ASN D 298 -18.13 -3.24 4.41
C ASN D 298 -19.24 -2.81 5.37
N ARG D 299 -18.94 -2.72 6.66
CA ARG D 299 -19.95 -2.30 7.63
C ARG D 299 -20.41 -0.88 7.37
N HIS D 300 -19.49 0.02 7.05
CA HIS D 300 -19.85 1.42 6.80
C HIS D 300 -20.69 1.59 5.55
N GLU D 301 -20.48 0.76 4.53
CA GLU D 301 -21.33 0.84 3.34
C GLU D 301 -22.77 0.47 3.65
N MET D 302 -22.97 -0.58 4.44
CA MET D 302 -24.32 -0.98 4.81
C MET D 302 -24.96 -0.01 5.79
N LEU D 303 -24.18 0.57 6.69
CA LEU D 303 -24.70 1.62 7.56
C LEU D 303 -25.06 2.87 6.75
N ALA D 304 -24.51 3.02 5.56
CA ALA D 304 -24.83 4.15 4.70
C ALA D 304 -26.07 3.92 3.86
N VAL D 305 -26.64 2.71 3.87
CA VAL D 305 -27.90 2.47 3.17
C VAL D 305 -28.97 3.38 3.76
N GLU D 306 -29.75 4.00 2.89
CA GLU D 306 -30.61 5.11 3.29
C GLU D 306 -31.58 4.77 4.42
N PRO D 307 -32.31 3.65 4.38
CA PRO D 307 -33.19 3.34 5.53
C PRO D 307 -32.45 3.26 6.86
N ILE D 308 -31.31 2.57 6.90
CA ILE D 308 -30.58 2.41 8.15
C ILE D 308 -30.03 3.75 8.62
N ASN D 309 -29.42 4.51 7.71
CA ASN D 309 -28.81 5.78 8.09
C ASN D 309 -29.86 6.75 8.60
N GLU D 310 -30.99 6.86 7.89
CA GLU D 310 -32.03 7.78 8.32
C GLU D 310 -32.71 7.30 9.59
N LEU D 311 -32.82 5.98 9.78
CA LEU D 311 -33.34 5.45 11.04
C LEU D 311 -32.45 5.81 12.21
N LEU D 312 -31.12 5.68 12.03
CA LEU D 312 -30.20 6.05 13.09
C LEU D 312 -30.28 7.55 13.37
N ARG D 313 -30.37 8.36 12.32
CA ARG D 313 -30.48 9.80 12.50
C ARG D 313 -31.75 10.16 13.26
N ASP D 314 -32.87 9.51 12.93
CA ASP D 314 -34.12 9.75 13.64
C ASP D 314 -34.05 9.30 15.08
N LYS D 315 -33.39 8.17 15.36
CA LYS D 315 -33.21 7.74 16.74
C LYS D 315 -32.41 8.76 17.53
N TRP D 316 -31.34 9.28 16.93
CA TRP D 316 -30.55 10.32 17.60
C TRP D 316 -31.38 11.58 17.85
N ARG D 317 -32.17 11.97 16.85
CA ARG D 317 -32.97 13.19 16.98
C ARG D 317 -34.04 13.06 18.05
N LYS D 318 -34.72 11.92 18.10
CA LYS D 318 -35.88 11.76 18.97
C LYS D 318 -35.48 11.78 20.45
N PHE D 319 -34.59 10.87 20.84
CA PHE D 319 -34.16 10.77 22.23
C PHE D 319 -32.67 10.56 22.41
N GLY D 320 -31.89 10.51 21.33
CA GLY D 320 -30.48 10.17 21.46
C GLY D 320 -29.68 11.20 22.25
N ALA D 321 -29.80 12.47 21.86
CA ALA D 321 -29.02 13.52 22.52
C ALA D 321 -29.47 13.72 23.95
N VAL D 322 -30.79 13.77 24.18
CA VAL D 322 -31.30 14.02 25.52
C VAL D 322 -30.88 12.90 26.47
N SER D 323 -31.08 11.64 26.05
CA SER D 323 -30.72 10.53 26.92
C SER D 323 -29.22 10.40 27.08
N PHE D 324 -28.45 10.74 26.04
CA PHE D 324 -27.01 10.71 26.16
C PHE D 324 -26.51 11.71 27.20
N TYR D 325 -27.04 12.92 27.16
CA TYR D 325 -26.63 13.93 28.14
C TYR D 325 -27.13 13.57 29.53
N ILE D 326 -28.31 12.98 29.63
CA ILE D 326 -28.81 12.53 30.93
C ILE D 326 -27.89 11.46 31.51
N ASN D 327 -27.47 10.51 30.67
CA ASN D 327 -26.55 9.48 31.13
C ASN D 327 -25.21 10.07 31.55
N VAL D 328 -24.70 11.04 30.78
CA VAL D 328 -23.43 11.68 31.15
C VAL D 328 -23.55 12.36 32.50
N VAL D 329 -24.62 13.12 32.70
CA VAL D 329 -24.82 13.83 33.97
C VAL D 329 -24.97 12.84 35.12
N SER D 330 -25.75 11.78 34.91
CA SER D 330 -25.97 10.79 35.97
C SER D 330 -24.66 10.11 36.35
N TYR D 331 -23.88 9.66 35.37
CA TYR D 331 -22.58 9.04 35.71
C TYR D 331 -21.72 10.05 36.46
N LEU D 332 -21.57 11.25 35.91
CA LEU D 332 -20.69 12.22 36.55
C LEU D 332 -21.08 12.45 38.00
N CYS D 333 -22.38 12.63 38.25
CA CYS D 333 -22.83 12.88 39.62
C CYS D 333 -22.61 11.65 40.50
N ALA D 334 -22.85 10.45 39.96
CA ALA D 334 -22.60 9.24 40.73
C ALA D 334 -21.13 9.10 41.09
N MET D 335 -20.23 9.37 40.13
CA MET D 335 -18.80 9.29 40.42
C MET D 335 -18.38 10.33 41.45
N VAL D 336 -18.93 11.56 41.34
CA VAL D 336 -18.61 12.58 42.34
C VAL D 336 -19.09 12.15 43.72
N ILE D 337 -20.29 11.57 43.80
CA ILE D 337 -20.80 11.11 45.08
C ILE D 337 -19.90 10.02 45.65
N PHE D 338 -19.47 9.08 44.80
CA PHE D 338 -18.60 8.01 45.25
C PHE D 338 -17.26 8.55 45.74
N THR D 339 -16.71 9.54 45.02
CA THR D 339 -15.45 10.15 45.44
C THR D 339 -15.60 10.85 46.79
N LEU D 340 -16.72 11.56 46.99
CA LEU D 340 -16.93 12.26 48.25
C LEU D 340 -17.08 11.27 49.41
N THR D 341 -17.88 10.23 49.20
CA THR D 341 -18.17 9.28 50.30
C THR D 341 -16.92 8.53 50.70
N ALA D 342 -16.09 8.15 49.72
CA ALA D 342 -14.81 7.50 50.07
C ALA D 342 -13.94 8.48 50.85
N TYR D 343 -13.87 9.74 50.39
CA TYR D 343 -13.01 10.77 51.01
C TYR D 343 -13.44 11.04 52.46
N TYR D 344 -14.71 11.43 52.64
CA TYR D 344 -15.17 11.80 54.00
C TYR D 344 -15.20 10.57 54.91
N GLN D 345 -14.93 9.37 54.38
CA GLN D 345 -15.05 8.17 55.25
C GLN D 345 -14.05 8.31 56.38
N PRO D 346 -14.41 8.17 57.68
CA PRO D 346 -13.45 8.44 58.76
C PRO D 346 -12.39 7.34 58.85
N LEU D 347 -12.79 6.08 58.65
CA LEU D 347 -11.83 4.95 58.82
C LEU D 347 -11.16 5.08 60.19
N GLU D 348 -11.96 5.13 61.27
CA GLU D 348 -11.40 5.20 62.64
C GLU D 348 -11.23 3.78 63.18
N GLY D 349 -10.01 3.25 63.21
CA GLY D 349 -9.84 1.85 63.64
C GLY D 349 -10.38 0.85 62.64
N THR D 350 -10.93 -0.27 63.11
CA THR D 350 -11.36 -1.37 62.21
C THR D 350 -12.76 -1.15 61.62
N PRO D 351 -13.09 -1.56 60.35
CA PRO D 351 -14.46 -1.46 59.83
C PRO D 351 -15.40 -2.40 60.59
N PRO D 352 -16.76 -2.25 60.53
CA PRO D 352 -17.49 -1.01 60.16
C PRO D 352 -17.27 0.20 61.07
N TYR D 353 -17.89 1.34 60.73
CA TYR D 353 -17.68 2.58 61.52
C TYR D 353 -19.05 3.19 61.84
N PRO D 354 -19.21 3.86 63.01
CA PRO D 354 -20.48 4.46 63.40
C PRO D 354 -21.03 5.45 62.36
N TYR D 355 -22.32 5.36 62.06
CA TYR D 355 -22.96 6.33 61.13
C TYR D 355 -23.87 7.27 61.93
N ARG D 356 -23.62 7.43 63.23
CA ARG D 356 -24.49 8.26 64.06
C ARG D 356 -24.55 9.70 63.57
N THR D 357 -23.41 10.25 63.16
CA THR D 357 -23.35 11.64 62.74
C THR D 357 -24.10 11.85 61.43
N THR D 358 -24.60 13.06 61.24
CA THR D 358 -25.30 13.40 60.01
C THR D 358 -24.38 13.27 58.79
N VAL D 359 -23.13 13.71 58.94
CA VAL D 359 -22.16 13.50 57.87
C VAL D 359 -21.93 12.01 57.66
N ASP D 360 -21.87 11.25 58.75
CA ASP D 360 -21.74 9.79 58.64
C ASP D 360 -22.95 9.19 57.95
N TYR D 361 -24.15 9.72 58.23
CA TYR D 361 -25.34 9.25 57.54
C TYR D 361 -25.29 9.58 56.05
N LEU D 362 -24.74 10.74 55.69
CA LEU D 362 -24.55 11.07 54.28
C LEU D 362 -23.59 10.10 53.62
N ARG D 363 -22.53 9.74 54.34
CA ARG D 363 -21.56 8.75 53.80
C ARG D 363 -22.33 7.45 53.55
N LEU D 364 -23.10 7.00 54.54
CA LEU D 364 -23.83 5.75 54.41
C LEU D 364 -24.78 5.78 53.23
N ALA D 365 -25.47 6.90 53.03
CA ALA D 365 -26.37 7.03 51.89
C ALA D 365 -25.61 6.96 50.57
N GLY D 366 -24.46 7.62 50.49
CA GLY D 366 -23.66 7.54 49.27
C GLY D 366 -23.14 6.14 49.02
N GLU D 367 -22.74 5.43 50.07
CA GLU D 367 -22.33 4.04 49.92
C GLU D 367 -23.48 3.17 49.43
N VAL D 368 -24.69 3.43 49.94
CA VAL D 368 -25.86 2.71 49.45
C VAL D 368 -26.10 3.00 47.98
N ILE D 369 -25.92 4.26 47.57
CA ILE D 369 -26.14 4.63 46.18
C ILE D 369 -25.15 3.92 45.26
N THR D 370 -23.87 3.92 45.63
CA THR D 370 -22.87 3.26 44.78
C THR D 370 -23.04 1.76 44.79
N LEU D 371 -23.48 1.18 45.91
CA LEU D 371 -23.79 -0.24 45.95
C LEU D 371 -24.96 -0.57 45.04
N PHE D 372 -25.98 0.30 45.01
CA PHE D 372 -27.10 0.10 44.09
C PHE D 372 -26.65 0.17 42.65
N THR D 373 -25.77 1.13 42.33
CA THR D 373 -25.24 1.20 40.98
C THR D 373 -24.49 -0.08 40.61
N GLY D 374 -23.66 -0.57 41.53
CA GLY D 374 -22.92 -1.80 41.24
C GLY D 374 -23.84 -2.99 41.04
N VAL D 375 -24.85 -3.14 41.90
CA VAL D 375 -25.75 -4.29 41.79
C VAL D 375 -26.61 -4.16 40.53
N LEU D 376 -26.91 -2.94 40.10
CA LEU D 376 -27.60 -2.74 38.83
C LEU D 376 -26.73 -3.21 37.68
N PHE D 377 -25.43 -2.89 37.73
CA PHE D 377 -24.53 -3.35 36.69
C PHE D 377 -24.43 -4.87 36.67
N PHE D 378 -24.38 -5.51 37.85
CA PHE D 378 -24.46 -6.97 37.87
C PHE D 378 -25.75 -7.50 37.29
N PHE D 379 -26.88 -6.86 37.61
CA PHE D 379 -28.15 -7.33 37.07
C PHE D 379 -28.13 -7.29 35.54
N THR D 380 -27.65 -6.19 34.98
CA THR D 380 -27.55 -6.08 33.52
C THR D 380 -26.59 -7.11 32.95
N ASN D 381 -25.44 -7.30 33.60
CA ASN D 381 -24.43 -8.21 33.05
C ASN D 381 -24.88 -9.66 33.11
N ILE D 382 -25.50 -10.08 34.21
CA ILE D 382 -25.98 -11.45 34.31
C ILE D 382 -27.22 -11.65 33.44
N LYS D 383 -27.96 -10.59 33.14
CA LYS D 383 -28.99 -10.69 32.11
C LYS D 383 -28.34 -10.94 30.75
N ASP D 384 -27.23 -10.25 30.47
CA ASP D 384 -26.47 -10.54 29.25
C ASP D 384 -25.86 -11.94 29.31
N LEU D 385 -25.31 -12.34 30.45
CA LEU D 385 -24.71 -13.65 30.60
C LEU D 385 -25.77 -14.73 30.77
N SER D 401 -18.69 -1.13 24.14
CA SER D 401 -17.23 -1.41 24.11
C SER D 401 -16.67 -1.29 25.53
N PHE D 402 -17.52 -1.01 26.52
CA PHE D 402 -17.02 -0.77 27.89
C PHE D 402 -17.70 -1.72 28.88
N GLN D 403 -18.53 -2.63 28.37
CA GLN D 403 -19.27 -3.57 29.26
C GLN D 403 -18.32 -4.23 30.25
N LEU D 404 -17.21 -4.79 29.78
CA LEU D 404 -16.25 -5.48 30.64
C LEU D 404 -15.71 -4.55 31.72
N LEU D 405 -15.48 -3.28 31.37
CA LEU D 405 -14.90 -2.33 32.35
C LEU D 405 -15.98 -1.87 33.33
N TYR D 406 -17.25 -1.91 32.94
CA TYR D 406 -18.32 -1.56 33.89
C TYR D 406 -18.53 -2.75 34.83
N PHE D 407 -18.29 -3.95 34.31
CA PHE D 407 -18.43 -5.19 35.14
C PHE D 407 -17.29 -5.26 36.17
N ILE D 408 -16.04 -5.18 35.71
CA ILE D 408 -14.90 -5.25 36.62
C ILE D 408 -15.03 -4.22 37.73
N TYR D 409 -15.54 -3.03 37.36
CA TYR D 409 -15.73 -1.94 38.35
C TYR D 409 -16.70 -2.40 39.42
N SER D 410 -17.79 -3.03 39.01
CA SER D 410 -18.81 -3.48 39.95
C SER D 410 -18.30 -4.65 40.80
N VAL D 411 -17.55 -5.58 40.20
CA VAL D 411 -16.96 -6.66 40.99
C VAL D 411 -16.03 -6.10 42.04
N LEU D 412 -15.22 -5.09 41.68
CA LEU D 412 -14.30 -4.50 42.63
C LEU D 412 -15.04 -3.80 43.76
N VAL D 413 -16.11 -3.07 43.45
CA VAL D 413 -16.83 -2.37 44.51
C VAL D 413 -17.55 -3.36 45.43
N ILE D 414 -18.07 -4.47 44.88
CA ILE D 414 -18.70 -5.46 45.73
C ILE D 414 -17.67 -6.18 46.60
N VAL D 415 -16.47 -6.43 46.05
CA VAL D 415 -15.41 -7.02 46.87
C VAL D 415 -15.04 -6.07 48.01
N SER D 416 -14.96 -4.77 47.71
CA SER D 416 -14.67 -3.80 48.75
C SER D 416 -15.76 -3.77 49.82
N ALA D 417 -17.02 -3.84 49.39
CA ALA D 417 -18.12 -3.86 50.36
C ALA D 417 -18.08 -5.13 51.21
N ALA D 418 -17.74 -6.27 50.61
CA ALA D 418 -17.62 -7.51 51.37
C ALA D 418 -16.49 -7.43 52.38
N LEU D 419 -15.39 -6.78 52.01
CA LEU D 419 -14.25 -6.60 52.96
C LEU D 419 -14.67 -5.64 54.07
N TYR D 420 -15.38 -4.56 53.74
CA TYR D 420 -15.81 -3.56 54.74
C TYR D 420 -16.76 -4.22 55.75
N LEU D 421 -17.70 -5.04 55.26
CA LEU D 421 -18.63 -5.77 56.16
C LEU D 421 -17.83 -6.76 57.01
N ALA D 422 -16.83 -7.42 56.40
CA ALA D 422 -15.99 -8.40 57.13
C ALA D 422 -15.20 -7.68 58.24
N GLY D 423 -14.94 -6.38 58.09
CA GLY D 423 -14.11 -5.67 59.07
C GLY D 423 -12.66 -5.61 58.63
N ILE D 424 -12.37 -5.98 57.39
CA ILE D 424 -10.97 -5.86 56.87
C ILE D 424 -10.75 -4.43 56.39
N GLU D 425 -9.71 -3.76 56.90
CA GLU D 425 -9.38 -2.36 56.49
C GLU D 425 -8.95 -2.33 55.02
N ALA D 426 -8.33 -3.40 54.53
CA ALA D 426 -7.84 -3.46 53.12
C ALA D 426 -8.90 -2.96 52.15
N TYR D 427 -10.17 -2.86 52.57
CA TYR D 427 -11.24 -2.45 51.63
C TYR D 427 -10.86 -1.15 50.93
N LEU D 428 -10.35 -0.15 51.66
CA LEU D 428 -10.07 1.17 51.04
C LEU D 428 -9.33 0.95 49.72
N ALA D 429 -8.27 0.16 49.72
CA ALA D 429 -7.43 -0.04 48.55
C ALA D 429 -8.24 -0.64 47.41
N VAL D 430 -8.91 -1.76 47.67
CA VAL D 430 -9.77 -2.36 46.66
C VAL D 430 -10.82 -1.35 46.21
N MET D 431 -11.47 -0.70 47.18
CA MET D 431 -12.50 0.33 46.87
C MET D 431 -11.87 1.47 46.06
N VAL D 432 -10.63 1.85 46.40
CA VAL D 432 -9.99 2.91 45.63
C VAL D 432 -9.74 2.47 44.21
N PHE D 433 -9.27 1.23 44.02
CA PHE D 433 -9.04 0.74 42.67
C PHE D 433 -10.31 0.82 41.85
N ALA D 434 -11.43 0.39 42.43
CA ALA D 434 -12.70 0.47 41.72
C ALA D 434 -12.97 1.88 41.26
N LEU D 435 -12.78 2.87 42.15
CA LEU D 435 -13.03 4.25 41.78
C LEU D 435 -12.19 4.65 40.58
N VAL D 436 -10.92 4.24 40.55
CA VAL D 436 -10.08 4.56 39.41
C VAL D 436 -10.73 4.06 38.13
N LEU D 437 -11.17 2.80 38.13
CA LEU D 437 -11.82 2.21 36.92
C LEU D 437 -13.06 3.04 36.56
N GLY D 438 -13.76 3.57 37.56
CA GLY D 438 -14.96 4.37 37.30
C GLY D 438 -14.61 5.63 36.51
N TRP D 439 -13.51 6.29 36.85
CA TRP D 439 -13.06 7.49 36.08
C TRP D 439 -12.63 7.11 34.67
N MET D 440 -11.91 5.99 34.52
CA MET D 440 -11.52 5.52 33.17
C MET D 440 -12.77 5.20 32.36
N ASN D 441 -13.78 4.60 32.98
CA ASN D 441 -15.02 4.19 32.25
C ASN D 441 -15.74 5.42 31.72
N ALA D 442 -15.59 6.55 32.38
CA ALA D 442 -16.38 7.74 31.95
C ALA D 442 -16.00 8.13 30.53
N LEU D 443 -14.84 7.68 30.04
CA LEU D 443 -14.37 8.01 28.68
C LEU D 443 -15.34 7.46 27.62
N TYR D 444 -16.06 6.38 27.90
CA TYR D 444 -17.10 5.89 26.96
C TYR D 444 -17.99 7.07 26.55
N PHE D 445 -18.38 7.91 27.51
CA PHE D 445 -19.22 9.11 27.22
C PHE D 445 -18.45 10.06 26.28
N THR D 446 -17.12 10.07 26.36
CA THR D 446 -16.31 11.01 25.53
C THR D 446 -15.92 10.36 24.20
N ARG D 447 -16.48 9.21 23.88
CA ARG D 447 -16.09 8.48 22.63
C ARG D 447 -16.40 9.34 21.40
N GLY D 448 -17.52 10.06 21.41
CA GLY D 448 -17.90 10.88 20.24
C GLY D 448 -16.94 12.02 19.94
N LEU D 449 -16.47 12.73 20.97
CA LEU D 449 -15.59 13.91 20.77
C LEU D 449 -14.43 13.53 19.84
N LYS D 450 -14.09 14.39 18.86
CA LYS D 450 -13.05 14.02 17.91
C LYS D 450 -11.68 13.96 18.57
N LEU D 451 -11.44 14.83 19.55
CA LEU D 451 -10.10 14.92 20.15
C LEU D 451 -9.73 13.63 20.88
N THR D 452 -10.61 13.16 21.76
CA THR D 452 -10.34 11.96 22.55
C THR D 452 -11.09 10.74 22.06
N GLY D 453 -11.77 10.86 20.91
CA GLY D 453 -12.48 9.69 20.36
C GLY D 453 -11.55 8.52 20.14
N THR D 454 -10.43 8.73 19.43
CA THR D 454 -9.54 7.63 19.10
C THR D 454 -9.00 6.94 20.35
N TYR D 455 -8.89 7.68 21.46
CA TYR D 455 -8.50 7.07 22.72
C TYR D 455 -9.65 6.30 23.34
N SER D 456 -10.88 6.82 23.23
CA SER D 456 -11.99 6.15 23.94
C SER D 456 -12.48 4.92 23.19
N ILE D 457 -12.29 4.86 21.87
CA ILE D 457 -12.85 3.76 21.07
C ILE D 457 -12.30 2.42 21.51
N MET D 458 -10.99 2.23 21.40
CA MET D 458 -10.38 0.92 21.63
C MET D 458 -9.26 0.93 22.64
N ILE D 459 -8.65 2.09 22.92
CA ILE D 459 -7.52 2.12 23.85
C ILE D 459 -7.96 1.75 25.25
N GLN D 460 -9.04 2.36 25.72
CA GLN D 460 -9.38 2.31 27.14
C GLN D 460 -9.77 0.90 27.58
N LYS D 461 -10.26 0.07 26.66
CA LYS D 461 -10.66 -1.28 27.04
C LYS D 461 -9.62 -2.32 26.61
N ILE D 462 -9.33 -2.41 25.31
CA ILE D 462 -8.38 -3.40 24.82
C ILE D 462 -6.99 -3.11 25.36
N LEU D 463 -6.57 -1.85 25.26
CA LEU D 463 -5.27 -1.46 25.78
C LEU D 463 -5.21 -1.62 27.29
N PHE D 464 -6.32 -1.42 28.00
CA PHE D 464 -6.30 -1.68 29.44
C PHE D 464 -6.18 -3.16 29.76
N LYS D 465 -6.79 -4.03 28.95
CA LYS D 465 -6.63 -5.47 29.21
C LYS D 465 -5.20 -5.91 28.95
N ASP D 466 -4.62 -5.51 27.82
CA ASP D 466 -3.22 -5.83 27.56
C ASP D 466 -2.30 -5.19 28.59
N LEU D 467 -2.65 -3.99 29.05
CA LEU D 467 -1.88 -3.31 30.09
C LEU D 467 -1.99 -4.06 31.42
N PHE D 468 -3.17 -4.57 31.74
CA PHE D 468 -3.32 -5.38 32.95
C PHE D 468 -2.45 -6.62 32.88
N ARG D 469 -2.43 -7.28 31.72
CA ARG D 469 -1.51 -8.40 31.54
C ARG D 469 -0.06 -7.97 31.73
N PHE D 470 0.31 -6.83 31.14
CA PHE D 470 1.69 -6.36 31.21
C PHE D 470 2.12 -6.04 32.64
N LEU D 471 1.30 -5.31 33.40
CA LEU D 471 1.72 -5.03 34.78
C LEU D 471 1.51 -6.23 35.69
N LEU D 472 0.68 -7.19 35.30
CA LEU D 472 0.69 -8.45 36.04
C LEU D 472 2.03 -9.15 35.90
N VAL D 473 2.54 -9.24 34.68
CA VAL D 473 3.87 -9.82 34.46
C VAL D 473 4.93 -8.99 35.18
N TYR D 474 4.81 -7.66 35.09
CA TYR D 474 5.77 -6.77 35.73
C TYR D 474 5.77 -6.92 37.24
N LEU D 475 4.59 -7.01 37.84
CA LEU D 475 4.50 -7.14 39.30
C LEU D 475 5.01 -8.49 39.76
N LEU D 476 4.71 -9.56 39.03
CA LEU D 476 5.25 -10.86 39.40
C LEU D 476 6.77 -10.88 39.28
N PHE D 477 7.31 -10.32 38.19
CA PHE D 477 8.75 -10.19 38.04
C PHE D 477 9.34 -9.41 39.20
N MET D 478 8.77 -8.25 39.51
CA MET D 478 9.34 -7.37 40.53
C MET D 478 9.28 -8.02 41.90
N ILE D 479 8.18 -8.70 42.23
CA ILE D 479 8.06 -9.35 43.53
C ILE D 479 9.04 -10.51 43.66
N GLY D 480 9.12 -11.37 42.64
CA GLY D 480 10.06 -12.48 42.70
C GLY D 480 11.50 -12.01 42.78
N TYR D 481 11.82 -10.97 42.00
CA TYR D 481 13.18 -10.43 42.01
C TYR D 481 13.49 -9.74 43.34
N ALA D 482 12.51 -9.10 43.96
CA ALA D 482 12.72 -8.51 45.28
C ALA D 482 13.01 -9.59 46.31
N SER D 483 12.29 -10.71 46.24
CA SER D 483 12.60 -11.83 47.12
C SER D 483 14.01 -12.35 46.87
N ALA D 484 14.38 -12.47 45.60
CA ALA D 484 15.73 -12.94 45.26
C ALA D 484 16.80 -12.03 45.84
N LEU D 485 16.59 -10.70 45.74
CA LEU D 485 17.57 -9.77 46.27
C LEU D 485 17.62 -9.80 47.79
N VAL D 486 16.46 -9.77 48.46
CA VAL D 486 16.48 -9.76 49.92
C VAL D 486 17.01 -11.07 50.47
N SER D 487 17.07 -12.12 49.65
CA SER D 487 17.81 -13.31 50.06
C SER D 487 19.29 -13.00 50.29
N LEU D 488 19.80 -11.97 49.60
CA LEU D 488 21.21 -11.59 49.70
C LEU D 488 21.49 -10.55 50.77
N LEU D 489 20.46 -9.97 51.39
CA LEU D 489 20.68 -8.85 52.29
C LEU D 489 21.34 -9.30 53.58
N ASN D 490 22.00 -8.35 54.27
CA ASN D 490 22.68 -8.67 55.55
C ASN D 490 21.62 -8.88 56.64
N PRO D 491 21.47 -10.09 57.21
CA PRO D 491 20.52 -10.32 58.30
C PRO D 491 20.97 -9.69 59.62
N CYS D 492 20.04 -9.17 60.41
CA CYS D 492 20.38 -8.58 61.73
C CYS D 492 19.09 -8.33 62.52
N PRO D 511 19.65 0.51 57.94
CA PRO D 511 19.34 0.70 56.53
C PRO D 511 18.28 -0.29 56.04
N SER D 512 18.69 -1.23 55.18
CA SER D 512 17.81 -2.25 54.65
C SER D 512 18.17 -3.64 55.17
N CYS D 513 18.46 -3.74 56.47
CA CYS D 513 18.84 -5.04 57.09
C CYS D 513 17.65 -6.01 57.07
N ARG D 514 17.92 -7.32 56.95
CA ARG D 514 16.84 -8.33 56.87
C ARG D 514 16.05 -8.39 58.19
N ASP D 515 14.72 -8.52 58.10
CA ASP D 515 13.85 -8.62 59.31
C ASP D 515 12.45 -9.09 58.85
N SER D 516 11.40 -8.61 59.51
CA SER D 516 10.04 -9.00 59.15
C SER D 516 9.47 -8.10 58.05
N GLU D 517 9.70 -6.79 58.15
CA GLU D 517 9.15 -5.83 57.22
C GLU D 517 10.13 -5.47 56.10
N THR D 518 11.14 -6.32 55.87
CA THR D 518 12.14 -6.00 54.86
C THR D 518 11.55 -5.96 53.46
N PHE D 519 10.62 -6.87 53.16
CA PHE D 519 10.16 -7.05 51.78
C PHE D 519 9.47 -5.79 51.26
N SER D 520 8.59 -5.19 52.07
CA SER D 520 7.80 -4.06 51.58
C SER D 520 8.68 -2.84 51.34
N THR D 521 9.53 -2.48 52.32
CA THR D 521 10.42 -1.34 52.15
C THR D 521 11.40 -1.58 51.02
N PHE D 522 11.85 -2.82 50.87
CA PHE D 522 12.76 -3.16 49.78
C PHE D 522 12.07 -3.01 48.43
N LEU D 523 10.80 -3.39 48.36
CA LEU D 523 10.02 -3.20 47.13
C LEU D 523 9.88 -1.72 46.82
N LEU D 524 9.62 -0.91 47.84
CA LEU D 524 9.57 0.54 47.65
C LEU D 524 10.89 1.07 47.08
N ASP D 525 12.02 0.65 47.68
CA ASP D 525 13.31 1.12 47.20
C ASP D 525 13.58 0.66 45.77
N LEU D 526 13.24 -0.59 45.47
CA LEU D 526 13.44 -1.11 44.12
C LEU D 526 12.64 -0.31 43.11
N PHE D 527 11.38 -0.01 43.43
CA PHE D 527 10.57 0.80 42.53
C PHE D 527 11.16 2.19 42.37
N LYS D 528 11.69 2.76 43.46
CA LYS D 528 12.28 4.09 43.38
C LYS D 528 13.49 4.11 42.45
N LEU D 529 14.35 3.09 42.54
CA LEU D 529 15.48 3.00 41.61
C LEU D 529 15.01 2.77 40.18
N THR D 530 13.95 1.99 39.99
CA THR D 530 13.42 1.81 38.64
C THR D 530 12.94 3.13 38.05
N ILE D 531 12.23 3.94 38.84
CA ILE D 531 11.76 5.23 38.33
C ILE D 531 12.93 6.17 38.12
N GLY D 532 13.80 6.30 39.11
CA GLY D 532 14.94 7.20 39.03
C GLY D 532 15.15 7.96 40.31
N MET D 533 14.16 7.92 41.21
CA MET D 533 14.25 8.58 42.50
C MET D 533 14.81 7.67 43.58
N GLY D 534 15.53 6.62 43.18
CA GLY D 534 16.12 5.73 44.17
C GLY D 534 17.49 6.20 44.60
N ASP D 535 17.94 5.68 45.73
CA ASP D 535 19.27 5.97 46.26
C ASP D 535 20.02 4.66 46.44
N LEU D 536 21.34 4.69 46.25
CA LEU D 536 22.17 3.49 46.38
C LEU D 536 22.62 3.32 47.83
N GLU D 537 21.62 3.42 48.72
CA GLU D 537 21.79 3.00 50.10
C GLU D 537 21.59 1.51 50.26
N MET D 538 21.00 0.88 49.24
CA MET D 538 20.83 -0.58 49.22
C MET D 538 22.17 -1.29 49.22
N LEU D 539 23.13 -0.78 48.45
CA LEU D 539 24.42 -1.45 48.29
C LEU D 539 25.25 -1.45 49.57
N SER D 540 25.00 -0.52 50.49
CA SER D 540 25.74 -0.47 51.73
C SER D 540 25.45 -1.64 52.66
N SER D 541 24.21 -2.15 52.64
CA SER D 541 23.85 -3.23 53.56
C SER D 541 24.42 -4.57 53.10
N THR D 542 24.40 -4.83 51.80
CA THR D 542 24.65 -6.18 51.28
C THR D 542 26.06 -6.66 51.62
N LYS D 543 26.19 -7.96 51.87
CA LYS D 543 27.49 -8.55 52.15
C LYS D 543 28.35 -8.65 50.90
N TYR D 544 27.74 -8.95 49.75
CA TYR D 544 28.48 -9.18 48.52
C TYR D 544 28.11 -8.12 47.49
N PRO D 545 28.85 -7.01 47.44
CA PRO D 545 28.47 -5.91 46.52
C PRO D 545 28.47 -6.31 45.06
N VAL D 546 29.39 -7.17 44.62
CA VAL D 546 29.57 -7.39 43.18
C VAL D 546 28.37 -8.11 42.58
N VAL D 547 27.91 -9.18 43.22
CA VAL D 547 26.76 -9.93 42.70
C VAL D 547 25.50 -9.08 42.79
N PHE D 548 25.39 -8.27 43.83
CA PHE D 548 24.24 -7.38 43.98
C PHE D 548 24.19 -6.36 42.86
N ILE D 549 25.35 -5.78 42.52
CA ILE D 549 25.41 -4.83 41.40
C ILE D 549 25.06 -5.53 40.09
N ILE D 550 25.59 -6.74 39.88
CA ILE D 550 25.29 -7.47 38.64
C ILE D 550 23.80 -7.73 38.53
N LEU D 551 23.18 -8.19 39.61
CA LEU D 551 21.75 -8.47 39.57
C LEU D 551 20.94 -7.21 39.31
N LEU D 552 21.29 -6.10 39.97
CA LEU D 552 20.55 -4.87 39.75
C LEU D 552 20.70 -4.36 38.32
N VAL D 553 21.90 -4.41 37.75
CA VAL D 553 22.03 -3.91 36.38
C VAL D 553 21.23 -4.80 35.43
N THR D 554 21.26 -6.12 35.63
CA THR D 554 20.43 -6.99 34.80
C THR D 554 18.96 -6.68 34.98
N TYR D 555 18.54 -6.36 36.21
CA TYR D 555 17.15 -6.05 36.46
C TYR D 555 16.72 -4.78 35.74
N ILE D 556 17.58 -3.76 35.73
CA ILE D 556 17.28 -2.56 34.95
C ILE D 556 17.17 -2.90 33.47
N ILE D 557 18.06 -3.77 32.96
CA ILE D 557 17.96 -4.17 31.56
C ILE D 557 16.61 -4.80 31.27
N LEU D 558 16.20 -5.77 32.10
CA LEU D 558 14.93 -6.46 31.84
C LEU D 558 13.72 -5.54 32.03
N THR D 559 13.75 -4.65 33.02
CA THR D 559 12.64 -3.72 33.19
C THR D 559 12.54 -2.77 32.00
N PHE D 560 13.69 -2.29 31.51
CA PHE D 560 13.70 -1.44 30.33
C PHE D 560 13.16 -2.20 29.12
N VAL D 561 13.51 -3.48 29.00
CA VAL D 561 13.00 -4.30 27.90
C VAL D 561 11.49 -4.45 28.01
N LEU D 562 10.98 -4.70 29.21
CA LEU D 562 9.53 -4.83 29.41
C LEU D 562 8.81 -3.54 29.01
N LEU D 563 9.31 -2.40 29.48
CA LEU D 563 8.68 -1.13 29.16
C LEU D 563 8.79 -0.83 27.66
N LEU D 564 9.92 -1.16 27.06
CA LEU D 564 10.11 -0.93 25.63
C LEU D 564 9.15 -1.77 24.80
N ASN D 565 8.94 -3.02 25.21
CA ASN D 565 8.00 -3.92 24.49
C ASN D 565 6.57 -3.42 24.70
N MET D 566 6.27 -2.93 25.90
CA MET D 566 4.96 -2.35 26.15
C MET D 566 4.71 -1.16 25.23
N LEU D 567 5.69 -0.26 25.12
CA LEU D 567 5.55 0.90 24.25
C LEU D 567 5.50 0.51 22.78
N ILE D 568 6.24 -0.54 22.41
CA ILE D 568 6.21 -1.03 21.04
C ILE D 568 4.83 -1.53 20.68
N ALA D 569 4.23 -2.34 21.56
CA ALA D 569 2.87 -2.81 21.32
C ALA D 569 1.89 -1.63 21.30
N LEU D 570 2.07 -0.68 22.22
CA LEU D 570 1.22 0.51 22.25
C LEU D 570 1.24 1.23 20.92
N MET D 571 2.43 1.54 20.41
CA MET D 571 2.52 2.28 19.15
C MET D 571 2.03 1.43 17.99
N GLY D 572 2.29 0.12 18.02
CA GLY D 572 1.86 -0.74 16.92
C GLY D 572 0.36 -0.80 16.79
N GLU D 573 -0.35 -1.01 17.89
CA GLU D 573 -1.81 -1.08 17.80
C GLU D 573 -2.45 0.29 17.96
N THR D 574 -1.63 1.34 18.10
CA THR D 574 -2.10 2.69 17.87
C THR D 574 -2.10 3.02 16.38
N VAL D 575 -0.98 2.76 15.70
CA VAL D 575 -0.89 2.97 14.26
C VAL D 575 -1.69 1.93 13.51
N GLY D 576 -2.17 0.89 14.19
CA GLY D 576 -3.15 0.00 13.57
C GLY D 576 -4.37 0.75 13.11
N GLN D 577 -4.81 1.73 13.89
CA GLN D 577 -5.79 2.70 13.41
C GLN D 577 -5.13 3.59 12.36
N VAL D 578 -5.75 3.69 11.18
CA VAL D 578 -5.18 4.38 10.04
C VAL D 578 -6.12 5.50 9.62
N SER D 579 -5.72 6.21 8.55
CA SER D 579 -6.50 7.34 8.07
C SER D 579 -7.90 6.90 7.64
N LYS D 580 -7.99 5.79 6.90
CA LYS D 580 -9.29 5.26 6.52
C LYS D 580 -10.10 4.87 7.75
N GLU D 581 -9.45 4.20 8.70
CA GLU D 581 -10.13 3.88 9.96
C GLU D 581 -10.64 5.15 10.62
N SER D 582 -9.75 6.02 11.05
CA SER D 582 -10.15 7.21 11.82
C SER D 582 -11.16 8.05 11.06
N LYS D 583 -11.16 7.97 9.73
CA LYS D 583 -12.15 8.71 8.95
C LYS D 583 -13.50 7.99 8.90
N HIS D 584 -13.54 6.68 9.11
CA HIS D 584 -14.80 5.94 9.06
C HIS D 584 -15.37 5.53 10.41
N ILE D 585 -14.57 5.57 11.49
CA ILE D 585 -15.01 5.00 12.76
C ILE D 585 -16.19 5.78 13.34
N TRP D 586 -16.22 7.10 13.14
CA TRP D 586 -17.15 7.96 13.86
C TRP D 586 -18.62 7.58 13.65
N LYS D 587 -18.99 7.24 12.42
CA LYS D 587 -20.35 6.81 12.13
C LYS D 587 -20.70 5.56 12.93
N LEU D 588 -19.79 4.58 12.90
CA LEU D 588 -20.00 3.34 13.64
C LEU D 588 -20.11 3.61 15.14
N GLN D 589 -19.29 4.52 15.65
CA GLN D 589 -19.28 4.76 17.12
C GLN D 589 -20.55 5.47 17.54
N TRP D 590 -21.01 6.41 16.73
CA TRP D 590 -22.29 7.07 17.03
C TRP D 590 -23.44 6.08 16.96
N ALA D 591 -23.40 5.17 15.98
CA ALA D 591 -24.42 4.12 15.93
C ALA D 591 -24.38 3.23 17.17
N THR D 592 -23.17 2.94 17.66
CA THR D 592 -23.03 2.13 18.90
C THR D 592 -23.64 2.92 20.06
N THR D 593 -23.31 4.21 20.15
CA THR D 593 -23.83 5.05 21.26
C THR D 593 -25.36 5.01 21.25
N ILE D 594 -25.97 5.23 20.08
CA ILE D 594 -27.42 5.32 20.00
C ILE D 594 -28.05 3.95 20.29
N LEU D 595 -27.44 2.87 19.84
CA LEU D 595 -28.13 1.57 20.06
C LEU D 595 -28.04 1.18 21.55
N ASP D 596 -26.89 1.43 22.18
CA ASP D 596 -26.74 1.14 23.62
C ASP D 596 -27.81 1.93 24.38
N ILE D 597 -27.93 3.22 24.09
CA ILE D 597 -28.90 4.09 24.80
C ILE D 597 -30.30 3.52 24.54
N GLU D 598 -30.53 3.02 23.33
CA GLU D 598 -31.87 2.53 23.02
C GLU D 598 -32.11 1.15 23.64
N ARG D 599 -31.05 0.36 23.81
CA ARG D 599 -31.17 -0.92 24.49
C ARG D 599 -31.27 -0.76 26.00
N SER D 600 -30.75 0.34 26.54
CA SER D 600 -30.85 0.56 27.98
C SER D 600 -32.30 0.72 28.43
N PHE D 601 -33.18 1.09 27.51
CA PHE D 601 -34.57 1.35 27.86
C PHE D 601 -35.33 0.04 28.07
N PRO D 602 -36.38 0.07 28.90
CA PRO D 602 -37.27 -1.09 28.99
C PRO D 602 -38.07 -1.29 27.71
N VAL D 603 -38.55 -2.52 27.50
CA VAL D 603 -39.23 -2.87 26.23
C VAL D 603 -40.46 -1.97 25.99
N PHE D 604 -41.21 -1.65 27.03
CA PHE D 604 -42.33 -0.73 26.81
C PHE D 604 -41.83 0.65 26.42
N LEU D 605 -40.73 1.09 27.03
CA LEU D 605 -40.13 2.36 26.65
C LEU D 605 -39.50 2.25 25.25
N ARG D 606 -39.01 1.07 24.90
CA ARG D 606 -38.50 0.83 23.56
C ARG D 606 -39.60 1.02 22.53
N LYS D 607 -40.78 0.48 22.81
CA LYS D 607 -41.92 0.58 21.85
C LYS D 607 -42.47 2.01 21.87
N ALA D 608 -42.37 2.70 23.01
CA ALA D 608 -42.92 4.05 23.09
C ALA D 608 -42.23 5.00 22.12
N PHE D 609 -40.90 4.88 21.98
CA PHE D 609 -40.12 5.71 21.07
C PHE D 609 -39.82 5.02 19.76
N ARG D 610 -40.77 4.25 19.24
CA ARG D 610 -40.60 3.59 17.95
C ARG D 610 -40.46 4.61 16.83
N SER D 611 -39.74 4.22 15.80
CA SER D 611 -39.52 5.06 14.62
C SER D 611 -40.41 4.57 13.48
N GLY D 612 -41.06 5.51 12.81
CA GLY D 612 -42.01 5.20 11.76
C GLY D 612 -43.43 5.08 12.30
N GLU D 613 -44.36 4.90 11.37
CA GLU D 613 -45.77 4.82 11.71
C GLU D 613 -46.41 3.66 10.96
N MET D 614 -47.50 3.12 11.52
CA MET D 614 -48.26 2.10 10.82
C MET D 614 -48.91 2.68 9.58
N VAL D 615 -48.83 1.93 8.48
CA VAL D 615 -49.45 2.32 7.22
C VAL D 615 -50.01 1.07 6.55
N THR D 616 -51.16 1.23 5.90
CA THR D 616 -51.81 0.13 5.19
C THR D 616 -51.11 -0.01 3.85
N VAL D 617 -50.07 -0.84 3.81
CA VAL D 617 -49.28 -1.00 2.60
C VAL D 617 -50.08 -1.69 1.50
N GLY D 618 -50.94 -2.64 1.86
CA GLY D 618 -51.74 -3.32 0.88
C GLY D 618 -52.27 -4.63 1.41
N LYS D 619 -53.01 -5.32 0.54
CA LYS D 619 -53.67 -6.56 0.91
C LYS D 619 -52.66 -7.71 0.92
N SER D 620 -52.78 -8.60 1.90
CA SER D 620 -51.90 -9.74 2.02
C SER D 620 -52.43 -10.91 1.18
N SER D 621 -51.75 -12.06 1.28
CA SER D 621 -52.18 -13.24 0.55
C SER D 621 -53.55 -13.71 1.01
N ASP D 622 -53.82 -13.67 2.32
CA ASP D 622 -55.11 -14.08 2.84
C ASP D 622 -56.20 -13.04 2.58
N GLY D 623 -55.85 -11.85 2.11
CA GLY D 623 -56.79 -10.79 1.83
C GLY D 623 -56.86 -9.71 2.88
N THR D 624 -56.31 -9.94 4.07
CA THR D 624 -56.31 -8.92 5.10
C THR D 624 -55.24 -7.86 4.81
N PRO D 625 -55.51 -6.60 5.17
CA PRO D 625 -54.49 -5.57 5.00
C PRO D 625 -53.29 -5.82 5.91
N ASP D 626 -52.11 -5.40 5.43
CA ASP D 626 -50.87 -5.57 6.18
C ASP D 626 -50.53 -4.25 6.86
N ARG D 627 -50.62 -4.24 8.18
CA ARG D 627 -50.22 -3.08 8.98
C ARG D 627 -48.74 -3.22 9.33
N ARG D 628 -47.90 -2.49 8.61
CA ARG D 628 -46.46 -2.58 8.78
C ARG D 628 -45.92 -1.25 9.29
N TRP D 629 -45.05 -1.31 10.28
CA TRP D 629 -44.32 -0.11 10.69
C TRP D 629 -43.33 0.27 9.61
N CYS D 630 -43.53 1.44 9.00
CA CYS D 630 -42.74 1.85 7.86
C CYS D 630 -42.12 3.21 8.13
N PHE D 631 -40.94 3.42 7.56
CA PHE D 631 -40.16 4.65 7.71
C PHE D 631 -40.15 5.38 6.37
N ARG D 632 -40.53 6.66 6.39
CA ARG D 632 -40.65 7.44 5.16
C ARG D 632 -39.30 8.07 4.82
N VAL D 633 -38.80 7.81 3.63
CA VAL D 633 -37.57 8.39 3.13
C VAL D 633 -37.87 9.09 1.81
N ASP D 634 -37.45 10.33 1.68
CA ASP D 634 -37.72 11.13 0.50
C ASP D 634 -36.47 11.18 -0.38
N GLU D 635 -36.64 10.92 -1.67
CA GLU D 635 -35.50 10.82 -2.58
C GLU D 635 -35.87 11.41 -3.93
N VAL D 636 -34.91 11.39 -4.84
CA VAL D 636 -35.07 11.93 -6.19
C VAL D 636 -34.54 10.91 -7.18
N ASN D 637 -35.17 10.85 -8.36
CA ASN D 637 -34.66 10.09 -9.49
C ASN D 637 -34.76 10.95 -10.73
N TRP D 638 -33.62 11.22 -11.36
CA TRP D 638 -33.57 12.06 -12.55
C TRP D 638 -33.51 11.26 -13.84
N SER D 639 -33.58 9.94 -13.76
CA SER D 639 -33.53 9.09 -14.95
C SER D 639 -34.83 8.34 -15.16
N MET E 1 -45.66 -28.27 6.75
CA MET E 1 -44.50 -27.45 6.41
C MET E 1 -43.35 -28.33 5.91
N ALA E 2 -42.13 -27.81 6.04
CA ALA E 2 -40.96 -28.57 5.60
C ALA E 2 -40.78 -29.81 6.46
N ALA E 3 -40.49 -30.93 5.80
CA ALA E 3 -40.28 -32.20 6.48
C ALA E 3 -38.80 -32.35 6.82
N ILE E 4 -38.49 -32.35 8.12
CA ILE E 4 -37.11 -32.50 8.55
C ILE E 4 -36.64 -33.93 8.29
N ARG E 5 -35.34 -34.10 8.09
CA ARG E 5 -34.74 -35.41 7.85
C ARG E 5 -33.84 -35.79 9.02
N LYS E 6 -34.10 -36.96 9.58
CA LYS E 6 -33.31 -37.50 10.69
C LYS E 6 -32.61 -38.77 10.22
N LYS E 7 -31.35 -38.92 10.59
CA LYS E 7 -30.55 -40.07 10.20
C LYS E 7 -30.65 -41.15 11.27
N LEU E 8 -31.12 -42.32 10.86
CA LEU E 8 -31.32 -43.46 11.76
C LEU E 8 -30.36 -44.58 11.36
N VAL E 9 -29.66 -45.14 12.34
CA VAL E 9 -28.69 -46.21 12.11
C VAL E 9 -29.09 -47.40 12.97
N ILE E 10 -29.18 -48.56 12.31
CA ILE E 10 -29.62 -49.81 13.00
C ILE E 10 -28.45 -50.79 13.04
N VAL E 11 -27.87 -51.02 14.22
CA VAL E 11 -26.72 -51.90 14.39
C VAL E 11 -27.13 -53.09 15.25
N GLY E 12 -26.51 -54.23 15.02
CA GLY E 12 -26.83 -55.43 15.77
C GLY E 12 -26.05 -56.61 15.25
N ASP E 13 -26.25 -57.75 15.91
CA ASP E 13 -25.54 -58.96 15.56
C ASP E 13 -26.10 -59.56 14.27
N GLY E 14 -25.40 -60.59 13.78
CA GLY E 14 -25.86 -61.26 12.57
C GLY E 14 -27.20 -61.93 12.79
N ALA E 15 -28.13 -61.68 11.86
CA ALA E 15 -29.45 -62.32 11.85
C ALA E 15 -30.22 -62.04 13.14
N CYS E 16 -30.36 -60.75 13.47
CA CYS E 16 -31.17 -60.32 14.60
C CYS E 16 -32.35 -59.45 14.16
N GLY E 17 -32.78 -59.61 12.90
CA GLY E 17 -33.96 -58.92 12.42
C GLY E 17 -33.80 -57.45 12.13
N LYS E 18 -32.59 -57.00 11.77
CA LYS E 18 -32.39 -55.59 11.46
C LYS E 18 -32.99 -55.24 10.11
N THR E 19 -32.51 -55.88 9.04
CA THR E 19 -33.00 -55.58 7.70
C THR E 19 -34.47 -55.92 7.57
N CYS E 20 -34.91 -57.01 8.21
CA CYS E 20 -36.33 -57.34 8.19
C CYS E 20 -37.17 -56.26 8.86
N LEU E 21 -36.70 -55.73 9.99
CA LEU E 21 -37.41 -54.63 10.65
C LEU E 21 -37.46 -53.40 9.75
N LEU E 22 -36.34 -53.05 9.11
CA LEU E 22 -36.32 -51.89 8.23
C LEU E 22 -37.28 -52.07 7.06
N ILE E 23 -37.29 -53.26 6.45
CA ILE E 23 -38.17 -53.51 5.32
C ILE E 23 -39.63 -53.48 5.74
N VAL E 24 -39.95 -54.06 6.91
CA VAL E 24 -41.32 -54.04 7.39
C VAL E 24 -41.78 -52.60 7.65
N PHE E 25 -40.91 -51.78 8.24
CA PHE E 25 -41.26 -50.39 8.46
C PHE E 25 -41.44 -49.63 7.16
N SER E 26 -40.56 -49.88 6.18
CA SER E 26 -40.56 -49.05 4.97
C SER E 26 -41.62 -49.51 3.97
N LYS E 27 -41.49 -50.75 3.48
CA LYS E 27 -42.34 -51.27 2.43
C LYS E 27 -43.63 -51.90 2.93
N ASP E 28 -43.81 -52.02 4.24
CA ASP E 28 -44.97 -52.57 4.93
C ASP E 28 -45.12 -54.07 4.68
N GLN E 29 -44.19 -54.68 3.95
CA GLN E 29 -44.33 -56.12 3.61
C GLN E 29 -43.12 -56.90 4.10
N PHE E 30 -43.34 -57.90 4.94
CA PHE E 30 -42.25 -58.73 5.45
C PHE E 30 -41.63 -59.49 4.28
N PRO E 31 -40.32 -59.41 4.08
CA PRO E 31 -39.69 -60.12 2.96
C PRO E 31 -39.92 -61.62 3.05
N GLU E 32 -40.22 -62.23 1.90
CA GLU E 32 -40.57 -63.64 1.89
C GLU E 32 -39.34 -64.52 1.68
N VAL E 33 -38.58 -64.28 0.61
CA VAL E 33 -37.46 -65.14 0.26
C VAL E 33 -36.16 -64.35 0.26
N TYR E 34 -36.08 -63.33 -0.61
CA TYR E 34 -34.81 -62.59 -0.80
C TYR E 34 -34.70 -61.36 0.10
N VAL E 35 -34.35 -61.55 1.37
CA VAL E 35 -34.07 -60.44 2.28
C VAL E 35 -32.64 -59.97 2.03
N PRO E 36 -32.40 -58.69 1.65
CA PRO E 36 -31.07 -58.21 1.35
C PRO E 36 -30.22 -58.13 2.63
N THR E 37 -28.91 -58.28 2.49
CA THR E 37 -28.02 -58.16 3.68
C THR E 37 -28.26 -56.79 4.33
N VAL E 38 -28.29 -55.72 3.52
CA VAL E 38 -28.47 -54.38 4.07
C VAL E 38 -29.58 -53.69 3.29
N PHE E 39 -30.47 -53.02 4.00
CA PHE E 39 -31.47 -52.16 3.37
C PHE E 39 -30.97 -50.72 3.38
N GLU E 40 -30.52 -50.24 2.22
CA GLU E 40 -29.75 -49.01 2.15
C GLU E 40 -30.45 -47.99 1.26
N ASN E 41 -30.14 -46.72 1.51
CA ASN E 41 -30.56 -45.60 0.67
C ASN E 41 -32.09 -45.50 0.58
N TYR E 42 -32.77 -45.62 1.71
CA TYR E 42 -34.21 -45.44 1.79
C TYR E 42 -34.54 -44.36 2.81
N VAL E 43 -35.51 -43.52 2.49
CA VAL E 43 -36.03 -42.53 3.41
C VAL E 43 -37.52 -42.82 3.61
N ALA E 44 -37.95 -42.85 4.87
CA ALA E 44 -39.32 -43.21 5.23
C ALA E 44 -40.01 -42.01 5.83
N ASP E 45 -41.26 -41.77 5.40
CA ASP E 45 -42.04 -40.65 5.90
C ASP E 45 -42.82 -41.07 7.14
N ILE E 46 -42.63 -40.34 8.23
CA ILE E 46 -43.36 -40.66 9.50
C ILE E 46 -43.93 -39.36 10.06
N GLU E 47 -45.05 -39.43 10.78
CA GLU E 47 -45.61 -38.20 11.41
C GLU E 47 -45.57 -38.37 12.93
N VAL E 48 -44.88 -37.47 13.63
CA VAL E 48 -44.86 -37.52 15.13
C VAL E 48 -45.26 -36.14 15.66
N ASP E 49 -46.26 -36.09 16.54
CA ASP E 49 -46.72 -34.80 17.13
C ASP E 49 -47.07 -33.83 16.00
N GLY E 50 -47.70 -34.33 14.93
CA GLY E 50 -48.11 -33.48 13.79
C GLY E 50 -46.92 -32.83 13.11
N LYS E 51 -45.75 -33.49 13.14
CA LYS E 51 -44.55 -32.94 12.44
C LYS E 51 -44.04 -34.00 11.45
N GLN E 52 -43.80 -33.61 10.21
CA GLN E 52 -43.36 -34.58 9.18
C GLN E 52 -41.86 -34.82 9.32
N VAL E 53 -41.44 -36.08 9.50
CA VAL E 53 -40.03 -36.42 9.63
C VAL E 53 -39.70 -37.49 8.60
N GLU E 54 -38.64 -37.25 7.82
CA GLU E 54 -38.14 -38.23 6.87
C GLU E 54 -36.96 -38.97 7.51
N LEU E 55 -37.17 -40.23 7.85
CA LEU E 55 -36.16 -41.03 8.52
C LEU E 55 -35.24 -41.65 7.47
N ALA E 56 -33.98 -41.23 7.46
CA ALA E 56 -32.98 -41.77 6.55
C ALA E 56 -32.45 -43.06 7.15
N LEU E 57 -33.12 -44.16 6.85
CA LEU E 57 -32.77 -45.45 7.44
C LEU E 57 -31.43 -45.94 6.91
N TRP E 58 -30.45 -46.03 7.80
CA TRP E 58 -29.14 -46.57 7.47
C TRP E 58 -28.98 -47.93 8.11
N ASP E 59 -28.57 -48.92 7.32
CA ASP E 59 -28.43 -50.29 7.77
C ASP E 59 -26.96 -50.68 7.80
N THR E 60 -26.58 -51.46 8.80
CA THR E 60 -25.22 -51.94 8.97
C THR E 60 -25.23 -53.46 9.11
N ALA E 61 -24.18 -54.10 8.57
CA ALA E 61 -24.11 -55.58 8.63
C ALA E 61 -22.78 -56.02 9.23
N GLY E 62 -22.69 -57.30 9.60
CA GLY E 62 -21.46 -57.83 10.24
C GLY E 62 -20.73 -58.83 9.37
N GLN E 63 -20.93 -58.80 8.06
CA GLN E 63 -20.33 -59.82 7.17
C GLN E 63 -19.35 -59.20 6.19
N GLU E 64 -18.19 -59.83 5.98
CA GLU E 64 -17.21 -59.39 4.94
C GLU E 64 -16.84 -57.91 5.04
N ASP E 65 -16.92 -57.18 3.91
CA ASP E 65 -16.53 -55.75 3.85
C ASP E 65 -17.43 -54.90 4.75
N TYR E 66 -18.64 -55.36 5.04
CA TYR E 66 -19.58 -54.52 5.80
C TYR E 66 -18.98 -54.19 7.17
N ASP E 67 -18.30 -55.13 7.84
CA ASP E 67 -17.62 -54.82 9.12
C ASP E 67 -16.67 -53.63 8.93
N ARG E 68 -16.00 -53.56 7.78
CA ARG E 68 -15.06 -52.45 7.47
C ARG E 68 -15.79 -51.14 7.21
N LEU E 69 -16.93 -51.18 6.51
CA LEU E 69 -17.61 -49.91 6.14
C LEU E 69 -18.73 -49.56 7.13
N ARG E 70 -18.94 -50.34 8.19
CA ARG E 70 -19.92 -49.98 9.25
C ARG E 70 -19.47 -48.70 9.97
N PRO E 71 -18.19 -48.48 10.34
CA PRO E 71 -17.76 -47.22 10.91
C PRO E 71 -18.14 -45.98 10.08
N LEU E 72 -18.18 -46.09 8.76
CA LEU E 72 -18.44 -44.91 7.94
C LEU E 72 -19.91 -44.52 7.96
N SER E 73 -20.79 -45.43 8.37
CA SER E 73 -22.21 -45.10 8.45
C SER E 73 -22.53 -44.25 9.67
N TYR E 74 -21.74 -44.40 10.73
CA TYR E 74 -22.02 -43.68 11.98
C TYR E 74 -22.03 -42.16 11.86
N PRO E 75 -21.12 -41.51 11.13
CA PRO E 75 -21.11 -40.04 11.12
C PRO E 75 -22.45 -39.44 10.71
N ASP E 76 -22.80 -38.32 11.35
CA ASP E 76 -24.00 -37.51 11.12
C ASP E 76 -25.28 -38.21 11.56
N THR E 77 -25.18 -39.26 12.37
CA THR E 77 -26.37 -39.96 12.82
C THR E 77 -27.16 -39.12 13.82
N ASP E 78 -28.46 -39.42 13.93
CA ASP E 78 -29.34 -38.73 14.85
C ASP E 78 -29.92 -39.64 15.93
N VAL E 79 -30.14 -40.91 15.62
CA VAL E 79 -30.60 -41.90 16.58
C VAL E 79 -30.01 -43.25 16.21
N ILE E 80 -29.65 -44.03 17.23
CA ILE E 80 -29.04 -45.34 17.05
C ILE E 80 -30.02 -46.39 17.55
N LEU E 81 -30.40 -47.32 16.68
CA LEU E 81 -31.28 -48.44 17.03
C LEU E 81 -30.44 -49.70 17.12
N MET E 82 -29.85 -49.93 18.28
CA MET E 82 -29.16 -51.20 18.51
C MET E 82 -30.17 -52.34 18.62
N CYS E 83 -29.87 -53.44 17.96
CA CYS E 83 -30.82 -54.54 17.79
C CYS E 83 -30.26 -55.82 18.39
N PHE E 84 -31.17 -56.59 19.00
CA PHE E 84 -30.81 -57.94 19.53
C PHE E 84 -32.09 -58.77 19.38
N SER E 85 -31.98 -60.03 18.97
CA SER E 85 -33.18 -60.90 18.87
C SER E 85 -33.71 -61.24 20.26
N ILE E 86 -35.03 -61.20 20.46
CA ILE E 86 -35.61 -61.63 21.78
C ILE E 86 -35.32 -63.13 21.94
N ASP E 87 -35.49 -63.90 20.86
CA ASP E 87 -35.23 -65.36 20.91
C ASP E 87 -33.75 -65.63 21.21
N SER E 88 -32.84 -64.90 20.56
CA SER E 88 -31.40 -65.21 20.74
C SER E 88 -30.81 -64.32 21.84
N PRO E 89 -30.41 -64.89 23.00
CA PRO E 89 -29.92 -64.07 24.10
C PRO E 89 -28.46 -63.64 23.92
N ASP E 90 -27.64 -64.42 23.22
CA ASP E 90 -26.22 -64.13 23.06
C ASP E 90 -25.99 -62.71 22.56
N SER E 91 -26.86 -62.24 21.68
CA SER E 91 -26.85 -60.83 21.30
C SER E 91 -27.07 -59.94 22.52
N LEU E 92 -28.00 -60.33 23.41
CA LEU E 92 -28.28 -59.50 24.57
C LEU E 92 -27.04 -59.35 25.46
N GLU E 93 -26.34 -60.44 25.74
CA GLU E 93 -25.16 -60.31 26.59
C GLU E 93 -23.99 -59.66 25.84
N ASN E 94 -24.03 -59.71 24.50
CA ASN E 94 -22.96 -59.10 23.67
C ASN E 94 -23.22 -57.60 23.47
N ILE E 95 -24.48 -57.16 23.55
CA ILE E 95 -24.82 -55.74 23.28
C ILE E 95 -23.93 -54.86 24.15
N PRO E 96 -23.88 -55.00 25.50
CA PRO E 96 -23.09 -54.11 26.33
C PRO E 96 -21.59 -54.25 26.03
N GLU E 97 -21.13 -55.48 25.80
CA GLU E 97 -19.68 -55.72 25.58
C GLU E 97 -19.15 -55.07 24.29
N LYS E 98 -19.88 -55.17 23.16
CA LYS E 98 -19.32 -54.65 21.88
C LYS E 98 -20.14 -53.50 21.31
N TRP E 99 -21.46 -53.65 21.21
CA TRP E 99 -22.29 -52.62 20.54
C TRP E 99 -22.30 -51.28 21.27
N THR E 100 -22.46 -51.30 22.60
CA THR E 100 -22.54 -50.01 23.35
C THR E 100 -21.24 -49.23 23.13
N PRO E 101 -20.03 -49.80 23.34
CA PRO E 101 -18.80 -49.08 23.03
C PRO E 101 -18.67 -48.61 21.58
N GLU E 102 -18.94 -49.46 20.59
CA GLU E 102 -18.71 -49.05 19.17
C GLU E 102 -19.55 -47.82 18.86
N VAL E 103 -20.81 -47.83 19.27
CA VAL E 103 -21.73 -46.70 19.01
C VAL E 103 -21.20 -45.48 19.76
N LYS E 104 -20.80 -45.63 21.01
CA LYS E 104 -20.36 -44.46 21.83
C LYS E 104 -19.10 -43.83 21.23
N HIS E 105 -18.16 -44.65 20.75
CA HIS E 105 -16.89 -44.14 20.20
C HIS E 105 -17.15 -43.27 18.96
N PHE E 106 -18.10 -43.67 18.12
CA PHE E 106 -18.32 -42.92 16.85
C PHE E 106 -19.53 -42.00 16.98
N CYS E 107 -20.40 -42.23 17.98
CA CYS E 107 -21.60 -41.40 18.12
C CYS E 107 -21.74 -40.91 19.56
N PRO E 108 -20.92 -39.93 19.97
CA PRO E 108 -21.13 -39.31 21.28
C PRO E 108 -22.37 -38.43 21.29
N ASN E 109 -23.02 -38.39 22.45
CA ASN E 109 -24.18 -37.53 22.69
C ASN E 109 -25.32 -37.79 21.71
N VAL E 110 -25.46 -39.04 21.26
CA VAL E 110 -26.49 -39.43 20.31
C VAL E 110 -27.44 -40.35 21.03
N PRO E 111 -28.76 -40.20 20.89
CA PRO E 111 -29.69 -41.09 21.57
C PRO E 111 -29.46 -42.54 21.17
N ILE E 112 -29.60 -43.43 22.14
CA ILE E 112 -29.38 -44.86 21.95
C ILE E 112 -30.64 -45.60 22.34
N ILE E 113 -31.11 -46.48 21.45
CA ILE E 113 -32.28 -47.32 21.70
C ILE E 113 -31.91 -48.75 21.36
N LEU E 114 -32.18 -49.67 22.29
CA LEU E 114 -32.00 -51.09 22.06
C LEU E 114 -33.38 -51.73 21.93
N VAL E 115 -33.57 -52.54 20.89
CA VAL E 115 -34.87 -53.07 20.53
C VAL E 115 -34.81 -54.60 20.52
N GLY E 116 -35.87 -55.24 21.01
CA GLY E 116 -35.93 -56.72 20.99
C GLY E 116 -36.65 -57.25 19.76
N ASN E 117 -35.92 -57.45 18.65
CA ASN E 117 -36.53 -57.94 17.39
C ASN E 117 -36.85 -59.44 17.51
N LYS E 118 -37.69 -59.97 16.61
CA LYS E 118 -38.10 -61.41 16.65
C LYS E 118 -38.80 -61.70 17.98
N LYS E 119 -39.62 -60.76 18.46
CA LYS E 119 -40.35 -60.94 19.74
C LYS E 119 -41.26 -62.16 19.63
N ASP E 120 -41.81 -62.43 18.43
CA ASP E 120 -42.78 -63.54 18.25
C ASP E 120 -42.16 -64.86 18.73
N LEU E 121 -40.83 -64.98 18.69
CA LEU E 121 -40.17 -66.27 19.03
C LEU E 121 -40.16 -66.52 20.54
N ARG E 122 -40.38 -65.47 21.35
CA ARG E 122 -40.44 -65.65 22.84
C ARG E 122 -41.32 -66.84 23.20
N ASN E 123 -42.52 -66.95 22.60
CA ASN E 123 -43.42 -68.03 22.93
C ASN E 123 -43.34 -69.19 21.95
N ASP E 124 -42.44 -69.13 20.96
CA ASP E 124 -42.32 -70.20 19.99
C ASP E 124 -41.78 -71.46 20.66
N GLU E 125 -42.37 -72.61 20.31
CA GLU E 125 -41.96 -73.87 20.91
C GLU E 125 -40.61 -74.33 20.36
N HIS E 126 -40.44 -74.20 19.04
CA HIS E 126 -39.17 -74.63 18.40
C HIS E 126 -38.00 -73.84 19.00
N THR E 127 -38.11 -72.51 19.03
CA THR E 127 -37.02 -71.68 19.54
C THR E 127 -36.76 -71.97 21.02
N ARG E 128 -37.82 -72.19 21.80
CA ARG E 128 -37.64 -72.53 23.21
C ARG E 128 -36.88 -73.84 23.37
N ARG E 129 -37.24 -74.85 22.56
CA ARG E 129 -36.54 -76.12 22.60
C ARG E 129 -35.08 -75.98 22.17
N GLU E 130 -34.83 -75.18 21.14
CA GLU E 130 -33.46 -74.95 20.69
C GLU E 130 -32.63 -74.27 21.77
N LEU E 131 -33.21 -73.29 22.46
CA LEU E 131 -32.50 -72.64 23.56
C LEU E 131 -32.26 -73.59 24.72
N ALA E 132 -33.26 -74.42 25.05
CA ALA E 132 -33.10 -75.37 26.13
C ALA E 132 -32.01 -76.40 25.81
N LYS E 133 -31.85 -76.72 24.52
CA LYS E 133 -30.77 -77.61 24.11
C LYS E 133 -29.41 -77.00 24.44
N MET E 134 -29.31 -75.67 24.43
CA MET E 134 -28.09 -74.96 24.79
C MET E 134 -28.17 -74.36 26.19
N LYS E 135 -29.16 -74.77 26.99
CA LYS E 135 -29.35 -74.28 28.35
C LYS E 135 -29.53 -72.76 28.38
N GLN E 136 -30.49 -72.28 27.58
CA GLN E 136 -30.78 -70.87 27.49
C GLN E 136 -32.29 -70.65 27.51
N GLU E 137 -32.69 -69.43 27.82
CA GLU E 137 -34.09 -69.04 27.86
C GLU E 137 -34.30 -67.75 27.06
N PRO E 138 -35.50 -67.45 26.48
CA PRO E 138 -35.66 -66.24 25.67
C PRO E 138 -35.51 -64.98 26.54
N VAL E 139 -35.13 -63.86 25.93
CA VAL E 139 -34.91 -62.60 26.70
C VAL E 139 -36.23 -62.13 27.33
N LYS E 140 -36.26 -61.98 28.65
CA LYS E 140 -37.45 -61.46 29.30
C LYS E 140 -37.53 -59.94 29.14
N PRO E 141 -38.74 -59.36 29.16
CA PRO E 141 -38.84 -57.89 29.14
C PRO E 141 -38.13 -57.24 30.31
N GLU E 142 -38.18 -57.86 31.50
CA GLU E 142 -37.42 -57.35 32.63
C GLU E 142 -35.93 -57.41 32.35
N GLU E 143 -35.47 -58.47 31.69
CA GLU E 143 -34.07 -58.55 31.29
C GLU E 143 -33.72 -57.44 30.31
N GLY E 144 -34.65 -57.10 29.41
CA GLY E 144 -34.41 -56.01 28.47
C GLY E 144 -34.30 -54.67 29.17
N ARG E 145 -35.18 -54.40 30.14
CA ARG E 145 -35.05 -53.18 30.92
C ARG E 145 -33.76 -53.16 31.74
N ASP E 146 -33.34 -54.34 32.22
CA ASP E 146 -32.08 -54.44 33.00
C ASP E 146 -30.90 -54.13 32.09
N MET E 147 -30.95 -54.58 30.84
CA MET E 147 -29.90 -54.28 29.86
C MET E 147 -29.90 -52.79 29.50
N ALA E 148 -31.09 -52.20 29.35
CA ALA E 148 -31.17 -50.77 29.08
C ALA E 148 -30.64 -49.95 30.25
N ASN E 149 -30.78 -50.47 31.47
CA ASN E 149 -30.24 -49.77 32.64
C ASN E 149 -28.72 -49.68 32.57
N ARG E 150 -28.06 -50.76 32.17
CA ARG E 150 -26.60 -50.74 32.09
C ARG E 150 -26.11 -49.68 31.10
N ILE E 151 -26.69 -49.68 29.89
CA ILE E 151 -26.29 -48.71 28.88
C ILE E 151 -26.78 -47.31 29.24
N GLY E 152 -27.98 -47.21 29.80
CA GLY E 152 -28.62 -45.92 29.96
C GLY E 152 -29.30 -45.45 28.69
N ALA E 153 -29.86 -46.37 27.91
CA ALA E 153 -30.42 -46.04 26.62
C ALA E 153 -31.72 -45.25 26.78
N PHE E 154 -32.18 -44.69 25.66
CA PHE E 154 -33.42 -43.92 25.67
C PHE E 154 -34.61 -44.80 26.04
N GLY E 155 -34.66 -46.03 25.52
CA GLY E 155 -35.76 -46.92 25.84
C GLY E 155 -35.53 -48.31 25.29
N TYR E 156 -36.44 -49.21 25.69
CA TYR E 156 -36.39 -50.61 25.22
C TYR E 156 -37.80 -51.08 24.86
N MET E 157 -38.07 -51.30 23.57
CA MET E 157 -39.33 -51.85 23.11
C MET E 157 -39.04 -53.06 22.23
N GLU E 158 -39.94 -54.04 22.23
CA GLU E 158 -39.72 -55.30 21.48
C GLU E 158 -40.44 -55.21 20.12
N CYS E 159 -39.83 -55.77 19.08
CA CYS E 159 -40.45 -55.72 17.74
C CYS E 159 -40.58 -57.13 17.19
N SER E 160 -41.62 -57.39 16.41
CA SER E 160 -41.77 -58.70 15.72
C SER E 160 -42.06 -58.39 14.27
N ALA E 161 -41.02 -58.39 13.43
CA ALA E 161 -41.17 -57.99 12.04
C ALA E 161 -42.13 -58.91 11.29
N LYS E 162 -42.10 -60.21 11.58
CA LYS E 162 -42.96 -61.15 10.86
C LYS E 162 -44.43 -60.85 11.09
N THR E 163 -44.80 -60.55 12.33
CA THR E 163 -46.19 -60.26 12.67
C THR E 163 -46.53 -58.78 12.55
N LYS E 164 -45.56 -57.92 12.21
CA LYS E 164 -45.77 -56.48 12.07
C LYS E 164 -46.35 -55.87 13.35
N ASP E 165 -45.86 -56.34 14.50
CA ASP E 165 -46.28 -55.82 15.79
C ASP E 165 -45.10 -55.12 16.44
N GLY E 166 -45.29 -53.86 16.82
CA GLY E 166 -44.23 -53.07 17.41
C GLY E 166 -43.28 -52.43 16.43
N VAL E 167 -43.47 -52.67 15.11
CA VAL E 167 -42.57 -52.11 14.11
C VAL E 167 -42.80 -50.63 13.85
N ARG E 168 -43.85 -50.05 14.43
CA ARG E 168 -44.15 -48.63 14.23
C ARG E 168 -43.83 -47.77 15.45
N GLU E 169 -44.19 -48.23 16.64
CA GLU E 169 -43.92 -47.44 17.84
C GLU E 169 -42.43 -47.31 18.11
N VAL E 170 -41.64 -48.32 17.72
CA VAL E 170 -40.19 -48.24 17.88
C VAL E 170 -39.63 -47.09 17.04
N PHE E 171 -40.04 -47.00 15.78
CA PHE E 171 -39.55 -45.92 14.94
C PHE E 171 -40.12 -44.57 15.37
N GLU E 172 -41.34 -44.56 15.90
CA GLU E 172 -41.88 -43.32 16.45
C GLU E 172 -41.06 -42.84 17.64
N MET E 173 -40.68 -43.75 18.54
CA MET E 173 -39.81 -43.41 19.65
C MET E 173 -38.44 -42.95 19.16
N ALA E 174 -37.92 -43.62 18.13
CA ALA E 174 -36.61 -43.25 17.59
C ALA E 174 -36.63 -41.83 17.02
N THR E 175 -37.66 -41.49 16.25
CA THR E 175 -37.72 -40.15 15.68
C THR E 175 -38.04 -39.11 16.74
N ARG E 176 -38.78 -39.50 17.79
CA ARG E 176 -39.01 -38.57 18.90
C ARG E 176 -37.71 -38.26 19.62
N ALA E 177 -36.86 -39.28 19.83
CA ALA E 177 -35.57 -39.06 20.45
C ALA E 177 -34.65 -38.25 19.54
N ALA E 178 -34.72 -38.49 18.23
CA ALA E 178 -33.91 -37.73 17.29
C ALA E 178 -34.34 -36.26 17.26
N LEU E 179 -35.64 -36.00 17.43
CA LEU E 179 -36.13 -34.63 17.39
C LEU E 179 -35.59 -33.81 18.57
N GLN E 180 -35.13 -34.47 19.62
CA GLN E 180 -34.60 -33.78 20.79
C GLN E 180 -33.32 -33.02 20.46
N MET F 1 33.17 14.15 -40.37
CA MET F 1 32.25 13.61 -39.36
C MET F 1 30.86 14.18 -39.54
N ALA F 2 30.09 14.19 -38.45
CA ALA F 2 28.74 14.74 -38.50
C ALA F 2 28.78 16.24 -38.74
N ALA F 3 27.91 16.71 -39.64
CA ALA F 3 27.83 18.13 -39.98
C ALA F 3 26.82 18.80 -39.06
N ILE F 4 27.31 19.70 -38.21
CA ILE F 4 26.43 20.42 -37.30
C ILE F 4 25.57 21.41 -38.08
N ARG F 5 24.39 21.72 -37.56
CA ARG F 5 23.47 22.66 -38.19
C ARG F 5 23.33 23.90 -37.31
N LYS F 6 23.58 25.06 -37.90
CA LYS F 6 23.44 26.35 -37.23
C LYS F 6 22.33 27.14 -37.90
N LYS F 7 21.50 27.78 -37.08
CA LYS F 7 20.38 28.56 -37.57
C LYS F 7 20.81 30.01 -37.76
N LEU F 8 20.66 30.50 -38.99
CA LEU F 8 21.06 31.86 -39.36
C LEU F 8 19.82 32.66 -39.74
N VAL F 9 19.68 33.85 -39.19
CA VAL F 9 18.54 34.72 -39.45
C VAL F 9 19.05 36.04 -39.99
N ILE F 10 18.48 36.45 -41.13
CA ILE F 10 18.92 37.70 -41.82
C ILE F 10 17.78 38.72 -41.75
N VAL F 11 17.94 39.78 -40.96
CA VAL F 11 16.92 40.81 -40.78
C VAL F 11 17.45 42.13 -41.33
N GLY F 12 16.54 42.96 -41.83
CA GLY F 12 16.94 44.24 -42.39
C GLY F 12 15.75 44.96 -42.97
N ASP F 13 16.01 46.17 -43.46
CA ASP F 13 14.96 47.00 -44.02
C ASP F 13 14.53 46.48 -45.39
N GLY F 14 13.46 47.08 -45.91
CA GLY F 14 12.99 46.69 -47.22
C GLY F 14 14.01 47.00 -48.31
N ALA F 15 14.27 46.01 -49.16
CA ALA F 15 15.16 46.15 -50.31
C ALA F 15 16.56 46.59 -49.89
N CYS F 16 17.17 45.82 -48.98
CA CYS F 16 18.55 46.04 -48.58
C CYS F 16 19.43 44.84 -48.92
N GLY F 17 19.03 44.05 -49.92
CA GLY F 17 19.85 42.96 -50.40
C GLY F 17 19.91 41.74 -49.51
N LYS F 18 18.86 41.47 -48.73
CA LYS F 18 18.86 40.29 -47.88
C LYS F 18 18.65 39.02 -48.69
N THR F 19 17.52 38.92 -49.39
CA THR F 19 17.21 37.73 -50.18
C THR F 19 18.23 37.54 -51.30
N CYS F 20 18.68 38.64 -51.90
CA CYS F 20 19.71 38.53 -52.93
C CYS F 20 21.00 37.96 -52.35
N LEU F 21 21.40 38.42 -51.16
CA LEU F 21 22.59 37.87 -50.52
C LEU F 21 22.42 36.38 -50.23
N LEU F 22 21.26 35.99 -49.72
CA LEU F 22 21.02 34.58 -49.42
C LEU F 22 21.07 33.73 -50.68
N ILE F 23 20.46 34.22 -51.76
CA ILE F 23 20.45 33.46 -53.01
C ILE F 23 21.85 33.37 -53.60
N VAL F 24 22.62 34.46 -53.54
CA VAL F 24 23.98 34.43 -54.05
C VAL F 24 24.83 33.43 -53.26
N PHE F 25 24.67 33.42 -51.94
CA PHE F 25 25.41 32.46 -51.12
C PHE F 25 24.99 31.02 -51.43
N SER F 26 23.69 30.79 -51.60
CA SER F 26 23.20 29.41 -51.70
C SER F 26 23.36 28.86 -53.11
N LYS F 27 22.69 29.48 -54.09
CA LYS F 27 22.64 28.98 -55.45
C LYS F 27 23.80 29.46 -56.32
N ASP F 28 24.65 30.34 -55.81
CA ASP F 28 25.82 30.92 -56.46
C ASP F 28 25.44 31.81 -57.64
N GLN F 29 24.16 32.02 -57.87
CA GLN F 29 23.73 32.81 -59.06
C GLN F 29 22.86 33.99 -58.61
N PHE F 30 23.28 35.21 -58.95
CA PHE F 30 22.51 36.39 -58.60
C PHE F 30 21.18 36.35 -59.33
N PRO F 31 20.04 36.48 -58.65
CA PRO F 31 18.75 36.42 -59.33
C PRO F 31 18.62 37.52 -60.37
N GLU F 32 18.07 37.17 -61.53
CA GLU F 32 18.00 38.11 -62.64
C GLU F 32 16.70 38.91 -62.61
N VAL F 33 15.55 38.23 -62.58
CA VAL F 33 14.26 38.90 -62.69
C VAL F 33 13.43 38.63 -61.45
N TYR F 34 13.11 37.35 -61.21
CA TYR F 34 12.17 36.99 -60.11
C TYR F 34 12.89 36.69 -58.79
N VAL F 35 13.29 37.72 -58.06
CA VAL F 35 13.84 37.56 -56.72
C VAL F 35 12.68 37.40 -55.74
N PRO F 36 12.60 36.27 -54.98
CA PRO F 36 11.48 36.05 -54.07
C PRO F 36 11.55 37.01 -52.88
N THR F 37 10.40 37.34 -52.30
CA THR F 37 10.39 38.22 -51.10
C THR F 37 11.27 37.59 -50.03
N VAL F 38 11.10 36.28 -49.78
CA VAL F 38 11.87 35.60 -48.74
C VAL F 38 12.47 34.34 -49.33
N PHE F 39 13.74 34.09 -49.04
CA PHE F 39 14.38 32.82 -49.38
C PHE F 39 14.32 31.90 -48.17
N GLU F 40 13.43 30.91 -48.22
CA GLU F 40 13.07 30.14 -47.03
C GLU F 40 13.37 28.66 -47.24
N ASN F 41 13.57 27.97 -46.11
CA ASN F 41 13.69 26.52 -46.08
C ASN F 41 14.87 26.02 -46.93
N TYR F 42 16.02 26.68 -46.79
CA TYR F 42 17.24 26.25 -47.46
C TYR F 42 18.33 26.04 -46.42
N VAL F 43 19.12 24.98 -46.60
CA VAL F 43 20.30 24.71 -45.78
C VAL F 43 21.51 24.71 -46.70
N ALA F 44 22.55 25.43 -46.31
CA ALA F 44 23.75 25.60 -47.13
C ALA F 44 24.93 24.94 -46.44
N ASP F 45 25.72 24.20 -47.21
CA ASP F 45 26.89 23.51 -46.68
C ASP F 45 28.11 24.42 -46.75
N ILE F 46 28.75 24.64 -45.60
CA ILE F 46 29.96 25.50 -45.55
C ILE F 46 31.04 24.77 -44.75
N GLU F 47 32.31 25.02 -45.05
CA GLU F 47 33.40 24.40 -44.26
C GLU F 47 34.19 25.50 -43.56
N VAL F 48 34.26 25.46 -42.22
CA VAL F 48 35.08 26.45 -41.46
C VAL F 48 36.02 25.69 -40.53
N ASP F 49 37.32 25.97 -40.60
CA ASP F 49 38.32 25.30 -39.72
C ASP F 49 38.19 23.79 -39.90
N GLY F 50 37.97 23.32 -41.13
CA GLY F 50 37.85 21.87 -41.41
C GLY F 50 36.68 21.24 -40.67
N LYS F 51 35.61 22.02 -40.42
CA LYS F 51 34.40 21.46 -39.76
C LYS F 51 33.19 21.72 -40.66
N GLN F 52 32.39 20.69 -40.93
CA GLN F 52 31.22 20.86 -41.83
C GLN F 52 30.06 21.47 -41.06
N VAL F 53 29.53 22.61 -41.54
CA VAL F 53 28.42 23.28 -40.89
C VAL F 53 27.31 23.47 -41.93
N GLU F 54 26.10 23.07 -41.59
CA GLU F 54 24.93 23.29 -42.42
C GLU F 54 24.19 24.52 -41.89
N LEU F 55 24.24 25.61 -42.64
CA LEU F 55 23.63 26.86 -42.23
C LEU F 55 22.17 26.87 -42.66
N ALA F 56 21.27 26.85 -41.67
CA ALA F 56 19.84 26.89 -41.94
C ALA F 56 19.45 28.35 -42.14
N LEU F 57 19.54 28.80 -43.39
CA LEU F 57 19.29 30.21 -43.70
C LEU F 57 17.82 30.54 -43.54
N TRP F 58 17.53 31.41 -42.58
CA TRP F 58 16.18 31.90 -42.35
C TRP F 58 16.09 33.35 -42.80
N ASP F 59 15.09 33.66 -43.62
CA ASP F 59 14.90 34.99 -44.17
C ASP F 59 13.67 35.64 -43.58
N THR F 60 13.75 36.94 -43.34
CA THR F 60 12.66 37.73 -42.80
C THR F 60 12.38 38.92 -43.69
N ALA F 61 11.10 39.30 -43.79
CA ALA F 61 10.72 40.43 -44.66
C ALA F 61 9.91 41.45 -43.89
N GLY F 62 9.73 42.65 -44.45
CA GLY F 62 9.00 43.73 -43.77
C GLY F 62 7.70 44.09 -44.45
N GLN F 63 7.12 43.18 -45.23
CA GLN F 63 5.90 43.50 -46.00
C GLN F 63 4.72 42.65 -45.56
N GLU F 64 3.53 43.25 -45.42
CA GLU F 64 2.28 42.49 -45.12
C GLU F 64 2.40 41.56 -43.92
N ASP F 65 1.99 40.30 -44.08
CA ASP F 65 1.99 39.31 -42.98
C ASP F 65 3.41 39.05 -42.48
N TYR F 66 4.42 39.28 -43.31
CA TYR F 66 5.80 38.93 -42.90
C TYR F 66 6.18 39.70 -41.63
N ASP F 67 5.79 40.98 -41.50
CA ASP F 67 6.04 41.74 -40.26
C ASP F 67 5.48 40.97 -39.06
N ARG F 68 4.32 40.34 -39.23
CA ARG F 68 3.66 39.56 -38.16
C ARG F 68 4.40 38.25 -37.87
N LEU F 69 4.89 37.57 -38.90
CA LEU F 69 5.52 36.24 -38.67
C LEU F 69 7.05 36.35 -38.56
N ARG F 70 7.63 37.55 -38.62
CA ARG F 70 9.09 37.74 -38.39
C ARG F 70 9.45 37.36 -36.95
N PRO F 71 8.70 37.75 -35.90
CA PRO F 71 8.98 37.29 -34.53
C PRO F 71 9.11 35.76 -34.40
N LEU F 72 8.36 34.98 -35.18
CA LEU F 72 8.39 33.54 -35.00
C LEU F 72 9.65 32.91 -35.57
N SER F 73 10.36 33.63 -36.44
CA SER F 73 11.60 33.11 -36.99
C SER F 73 12.75 33.19 -35.99
N TYR F 74 12.69 34.16 -35.08
CA TYR F 74 13.79 34.37 -34.13
C TYR F 74 14.09 33.18 -33.23
N PRO F 75 13.12 32.45 -32.68
CA PRO F 75 13.46 31.36 -31.74
C PRO F 75 14.42 30.35 -32.32
N ASP F 76 15.32 29.86 -31.48
CA ASP F 76 16.33 28.83 -31.75
C ASP F 76 17.42 29.33 -32.70
N THR F 77 17.56 30.64 -32.89
CA THR F 77 18.59 31.15 -33.77
C THR F 77 19.97 30.99 -33.16
N ASP F 78 20.99 30.97 -34.03
CA ASP F 78 22.37 30.84 -33.60
C ASP F 78 23.22 32.07 -33.95
N VAL F 79 22.92 32.74 -35.05
CA VAL F 79 23.59 33.97 -35.44
C VAL F 79 22.60 34.87 -36.16
N ILE F 80 22.70 36.17 -35.93
CA ILE F 80 21.81 37.16 -36.52
C ILE F 80 22.61 38.01 -37.49
N LEU F 81 22.20 38.05 -38.74
CA LEU F 81 22.83 38.88 -39.76
C LEU F 81 21.92 40.06 -40.06
N MET F 82 22.05 41.12 -39.27
CA MET F 82 21.34 42.35 -39.57
C MET F 82 21.93 43.01 -40.81
N CYS F 83 21.05 43.47 -41.69
CA CYS F 83 21.45 43.94 -43.01
C CYS F 83 21.04 45.39 -43.20
N PHE F 84 21.91 46.13 -43.89
CA PHE F 84 21.62 47.54 -44.28
C PHE F 84 22.34 47.74 -45.61
N SER F 85 21.72 48.43 -46.57
CA SER F 85 22.41 48.71 -47.86
C SER F 85 23.53 49.73 -47.65
N ILE F 86 24.70 49.52 -48.27
CA ILE F 86 25.80 50.53 -48.19
C ILE F 86 25.31 51.80 -48.89
N ASP F 87 24.65 51.64 -50.04
CA ASP F 87 24.12 52.79 -50.80
C ASP F 87 23.06 53.54 -49.98
N SER F 88 22.15 52.80 -49.34
CA SER F 88 21.04 53.49 -48.63
C SER F 88 21.40 53.69 -47.15
N PRO F 89 21.61 54.94 -46.69
CA PRO F 89 22.04 55.15 -45.31
C PRO F 89 20.88 55.07 -44.31
N ASP F 90 19.65 55.39 -44.71
CA ASP F 90 18.51 55.41 -43.80
C ASP F 90 18.39 54.11 -43.03
N SER F 91 18.69 53.00 -43.68
CA SER F 91 18.80 51.73 -42.97
C SER F 91 19.87 51.80 -41.88
N LEU F 92 21.02 52.43 -42.20
CA LEU F 92 22.10 52.51 -41.21
C LEU F 92 21.66 53.25 -39.96
N GLU F 93 21.00 54.40 -40.12
CA GLU F 93 20.58 55.12 -38.92
C GLU F 93 19.38 54.45 -38.24
N ASN F 94 18.65 53.61 -38.99
CA ASN F 94 17.47 52.90 -38.43
C ASN F 94 17.92 51.61 -37.72
N ILE F 95 19.07 51.04 -38.11
CA ILE F 95 19.53 49.75 -37.54
C ILE F 95 19.53 49.87 -36.01
N PRO F 96 20.22 50.85 -35.37
CA PRO F 96 20.27 50.92 -33.92
C PRO F 96 18.88 51.18 -33.32
N GLU F 97 18.10 52.05 -33.97
CA GLU F 97 16.76 52.43 -33.41
C GLU F 97 15.77 51.25 -33.38
N LYS F 98 15.69 50.44 -34.42
CA LYS F 98 14.64 49.37 -34.46
C LYS F 98 15.24 47.96 -34.48
N TRP F 99 16.20 47.70 -35.38
CA TRP F 99 16.72 46.32 -35.54
C TRP F 99 17.46 45.81 -34.31
N THR F 100 18.33 46.62 -33.71
CA THR F 100 19.12 46.15 -32.55
C THR F 100 18.17 45.75 -31.43
N PRO F 101 17.19 46.58 -31.00
CA PRO F 101 16.21 46.15 -30.00
C PRO F 101 15.40 44.91 -30.38
N GLU F 102 14.85 44.83 -31.59
CA GLU F 102 13.96 43.68 -31.94
C GLU F 102 14.74 42.39 -31.79
N VAL F 103 15.97 42.35 -32.30
CA VAL F 103 16.81 41.14 -32.23
C VAL F 103 17.11 40.85 -30.76
N LYS F 104 17.47 41.87 -29.98
CA LYS F 104 17.86 41.63 -28.56
C LYS F 104 16.68 41.09 -27.76
N HIS F 105 15.47 41.60 -28.00
CA HIS F 105 14.28 41.18 -27.23
C HIS F 105 13.99 39.69 -27.48
N PHE F 106 14.16 39.22 -28.71
CA PHE F 106 13.80 37.81 -29.01
C PHE F 106 15.05 36.93 -29.03
N CYS F 107 16.25 37.54 -29.15
CA CYS F 107 17.47 36.73 -29.23
C CYS F 107 18.51 37.26 -28.25
N PRO F 108 18.33 37.00 -26.95
CA PRO F 108 19.38 37.33 -25.99
C PRO F 108 20.57 36.40 -26.12
N ASN F 109 21.76 36.96 -25.86
CA ASN F 109 23.01 36.21 -25.83
C ASN F 109 23.29 35.50 -27.16
N VAL F 110 22.85 36.09 -28.27
CA VAL F 110 23.04 35.53 -29.59
C VAL F 110 23.98 36.44 -30.35
N PRO F 111 24.98 35.92 -31.06
CA PRO F 111 25.89 36.79 -31.81
C PRO F 111 25.14 37.64 -32.82
N ILE F 112 25.58 38.89 -32.96
CA ILE F 112 24.96 39.86 -33.85
C ILE F 112 26.00 40.35 -34.83
N ILE F 113 25.66 40.32 -36.12
CA ILE F 113 26.52 40.81 -37.18
C ILE F 113 25.71 41.73 -38.08
N LEU F 114 26.23 42.93 -38.33
CA LEU F 114 25.61 43.87 -39.26
C LEU F 114 26.48 43.92 -40.51
N VAL F 115 25.85 43.80 -41.68
CA VAL F 115 26.54 43.65 -42.94
C VAL F 115 26.13 44.77 -43.89
N GLY F 116 27.09 45.31 -44.64
CA GLY F 116 26.77 46.36 -45.64
C GLY F 116 26.52 45.79 -47.02
N ASN F 117 25.27 45.40 -47.31
CA ASN F 117 24.93 44.81 -48.63
C ASN F 117 24.89 45.91 -49.71
N LYS F 118 24.91 45.52 -50.99
CA LYS F 118 24.92 46.50 -52.12
C LYS F 118 26.15 47.40 -52.01
N LYS F 119 27.30 46.82 -51.62
CA LYS F 119 28.55 47.59 -51.48
C LYS F 119 28.92 48.20 -52.84
N ASP F 120 28.61 47.50 -53.94
CA ASP F 120 29.02 47.98 -55.29
C ASP F 120 28.48 49.39 -55.54
N LEU F 121 27.38 49.78 -54.89
CA LEU F 121 26.74 51.08 -55.15
C LEU F 121 27.54 52.24 -54.52
N ARG F 122 28.42 51.94 -53.55
CA ARG F 122 29.26 53.00 -52.93
C ARG F 122 29.88 53.90 -54.00
N ASN F 123 30.46 53.31 -55.06
CA ASN F 123 31.10 54.10 -56.09
C ASN F 123 30.21 54.34 -57.31
N ASP F 124 28.96 53.88 -57.26
CA ASP F 124 28.06 54.06 -58.38
C ASP F 124 27.71 55.54 -58.54
N GLU F 125 27.71 56.02 -59.79
CA GLU F 125 27.42 57.42 -60.05
C GLU F 125 25.93 57.72 -59.87
N HIS F 126 25.08 56.82 -60.37
CA HIS F 126 23.61 57.03 -60.26
C HIS F 126 23.21 57.11 -58.78
N THR F 127 23.64 56.13 -57.98
CA THR F 127 23.26 56.12 -56.57
C THR F 127 23.82 57.34 -55.84
N ARG F 128 25.05 57.75 -56.17
CA ARG F 128 25.62 58.94 -55.55
C ARG F 128 24.80 60.18 -55.88
N ARG F 129 24.38 60.31 -57.14
CA ARG F 129 23.56 61.44 -57.54
C ARG F 129 22.20 61.41 -56.84
N GLU F 130 21.60 60.21 -56.74
CA GLU F 130 20.32 60.09 -56.05
C GLU F 130 20.44 60.48 -54.58
N LEU F 131 21.52 60.06 -53.93
CA LEU F 131 21.74 60.46 -52.53
C LEU F 131 21.98 61.95 -52.40
N ALA F 132 22.76 62.53 -53.32
CA ALA F 132 23.01 63.96 -53.28
C ALA F 132 21.73 64.76 -53.49
N LYS F 133 20.80 64.22 -54.28
CA LYS F 133 19.50 64.86 -54.44
C LYS F 133 18.75 64.95 -53.12
N MET F 134 18.98 63.99 -52.22
CA MET F 134 18.39 63.99 -50.88
C MET F 134 19.40 64.43 -49.81
N LYS F 135 20.52 65.00 -50.22
CA LYS F 135 21.57 65.48 -49.30
C LYS F 135 22.08 64.34 -48.42
N GLN F 136 22.50 63.25 -49.07
CA GLN F 136 23.02 62.08 -48.38
C GLN F 136 24.27 61.58 -49.09
N GLU F 137 25.06 60.79 -48.37
CA GLU F 137 26.27 60.19 -48.89
C GLU F 137 26.29 58.70 -48.60
N PRO F 138 26.98 57.83 -49.39
CA PRO F 138 26.94 56.38 -49.13
C PRO F 138 27.62 56.05 -47.79
N VAL F 139 27.24 54.93 -47.17
CA VAL F 139 27.80 54.56 -45.84
C VAL F 139 29.31 54.30 -45.96
N LYS F 140 30.12 55.03 -45.19
CA LYS F 140 31.55 54.78 -45.19
C LYS F 140 31.88 53.54 -44.35
N PRO F 141 32.98 52.85 -44.65
CA PRO F 141 33.40 51.74 -43.78
C PRO F 141 33.65 52.19 -42.35
N GLU F 142 34.22 53.38 -42.16
CA GLU F 142 34.38 53.91 -40.81
C GLU F 142 33.03 54.13 -40.15
N GLU F 143 32.04 54.59 -40.92
CA GLU F 143 30.69 54.73 -40.38
C GLU F 143 30.13 53.37 -39.99
N GLY F 144 30.43 52.33 -40.77
CA GLY F 144 29.98 50.99 -40.41
C GLY F 144 30.60 50.48 -39.13
N ARG F 145 31.90 50.69 -38.96
CA ARG F 145 32.54 50.33 -37.69
C ARG F 145 31.98 51.14 -36.53
N ASP F 146 31.64 52.41 -36.79
CA ASP F 146 31.07 53.28 -35.74
C ASP F 146 29.69 52.75 -35.35
N MET F 147 28.92 52.28 -36.32
CA MET F 147 27.61 51.68 -36.04
C MET F 147 27.76 50.37 -35.28
N ALA F 148 28.75 49.55 -35.65
CA ALA F 148 29.00 48.31 -34.92
C ALA F 148 29.44 48.59 -33.49
N ASN F 149 30.12 49.72 -33.26
CA ASN F 149 30.52 50.08 -31.91
C ASN F 149 29.30 50.33 -31.02
N ARG F 150 28.29 51.02 -31.54
CA ARG F 150 27.10 51.30 -30.75
C ARG F 150 26.41 50.01 -30.32
N ILE F 151 26.18 49.10 -31.27
CA ILE F 151 25.52 47.84 -30.95
C ILE F 151 26.44 46.93 -30.14
N GLY F 152 27.73 46.93 -30.47
CA GLY F 152 28.63 45.94 -29.92
C GLY F 152 28.57 44.63 -30.66
N ALA F 153 28.35 44.67 -31.97
CA ALA F 153 28.14 43.46 -32.76
C ALA F 153 29.45 42.68 -32.90
N PHE F 154 29.31 41.44 -33.39
CA PHE F 154 30.48 40.59 -33.59
C PHE F 154 31.42 41.19 -34.64
N GLY F 155 30.87 41.75 -35.71
CA GLY F 155 31.71 42.34 -36.74
C GLY F 155 30.88 43.05 -37.79
N TYR F 156 31.62 43.75 -38.67
CA TYR F 156 30.97 44.49 -39.78
C TYR F 156 31.78 44.27 -41.07
N MET F 157 31.21 43.54 -42.03
CA MET F 157 31.81 43.35 -43.34
C MET F 157 30.80 43.74 -44.40
N GLU F 158 31.28 44.25 -45.54
CA GLU F 158 30.38 44.73 -46.61
C GLU F 158 30.20 43.63 -47.67
N CYS F 159 29.00 43.52 -48.22
CA CYS F 159 28.74 42.48 -49.24
C CYS F 159 28.20 43.13 -50.51
N SER F 160 28.53 42.57 -51.67
CA SER F 160 27.94 43.06 -52.95
C SER F 160 27.42 41.83 -53.67
N ALA F 161 26.12 41.54 -53.52
CA ALA F 161 25.55 40.32 -54.08
C ALA F 161 25.67 40.29 -55.59
N LYS F 162 25.50 41.43 -56.25
CA LYS F 162 25.55 41.46 -57.72
C LYS F 162 26.91 41.04 -58.24
N THR F 163 27.97 41.51 -57.61
CA THR F 163 29.33 41.20 -58.03
C THR F 163 29.89 39.95 -57.34
N LYS F 164 29.13 39.34 -56.42
CA LYS F 164 29.56 38.15 -55.69
C LYS F 164 30.88 38.38 -54.96
N ASP F 165 31.04 39.57 -54.39
CA ASP F 165 32.22 39.92 -53.62
C ASP F 165 31.83 40.11 -52.17
N GLY F 166 32.49 39.38 -51.27
CA GLY F 166 32.18 39.43 -49.86
C GLY F 166 31.02 38.56 -49.43
N VAL F 167 30.37 37.85 -50.37
CA VAL F 167 29.22 37.02 -50.03
C VAL F 167 29.62 35.71 -49.35
N ARG F 168 30.90 35.41 -49.26
CA ARG F 168 31.37 34.17 -48.63
C ARG F 168 32.01 34.40 -47.26
N GLU F 169 32.86 35.41 -47.14
CA GLU F 169 33.51 35.67 -45.86
C GLU F 169 32.51 36.09 -44.79
N VAL F 170 31.43 36.78 -45.19
CA VAL F 170 30.39 37.16 -44.24
C VAL F 170 29.75 35.92 -43.62
N PHE F 171 29.39 34.95 -44.46
CA PHE F 171 28.77 33.72 -43.92
C PHE F 171 29.79 32.89 -43.16
N GLU F 172 31.06 32.93 -43.57
CA GLU F 172 32.10 32.25 -42.79
C GLU F 172 32.23 32.86 -41.40
N MET F 173 32.22 34.18 -41.30
CA MET F 173 32.24 34.85 -40.01
C MET F 173 30.99 34.52 -39.20
N ALA F 174 29.83 34.47 -39.86
CA ALA F 174 28.59 34.18 -39.17
C ALA F 174 28.62 32.77 -38.58
N THR F 175 29.08 31.78 -39.34
CA THR F 175 29.12 30.42 -38.81
C THR F 175 30.22 30.27 -37.78
N ARG F 176 31.31 31.04 -37.90
CA ARG F 176 32.34 31.03 -36.85
C ARG F 176 31.79 31.57 -35.55
N ALA F 177 31.00 32.65 -35.62
CA ALA F 177 30.38 33.19 -34.42
C ALA F 177 29.33 32.23 -33.86
N ALA F 178 28.59 31.56 -34.73
CA ALA F 178 27.59 30.58 -34.27
C ALA F 178 28.26 29.39 -33.60
N LEU F 179 29.45 29.00 -34.07
CA LEU F 179 30.15 27.86 -33.49
C LEU F 179 30.58 28.14 -32.05
N GLN F 180 30.66 29.40 -31.67
CA GLN F 180 31.06 29.78 -30.32
C GLN F 180 30.04 29.31 -29.28
C P5S G . 0.24 37.47 5.05
N P5S G . -1.04 39.16 6.43
O P5S G . 0.04 36.67 5.98
C1 P5S G . 1.62 46.24 5.92
C2 P5S G . 0.51 45.90 4.94
C3 P5S G . 0.37 44.43 4.57
CA P5S G . -0.22 38.93 5.25
CB P5S G . 1.02 39.83 5.27
OG P5S G . 0.71 41.17 4.94
P12 P5S G . 0.23 42.26 6.07
O13 P5S G . -1.22 42.59 5.94
O15 P5S G . 0.81 41.85 7.39
O16 P5S G . 1.00 43.59 5.49
C17 P5S G . 2.93 48.09 6.49
O18 P5S G . 3.65 47.44 7.20
O19 P5S G . 1.76 47.65 6.03
C20 P5S G . 3.23 49.49 6.02
C21 P5S G . 4.43 50.10 6.72
C22 P5S G . 5.56 50.48 5.77
C23 P5S G . 6.91 50.51 6.48
C24 P5S G . 8.10 50.69 5.56
C25 P5S G . 9.42 50.60 6.33
O37 P5S G . 0.67 46.75 3.79
C38 P5S G . 1.83 46.83 3.14
C39 P5S G . 2.11 48.25 2.72
C40 P5S G . 3.01 48.31 1.50
C41 P5S G . 3.90 49.56 1.48
C42 P5S G . 5.08 49.39 0.53
C43 P5S G . 6.21 50.36 0.77
C44 P5S G . 7.46 50.02 -0.03
O47 P5S G . 2.57 45.91 2.93
OXT P5S G . 0.79 37.22 3.96
C05 U6L H . -4.60 44.55 2.31
C06 U6L H . -4.83 45.45 3.33
C07 U6L H . -3.83 46.33 3.70
C08 U6L H . -2.60 46.30 3.05
C09 U6L H . -2.39 45.40 2.03
C10 U6L H . -3.38 44.52 1.66
C11 U6L H . -1.04 45.36 1.32
C12 U6L H . -1.05 46.17 0.02
C01 U6L H . -6.95 44.36 1.46
O02 U6L H . -8.08 43.72 1.99
C03 U6L H . -5.72 43.57 1.89
O04 U6L H . -6.04 42.75 2.98
C P5S I . 11.57 -24.11 26.73
N P5S I . 13.76 -24.77 27.81
O P5S I . 12.06 -22.98 26.58
C1 P5S I . 13.06 -29.64 33.57
C2 P5S I . 13.29 -30.28 32.21
C3 P5S I . 12.84 -29.49 31.00
CA P5S I . 12.39 -25.16 27.50
CB P5S I . 11.64 -25.52 28.79
OG P5S I . 12.02 -26.78 29.30
P12 P5S I . 13.28 -26.96 30.31
O13 P5S I . 14.44 -27.63 29.64
O15 P5S I . 13.48 -25.68 31.07
O16 P5S I . 12.67 -28.12 31.30
C17 P5S I . 12.78 -30.32 35.79
O18 P5S I . 12.45 -29.22 36.15
O19 P5S I . 13.33 -30.56 34.61
C20 P5S I . 12.61 -31.58 36.61
C21 P5S I . 12.20 -31.28 38.04
C22 P5S I . 10.87 -31.90 38.43
C23 P5S I . 10.21 -31.15 39.58
C24 P5S I . 8.79 -31.59 39.89
C25 P5S I . 8.15 -30.71 40.98
O37 P5S I . 12.72 -31.60 32.24
C38 P5S I . 11.45 -31.80 32.62
C39 P5S I . 11.33 -33.04 33.46
C40 P5S I . 9.94 -33.66 33.38
C41 P5S I . 9.53 -34.37 34.66
C42 P5S I . 8.02 -34.56 34.72
C43 P5S I . 7.49 -34.86 36.12
C44 P5S I . 5.98 -34.82 36.18
O47 P5S I . 10.53 -31.08 32.33
OXT P5S I . 10.45 -24.50 26.31
C05 U6L J . 15.52 -32.19 27.08
C06 U6L J . 16.50 -32.26 28.07
C07 U6L J . 16.12 -32.42 29.39
C08 U6L J . 14.78 -32.52 29.72
C09 U6L J . 13.82 -32.47 28.74
C10 U6L J . 14.19 -32.30 27.42
C11 U6L J . 12.34 -32.58 29.10
C12 U6L J . 11.80 -34.00 28.94
C01 U6L J . 16.85 -33.15 25.19
O02 U6L J . 17.89 -32.62 24.42
C03 U6L J . 15.94 -32.01 25.61
O04 U6L J . 16.61 -30.79 25.47
PB GDP K . -30.05 -59.16 9.54
O1B GDP K . -29.63 -59.05 8.10
O2B GDP K . -30.97 -58.09 10.01
O3B GDP K . -28.92 -59.41 10.50
O3A GDP K . -31.01 -60.42 9.66
PA GDP K . -32.32 -60.59 8.77
O1A GDP K . -33.14 -59.35 8.78
O2A GDP K . -31.90 -61.18 7.46
O5' GDP K . -33.16 -61.71 9.54
C5' GDP K . -32.68 -63.04 9.57
C4' GDP K . -33.86 -63.98 9.47
O4' GDP K . -34.68 -63.83 10.61
C3' GDP K . -34.73 -63.65 8.26
O3' GDP K . -34.55 -64.60 7.21
C2' GDP K . -36.16 -63.68 8.77
O2' GDP K . -36.90 -64.69 8.11
C1' GDP K . -36.05 -63.98 10.25
N9 GDP K . -36.82 -62.97 11.01
C8 GDP K . -36.65 -61.65 10.92
N7 GDP K . -37.50 -60.99 11.73
C5 GDP K . -38.24 -61.92 12.36
C6 GDP K . -39.31 -61.91 13.35
O6 GDP K . -39.74 -60.83 13.80
N1 GDP K . -39.80 -63.08 13.76
C2 GDP K . -39.35 -64.24 13.28
N2 GDP K . -39.91 -65.38 13.74
N3 GDP K . -38.36 -64.33 12.36
C4 GDP K . -37.78 -63.22 11.87
MG MG L . -28.94 -57.18 7.51
PB GDP M . 15.08 42.23 -49.84
O1B GDP M . 13.97 41.32 -50.27
O2B GDP M . 16.32 41.52 -49.43
O3B GDP M . 14.66 43.29 -48.86
O3A GDP M . 15.61 42.99 -51.13
PA GDP M . 16.09 42.24 -52.44
O1A GDP M . 17.05 41.15 -52.11
O2A GDP M . 14.88 41.93 -53.26
O5' GDP M . 16.92 43.35 -53.23
C5' GDP M . 16.25 44.46 -53.79
C4' GDP M . 16.90 44.80 -55.11
O4' GDP M . 18.23 45.23 -54.88
C3' GDP M . 16.98 43.58 -56.02
O3' GDP M . 16.02 43.64 -57.08
C2' GDP M . 18.40 43.59 -56.57
O2' GDP M . 18.37 43.72 -57.99
C1' GDP M . 19.08 44.78 -55.94
N9 GDP M . 20.35 44.34 -55.33
C8 GDP M . 20.49 43.35 -54.44
N7 GDP M . 21.76 43.19 -54.08
C5 GDP M . 22.48 44.09 -54.76
C6 GDP M . 23.89 44.47 -54.85
O6 GDP M . 24.74 43.87 -54.16
N1 GDP M . 24.23 45.47 -55.66
C2 GDP M . 23.33 46.12 -56.40
N2 GDP M . 23.76 47.11 -57.20
N3 GDP M . 22.01 45.83 -56.37
C4 GDP M . 21.54 44.84 -55.59
MG MG N . 13.52 39.74 -49.01
#